data_3FXG
#
_entry.id   3FXG
#
_cell.length_a   200.898
_cell.length_b   201.085
_cell.length_c   82.090
_cell.angle_alpha   90.00
_cell.angle_beta   90.00
_cell.angle_gamma   90.00
#
_symmetry.space_group_name_H-M   'P 21 21 2'
#
loop_
_entity.id
_entity.type
_entity.pdbx_description
1 polymer 'Rhamnonate dehydratase'
2 non-polymer 'MAGNESIUM ION'
3 water water
#
_entity_poly.entity_id   1
_entity_poly.type   'polypeptide(L)'
_entity_poly.pdbx_seq_one_letter_code
;SLSSVKDFPKIKAIRSFIIGGVGSGGDYHNVKGGHWLIDSDISTPASKWEQYKKSRTSWGINVLGSFLVEIEATDGTVGF
ATGFGGPPACWLVHQHFERFLIGADPRNTNLLFEQ(MSE)YRAS(MSE)FYGRKGLPIAVISVIDLALWDLLGKVRNEPV
YRLIGGATKERLDFYCTGPEPTAAKA(MSE)GFWGGKVPLPFCPDDGHEGLRKNVEFLRKHREAVGPDFPI(MSE)VDCY
(MSE)SLNVSYTIELVKACLDLNINWWEECLSPDDTDGFALIKRAHPTVKFTTGEHEYSRYGFRKLVEGRNLDIIQPDV
(MSE)WLGGLTELLKVAALAAAYDVPVVPHASGPYSYHFQISQPNTPFQEYLANSPDGKSVLPVFGDLFIDEPIPTKGYL
TTADLDKPGFGLTINPAARAKLIPSDYLFKVPEIPQNLSTGKEIKSNEQPDKPNGTLDSLAAKVESLTTSTSSEGHHHHH
;
_entity_poly.pdbx_strand_id   A,B,C,D,E,F,G,H
#
loop_
_chem_comp.id
_chem_comp.type
_chem_comp.name
_chem_comp.formula
MG non-polymer 'MAGNESIUM ION' 'Mg 2'
#
# COMPACT_ATOMS: atom_id res chain seq x y z
N LEU A 2 37.75 -6.56 -38.84
CA LEU A 2 38.57 -5.43 -39.35
C LEU A 2 40.05 -5.80 -39.27
N SER A 3 40.89 -5.00 -39.91
CA SER A 3 42.33 -5.25 -39.92
C SER A 3 43.03 -4.75 -38.66
N SER A 4 42.30 -4.13 -37.74
CA SER A 4 42.92 -3.62 -36.52
C SER A 4 42.63 -4.44 -35.28
N VAL A 5 41.73 -5.40 -35.38
CA VAL A 5 41.39 -6.23 -34.23
C VAL A 5 41.37 -7.71 -34.56
N LYS A 6 41.30 -8.54 -33.54
CA LYS A 6 41.30 -9.99 -33.69
C LYS A 6 40.21 -10.49 -34.62
N ASP A 7 40.58 -11.42 -35.50
CA ASP A 7 39.61 -12.01 -36.44
C ASP A 7 39.11 -13.25 -35.69
N PHE A 8 37.96 -13.11 -35.03
CA PHE A 8 37.38 -14.20 -34.24
C PHE A 8 36.64 -15.22 -35.10
N PRO A 9 36.87 -16.51 -34.86
CA PRO A 9 36.20 -17.55 -35.64
C PRO A 9 34.69 -17.56 -35.39
N LYS A 10 33.92 -17.81 -36.45
CA LYS A 10 32.46 -17.87 -36.35
C LYS A 10 32.02 -19.30 -36.02
N ILE A 11 30.75 -19.48 -35.67
CA ILE A 11 30.24 -20.81 -35.37
C ILE A 11 30.06 -21.56 -36.69
N LYS A 12 30.64 -22.75 -36.75
CA LYS A 12 30.58 -23.58 -37.95
C LYS A 12 29.51 -24.67 -37.86
N ALA A 13 29.45 -25.34 -36.72
CA ALA A 13 28.49 -26.41 -36.54
C ALA A 13 28.13 -26.66 -35.08
N ILE A 14 27.00 -27.34 -34.88
CA ILE A 14 26.56 -27.69 -33.54
C ILE A 14 26.10 -29.14 -33.56
N ARG A 15 26.54 -29.90 -32.56
CA ARG A 15 26.19 -31.31 -32.44
C ARG A 15 25.63 -31.56 -31.06
N SER A 16 24.71 -32.52 -30.93
CA SER A 16 24.14 -32.86 -29.64
C SER A 16 24.15 -34.36 -29.46
N PHE A 17 24.31 -34.80 -28.22
CA PHE A 17 24.36 -36.21 -27.90
C PHE A 17 23.58 -36.49 -26.64
N ILE A 18 23.01 -37.69 -26.57
CA ILE A 18 22.28 -38.12 -25.38
C ILE A 18 23.30 -38.97 -24.63
N ILE A 19 23.40 -38.78 -23.32
CA ILE A 19 24.35 -39.55 -22.55
C ILE A 19 23.70 -40.86 -22.12
N GLY A 20 24.19 -41.98 -22.65
CA GLY A 20 23.64 -43.27 -22.32
C GLY A 20 23.88 -43.68 -20.88
N GLY A 21 23.10 -44.63 -20.38
CA GLY A 21 23.25 -45.10 -19.02
C GLY A 21 22.82 -44.06 -17.99
N VAL A 22 23.34 -44.21 -16.77
CA VAL A 22 23.00 -43.29 -15.69
C VAL A 22 24.28 -42.82 -14.98
N GLY A 23 24.12 -41.89 -14.05
CA GLY A 23 25.26 -41.38 -13.30
C GLY A 23 26.30 -40.56 -14.05
N SER A 24 25.96 -40.05 -15.22
CA SER A 24 26.90 -39.24 -15.99
C SER A 24 26.16 -38.16 -16.76
N GLY A 25 26.62 -36.92 -16.63
CA GLY A 25 25.97 -35.82 -17.33
C GLY A 25 25.30 -34.88 -16.35
N GLY A 26 24.67 -33.83 -16.88
CA GLY A 26 24.02 -32.84 -16.06
C GLY A 26 22.80 -33.22 -15.25
N ASP A 27 22.16 -34.35 -15.55
CA ASP A 27 20.97 -34.75 -14.80
C ASP A 27 21.35 -35.38 -13.45
N TYR A 28 21.38 -34.55 -12.41
CA TYR A 28 21.73 -34.97 -11.06
C TYR A 28 20.96 -36.18 -10.54
N HIS A 29 19.69 -36.29 -10.91
CA HIS A 29 18.84 -37.36 -10.41
C HIS A 29 18.72 -38.63 -11.25
N ASN A 30 19.41 -38.66 -12.37
CA ASN A 30 19.37 -39.84 -13.22
C ASN A 30 20.55 -40.72 -12.78
N VAL A 31 20.42 -41.30 -11.59
CA VAL A 31 21.47 -42.14 -11.03
C VAL A 31 21.02 -43.57 -10.72
N LYS A 32 22.00 -44.40 -10.36
CA LYS A 32 21.76 -45.81 -10.04
C LYS A 32 20.91 -45.97 -8.77
N GLY A 33 20.12 -47.03 -8.73
CA GLY A 33 19.29 -47.28 -7.57
C GLY A 33 20.10 -47.36 -6.30
N GLY A 34 19.52 -46.94 -5.18
CA GLY A 34 20.23 -46.98 -3.91
C GLY A 34 20.78 -45.63 -3.52
N HIS A 35 21.01 -44.77 -4.51
CA HIS A 35 21.53 -43.44 -4.27
C HIS A 35 20.52 -42.67 -3.42
N TRP A 36 20.99 -42.01 -2.37
CA TRP A 36 20.12 -41.26 -1.48
C TRP A 36 19.29 -40.22 -2.23
N LEU A 37 19.82 -39.77 -3.37
CA LEU A 37 19.12 -38.76 -4.17
C LEU A 37 17.77 -39.23 -4.68
N ILE A 38 17.58 -40.55 -4.77
CA ILE A 38 16.32 -41.07 -5.28
C ILE A 38 15.65 -42.13 -4.39
N ASP A 39 16.41 -42.75 -3.49
CA ASP A 39 15.85 -43.81 -2.65
C ASP A 39 15.73 -43.58 -1.15
N SER A 40 16.04 -42.37 -0.69
CA SER A 40 15.93 -42.08 0.74
C SER A 40 14.61 -41.36 0.97
N ASP A 41 14.26 -41.12 2.24
CA ASP A 41 13.02 -40.42 2.53
C ASP A 41 13.19 -38.94 2.22
N ILE A 42 12.52 -38.48 1.17
CA ILE A 42 12.60 -37.08 0.78
C ILE A 42 11.21 -36.57 0.44
N SER A 43 10.82 -35.46 1.05
CA SER A 43 9.52 -34.85 0.79
C SER A 43 9.57 -34.18 -0.58
N THR A 44 8.59 -34.48 -1.43
CA THR A 44 8.52 -33.91 -2.77
C THR A 44 7.07 -33.53 -3.09
N PRO A 45 6.85 -32.85 -4.24
CA PRO A 45 5.49 -32.44 -4.65
C PRO A 45 4.59 -33.65 -4.89
N ALA A 46 5.19 -34.81 -5.13
CA ALA A 46 4.43 -36.03 -5.39
C ALA A 46 4.27 -36.93 -4.17
N SER A 47 4.86 -36.51 -3.04
CA SER A 47 4.78 -37.30 -1.81
C SER A 47 3.35 -37.45 -1.30
N LYS A 48 2.43 -36.68 -1.88
CA LYS A 48 1.03 -36.72 -1.50
C LYS A 48 0.42 -38.10 -1.80
N TRP A 49 1.02 -38.82 -2.73
CA TRP A 49 0.52 -40.13 -3.13
C TRP A 49 1.46 -41.29 -2.76
N GLU A 50 0.91 -42.25 -2.03
CA GLU A 50 1.67 -43.41 -1.57
C GLU A 50 2.60 -44.09 -2.57
N GLN A 51 2.10 -44.40 -3.76
CA GLN A 51 2.92 -45.06 -4.75
C GLN A 51 4.09 -44.22 -5.27
N TYR A 52 4.10 -42.93 -4.91
CA TYR A 52 5.17 -42.05 -5.37
C TYR A 52 5.98 -41.41 -4.25
N LYS A 53 5.79 -41.85 -3.01
CA LYS A 53 6.54 -41.24 -1.92
C LYS A 53 7.84 -41.92 -1.48
N LYS A 54 8.04 -43.18 -1.81
CA LYS A 54 9.26 -43.87 -1.40
C LYS A 54 10.44 -43.69 -2.36
N SER A 55 10.14 -43.44 -3.62
CA SER A 55 11.18 -43.27 -4.64
C SER A 55 10.91 -42.03 -5.48
N ARG A 56 11.94 -41.25 -5.75
CA ARG A 56 11.75 -40.05 -6.57
C ARG A 56 11.70 -40.43 -8.04
N THR A 57 12.25 -41.60 -8.38
CA THR A 57 12.22 -42.06 -9.77
C THR A 57 10.82 -42.58 -10.10
N SER A 58 10.09 -43.02 -9.09
CA SER A 58 8.74 -43.54 -9.29
C SER A 58 7.87 -42.54 -10.05
N TRP A 59 7.94 -41.27 -9.66
CA TRP A 59 7.15 -40.25 -10.33
C TRP A 59 7.88 -39.60 -11.51
N GLY A 60 9.12 -40.02 -11.76
CA GLY A 60 9.86 -39.51 -12.90
C GLY A 60 10.94 -38.45 -12.78
N ILE A 61 11.52 -38.27 -11.61
CA ILE A 61 12.56 -37.26 -11.46
C ILE A 61 13.74 -37.49 -12.42
N ASN A 62 13.88 -38.73 -12.90
CA ASN A 62 14.97 -39.09 -13.79
C ASN A 62 14.51 -39.34 -15.23
N VAL A 63 13.29 -38.91 -15.55
CA VAL A 63 12.73 -39.15 -16.88
C VAL A 63 13.45 -38.51 -18.07
N LEU A 64 14.05 -37.34 -17.89
CA LEU A 64 14.71 -36.66 -19.00
C LEU A 64 16.09 -37.18 -19.40
N GLY A 65 16.96 -37.42 -18.42
CA GLY A 65 18.29 -37.89 -18.74
C GLY A 65 19.20 -36.71 -19.05
N SER A 66 20.45 -36.99 -19.38
CA SER A 66 21.42 -35.94 -19.69
C SER A 66 21.73 -35.86 -21.18
N PHE A 67 22.22 -34.70 -21.62
CA PHE A 67 22.60 -34.52 -23.01
C PHE A 67 23.83 -33.62 -23.08
N LEU A 68 24.51 -33.65 -24.21
CA LEU A 68 25.73 -32.86 -24.40
C LEU A 68 25.63 -32.06 -25.69
N VAL A 69 26.11 -30.83 -25.65
CA VAL A 69 26.10 -29.98 -26.83
C VAL A 69 27.53 -29.61 -27.18
N GLU A 70 27.87 -29.70 -28.46
CA GLU A 70 29.19 -29.31 -28.93
C GLU A 70 29.03 -28.22 -29.97
N ILE A 71 29.79 -27.13 -29.84
CA ILE A 71 29.71 -26.05 -30.80
C ILE A 71 31.12 -25.89 -31.38
N GLU A 72 31.26 -26.12 -32.67
CA GLU A 72 32.57 -26.02 -33.32
C GLU A 72 32.70 -24.73 -34.10
N ALA A 73 33.82 -24.04 -33.89
CA ALA A 73 34.10 -22.78 -34.59
C ALA A 73 34.84 -23.08 -35.88
N THR A 74 34.93 -22.08 -36.75
CA THR A 74 35.60 -22.22 -38.04
C THR A 74 37.09 -22.51 -37.93
N ASP A 75 37.67 -22.29 -36.76
CA ASP A 75 39.10 -22.53 -36.57
C ASP A 75 39.33 -23.94 -36.00
N GLY A 76 38.24 -24.69 -35.87
CA GLY A 76 38.33 -26.04 -35.34
C GLY A 76 38.16 -26.14 -33.84
N THR A 77 38.13 -25.01 -33.15
CA THR A 77 37.96 -25.01 -31.71
C THR A 77 36.55 -25.47 -31.37
N VAL A 78 36.43 -26.31 -30.35
CA VAL A 78 35.12 -26.83 -29.95
C VAL A 78 34.80 -26.55 -28.49
N GLY A 79 33.65 -25.93 -28.26
CA GLY A 79 33.22 -25.65 -26.91
C GLY A 79 32.06 -26.59 -26.65
N PHE A 80 31.90 -27.03 -25.40
CA PHE A 80 30.80 -27.93 -25.09
C PHE A 80 30.29 -27.77 -23.66
N ALA A 81 29.13 -28.34 -23.40
CA ALA A 81 28.52 -28.28 -22.07
C ALA A 81 27.48 -29.38 -21.96
N THR A 82 27.17 -29.78 -20.73
CA THR A 82 26.20 -30.83 -20.50
C THR A 82 25.07 -30.31 -19.60
N GLY A 83 23.95 -31.02 -19.61
CA GLY A 83 22.82 -30.63 -18.80
C GLY A 83 21.76 -31.71 -18.85
N PHE A 84 20.65 -31.52 -18.13
CA PHE A 84 19.59 -32.50 -18.16
C PHE A 84 18.63 -32.06 -19.25
N GLY A 85 17.93 -33.01 -19.86
CA GLY A 85 17.01 -32.67 -20.93
C GLY A 85 16.89 -33.83 -21.91
N GLY A 86 17.97 -34.60 -22.02
CA GLY A 86 17.99 -35.77 -22.87
C GLY A 86 17.49 -35.61 -24.30
N PRO A 87 16.77 -36.61 -24.82
CA PRO A 87 16.22 -36.61 -26.18
C PRO A 87 15.41 -35.37 -26.57
N PRO A 88 14.40 -35.01 -25.78
CA PRO A 88 13.62 -33.83 -26.16
C PRO A 88 14.46 -32.55 -26.26
N ALA A 89 15.49 -32.47 -25.43
CA ALA A 89 16.38 -31.30 -25.44
C ALA A 89 17.14 -31.27 -26.76
N CYS A 90 17.68 -32.43 -27.15
CA CYS A 90 18.45 -32.53 -28.40
C CYS A 90 17.58 -32.21 -29.61
N TRP A 91 16.32 -32.63 -29.56
CA TRP A 91 15.39 -32.39 -30.65
C TRP A 91 15.25 -30.88 -30.85
N LEU A 92 15.07 -30.16 -29.76
CA LEU A 92 14.90 -28.70 -29.82
C LEU A 92 16.16 -27.99 -30.29
N VAL A 93 17.31 -28.46 -29.82
CA VAL A 93 18.59 -27.86 -30.20
C VAL A 93 18.69 -27.69 -31.71
N HIS A 94 18.47 -28.78 -32.43
CA HIS A 94 18.57 -28.77 -33.89
C HIS A 94 17.35 -28.25 -34.64
N GLN A 95 16.16 -28.60 -34.19
CA GLN A 95 14.96 -28.15 -34.88
C GLN A 95 14.68 -26.65 -34.70
N HIS A 96 14.99 -26.11 -33.54
CA HIS A 96 14.71 -24.69 -33.32
C HIS A 96 15.91 -23.75 -33.19
N PHE A 97 16.80 -24.04 -32.26
CA PHE A 97 17.92 -23.15 -32.00
C PHE A 97 19.11 -23.12 -32.95
N GLU A 98 19.39 -24.21 -33.65
CA GLU A 98 20.53 -24.22 -34.56
C GLU A 98 20.54 -23.06 -35.56
N ARG A 99 19.35 -22.68 -36.03
CA ARG A 99 19.22 -21.60 -36.99
C ARG A 99 19.81 -20.25 -36.55
N PHE A 100 19.84 -20.01 -35.24
CA PHE A 100 20.37 -18.75 -34.72
C PHE A 100 21.89 -18.79 -34.51
N LEU A 101 22.42 -20.00 -34.45
CA LEU A 101 23.85 -20.17 -34.18
C LEU A 101 24.80 -20.29 -35.36
N ILE A 102 24.43 -21.07 -36.37
CA ILE A 102 25.32 -21.26 -37.52
C ILE A 102 25.70 -19.95 -38.20
N GLY A 103 27.00 -19.73 -38.33
CA GLY A 103 27.49 -18.52 -38.98
C GLY A 103 27.61 -17.30 -38.06
N ALA A 104 27.15 -17.43 -36.83
CA ALA A 104 27.20 -16.32 -35.88
C ALA A 104 28.53 -16.17 -35.16
N ASP A 105 28.79 -14.96 -34.67
CA ASP A 105 30.01 -14.67 -33.92
C ASP A 105 29.68 -15.15 -32.50
N PRO A 106 30.43 -16.14 -31.99
CA PRO A 106 30.17 -16.65 -30.65
C PRO A 106 30.30 -15.64 -29.52
N ARG A 107 30.88 -14.49 -29.80
CA ARG A 107 31.03 -13.45 -28.79
C ARG A 107 29.72 -12.68 -28.59
N ASN A 108 28.78 -12.89 -29.50
CA ASN A 108 27.48 -12.22 -29.42
C ASN A 108 26.55 -12.98 -28.49
N THR A 109 27.01 -13.19 -27.25
CA THR A 109 26.23 -13.92 -26.27
C THR A 109 24.89 -13.25 -25.95
N ASN A 110 24.88 -11.93 -25.83
CA ASN A 110 23.64 -11.22 -25.53
C ASN A 110 22.62 -11.37 -26.66
N LEU A 111 23.06 -11.20 -27.91
CA LEU A 111 22.17 -11.32 -29.04
C LEU A 111 21.61 -12.74 -29.16
N LEU A 112 22.48 -13.73 -29.11
CA LEU A 112 22.05 -15.12 -29.24
C LEU A 112 21.07 -15.55 -28.16
N PHE A 113 21.26 -15.10 -26.92
CA PHE A 113 20.33 -15.48 -25.88
C PHE A 113 18.96 -14.85 -26.10
N GLU A 114 18.93 -13.55 -26.41
CA GLU A 114 17.66 -12.86 -26.64
C GLU A 114 16.90 -13.52 -27.77
N GLN A 115 17.62 -13.91 -28.82
CA GLN A 115 16.96 -14.54 -29.97
C GLN A 115 16.37 -15.90 -29.59
N MSE A 116 17.16 -16.75 -28.96
CA MSE A 116 16.66 -18.06 -28.57
C MSE A 116 15.52 -17.95 -27.56
O MSE A 116 14.54 -18.68 -27.65
CB MSE A 116 17.80 -18.91 -27.98
CG MSE A 116 18.90 -19.27 -28.98
SE MSE A 116 20.15 -20.55 -28.25
CE MSE A 116 21.27 -19.35 -27.24
N TYR A 117 15.65 -17.04 -26.61
CA TYR A 117 14.61 -16.88 -25.60
C TYR A 117 13.31 -16.30 -26.16
N ARG A 118 13.41 -15.20 -26.88
CA ARG A 118 12.21 -14.57 -27.43
C ARG A 118 11.56 -15.38 -28.54
N ALA A 119 12.36 -16.13 -29.29
CA ALA A 119 11.81 -16.94 -30.38
C ALA A 119 11.11 -18.20 -29.85
N SER A 120 11.41 -18.60 -28.62
CA SER A 120 10.78 -19.77 -28.04
C SER A 120 9.77 -19.43 -26.94
N MSE A 121 9.47 -18.15 -26.78
CA MSE A 121 8.53 -17.75 -25.75
C MSE A 121 7.14 -18.36 -25.92
O MSE A 121 6.45 -18.58 -24.93
CB MSE A 121 8.39 -16.23 -25.69
CG MSE A 121 9.56 -15.50 -25.09
SE MSE A 121 9.02 -13.83 -24.28
CE MSE A 121 7.87 -13.17 -25.68
N PHE A 122 6.74 -18.63 -27.15
CA PHE A 122 5.41 -19.18 -27.37
C PHE A 122 5.23 -20.56 -26.76
N TYR A 123 6.32 -21.22 -26.41
CA TYR A 123 6.22 -22.53 -25.78
C TYR A 123 7.25 -22.69 -24.66
N GLY A 124 7.89 -21.59 -24.30
CA GLY A 124 8.91 -21.66 -23.26
C GLY A 124 8.78 -20.75 -22.06
N ARG A 125 9.72 -19.83 -21.93
CA ARG A 125 9.81 -18.86 -20.83
C ARG A 125 10.31 -19.55 -19.57
N LYS A 126 9.88 -20.78 -19.35
CA LYS A 126 10.32 -21.53 -18.19
C LYS A 126 10.43 -23.01 -18.54
N GLY A 127 11.13 -23.76 -17.69
CA GLY A 127 11.25 -25.20 -17.91
C GLY A 127 12.23 -25.70 -18.96
N LEU A 128 11.94 -26.90 -19.46
CA LEU A 128 12.77 -27.59 -20.46
C LEU A 128 13.38 -26.75 -21.58
N PRO A 129 12.56 -25.95 -22.29
CA PRO A 129 13.12 -25.14 -23.38
C PRO A 129 14.25 -24.24 -22.92
N ILE A 130 14.11 -23.70 -21.71
CA ILE A 130 15.11 -22.81 -21.15
C ILE A 130 16.35 -23.60 -20.75
N ALA A 131 16.17 -24.85 -20.34
CA ALA A 131 17.29 -25.70 -19.98
C ALA A 131 18.13 -25.92 -21.25
N VAL A 132 17.47 -26.07 -22.39
CA VAL A 132 18.16 -26.28 -23.66
C VAL A 132 19.01 -25.05 -23.99
N ILE A 133 18.40 -23.89 -23.88
CA ILE A 133 19.10 -22.65 -24.16
C ILE A 133 20.29 -22.50 -23.22
N SER A 134 20.11 -22.90 -21.96
CA SER A 134 21.18 -22.79 -20.98
C SER A 134 22.43 -23.57 -21.36
N VAL A 135 22.24 -24.81 -21.80
CA VAL A 135 23.37 -25.64 -22.19
C VAL A 135 24.08 -25.09 -23.43
N ILE A 136 23.30 -24.56 -24.36
CA ILE A 136 23.90 -23.99 -25.58
C ILE A 136 24.74 -22.78 -25.20
N ASP A 137 24.21 -21.94 -24.31
CA ASP A 137 24.93 -20.76 -23.86
C ASP A 137 26.22 -21.14 -23.17
N LEU A 138 26.16 -22.15 -22.31
CA LEU A 138 27.35 -22.61 -21.60
C LEU A 138 28.39 -23.14 -22.58
N ALA A 139 27.94 -23.82 -23.63
CA ALA A 139 28.86 -24.34 -24.65
C ALA A 139 29.52 -23.16 -25.36
N LEU A 140 28.76 -22.08 -25.53
CA LEU A 140 29.30 -20.89 -26.18
C LEU A 140 30.40 -20.30 -25.31
N TRP A 141 30.15 -20.21 -24.00
CA TRP A 141 31.16 -19.66 -23.10
C TRP A 141 32.40 -20.54 -23.05
N ASP A 142 32.21 -21.87 -23.09
CA ASP A 142 33.33 -22.80 -23.08
C ASP A 142 34.17 -22.53 -24.32
N LEU A 143 33.50 -22.34 -25.46
CA LEU A 143 34.17 -22.06 -26.72
C LEU A 143 34.95 -20.74 -26.65
N LEU A 144 34.33 -19.71 -26.09
CA LEU A 144 35.00 -18.41 -25.98
C LEU A 144 36.26 -18.51 -25.14
N GLY A 145 36.19 -19.25 -24.04
CA GLY A 145 37.35 -19.41 -23.20
C GLY A 145 38.47 -20.17 -23.92
N LYS A 146 38.08 -21.17 -24.70
CA LYS A 146 39.07 -21.96 -25.43
C LYS A 146 39.73 -21.17 -26.55
N VAL A 147 38.96 -20.36 -27.27
CA VAL A 147 39.53 -19.56 -28.35
C VAL A 147 40.53 -18.55 -27.79
N ARG A 148 40.20 -17.93 -26.67
CA ARG A 148 41.09 -16.94 -26.04
C ARG A 148 42.11 -17.57 -25.11
N ASN A 149 41.99 -18.87 -24.89
CA ASN A 149 42.91 -19.58 -23.99
C ASN A 149 42.83 -19.00 -22.57
N GLU A 150 41.61 -18.75 -22.11
CA GLU A 150 41.38 -18.20 -20.77
C GLU A 150 40.24 -18.93 -20.07
N PRO A 151 40.28 -18.98 -18.72
CA PRO A 151 39.21 -19.66 -17.98
C PRO A 151 37.99 -18.75 -18.11
N VAL A 152 36.79 -19.32 -18.06
CA VAL A 152 35.57 -18.50 -18.19
C VAL A 152 35.50 -17.40 -17.12
N TYR A 153 35.89 -17.71 -15.89
CA TYR A 153 35.81 -16.71 -14.83
C TYR A 153 36.63 -15.45 -15.13
N ARG A 154 37.71 -15.59 -15.88
CA ARG A 154 38.54 -14.44 -16.23
C ARG A 154 37.89 -13.59 -17.32
N LEU A 155 36.80 -14.08 -17.88
CA LEU A 155 36.08 -13.37 -18.94
C LEU A 155 34.81 -12.69 -18.44
N ILE A 156 34.39 -12.99 -17.22
CA ILE A 156 33.16 -12.42 -16.69
C ILE A 156 33.30 -11.59 -15.41
N GLY A 157 34.45 -10.96 -15.21
CA GLY A 157 34.62 -10.14 -14.03
C GLY A 157 35.86 -10.46 -13.23
N GLY A 158 36.52 -11.58 -13.54
CA GLY A 158 37.71 -11.96 -12.81
C GLY A 158 37.41 -12.67 -11.51
N ALA A 159 38.37 -12.64 -10.59
CA ALA A 159 38.19 -13.29 -9.31
C ALA A 159 37.93 -12.27 -8.21
N THR A 160 36.77 -12.39 -7.57
CA THR A 160 36.42 -11.48 -6.47
C THR A 160 36.89 -12.13 -5.17
N LYS A 161 37.38 -13.37 -5.28
CA LYS A 161 37.91 -14.13 -4.16
C LYS A 161 38.85 -15.18 -4.74
N GLU A 162 39.84 -15.59 -3.97
CA GLU A 162 40.79 -16.59 -4.44
C GLU A 162 40.42 -17.99 -3.99
N ARG A 163 39.45 -18.08 -3.10
CA ARG A 163 38.99 -19.37 -2.59
C ARG A 163 37.48 -19.42 -2.57
N LEU A 164 36.92 -20.57 -2.95
CA LEU A 164 35.48 -20.76 -2.97
C LEU A 164 35.12 -21.77 -1.87
N ASP A 165 34.37 -21.34 -0.88
CA ASP A 165 33.96 -22.22 0.22
C ASP A 165 32.62 -22.89 -0.08
N PHE A 166 32.54 -24.18 0.22
CA PHE A 166 31.34 -24.97 -0.03
C PHE A 166 30.63 -25.48 1.21
N TYR A 167 29.34 -25.73 1.07
CA TYR A 167 28.56 -26.33 2.13
C TYR A 167 28.15 -27.63 1.42
N CYS A 168 27.88 -28.68 2.18
CA CYS A 168 27.55 -29.96 1.56
C CYS A 168 26.10 -30.37 1.72
N THR A 169 25.45 -30.69 0.60
CA THR A 169 24.05 -31.13 0.61
C THR A 169 24.02 -32.65 0.58
N GLY A 170 23.42 -33.24 1.61
CA GLY A 170 23.34 -34.69 1.68
C GLY A 170 22.77 -35.17 2.99
N PRO A 171 22.56 -36.49 3.13
CA PRO A 171 22.00 -37.07 4.35
C PRO A 171 22.94 -37.19 5.56
N GLU A 172 24.22 -36.93 5.36
CA GLU A 172 25.18 -37.06 6.46
C GLU A 172 25.98 -35.79 6.76
N PRO A 173 25.37 -34.86 7.52
CA PRO A 173 26.08 -33.62 7.85
C PRO A 173 27.38 -33.82 8.65
N THR A 174 27.50 -34.93 9.37
CA THR A 174 28.73 -35.18 10.13
C THR A 174 29.88 -35.40 9.15
N ALA A 175 29.56 -35.95 7.99
CA ALA A 175 30.57 -36.19 6.96
C ALA A 175 30.99 -34.85 6.34
N ALA A 176 30.01 -33.98 6.09
CA ALA A 176 30.29 -32.67 5.53
C ALA A 176 31.24 -31.93 6.47
N LYS A 177 30.92 -31.96 7.76
CA LYS A 177 31.75 -31.30 8.75
C LYS A 177 33.17 -31.88 8.75
N ALA A 178 33.27 -33.20 8.74
CA ALA A 178 34.57 -33.87 8.74
C ALA A 178 35.41 -33.57 7.49
N MSE A 179 34.74 -33.45 6.35
CA MSE A 179 35.43 -33.19 5.09
C MSE A 179 35.87 -31.74 4.88
O MSE A 179 36.57 -31.43 3.92
CB MSE A 179 34.57 -33.63 3.91
CG MSE A 179 34.33 -35.14 3.87
SE MSE A 179 33.51 -35.70 2.22
CE MSE A 179 31.65 -35.44 2.71
N GLY A 180 35.45 -30.85 5.77
CA GLY A 180 35.85 -29.46 5.65
C GLY A 180 34.81 -28.47 5.14
N PHE A 181 33.61 -28.95 4.82
CA PHE A 181 32.55 -28.06 4.36
C PHE A 181 32.12 -27.18 5.53
N TRP A 182 31.73 -25.95 5.26
CA TRP A 182 31.33 -25.04 6.33
C TRP A 182 29.95 -25.31 6.92
N GLY A 183 29.12 -26.03 6.17
CA GLY A 183 27.79 -26.34 6.65
C GLY A 183 27.20 -27.56 5.94
N GLY A 184 26.11 -28.08 6.48
CA GLY A 184 25.47 -29.23 5.86
C GLY A 184 23.99 -29.02 5.63
N LYS A 185 23.51 -29.33 4.44
CA LYS A 185 22.08 -29.17 4.12
C LYS A 185 21.46 -30.55 3.95
N VAL A 186 20.46 -30.84 4.76
CA VAL A 186 19.78 -32.14 4.72
C VAL A 186 18.40 -32.06 4.08
N PRO A 187 17.95 -33.16 3.47
CA PRO A 187 16.63 -33.18 2.84
C PRO A 187 15.52 -33.52 3.85
N LEU A 188 14.46 -32.72 3.85
CA LEU A 188 13.33 -32.95 4.74
C LEU A 188 12.66 -34.23 4.29
N PRO A 189 12.49 -35.20 5.21
CA PRO A 189 11.87 -36.49 4.88
C PRO A 189 10.36 -36.60 4.63
N PHE A 190 9.54 -35.86 5.36
CA PHE A 190 8.10 -36.01 5.19
C PHE A 190 7.34 -34.74 4.76
N CYS A 191 6.31 -34.95 3.93
CA CYS A 191 5.49 -33.87 3.42
C CYS A 191 4.29 -33.56 4.32
N PRO A 192 3.61 -32.44 4.07
CA PRO A 192 2.44 -32.04 4.87
C PRO A 192 1.32 -33.08 4.96
N ASP A 193 1.14 -33.87 3.91
CA ASP A 193 0.09 -34.88 3.92
C ASP A 193 0.29 -35.98 4.95
N ASP A 194 1.46 -36.00 5.60
CA ASP A 194 1.72 -37.00 6.63
C ASP A 194 1.25 -36.44 7.96
N GLY A 195 0.61 -35.27 7.90
CA GLY A 195 0.07 -34.64 9.10
C GLY A 195 1.03 -34.38 10.24
N HIS A 196 0.45 -34.24 11.44
CA HIS A 196 1.23 -33.97 12.64
C HIS A 196 2.24 -35.05 12.97
N GLU A 197 1.94 -36.30 12.59
CA GLU A 197 2.87 -37.38 12.85
C GLU A 197 4.10 -37.12 12.00
N GLY A 198 3.88 -36.80 10.73
CA GLY A 198 4.99 -36.52 9.83
C GLY A 198 5.78 -35.33 10.33
N LEU A 199 5.09 -34.34 10.89
CA LEU A 199 5.76 -33.14 11.40
C LEU A 199 6.64 -33.49 12.59
N ARG A 200 6.13 -34.33 13.49
CA ARG A 200 6.92 -34.72 14.65
C ARG A 200 8.16 -35.48 14.18
N LYS A 201 7.98 -36.33 13.17
CA LYS A 201 9.09 -37.10 12.63
C LYS A 201 10.12 -36.17 11.97
N ASN A 202 9.65 -35.13 11.28
CA ASN A 202 10.56 -34.19 10.66
C ASN A 202 11.39 -33.49 11.73
N VAL A 203 10.73 -33.08 12.81
CA VAL A 203 11.41 -32.40 13.90
C VAL A 203 12.47 -33.30 14.53
N GLU A 204 12.09 -34.54 14.81
CA GLU A 204 13.00 -35.52 15.41
C GLU A 204 14.21 -35.76 14.50
N PHE A 205 13.94 -35.79 13.20
CA PHE A 205 14.98 -36.00 12.19
C PHE A 205 16.04 -34.92 12.27
N LEU A 206 15.57 -33.66 12.30
CA LEU A 206 16.46 -32.52 12.37
C LEU A 206 17.17 -32.43 13.72
N ARG A 207 16.46 -32.80 14.79
CA ARG A 207 17.04 -32.77 16.13
C ARG A 207 18.21 -33.74 16.20
N LYS A 208 18.06 -34.91 15.58
CA LYS A 208 19.10 -35.93 15.58
C LYS A 208 20.36 -35.41 14.92
N HIS A 209 20.20 -34.70 13.80
CA HIS A 209 21.34 -34.16 13.09
C HIS A 209 22.02 -33.06 13.91
N ARG A 210 21.22 -32.19 14.51
CA ARG A 210 21.76 -31.11 15.33
C ARG A 210 22.56 -31.71 16.47
N GLU A 211 22.02 -32.79 17.04
CA GLU A 211 22.68 -33.47 18.14
C GLU A 211 24.01 -34.05 17.68
N ALA A 212 24.01 -34.61 16.47
CA ALA A 212 25.21 -35.23 15.92
C ALA A 212 26.35 -34.27 15.58
N VAL A 213 26.03 -33.13 14.99
CA VAL A 213 27.07 -32.17 14.60
C VAL A 213 27.45 -31.13 15.65
N GLY A 214 26.68 -31.03 16.72
CA GLY A 214 26.97 -30.05 17.73
C GLY A 214 26.16 -28.79 17.54
N PRO A 215 26.21 -27.85 18.50
CA PRO A 215 25.46 -26.60 18.44
C PRO A 215 25.95 -25.53 17.45
N ASP A 216 27.21 -25.59 17.06
CA ASP A 216 27.76 -24.57 16.18
C ASP A 216 27.76 -24.84 14.67
N PHE A 217 27.82 -26.11 14.27
CA PHE A 217 27.86 -26.42 12.85
C PHE A 217 26.56 -26.04 12.12
N PRO A 218 26.67 -25.17 11.10
CA PRO A 218 25.49 -24.75 10.35
C PRO A 218 24.75 -25.89 9.66
N ILE A 219 23.44 -25.96 9.88
CA ILE A 219 22.59 -26.97 9.27
C ILE A 219 21.46 -26.28 8.52
N MSE A 220 21.32 -26.61 7.25
CA MSE A 220 20.26 -26.05 6.42
C MSE A 220 19.29 -27.18 6.07
O MSE A 220 19.67 -28.35 6.12
CB MSE A 220 20.86 -25.46 5.13
CG MSE A 220 21.75 -24.24 5.34
SE MSE A 220 23.48 -24.60 6.15
CE MSE A 220 24.56 -24.64 4.54
N VAL A 221 18.06 -26.84 5.74
CA VAL A 221 17.07 -27.87 5.40
C VAL A 221 16.47 -27.66 4.02
N ASP A 222 16.59 -28.67 3.17
CA ASP A 222 16.04 -28.59 1.81
C ASP A 222 14.67 -29.22 1.81
N CYS A 223 13.68 -28.49 1.30
CA CYS A 223 12.30 -28.97 1.29
C CYS A 223 11.76 -29.34 -0.10
N TYR A 224 12.61 -29.25 -1.12
CA TYR A 224 12.26 -29.58 -2.50
C TYR A 224 10.83 -29.20 -2.91
N MSE A 225 10.51 -27.91 -2.86
CA MSE A 225 9.20 -27.36 -3.23
C MSE A 225 7.99 -28.21 -2.81
O MSE A 225 6.95 -28.20 -3.47
CB MSE A 225 9.16 -27.10 -4.75
CG MSE A 225 9.39 -28.31 -5.65
SE MSE A 225 9.73 -27.90 -7.56
CE MSE A 225 10.74 -29.49 -7.99
N SER A 226 8.11 -28.88 -1.67
CA SER A 226 7.04 -29.78 -1.22
C SER A 226 6.09 -29.35 -0.12
N LEU A 227 6.31 -28.19 0.50
CA LEU A 227 5.42 -27.78 1.59
C LEU A 227 4.41 -26.72 1.16
N ASN A 228 3.82 -26.06 2.15
CA ASN A 228 2.85 -24.99 1.89
C ASN A 228 3.06 -23.97 3.01
N VAL A 229 2.43 -22.81 2.89
CA VAL A 229 2.61 -21.75 3.89
C VAL A 229 2.34 -22.15 5.33
N SER A 230 1.16 -22.69 5.62
CA SER A 230 0.82 -23.08 6.98
C SER A 230 1.75 -24.12 7.56
N TYR A 231 2.03 -25.17 6.78
CA TYR A 231 2.90 -26.23 7.26
C TYR A 231 4.31 -25.71 7.52
N THR A 232 4.83 -24.90 6.61
CA THR A 232 6.16 -24.33 6.77
C THR A 232 6.23 -23.53 8.06
N ILE A 233 5.22 -22.69 8.29
CA ILE A 233 5.19 -21.87 9.49
C ILE A 233 5.17 -22.71 10.76
N GLU A 234 4.40 -23.80 10.76
CA GLU A 234 4.34 -24.66 11.95
C GLU A 234 5.62 -25.44 12.15
N LEU A 235 6.20 -25.95 11.07
CA LEU A 235 7.44 -26.72 11.14
C LEU A 235 8.60 -25.86 11.64
N VAL A 236 8.74 -24.66 11.08
CA VAL A 236 9.80 -23.77 11.50
C VAL A 236 9.63 -23.43 12.99
N LYS A 237 8.40 -23.16 13.41
CA LYS A 237 8.15 -22.84 14.81
C LYS A 237 8.57 -24.01 15.70
N ALA A 238 8.23 -25.22 15.28
CA ALA A 238 8.56 -26.42 16.05
C ALA A 238 10.05 -26.71 16.12
N CYS A 239 10.83 -26.13 15.22
CA CYS A 239 12.28 -26.36 15.18
C CYS A 239 13.12 -25.18 15.63
N LEU A 240 12.48 -24.17 16.23
CA LEU A 240 13.23 -22.98 16.64
C LEU A 240 14.48 -23.21 17.49
N ASP A 241 14.43 -24.15 18.43
CA ASP A 241 15.59 -24.40 19.27
C ASP A 241 16.71 -25.17 18.57
N LEU A 242 16.47 -25.63 17.35
CA LEU A 242 17.48 -26.37 16.61
C LEU A 242 18.41 -25.45 15.84
N ASN A 243 18.10 -24.15 15.88
CA ASN A 243 18.90 -23.13 15.22
C ASN A 243 19.24 -23.42 13.76
N ILE A 244 18.23 -23.74 12.96
CA ILE A 244 18.42 -24.03 11.54
C ILE A 244 18.91 -22.76 10.83
N ASN A 245 19.97 -22.89 10.04
CA ASN A 245 20.54 -21.76 9.32
C ASN A 245 19.54 -21.18 8.31
N TRP A 246 19.00 -22.02 7.44
CA TRP A 246 18.00 -21.56 6.49
C TRP A 246 17.14 -22.71 5.97
N TRP A 247 15.94 -22.37 5.54
CA TRP A 247 14.98 -23.33 5.01
C TRP A 247 14.90 -23.09 3.51
N GLU A 248 15.20 -24.14 2.74
CA GLU A 248 15.23 -24.05 1.28
C GLU A 248 14.04 -24.61 0.50
N GLU A 249 13.61 -23.82 -0.49
CA GLU A 249 12.50 -24.18 -1.38
C GLU A 249 11.32 -24.81 -0.66
N CYS A 250 10.84 -24.15 0.38
CA CYS A 250 9.70 -24.65 1.15
C CYS A 250 8.42 -24.71 0.32
N LEU A 251 8.24 -23.72 -0.55
CA LEU A 251 7.04 -23.65 -1.38
C LEU A 251 7.24 -24.03 -2.84
N SER A 252 6.12 -24.27 -3.51
CA SER A 252 6.14 -24.57 -4.93
C SER A 252 6.67 -23.32 -5.63
N PRO A 253 7.40 -23.48 -6.74
CA PRO A 253 7.92 -22.29 -7.45
C PRO A 253 6.78 -21.42 -7.97
N ASP A 254 5.56 -21.96 -8.01
CA ASP A 254 4.39 -21.21 -8.47
C ASP A 254 3.85 -20.26 -7.40
N ASP A 255 4.36 -20.36 -6.17
CA ASP A 255 3.87 -19.52 -5.09
C ASP A 255 4.94 -18.77 -4.28
N THR A 256 5.83 -18.10 -4.98
CA THR A 256 6.87 -17.33 -4.29
C THR A 256 6.20 -16.20 -3.50
N ASP A 257 4.98 -15.82 -3.90
CA ASP A 257 4.26 -14.78 -3.19
C ASP A 257 4.03 -15.19 -1.73
N GLY A 258 3.98 -16.50 -1.50
CA GLY A 258 3.76 -17.02 -0.16
C GLY A 258 4.84 -16.69 0.86
N PHE A 259 6.04 -16.36 0.40
CA PHE A 259 7.11 -16.03 1.34
C PHE A 259 6.84 -14.77 2.13
N ALA A 260 5.95 -13.92 1.62
CA ALA A 260 5.60 -12.69 2.34
C ALA A 260 4.88 -13.10 3.62
N LEU A 261 4.07 -14.15 3.52
CA LEU A 261 3.32 -14.66 4.65
C LEU A 261 4.26 -15.42 5.60
N ILE A 262 5.19 -16.15 5.03
CA ILE A 262 6.15 -16.89 5.84
C ILE A 262 7.02 -15.93 6.64
N LYS A 263 7.45 -14.84 6.01
CA LYS A 263 8.28 -13.85 6.69
C LYS A 263 7.52 -13.09 7.76
N ARG A 264 6.21 -12.94 7.57
CA ARG A 264 5.39 -12.23 8.57
C ARG A 264 5.41 -13.05 9.86
N ALA A 265 5.43 -14.38 9.70
CA ALA A 265 5.43 -15.28 10.85
C ALA A 265 6.83 -15.48 11.42
N HIS A 266 7.82 -15.63 10.55
CA HIS A 266 9.19 -15.88 10.99
C HIS A 266 10.18 -14.89 10.37
N PRO A 267 10.08 -13.61 10.72
CA PRO A 267 10.99 -12.59 10.17
C PRO A 267 12.47 -12.71 10.53
N THR A 268 12.80 -13.50 11.57
CA THR A 268 14.19 -13.67 11.96
C THR A 268 14.79 -14.97 11.43
N VAL A 269 14.04 -15.68 10.59
CA VAL A 269 14.50 -16.94 10.02
C VAL A 269 14.78 -16.77 8.53
N LYS A 270 15.85 -17.40 8.06
CA LYS A 270 16.24 -17.31 6.66
C LYS A 270 15.54 -18.32 5.75
N PHE A 271 15.10 -17.85 4.59
CA PHE A 271 14.43 -18.70 3.61
C PHE A 271 15.08 -18.49 2.26
N THR A 272 15.17 -19.56 1.46
CA THR A 272 15.80 -19.48 0.15
C THR A 272 14.99 -20.27 -0.87
N THR A 273 15.26 -20.05 -2.15
CA THR A 273 14.58 -20.76 -3.22
C THR A 273 15.12 -20.29 -4.56
N GLY A 274 14.62 -20.87 -5.64
CA GLY A 274 15.05 -20.44 -6.96
C GLY A 274 15.60 -21.46 -7.93
N GLU A 275 15.95 -22.66 -7.49
CA GLU A 275 16.50 -23.63 -8.43
C GLU A 275 15.52 -24.01 -9.53
N HIS A 276 14.23 -23.80 -9.28
CA HIS A 276 13.24 -24.11 -10.31
C HIS A 276 12.55 -22.86 -10.86
N GLU A 277 13.29 -21.76 -10.90
CA GLU A 277 12.79 -20.50 -11.45
C GLU A 277 13.67 -20.20 -12.68
N TYR A 278 13.15 -19.44 -13.64
CA TYR A 278 13.88 -19.17 -14.88
C TYR A 278 13.81 -17.72 -15.38
N SER A 279 14.85 -17.32 -16.11
CA SER A 279 14.99 -15.99 -16.72
C SER A 279 15.10 -14.84 -15.75
N ARG A 280 15.57 -13.69 -16.25
CA ARG A 280 15.72 -12.51 -15.41
C ARG A 280 14.35 -12.03 -14.95
N TYR A 281 13.33 -12.32 -15.75
CA TYR A 281 11.96 -11.92 -15.43
C TYR A 281 11.41 -12.78 -14.30
N GLY A 282 11.85 -14.03 -14.25
CA GLY A 282 11.39 -14.92 -13.19
C GLY A 282 12.05 -14.55 -11.88
N PHE A 283 13.35 -14.28 -11.92
CA PHE A 283 14.08 -13.95 -10.71
C PHE A 283 13.83 -12.56 -10.13
N ARG A 284 13.39 -11.62 -10.96
CA ARG A 284 13.13 -10.28 -10.45
C ARG A 284 12.09 -10.35 -9.33
N LYS A 285 11.17 -11.30 -9.46
CA LYS A 285 10.12 -11.50 -8.47
C LYS A 285 10.63 -12.02 -7.13
N LEU A 286 11.68 -12.82 -7.16
CA LEU A 286 12.25 -13.37 -5.94
C LEU A 286 13.00 -12.30 -5.15
N VAL A 287 13.46 -11.27 -5.84
CA VAL A 287 14.18 -10.18 -5.20
C VAL A 287 13.19 -9.12 -4.69
N GLU A 288 12.09 -8.92 -5.42
CA GLU A 288 11.09 -7.93 -5.01
C GLU A 288 10.55 -8.29 -3.63
N GLY A 289 10.52 -7.31 -2.73
CA GLY A 289 10.02 -7.57 -1.39
C GLY A 289 11.12 -8.02 -0.46
N ARG A 290 12.22 -8.51 -1.04
CA ARG A 290 13.35 -8.97 -0.25
C ARG A 290 12.87 -9.95 0.83
N ASN A 291 12.06 -10.92 0.42
CA ASN A 291 11.54 -11.94 1.33
C ASN A 291 12.35 -13.23 1.28
N LEU A 292 13.39 -13.23 0.46
CA LEU A 292 14.28 -14.38 0.33
C LEU A 292 15.71 -13.93 0.63
N ASP A 293 16.35 -14.62 1.56
CA ASP A 293 17.71 -14.27 1.97
C ASP A 293 18.75 -14.69 0.95
N ILE A 294 18.41 -15.68 0.13
CA ILE A 294 19.31 -16.18 -0.90
C ILE A 294 18.51 -16.72 -2.08
N ILE A 295 18.92 -16.39 -3.30
CA ILE A 295 18.23 -16.93 -4.47
C ILE A 295 19.21 -17.97 -5.04
N GLN A 296 18.66 -19.08 -5.52
CA GLN A 296 19.49 -20.19 -5.97
C GLN A 296 19.20 -20.77 -7.34
N PRO A 297 19.51 -20.03 -8.42
CA PRO A 297 19.24 -20.56 -9.75
C PRO A 297 20.22 -21.67 -10.11
N ASP A 298 19.82 -22.54 -11.03
CA ASP A 298 20.69 -23.60 -11.52
C ASP A 298 21.15 -23.05 -12.87
N VAL A 299 22.46 -22.90 -13.05
CA VAL A 299 23.00 -22.35 -14.28
C VAL A 299 22.65 -23.13 -15.54
N MSE A 300 22.40 -24.42 -15.39
CA MSE A 300 22.04 -25.25 -16.53
C MSE A 300 20.55 -25.22 -16.82
O MSE A 300 20.09 -25.80 -17.80
CB MSE A 300 22.48 -26.71 -16.29
CG MSE A 300 23.98 -26.93 -16.32
SE MSE A 300 24.46 -28.76 -15.85
CE MSE A 300 24.26 -28.58 -13.94
N TRP A 301 19.78 -24.53 -15.98
CA TRP A 301 18.33 -24.48 -16.16
C TRP A 301 17.71 -23.10 -16.40
N LEU A 302 18.16 -22.10 -15.65
CA LEU A 302 17.59 -20.75 -15.72
C LEU A 302 17.69 -19.98 -17.04
N GLY A 303 18.66 -20.34 -17.87
CA GLY A 303 18.83 -19.64 -19.14
C GLY A 303 20.28 -19.63 -19.60
N GLY A 304 21.19 -19.91 -18.67
CA GLY A 304 22.61 -19.93 -19.00
C GLY A 304 23.41 -18.91 -18.23
N LEU A 305 24.72 -18.88 -18.47
CA LEU A 305 25.59 -17.96 -17.78
C LEU A 305 25.29 -16.50 -18.14
N THR A 306 25.04 -16.25 -19.42
CA THR A 306 24.72 -14.90 -19.87
C THR A 306 23.54 -14.32 -19.09
N GLU A 307 22.46 -15.08 -18.98
CA GLU A 307 21.28 -14.62 -18.24
C GLU A 307 21.56 -14.59 -16.73
N LEU A 308 22.35 -15.54 -16.25
CA LEU A 308 22.70 -15.60 -14.83
C LEU A 308 23.45 -14.35 -14.40
N LEU A 309 24.31 -13.84 -15.27
CA LEU A 309 25.07 -12.63 -14.96
C LEU A 309 24.10 -11.47 -14.73
N LYS A 310 23.02 -11.43 -15.50
CA LYS A 310 22.03 -10.36 -15.36
C LYS A 310 21.18 -10.55 -14.10
N VAL A 311 20.90 -11.81 -13.76
CA VAL A 311 20.12 -12.10 -12.57
C VAL A 311 20.94 -11.68 -11.34
N ALA A 312 22.23 -12.00 -11.34
CA ALA A 312 23.09 -11.66 -10.22
C ALA A 312 23.24 -10.15 -10.04
N ALA A 313 23.30 -9.43 -11.17
CA ALA A 313 23.44 -7.98 -11.12
C ALA A 313 22.22 -7.32 -10.47
N LEU A 314 21.03 -7.82 -10.77
CA LEU A 314 19.82 -7.28 -10.19
C LEU A 314 19.84 -7.54 -8.68
N ALA A 315 20.17 -8.76 -8.31
CA ALA A 315 20.23 -9.14 -6.89
C ALA A 315 21.28 -8.28 -6.18
N ALA A 316 22.37 -7.99 -6.87
CA ALA A 316 23.46 -7.18 -6.31
C ALA A 316 23.04 -5.77 -5.94
N ALA A 317 22.06 -5.23 -6.66
CA ALA A 317 21.58 -3.88 -6.39
C ALA A 317 20.82 -3.84 -5.06
N TYR A 318 20.47 -5.03 -4.56
CA TYR A 318 19.76 -5.14 -3.29
C TYR A 318 20.58 -5.98 -2.31
N ASP A 319 21.84 -6.21 -2.64
CA ASP A 319 22.74 -6.99 -1.80
C ASP A 319 22.18 -8.36 -1.45
N VAL A 320 21.40 -8.93 -2.36
CA VAL A 320 20.84 -10.26 -2.13
C VAL A 320 21.85 -11.26 -2.71
N PRO A 321 22.38 -12.15 -1.86
CA PRO A 321 23.34 -13.12 -2.38
C PRO A 321 22.74 -14.15 -3.34
N VAL A 322 23.56 -14.57 -4.30
CA VAL A 322 23.16 -15.57 -5.28
C VAL A 322 24.07 -16.78 -5.05
N VAL A 323 23.47 -17.90 -4.70
CA VAL A 323 24.22 -19.14 -4.46
C VAL A 323 23.52 -20.18 -5.33
N PRO A 324 24.00 -20.35 -6.58
CA PRO A 324 23.41 -21.32 -7.50
C PRO A 324 23.31 -22.75 -7.00
N HIS A 325 22.38 -23.50 -7.58
CA HIS A 325 22.15 -24.88 -7.22
C HIS A 325 23.15 -25.81 -7.90
N ALA A 326 24.01 -26.44 -7.10
CA ALA A 326 25.03 -27.37 -7.59
C ALA A 326 25.72 -26.79 -8.82
N SER A 327 25.51 -27.44 -9.97
CA SER A 327 26.05 -27.00 -11.26
C SER A 327 27.53 -27.20 -11.60
N GLY A 328 28.32 -27.67 -10.64
CA GLY A 328 29.74 -27.88 -10.91
C GLY A 328 30.51 -26.68 -11.43
N PRO A 329 31.51 -26.88 -12.31
CA PRO A 329 32.31 -25.79 -12.88
C PRO A 329 31.50 -24.63 -13.48
N TYR A 330 30.33 -24.93 -14.01
CA TYR A 330 29.49 -23.88 -14.59
C TYR A 330 29.11 -22.88 -13.50
N SER A 331 29.02 -23.36 -12.27
CA SER A 331 28.69 -22.50 -11.15
C SER A 331 29.96 -21.99 -10.47
N TYR A 332 31.01 -22.80 -10.44
CA TYR A 332 32.25 -22.37 -9.81
C TYR A 332 32.81 -21.11 -10.46
N HIS A 333 32.85 -21.09 -11.78
CA HIS A 333 33.39 -19.93 -12.49
C HIS A 333 32.54 -18.68 -12.23
N PHE A 334 31.26 -18.89 -12.01
CA PHE A 334 30.36 -17.77 -11.74
C PHE A 334 30.55 -17.27 -10.31
N GLN A 335 30.47 -18.17 -9.34
CA GLN A 335 30.61 -17.81 -7.93
C GLN A 335 31.90 -17.10 -7.57
N ILE A 336 32.99 -17.48 -8.23
CA ILE A 336 34.29 -16.89 -7.93
C ILE A 336 34.46 -15.49 -8.50
N SER A 337 33.55 -15.08 -9.39
CA SER A 337 33.68 -13.79 -10.07
C SER A 337 32.75 -12.62 -9.75
N GLN A 338 31.70 -12.85 -8.97
CA GLN A 338 30.77 -11.77 -8.68
C GLN A 338 30.89 -11.18 -7.28
N PRO A 339 30.34 -9.97 -7.07
CA PRO A 339 30.42 -9.34 -5.76
C PRO A 339 29.45 -9.92 -4.74
N ASN A 340 28.37 -10.54 -5.21
CA ASN A 340 27.35 -11.09 -4.32
C ASN A 340 27.13 -12.60 -4.45
N THR A 341 28.23 -13.35 -4.54
CA THR A 341 28.16 -14.81 -4.66
C THR A 341 29.16 -15.34 -3.63
N PRO A 342 28.77 -15.32 -2.34
CA PRO A 342 29.52 -15.75 -1.15
C PRO A 342 30.06 -17.17 -1.02
N PHE A 343 29.32 -18.15 -1.51
CA PHE A 343 29.79 -19.52 -1.41
C PHE A 343 29.11 -20.42 -2.41
N GLN A 344 29.42 -21.71 -2.33
CA GLN A 344 28.89 -22.67 -3.29
C GLN A 344 28.34 -23.93 -2.66
N GLU A 345 27.38 -24.54 -3.36
CA GLU A 345 26.80 -25.78 -2.91
C GLU A 345 27.43 -26.95 -3.64
N TYR A 346 27.57 -28.07 -2.93
CA TYR A 346 28.08 -29.28 -3.55
C TYR A 346 27.11 -30.36 -3.14
N LEU A 347 26.44 -30.95 -4.12
CA LEU A 347 25.47 -32.00 -3.87
C LEU A 347 26.21 -33.32 -3.75
N ALA A 348 26.29 -33.85 -2.53
CA ALA A 348 26.98 -35.12 -2.29
C ALA A 348 26.44 -36.16 -3.26
N ASN A 349 27.27 -36.57 -4.21
CA ASN A 349 26.85 -37.54 -5.20
C ASN A 349 27.23 -38.98 -4.87
N SER A 350 27.75 -39.20 -3.67
CA SER A 350 28.09 -40.55 -3.25
C SER A 350 26.77 -41.15 -2.78
N PRO A 351 26.50 -42.42 -3.11
CA PRO A 351 25.25 -43.07 -2.71
C PRO A 351 24.85 -42.91 -1.24
N ASP A 352 25.84 -42.84 -0.35
CA ASP A 352 25.56 -42.70 1.08
C ASP A 352 25.78 -41.28 1.59
N GLY A 353 26.22 -40.39 0.69
CA GLY A 353 26.45 -39.01 1.07
C GLY A 353 27.61 -38.80 2.03
N LYS A 354 28.54 -39.75 2.09
CA LYS A 354 29.67 -39.64 3.00
C LYS A 354 30.98 -39.25 2.31
N SER A 355 30.95 -39.08 0.99
CA SER A 355 32.15 -38.72 0.25
C SER A 355 31.78 -37.87 -0.95
N VAL A 356 32.76 -37.19 -1.53
CA VAL A 356 32.52 -36.34 -2.68
C VAL A 356 33.03 -36.98 -3.96
N LEU A 357 32.16 -37.04 -4.96
CA LEU A 357 32.49 -37.61 -6.26
C LEU A 357 32.11 -36.61 -7.34
N PRO A 358 32.64 -36.78 -8.57
CA PRO A 358 32.33 -35.86 -9.67
C PRO A 358 30.84 -35.63 -9.84
N VAL A 359 30.43 -34.38 -10.05
CA VAL A 359 29.02 -34.06 -10.22
C VAL A 359 28.47 -34.65 -11.51
N PHE A 360 29.30 -34.67 -12.56
CA PHE A 360 28.88 -35.20 -13.84
C PHE A 360 29.38 -36.62 -14.09
N GLY A 361 29.76 -37.30 -13.01
CA GLY A 361 30.22 -38.67 -13.13
C GLY A 361 31.48 -38.86 -13.97
N ASP A 362 31.49 -39.93 -14.77
CA ASP A 362 32.65 -40.24 -15.60
C ASP A 362 32.64 -39.59 -16.99
N LEU A 363 31.78 -38.61 -17.20
CA LEU A 363 31.71 -37.92 -18.49
C LEU A 363 33.01 -37.17 -18.74
N PHE A 364 33.56 -36.58 -17.68
CA PHE A 364 34.81 -35.82 -17.78
C PHE A 364 35.89 -36.51 -16.95
N ILE A 365 37.15 -36.20 -17.25
CA ILE A 365 38.26 -36.82 -16.52
C ILE A 365 38.95 -35.91 -15.52
N ASP A 366 38.65 -34.61 -15.57
CA ASP A 366 39.31 -33.65 -14.69
C ASP A 366 38.40 -32.64 -13.98
N GLU A 367 37.22 -33.07 -13.56
CA GLU A 367 36.31 -32.17 -12.87
C GLU A 367 36.93 -31.80 -11.51
N PRO A 368 37.05 -30.50 -11.21
CA PRO A 368 37.62 -30.10 -9.92
C PRO A 368 36.59 -30.39 -8.83
N ILE A 369 37.00 -31.12 -7.79
CA ILE A 369 36.07 -31.47 -6.72
C ILE A 369 36.52 -30.96 -5.36
N PRO A 370 35.56 -30.42 -4.56
CA PRO A 370 35.87 -29.89 -3.24
C PRO A 370 36.01 -30.95 -2.15
N THR A 371 36.99 -31.83 -2.32
CA THR A 371 37.24 -32.90 -1.35
C THR A 371 37.55 -32.35 0.04
N LYS A 372 38.08 -31.13 0.09
CA LYS A 372 38.43 -30.47 1.35
C LYS A 372 37.42 -29.38 1.72
N GLY A 373 36.30 -29.34 1.00
CA GLY A 373 35.28 -28.34 1.30
C GLY A 373 35.50 -26.99 0.65
N TYR A 374 36.44 -26.92 -0.28
CA TYR A 374 36.72 -25.66 -0.97
C TYR A 374 37.51 -25.90 -2.26
N LEU A 375 37.51 -24.89 -3.11
CA LEU A 375 38.26 -24.92 -4.36
C LEU A 375 38.99 -23.57 -4.43
N THR A 376 39.94 -23.45 -5.35
CA THR A 376 40.69 -22.21 -5.50
C THR A 376 40.67 -21.76 -6.95
N THR A 377 41.09 -20.52 -7.18
CA THR A 377 41.12 -19.98 -8.55
C THR A 377 42.05 -20.85 -9.39
N ALA A 378 43.13 -21.34 -8.76
CA ALA A 378 44.08 -22.19 -9.45
C ALA A 378 43.38 -23.42 -10.00
N ASP A 379 42.45 -23.98 -9.23
CA ASP A 379 41.72 -25.18 -9.67
C ASP A 379 40.93 -24.90 -10.95
N LEU A 380 40.59 -23.64 -11.17
CA LEU A 380 39.80 -23.25 -12.33
C LEU A 380 40.63 -22.72 -13.50
N ASP A 381 41.95 -22.69 -13.35
CA ASP A 381 42.80 -22.17 -14.41
C ASP A 381 43.07 -23.12 -15.58
N LYS A 382 42.04 -23.31 -16.40
CA LYS A 382 42.11 -24.14 -17.60
C LYS A 382 41.21 -23.44 -18.60
N PRO A 383 41.46 -23.64 -19.91
CA PRO A 383 40.63 -23.00 -20.95
C PRO A 383 39.14 -23.27 -20.82
N GLY A 384 38.32 -22.24 -21.01
CA GLY A 384 36.89 -22.41 -20.91
C GLY A 384 36.45 -22.85 -19.52
N PHE A 385 35.60 -23.87 -19.45
CA PHE A 385 35.13 -24.38 -18.17
C PHE A 385 36.07 -25.47 -17.65
N GLY A 386 37.16 -25.69 -18.38
CA GLY A 386 38.18 -26.65 -17.97
C GLY A 386 37.82 -28.12 -17.87
N LEU A 387 36.74 -28.53 -18.52
CA LEU A 387 36.33 -29.93 -18.47
C LEU A 387 36.73 -30.66 -19.74
N THR A 388 37.40 -31.80 -19.57
CA THR A 388 37.85 -32.60 -20.70
C THR A 388 37.07 -33.90 -20.77
N ILE A 389 36.42 -34.13 -21.90
CA ILE A 389 35.62 -35.32 -22.10
C ILE A 389 36.43 -36.60 -22.00
N ASN A 390 35.90 -37.55 -21.23
CA ASN A 390 36.54 -38.85 -21.04
C ASN A 390 36.37 -39.66 -22.32
N PRO A 391 37.49 -40.01 -22.99
CA PRO A 391 37.44 -40.78 -24.24
C PRO A 391 36.53 -41.99 -24.14
N ALA A 392 36.56 -42.66 -22.99
CA ALA A 392 35.74 -43.85 -22.77
C ALA A 392 34.26 -43.48 -22.72
N ALA A 393 33.98 -42.20 -22.47
CA ALA A 393 32.60 -41.74 -22.41
C ALA A 393 32.03 -41.43 -23.78
N ARG A 394 32.89 -41.09 -24.73
CA ARG A 394 32.41 -40.79 -26.08
C ARG A 394 31.65 -41.94 -26.71
N ALA A 395 32.05 -43.16 -26.37
CA ALA A 395 31.38 -44.34 -26.89
C ALA A 395 29.97 -44.40 -26.32
N LYS A 396 29.82 -43.78 -25.15
CA LYS A 396 28.54 -43.73 -24.44
C LYS A 396 27.67 -42.60 -25.01
N LEU A 397 28.28 -41.73 -25.80
CA LEU A 397 27.57 -40.60 -26.38
C LEU A 397 26.74 -41.04 -27.58
N ILE A 398 25.43 -40.92 -27.43
CA ILE A 398 24.49 -41.31 -28.48
C ILE A 398 24.11 -40.13 -29.35
N PRO A 399 24.52 -40.14 -30.64
CA PRO A 399 24.17 -39.04 -31.54
C PRO A 399 22.66 -38.89 -31.54
N SER A 400 22.17 -37.65 -31.56
CA SER A 400 20.73 -37.41 -31.55
C SER A 400 20.05 -37.62 -32.89
N ASP A 401 20.85 -37.99 -33.89
CA ASP A 401 20.37 -38.23 -35.26
C ASP A 401 19.10 -39.08 -35.39
N TYR A 402 19.00 -40.15 -34.60
CA TYR A 402 17.85 -41.03 -34.68
C TYR A 402 16.51 -40.33 -34.41
N LEU A 403 16.54 -39.26 -33.63
CA LEU A 403 15.33 -38.51 -33.29
C LEU A 403 14.72 -37.80 -34.49
N PHE A 404 15.48 -37.67 -35.57
CA PHE A 404 15.00 -36.98 -36.75
C PHE A 404 14.69 -37.91 -37.93
N LYS A 405 14.82 -39.21 -37.69
CA LYS A 405 14.53 -40.20 -38.73
C LYS A 405 13.05 -40.55 -38.73
N VAL A 406 12.23 -39.61 -39.19
CA VAL A 406 10.78 -39.80 -39.23
C VAL A 406 10.40 -40.77 -40.35
N PRO A 407 9.61 -41.80 -40.03
CA PRO A 407 9.20 -42.77 -41.06
C PRO A 407 8.32 -42.15 -42.12
N GLU A 408 8.35 -42.72 -43.32
CA GLU A 408 7.55 -42.24 -44.44
C GLU A 408 6.10 -42.68 -44.30
N SER B 3 -22.70 -53.11 -8.34
CA SER B 3 -24.09 -53.56 -8.01
C SER B 3 -25.07 -52.39 -7.88
N SER B 4 -24.59 -51.30 -7.30
CA SER B 4 -25.43 -50.12 -7.10
C SER B 4 -25.17 -49.03 -8.13
N VAL B 5 -23.92 -48.90 -8.56
CA VAL B 5 -23.55 -47.87 -9.53
C VAL B 5 -22.81 -48.44 -10.75
N LYS B 6 -22.66 -47.62 -11.78
CA LYS B 6 -22.00 -48.04 -13.01
C LYS B 6 -20.55 -48.49 -12.83
N ASP B 7 -20.21 -49.57 -13.53
CA ASP B 7 -18.85 -50.11 -13.50
C ASP B 7 -18.13 -49.42 -14.66
N PHE B 8 -17.51 -48.28 -14.36
CA PHE B 8 -16.82 -47.51 -15.39
C PHE B 8 -15.54 -48.17 -15.88
N PRO B 9 -15.34 -48.20 -17.21
CA PRO B 9 -14.13 -48.81 -17.74
C PRO B 9 -12.91 -47.98 -17.36
N LYS B 10 -11.77 -48.66 -17.17
CA LYS B 10 -10.54 -47.95 -16.82
C LYS B 10 -9.66 -47.76 -18.03
N ILE B 11 -8.58 -47.00 -17.86
CA ILE B 11 -7.66 -46.75 -18.95
C ILE B 11 -6.81 -47.99 -19.22
N LYS B 12 -6.83 -48.44 -20.47
CA LYS B 12 -6.09 -49.63 -20.88
C LYS B 12 -4.78 -49.27 -21.56
N ALA B 13 -4.81 -48.28 -22.43
CA ALA B 13 -3.61 -47.87 -23.15
C ALA B 13 -3.68 -46.43 -23.65
N ILE B 14 -2.52 -45.91 -24.03
CA ILE B 14 -2.43 -44.55 -24.56
C ILE B 14 -1.48 -44.59 -25.76
N ARG B 15 -1.89 -43.96 -26.85
CA ARG B 15 -1.08 -43.91 -28.06
C ARG B 15 -0.92 -42.45 -28.48
N SER B 16 0.20 -42.15 -29.14
CA SER B 16 0.45 -40.79 -29.62
C SER B 16 0.98 -40.84 -31.04
N PHE B 17 0.66 -39.80 -31.80
CA PHE B 17 1.08 -39.69 -33.20
C PHE B 17 1.48 -38.25 -33.52
N ILE B 18 2.38 -38.11 -34.48
CA ILE B 18 2.76 -36.78 -34.94
C ILE B 18 1.95 -36.68 -36.23
N ILE B 19 1.41 -35.50 -36.51
CA ILE B 19 0.63 -35.31 -37.73
C ILE B 19 1.57 -34.90 -38.86
N GLY B 20 1.70 -35.74 -39.87
CA GLY B 20 2.57 -35.44 -40.99
C GLY B 20 2.09 -34.22 -41.77
N GLY B 21 3.01 -33.58 -42.49
CA GLY B 21 2.65 -32.41 -43.29
C GLY B 21 2.34 -31.17 -42.48
N VAL B 22 1.58 -30.26 -43.07
CA VAL B 22 1.21 -29.01 -42.41
C VAL B 22 -0.29 -28.78 -42.54
N GLY B 23 -0.79 -27.78 -41.82
CA GLY B 23 -2.20 -27.44 -41.88
C GLY B 23 -3.19 -28.44 -41.31
N SER B 24 -2.71 -29.40 -40.52
CA SER B 24 -3.58 -30.40 -39.93
C SER B 24 -3.16 -30.69 -38.48
N GLY B 25 -4.07 -30.47 -37.54
CA GLY B 25 -3.76 -30.71 -36.15
C GLY B 25 -3.82 -29.44 -35.31
N GLY B 26 -3.44 -29.56 -34.04
CA GLY B 26 -3.49 -28.43 -33.14
C GLY B 26 -2.52 -27.27 -33.30
N ASP B 27 -1.45 -27.44 -34.08
CA ASP B 27 -0.49 -26.34 -34.25
C ASP B 27 -1.00 -25.33 -35.27
N TYR B 28 -1.65 -24.28 -34.76
CA TYR B 28 -2.22 -23.22 -35.58
C TYR B 28 -1.28 -22.62 -36.63
N HIS B 29 -0.01 -22.49 -36.27
CA HIS B 29 0.95 -21.85 -37.16
C HIS B 29 1.80 -22.75 -38.03
N ASN B 30 1.54 -24.05 -38.00
CA ASN B 30 2.27 -24.97 -38.85
C ASN B 30 1.43 -25.10 -40.11
N VAL B 31 1.40 -24.02 -40.89
CA VAL B 31 0.63 -23.97 -42.12
C VAL B 31 1.50 -23.77 -43.36
N LYS B 32 0.89 -23.91 -44.53
CA LYS B 32 1.59 -23.75 -45.80
C LYS B 32 2.00 -22.31 -46.02
N GLY B 33 3.09 -22.11 -46.76
CA GLY B 33 3.55 -20.76 -47.04
C GLY B 33 2.47 -19.95 -47.73
N GLY B 34 2.47 -18.64 -47.49
CA GLY B 34 1.47 -17.78 -48.10
C GLY B 34 0.32 -17.46 -47.15
N HIS B 35 0.14 -18.30 -46.14
CA HIS B 35 -0.93 -18.10 -45.17
C HIS B 35 -0.64 -16.81 -44.40
N TRP B 36 -1.66 -15.99 -44.18
CA TRP B 36 -1.47 -14.73 -43.46
C TRP B 36 -0.91 -14.96 -42.06
N LEU B 37 -1.20 -16.13 -41.49
CA LEU B 37 -0.73 -16.46 -40.14
C LEU B 37 0.79 -16.46 -40.01
N ILE B 38 1.49 -16.69 -41.12
CA ILE B 38 2.95 -16.74 -41.07
C ILE B 38 3.66 -15.84 -42.08
N ASP B 39 2.96 -15.43 -43.13
CA ASP B 39 3.59 -14.62 -44.17
C ASP B 39 3.10 -13.19 -44.37
N SER B 40 2.37 -12.64 -43.40
CA SER B 40 1.91 -11.26 -43.52
C SER B 40 2.69 -10.44 -42.49
N ASP B 41 2.58 -9.12 -42.55
CA ASP B 41 3.29 -8.28 -41.59
C ASP B 41 2.64 -8.42 -40.21
N ILE B 42 3.36 -9.04 -39.29
CA ILE B 42 2.86 -9.25 -37.93
C ILE B 42 3.97 -8.96 -36.92
N SER B 43 3.69 -8.06 -35.97
CA SER B 43 4.65 -7.71 -34.94
C SER B 43 4.81 -8.88 -33.98
N THR B 44 6.05 -9.32 -33.75
CA THR B 44 6.30 -10.45 -32.86
C THR B 44 7.53 -10.17 -31.99
N PRO B 45 7.79 -11.05 -31.00
CA PRO B 45 8.95 -10.87 -30.12
C PRO B 45 10.28 -10.87 -30.89
N ALA B 46 10.27 -11.45 -32.08
CA ALA B 46 11.48 -11.55 -32.90
C ALA B 46 11.59 -10.50 -33.99
N SER B 47 10.59 -9.63 -34.10
CA SER B 47 10.59 -8.59 -35.12
C SER B 47 11.74 -7.61 -34.97
N LYS B 48 12.42 -7.67 -33.83
CA LYS B 48 13.55 -6.78 -33.54
C LYS B 48 14.69 -7.02 -34.54
N TRP B 49 14.73 -8.23 -35.10
CA TRP B 49 15.79 -8.60 -36.02
C TRP B 49 15.27 -8.78 -37.45
N GLU B 50 15.87 -8.03 -38.37
CA GLU B 50 15.48 -8.05 -39.77
C GLU B 50 15.25 -9.42 -40.41
N GLN B 51 16.15 -10.37 -40.17
CA GLN B 51 15.99 -11.69 -40.78
C GLN B 51 14.83 -12.51 -40.19
N TYR B 52 14.22 -12.02 -39.11
CA TYR B 52 13.10 -12.74 -38.50
C TYR B 52 11.86 -11.86 -38.45
N LYS B 53 11.86 -10.83 -39.28
CA LYS B 53 10.79 -9.84 -39.34
C LYS B 53 9.70 -10.10 -40.37
N LYS B 54 10.07 -10.59 -41.55
CA LYS B 54 9.11 -10.84 -42.62
C LYS B 54 8.26 -12.11 -42.53
N SER B 55 8.74 -13.11 -41.80
CA SER B 55 8.01 -14.37 -41.67
C SER B 55 8.08 -14.91 -40.25
N ARG B 56 6.96 -15.45 -39.76
CA ARG B 56 6.96 -16.01 -38.41
C ARG B 56 7.60 -17.39 -38.37
N THR B 57 7.67 -18.05 -39.53
CA THR B 57 8.30 -19.37 -39.58
C THR B 57 9.82 -19.20 -39.57
N SER B 58 10.29 -18.04 -40.00
CA SER B 58 11.73 -17.79 -40.03
C SER B 58 12.35 -18.00 -38.65
N TRP B 59 11.66 -17.55 -37.61
CA TRP B 59 12.18 -17.72 -36.26
C TRP B 59 11.67 -18.99 -35.57
N GLY B 60 10.87 -19.76 -36.30
CA GLY B 60 10.38 -21.03 -35.78
C GLY B 60 9.04 -21.16 -35.08
N ILE B 61 8.05 -20.35 -35.46
CA ILE B 61 6.73 -20.44 -34.83
C ILE B 61 6.08 -21.79 -35.15
N ASN B 62 6.53 -22.41 -36.22
CA ASN B 62 5.99 -23.70 -36.67
C ASN B 62 6.91 -24.87 -36.36
N VAL B 63 7.91 -24.65 -35.52
CA VAL B 63 8.88 -25.68 -35.20
C VAL B 63 8.36 -26.97 -34.56
N LEU B 64 7.40 -26.87 -33.65
CA LEU B 64 6.89 -28.06 -32.96
C LEU B 64 6.01 -28.99 -33.78
N GLY B 65 5.03 -28.43 -34.48
CA GLY B 65 4.13 -29.27 -35.26
C GLY B 65 3.00 -29.78 -34.38
N SER B 66 2.08 -30.55 -34.96
CA SER B 66 0.94 -31.06 -34.21
C SER B 66 1.10 -32.52 -33.81
N PHE B 67 0.41 -32.92 -32.75
CA PHE B 67 0.44 -34.31 -32.31
C PHE B 67 -0.96 -34.71 -31.86
N LEU B 68 -1.20 -36.02 -31.77
CA LEU B 68 -2.49 -36.53 -31.36
C LEU B 68 -2.31 -37.59 -30.29
N VAL B 69 -3.19 -37.57 -29.31
CA VAL B 69 -3.15 -38.55 -28.22
C VAL B 69 -4.47 -39.33 -28.20
N GLU B 70 -4.38 -40.65 -28.11
CA GLU B 70 -5.55 -41.50 -28.04
C GLU B 70 -5.50 -42.25 -26.71
N ILE B 71 -6.61 -42.28 -26.00
CA ILE B 71 -6.68 -42.98 -24.72
C ILE B 71 -7.78 -44.02 -24.84
N GLU B 72 -7.40 -45.30 -24.78
CA GLU B 72 -8.36 -46.38 -24.89
C GLU B 72 -8.70 -47.01 -23.54
N ALA B 73 -9.99 -47.16 -23.29
CA ALA B 73 -10.46 -47.74 -22.04
C ALA B 73 -10.62 -49.25 -22.24
N THR B 74 -10.78 -49.98 -21.14
CA THR B 74 -10.93 -51.43 -21.21
C THR B 74 -12.14 -51.90 -22.00
N ASP B 75 -13.13 -51.03 -22.18
CA ASP B 75 -14.34 -51.39 -22.93
C ASP B 75 -14.19 -51.13 -24.43
N GLY B 76 -13.03 -50.64 -24.83
CA GLY B 76 -12.80 -50.36 -26.24
C GLY B 76 -13.05 -48.93 -26.65
N THR B 77 -13.71 -48.15 -25.79
CA THR B 77 -13.98 -46.76 -26.10
C THR B 77 -12.65 -46.01 -26.17
N VAL B 78 -12.53 -45.12 -27.16
CA VAL B 78 -11.31 -44.35 -27.33
C VAL B 78 -11.57 -42.84 -27.33
N GLY B 79 -10.85 -42.13 -26.46
CA GLY B 79 -10.99 -40.69 -26.41
C GLY B 79 -9.71 -40.12 -26.99
N PHE B 80 -9.80 -38.96 -27.61
CA PHE B 80 -8.60 -38.36 -28.19
C PHE B 80 -8.67 -36.84 -28.27
N ALA B 81 -7.52 -36.24 -28.53
CA ALA B 81 -7.41 -34.79 -28.66
C ALA B 81 -6.10 -34.48 -29.38
N THR B 82 -6.01 -33.29 -29.96
CA THR B 82 -4.82 -32.86 -30.66
C THR B 82 -4.32 -31.55 -30.07
N GLY B 83 -3.07 -31.22 -30.35
CA GLY B 83 -2.49 -29.98 -29.87
C GLY B 83 -1.13 -29.79 -30.52
N PHE B 84 -0.42 -28.72 -30.19
CA PHE B 84 0.89 -28.52 -30.76
C PHE B 84 1.89 -29.11 -29.79
N GLY B 85 3.06 -29.49 -30.29
CA GLY B 85 4.07 -30.08 -29.44
C GLY B 85 4.87 -31.09 -30.23
N GLY B 86 4.24 -31.67 -31.24
CA GLY B 86 4.92 -32.64 -32.10
C GLY B 86 5.72 -33.73 -31.41
N PRO B 87 6.89 -34.08 -31.98
CA PRO B 87 7.76 -35.13 -31.44
C PRO B 87 8.13 -35.01 -29.96
N PRO B 88 8.61 -33.83 -29.51
CA PRO B 88 8.98 -33.65 -28.09
C PRO B 88 7.81 -33.97 -27.17
N ALA B 89 6.62 -33.57 -27.58
CA ALA B 89 5.41 -33.80 -26.81
C ALA B 89 5.12 -35.30 -26.70
N CYS B 90 5.20 -36.00 -27.83
CA CYS B 90 4.94 -37.44 -27.84
C CYS B 90 5.95 -38.16 -26.96
N TRP B 91 7.19 -37.70 -26.99
CA TRP B 91 8.25 -38.30 -26.18
C TRP B 91 7.88 -38.24 -24.70
N LEU B 92 7.44 -37.07 -24.25
CA LEU B 92 7.05 -36.88 -22.86
C LEU B 92 5.80 -37.67 -22.49
N VAL B 93 4.86 -37.76 -23.43
CA VAL B 93 3.63 -38.50 -23.19
C VAL B 93 3.91 -39.90 -22.66
N HIS B 94 4.77 -40.62 -23.36
CA HIS B 94 5.10 -41.99 -22.99
C HIS B 94 6.19 -42.15 -21.95
N GLN B 95 7.26 -41.37 -22.05
CA GLN B 95 8.35 -41.48 -21.09
C GLN B 95 7.95 -41.03 -19.69
N HIS B 96 7.13 -40.00 -19.58
CA HIS B 96 6.76 -39.51 -18.26
C HIS B 96 5.32 -39.70 -17.78
N PHE B 97 4.35 -39.23 -18.56
CA PHE B 97 2.96 -39.28 -18.14
C PHE B 97 2.18 -40.59 -18.20
N GLU B 98 2.56 -41.49 -19.10
CA GLU B 98 1.84 -42.75 -19.23
C GLU B 98 1.71 -43.52 -17.91
N ARG B 99 2.74 -43.45 -17.07
CA ARG B 99 2.74 -44.16 -15.79
C ARG B 99 1.56 -43.80 -14.88
N PHE B 100 1.06 -42.59 -15.02
CA PHE B 100 -0.05 -42.12 -14.19
C PHE B 100 -1.42 -42.52 -14.74
N LEU B 101 -1.46 -42.80 -16.04
CA LEU B 101 -2.71 -43.12 -16.73
C LEU B 101 -3.16 -44.58 -16.79
N ILE B 102 -2.26 -45.48 -17.17
CA ILE B 102 -2.60 -46.89 -17.31
C ILE B 102 -3.25 -47.48 -16.06
N GLY B 103 -4.45 -48.03 -16.24
CA GLY B 103 -5.16 -48.64 -15.14
C GLY B 103 -5.96 -47.70 -14.27
N ALA B 104 -5.90 -46.40 -14.55
CA ALA B 104 -6.62 -45.41 -13.76
C ALA B 104 -8.07 -45.21 -14.22
N ASP B 105 -8.91 -44.79 -13.30
CA ASP B 105 -10.31 -44.51 -13.61
C ASP B 105 -10.29 -43.13 -14.27
N PRO B 106 -10.68 -43.04 -15.55
CA PRO B 106 -10.67 -41.77 -16.27
C PRO B 106 -11.53 -40.66 -15.67
N ARG B 107 -12.42 -41.01 -14.76
CA ARG B 107 -13.27 -40.01 -14.13
C ARG B 107 -12.48 -39.24 -13.07
N ASN B 108 -11.27 -39.73 -12.75
CA ASN B 108 -10.42 -39.06 -11.76
C ASN B 108 -9.60 -37.96 -12.42
N THR B 109 -10.28 -37.05 -13.11
CA THR B 109 -9.60 -35.95 -13.77
C THR B 109 -8.79 -35.08 -12.83
N ASN B 110 -9.35 -34.75 -11.67
CA ASN B 110 -8.63 -33.90 -10.72
C ASN B 110 -7.32 -34.54 -10.26
N LEU B 111 -7.36 -35.83 -9.95
CA LEU B 111 -6.19 -36.55 -9.48
C LEU B 111 -5.12 -36.63 -10.58
N LEU B 112 -5.52 -37.08 -11.76
CA LEU B 112 -4.58 -37.23 -12.86
C LEU B 112 -3.90 -35.92 -13.22
N PHE B 113 -4.62 -34.82 -13.21
CA PHE B 113 -4.00 -33.54 -13.52
C PHE B 113 -2.98 -33.15 -12.45
N GLU B 114 -3.37 -33.24 -11.18
CA GLU B 114 -2.46 -32.87 -10.11
C GLU B 114 -1.17 -33.71 -10.13
N GLN B 115 -1.32 -35.01 -10.41
CA GLN B 115 -0.14 -35.87 -10.46
C GLN B 115 0.77 -35.52 -11.64
N MSE B 116 0.19 -35.34 -12.81
CA MSE B 116 1.00 -35.00 -13.98
C MSE B 116 1.66 -33.64 -13.79
O MSE B 116 2.83 -33.45 -14.12
CB MSE B 116 0.17 -34.99 -15.26
CG MSE B 116 -0.35 -36.36 -15.68
SE MSE B 116 -1.14 -36.33 -17.46
CE MSE B 116 -2.90 -35.71 -16.99
N TYR B 117 0.92 -32.68 -13.23
CA TYR B 117 1.47 -31.34 -13.04
C TYR B 117 2.57 -31.29 -11.99
N ARG B 118 2.30 -31.83 -10.81
CA ARG B 118 3.28 -31.80 -9.74
C ARG B 118 4.49 -32.69 -10.00
N ALA B 119 4.30 -33.79 -10.72
CA ALA B 119 5.40 -34.69 -11.02
C ALA B 119 6.36 -34.10 -12.06
N SER B 120 5.86 -33.17 -12.87
CA SER B 120 6.69 -32.54 -13.91
C SER B 120 7.09 -31.12 -13.54
N MSE B 121 6.79 -30.74 -12.31
CA MSE B 121 7.10 -29.40 -11.81
C MSE B 121 8.59 -29.05 -11.96
O MSE B 121 8.91 -27.90 -12.28
CB MSE B 121 6.68 -29.31 -10.35
CG MSE B 121 6.85 -27.95 -9.71
SE MSE B 121 5.94 -27.95 -7.99
CE MSE B 121 4.16 -27.63 -8.66
N PHE B 122 9.47 -30.01 -11.77
CA PHE B 122 10.90 -29.74 -11.86
C PHE B 122 11.40 -29.29 -13.24
N TYR B 123 10.60 -29.51 -14.29
CA TYR B 123 11.00 -29.07 -15.62
C TYR B 123 9.82 -28.45 -16.37
N GLY B 124 8.72 -28.24 -15.66
CA GLY B 124 7.53 -27.68 -16.29
C GLY B 124 6.94 -26.41 -15.73
N ARG B 125 5.70 -26.50 -15.23
CA ARG B 125 4.93 -25.39 -14.66
C ARG B 125 4.37 -24.51 -15.78
N LYS B 126 5.15 -24.35 -16.83
CA LYS B 126 4.71 -23.56 -17.98
C LYS B 126 5.31 -24.13 -19.26
N GLY B 127 4.78 -23.68 -20.39
CA GLY B 127 5.30 -24.13 -21.67
C GLY B 127 4.92 -25.51 -22.18
N LEU B 128 5.81 -26.06 -23.00
CA LEU B 128 5.64 -27.35 -23.64
C LEU B 128 5.11 -28.50 -22.78
N PRO B 129 5.72 -28.74 -21.61
CA PRO B 129 5.23 -29.84 -20.77
C PRO B 129 3.76 -29.69 -20.41
N ILE B 130 3.33 -28.46 -20.17
CA ILE B 130 1.94 -28.21 -19.81
C ILE B 130 1.04 -28.43 -21.03
N ALA B 131 1.56 -28.18 -22.22
CA ALA B 131 0.79 -28.39 -23.45
C ALA B 131 0.52 -29.90 -23.58
N VAL B 132 1.50 -30.71 -23.18
CA VAL B 132 1.35 -32.17 -23.24
C VAL B 132 0.24 -32.63 -22.30
N ILE B 133 0.30 -32.16 -21.06
CA ILE B 133 -0.69 -32.51 -20.05
C ILE B 133 -2.08 -32.07 -20.55
N SER B 134 -2.13 -30.90 -21.18
CA SER B 134 -3.38 -30.36 -21.71
C SER B 134 -4.08 -31.32 -22.69
N VAL B 135 -3.32 -31.83 -23.66
CA VAL B 135 -3.89 -32.73 -24.66
C VAL B 135 -4.32 -34.06 -24.03
N ILE B 136 -3.54 -34.54 -23.06
CA ILE B 136 -3.87 -35.78 -22.39
C ILE B 136 -5.19 -35.58 -21.65
N ASP B 137 -5.30 -34.47 -20.94
CA ASP B 137 -6.52 -34.15 -20.18
C ASP B 137 -7.71 -34.02 -21.12
N LEU B 138 -7.50 -33.40 -22.28
CA LEU B 138 -8.59 -33.24 -23.24
C LEU B 138 -9.03 -34.61 -23.78
N ALA B 139 -8.07 -35.52 -23.96
CA ALA B 139 -8.38 -36.85 -24.45
C ALA B 139 -9.22 -37.59 -23.39
N LEU B 140 -8.92 -37.34 -22.12
CA LEU B 140 -9.66 -37.97 -21.04
C LEU B 140 -11.12 -37.53 -21.06
N TRP B 141 -11.35 -36.22 -21.24
CA TRP B 141 -12.71 -35.71 -21.28
C TRP B 141 -13.48 -36.21 -22.49
N ASP B 142 -12.78 -36.37 -23.62
CA ASP B 142 -13.41 -36.88 -24.84
C ASP B 142 -13.86 -38.31 -24.56
N LEU B 143 -13.02 -39.05 -23.82
CA LEU B 143 -13.32 -40.43 -23.46
C LEU B 143 -14.52 -40.50 -22.52
N LEU B 144 -14.55 -39.62 -21.52
CA LEU B 144 -15.66 -39.59 -20.56
C LEU B 144 -16.97 -39.29 -21.27
N GLY B 145 -16.93 -38.36 -22.23
CA GLY B 145 -18.14 -38.02 -22.96
C GLY B 145 -18.63 -39.20 -23.78
N LYS B 146 -17.69 -39.89 -24.43
CA LYS B 146 -18.05 -41.04 -25.26
C LYS B 146 -18.56 -42.24 -24.47
N VAL B 147 -17.99 -42.46 -23.28
CA VAL B 147 -18.44 -43.58 -22.46
C VAL B 147 -19.87 -43.33 -21.99
N ARG B 148 -20.18 -42.08 -21.64
CA ARG B 148 -21.52 -41.73 -21.17
C ARG B 148 -22.46 -41.35 -22.30
N ASN B 149 -21.92 -41.25 -23.51
CA ASN B 149 -22.69 -40.87 -24.69
C ASN B 149 -23.27 -39.48 -24.53
N GLU B 150 -22.46 -38.57 -24.00
CA GLU B 150 -22.89 -37.19 -23.79
C GLU B 150 -21.82 -36.22 -24.29
N PRO B 151 -22.24 -35.01 -24.72
CA PRO B 151 -21.28 -34.01 -25.20
C PRO B 151 -20.54 -33.52 -23.96
N VAL B 152 -19.28 -33.12 -24.13
CA VAL B 152 -18.51 -32.64 -22.97
C VAL B 152 -19.19 -31.49 -22.23
N TYR B 153 -19.79 -30.57 -22.96
CA TYR B 153 -20.43 -29.43 -22.31
C TYR B 153 -21.54 -29.83 -21.33
N ARG B 154 -22.18 -30.98 -21.57
CA ARG B 154 -23.23 -31.45 -20.68
C ARG B 154 -22.67 -32.07 -19.41
N LEU B 155 -21.35 -32.24 -19.36
CA LEU B 155 -20.69 -32.83 -18.20
C LEU B 155 -19.99 -31.79 -17.33
N ILE B 156 -19.89 -30.56 -17.81
CA ILE B 156 -19.21 -29.51 -17.05
C ILE B 156 -20.06 -28.29 -16.69
N GLY B 157 -21.35 -28.49 -16.51
CA GLY B 157 -22.21 -27.37 -16.14
C GLY B 157 -23.40 -27.15 -17.03
N GLY B 158 -23.44 -27.85 -18.17
CA GLY B 158 -24.56 -27.70 -19.09
C GLY B 158 -24.44 -26.48 -19.98
N ALA B 159 -25.56 -26.03 -20.51
CA ALA B 159 -25.56 -24.87 -21.39
C ALA B 159 -26.03 -23.63 -20.66
N THR B 160 -25.16 -22.63 -20.54
CA THR B 160 -25.54 -21.38 -19.90
C THR B 160 -26.08 -20.46 -20.98
N LYS B 161 -25.93 -20.89 -22.23
CA LYS B 161 -26.42 -20.18 -23.40
C LYS B 161 -26.71 -21.21 -24.48
N GLU B 162 -27.64 -20.91 -25.38
CA GLU B 162 -27.98 -21.85 -26.44
C GLU B 162 -27.30 -21.47 -27.74
N ARG B 163 -26.75 -20.27 -27.80
CA ARG B 163 -26.06 -19.78 -28.97
C ARG B 163 -24.69 -19.21 -28.58
N LEU B 164 -23.68 -19.56 -29.35
CA LEU B 164 -22.32 -19.08 -29.09
C LEU B 164 -21.94 -18.11 -30.20
N ASP B 165 -21.71 -16.85 -29.85
CA ASP B 165 -21.35 -15.84 -30.85
C ASP B 165 -19.84 -15.70 -30.97
N PHE B 166 -19.36 -15.61 -32.21
CA PHE B 166 -17.94 -15.53 -32.50
C PHE B 166 -17.50 -14.19 -33.08
N TYR B 167 -16.23 -13.86 -32.85
CA TYR B 167 -15.63 -12.67 -33.44
C TYR B 167 -14.54 -13.34 -34.29
N CYS B 168 -14.10 -12.67 -35.34
CA CYS B 168 -13.13 -13.27 -36.24
C CYS B 168 -11.76 -12.59 -36.23
N THR B 169 -10.71 -13.38 -36.03
CA THR B 169 -9.35 -12.87 -36.02
C THR B 169 -8.72 -13.10 -37.39
N GLY B 170 -8.32 -12.02 -38.04
CA GLY B 170 -7.73 -12.14 -39.36
C GLY B 170 -7.47 -10.79 -39.99
N PRO B 171 -6.81 -10.76 -41.16
CA PRO B 171 -6.49 -9.53 -41.88
C PRO B 171 -7.66 -8.81 -42.57
N GLU B 172 -8.80 -9.47 -42.67
CA GLU B 172 -9.96 -8.87 -43.36
C GLU B 172 -11.22 -8.75 -42.49
N PRO B 173 -11.32 -7.68 -41.69
CA PRO B 173 -12.48 -7.45 -40.82
C PRO B 173 -13.78 -7.26 -41.60
N THR B 174 -13.68 -6.80 -42.85
CA THR B 174 -14.89 -6.60 -43.64
C THR B 174 -15.49 -7.97 -44.00
N ALA B 175 -14.62 -8.97 -44.14
CA ALA B 175 -15.07 -10.32 -44.45
C ALA B 175 -15.75 -10.87 -43.20
N ALA B 176 -15.14 -10.61 -42.05
CA ALA B 176 -15.69 -11.06 -40.78
C ALA B 176 -17.11 -10.48 -40.62
N LYS B 177 -17.24 -9.19 -40.89
CA LYS B 177 -18.52 -8.51 -40.78
C LYS B 177 -19.54 -9.13 -41.74
N ALA B 178 -19.13 -9.32 -42.99
CA ALA B 178 -20.02 -9.89 -43.99
C ALA B 178 -20.48 -11.31 -43.66
N MSE B 179 -19.64 -12.07 -42.98
CA MSE B 179 -19.99 -13.44 -42.63
C MSE B 179 -20.84 -13.61 -41.38
O MSE B 179 -21.33 -14.72 -41.11
CB MSE B 179 -18.72 -14.29 -42.50
CG MSE B 179 -17.97 -14.43 -43.80
SE MSE B 179 -16.53 -15.71 -43.70
CE MSE B 179 -15.17 -14.57 -42.93
N GLY B 180 -21.04 -12.54 -40.61
CA GLY B 180 -21.87 -12.65 -39.43
C GLY B 180 -21.17 -12.55 -38.09
N PHE B 181 -19.84 -12.47 -38.09
CA PHE B 181 -19.09 -12.34 -36.84
C PHE B 181 -19.38 -10.98 -36.22
N TRP B 182 -19.52 -10.93 -34.89
CA TRP B 182 -19.84 -9.68 -34.22
C TRP B 182 -18.70 -8.66 -34.19
N GLY B 183 -17.48 -9.13 -34.43
CA GLY B 183 -16.34 -8.23 -34.42
C GLY B 183 -15.15 -8.83 -35.15
N GLY B 184 -14.13 -8.01 -35.38
CA GLY B 184 -12.95 -8.48 -36.08
C GLY B 184 -11.67 -8.07 -35.38
N LYS B 185 -10.76 -9.01 -35.20
CA LYS B 185 -9.49 -8.71 -34.55
C LYS B 185 -8.37 -8.78 -35.58
N VAL B 186 -7.60 -7.69 -35.71
CA VAL B 186 -6.51 -7.64 -36.68
C VAL B 186 -5.14 -7.66 -36.01
N PRO B 187 -4.13 -8.25 -36.68
CA PRO B 187 -2.79 -8.30 -36.10
C PRO B 187 -1.99 -7.03 -36.37
N LEU B 188 -1.40 -6.47 -35.32
CA LEU B 188 -0.59 -5.27 -35.45
C LEU B 188 0.61 -5.64 -36.34
N PRO B 189 0.88 -4.83 -37.38
CA PRO B 189 2.00 -5.13 -38.28
C PRO B 189 3.43 -4.77 -37.87
N PHE B 190 3.62 -3.68 -37.12
CA PHE B 190 4.98 -3.27 -36.77
C PHE B 190 5.32 -3.21 -35.28
N CYS B 191 6.55 -3.59 -34.95
CA CYS B 191 7.04 -3.62 -33.57
C CYS B 191 7.68 -2.29 -33.14
N PRO B 192 7.93 -2.13 -31.82
CA PRO B 192 8.55 -0.92 -31.28
C PRO B 192 9.87 -0.53 -31.93
N ASP B 193 10.66 -1.53 -32.30
CA ASP B 193 11.96 -1.27 -32.91
C ASP B 193 11.87 -0.51 -34.23
N ASP B 194 10.68 -0.44 -34.82
CA ASP B 194 10.50 0.30 -36.05
C ASP B 194 10.34 1.79 -35.76
N GLY B 195 10.44 2.13 -34.48
CA GLY B 195 10.34 3.51 -34.06
C GLY B 195 9.03 4.22 -34.38
N HIS B 196 9.07 5.54 -34.39
CA HIS B 196 7.89 6.35 -34.67
C HIS B 196 7.38 6.11 -36.09
N GLU B 197 8.27 5.73 -37.00
CA GLU B 197 7.86 5.45 -38.36
C GLU B 197 6.87 4.30 -38.32
N GLY B 198 7.25 3.22 -37.65
CA GLY B 198 6.38 2.07 -37.53
C GLY B 198 5.10 2.40 -36.78
N LEU B 199 5.18 3.27 -35.78
CA LEU B 199 4.00 3.63 -35.02
C LEU B 199 2.98 4.32 -35.94
N ARG B 200 3.45 5.26 -36.75
CA ARG B 200 2.57 5.94 -37.69
C ARG B 200 1.96 4.95 -38.67
N LYS B 201 2.76 4.00 -39.13
CA LYS B 201 2.28 2.98 -40.06
C LYS B 201 1.25 2.10 -39.37
N ASN B 202 1.46 1.84 -38.08
CA ASN B 202 0.51 1.03 -37.32
C ASN B 202 -0.82 1.80 -37.25
N VAL B 203 -0.74 3.10 -36.98
CA VAL B 203 -1.92 3.94 -36.89
C VAL B 203 -2.68 3.96 -38.23
N GLU B 204 -1.95 4.09 -39.33
CA GLU B 204 -2.55 4.11 -40.67
C GLU B 204 -3.24 2.79 -40.97
N PHE B 205 -2.57 1.70 -40.62
CA PHE B 205 -3.10 0.36 -40.83
C PHE B 205 -4.47 0.22 -40.16
N LEU B 206 -4.55 0.65 -38.91
CA LEU B 206 -5.79 0.55 -38.15
C LEU B 206 -6.84 1.52 -38.66
N ARG B 207 -6.42 2.74 -38.99
CA ARG B 207 -7.35 3.75 -39.50
C ARG B 207 -8.06 3.21 -40.74
N LYS B 208 -7.27 2.60 -41.62
CA LYS B 208 -7.79 2.03 -42.87
C LYS B 208 -8.88 1.01 -42.58
N HIS B 209 -8.66 0.14 -41.60
CA HIS B 209 -9.64 -0.87 -41.25
C HIS B 209 -10.90 -0.23 -40.66
N ARG B 210 -10.73 0.75 -39.78
CA ARG B 210 -11.87 1.43 -39.18
C ARG B 210 -12.72 2.06 -40.28
N GLU B 211 -12.07 2.67 -41.26
CA GLU B 211 -12.80 3.30 -42.35
C GLU B 211 -13.57 2.25 -43.16
N ALA B 212 -12.93 1.11 -43.40
CA ALA B 212 -13.52 0.04 -44.18
C ALA B 212 -14.76 -0.62 -43.60
N VAL B 213 -14.77 -0.84 -42.28
CA VAL B 213 -15.91 -1.50 -41.64
C VAL B 213 -16.98 -0.55 -41.09
N GLY B 214 -16.69 0.74 -41.07
CA GLY B 214 -17.66 1.68 -40.56
C GLY B 214 -17.38 2.01 -39.11
N PRO B 215 -18.03 3.05 -38.56
CA PRO B 215 -17.85 3.50 -37.18
C PRO B 215 -18.34 2.57 -36.06
N ASP B 216 -19.24 1.65 -36.37
CA ASP B 216 -19.79 0.77 -35.34
C ASP B 216 -19.21 -0.63 -35.16
N PHE B 217 -18.76 -1.26 -36.24
CA PHE B 217 -18.22 -2.62 -36.14
C PHE B 217 -17.02 -2.71 -35.21
N PRO B 218 -17.14 -3.52 -34.15
CA PRO B 218 -16.02 -3.65 -33.21
C PRO B 218 -14.73 -4.15 -33.88
N ILE B 219 -13.63 -3.48 -33.57
CA ILE B 219 -12.32 -3.86 -34.09
C ILE B 219 -11.38 -4.05 -32.91
N MSE B 220 -10.71 -5.20 -32.86
CA MSE B 220 -9.76 -5.49 -31.80
C MSE B 220 -8.37 -5.60 -32.41
O MSE B 220 -8.25 -5.87 -33.61
CB MSE B 220 -10.13 -6.80 -31.09
CG MSE B 220 -11.41 -6.73 -30.26
SE MSE B 220 -13.05 -6.70 -31.33
CE MSE B 220 -13.41 -8.61 -31.34
N VAL B 221 -7.34 -5.37 -31.61
CA VAL B 221 -5.98 -5.42 -32.13
C VAL B 221 -5.10 -6.42 -31.37
N ASP B 222 -4.56 -7.39 -32.09
CA ASP B 222 -3.71 -8.40 -31.49
C ASP B 222 -2.25 -7.96 -31.68
N CYS B 223 -1.49 -7.95 -30.59
CA CYS B 223 -0.09 -7.53 -30.63
C CYS B 223 0.92 -8.64 -30.40
N TYR B 224 0.45 -9.88 -30.35
CA TYR B 224 1.28 -11.07 -30.16
C TYR B 224 2.52 -10.85 -29.26
N MSE B 225 2.26 -10.48 -28.00
CA MSE B 225 3.29 -10.25 -26.98
C MSE B 225 4.55 -9.52 -27.48
O MSE B 225 5.64 -9.73 -26.95
CB MSE B 225 3.69 -11.60 -26.33
CG MSE B 225 4.31 -12.63 -27.26
SE MSE B 225 4.52 -14.45 -26.51
CE MSE B 225 4.53 -15.42 -28.18
N SER B 226 4.38 -8.62 -28.44
CA SER B 226 5.51 -7.93 -29.05
C SER B 226 5.87 -6.50 -28.64
N LEU B 227 5.05 -5.86 -27.81
CA LEU B 227 5.33 -4.47 -27.45
C LEU B 227 5.94 -4.32 -26.06
N ASN B 228 5.90 -3.10 -25.54
CA ASN B 228 6.41 -2.81 -24.21
C ASN B 228 5.48 -1.75 -23.64
N VAL B 229 5.65 -1.41 -22.37
CA VAL B 229 4.77 -0.43 -21.74
C VAL B 229 4.75 0.94 -22.40
N SER B 230 5.92 1.55 -22.58
CA SER B 230 6.00 2.87 -23.19
C SER B 230 5.38 2.89 -24.59
N TYR B 231 5.75 1.93 -25.42
CA TYR B 231 5.22 1.89 -26.77
C TYR B 231 3.71 1.68 -26.80
N THR B 232 3.22 0.77 -25.97
CA THR B 232 1.79 0.49 -25.90
C THR B 232 1.03 1.76 -25.55
N ILE B 233 1.49 2.45 -24.50
CA ILE B 233 0.84 3.68 -24.09
C ILE B 233 0.81 4.71 -25.23
N GLU B 234 1.92 4.89 -25.94
CA GLU B 234 1.95 5.86 -27.03
C GLU B 234 1.08 5.45 -28.20
N LEU B 235 1.11 4.17 -28.57
CA LEU B 235 0.31 3.67 -29.67
C LEU B 235 -1.17 3.82 -29.40
N VAL B 236 -1.60 3.38 -28.21
CA VAL B 236 -3.00 3.47 -27.82
C VAL B 236 -3.46 4.92 -27.86
N LYS B 237 -2.63 5.82 -27.34
CA LYS B 237 -2.97 7.23 -27.33
C LYS B 237 -3.16 7.73 -28.76
N ALA B 238 -2.27 7.29 -29.66
CA ALA B 238 -2.35 7.71 -31.06
C ALA B 238 -3.58 7.17 -31.80
N CYS B 239 -4.18 6.11 -31.28
CA CYS B 239 -5.36 5.52 -31.92
C CYS B 239 -6.68 5.77 -31.21
N LEU B 240 -6.69 6.63 -30.21
CA LEU B 240 -7.93 6.88 -29.47
C LEU B 240 -9.18 7.19 -30.30
N ASP B 241 -9.03 7.93 -31.39
CA ASP B 241 -10.19 8.27 -32.22
C ASP B 241 -10.69 7.12 -33.09
N LEU B 242 -9.94 6.01 -33.12
CA LEU B 242 -10.32 4.86 -33.92
C LEU B 242 -11.26 3.94 -33.16
N ASN B 243 -11.46 4.24 -31.88
CA ASN B 243 -12.33 3.45 -31.00
C ASN B 243 -12.09 1.96 -31.04
N ILE B 244 -10.85 1.55 -30.75
CA ILE B 244 -10.49 0.13 -30.73
C ILE B 244 -11.20 -0.53 -29.55
N ASN B 245 -11.80 -1.69 -29.77
CA ASN B 245 -12.52 -2.41 -28.71
C ASN B 245 -11.58 -2.85 -27.58
N TRP B 246 -10.49 -3.52 -27.95
CA TRP B 246 -9.49 -3.93 -26.96
C TRP B 246 -8.15 -4.21 -27.63
N TRP B 247 -7.09 -4.11 -26.84
CA TRP B 247 -5.73 -4.36 -27.30
C TRP B 247 -5.29 -5.65 -26.62
N GLU B 248 -4.92 -6.63 -27.44
CA GLU B 248 -4.54 -7.95 -26.96
C GLU B 248 -3.05 -8.30 -26.92
N GLU B 249 -2.65 -8.92 -25.81
CA GLU B 249 -1.28 -9.35 -25.57
C GLU B 249 -0.24 -8.33 -26.01
N CYS B 250 -0.35 -7.11 -25.51
CA CYS B 250 0.58 -6.06 -25.86
C CYS B 250 1.97 -6.34 -25.30
N LEU B 251 2.00 -6.96 -24.13
CA LEU B 251 3.26 -7.25 -23.46
C LEU B 251 3.67 -8.72 -23.47
N SER B 252 4.94 -8.95 -23.16
CA SER B 252 5.50 -10.29 -23.07
C SER B 252 4.77 -10.94 -21.90
N PRO B 253 4.54 -12.26 -21.95
CA PRO B 253 3.85 -12.93 -20.84
C PRO B 253 4.67 -12.86 -19.54
N ASP B 254 5.94 -12.48 -19.66
CA ASP B 254 6.81 -12.35 -18.49
C ASP B 254 6.58 -11.03 -17.75
N ASP B 255 5.80 -10.11 -18.35
CA ASP B 255 5.58 -8.82 -17.70
C ASP B 255 4.12 -8.40 -17.55
N THR B 256 3.31 -9.31 -17.00
CA THR B 256 1.91 -8.98 -16.79
C THR B 256 1.79 -7.84 -15.77
N ASP B 257 2.84 -7.67 -14.95
CA ASP B 257 2.84 -6.58 -13.97
C ASP B 257 2.76 -5.22 -14.68
N GLY B 258 3.22 -5.19 -15.93
CA GLY B 258 3.21 -3.96 -16.70
C GLY B 258 1.83 -3.39 -16.98
N PHE B 259 0.80 -4.22 -16.87
CA PHE B 259 -0.56 -3.74 -17.14
C PHE B 259 -1.06 -2.74 -16.11
N ALA B 260 -0.47 -2.74 -14.92
CA ALA B 260 -0.88 -1.77 -13.89
C ALA B 260 -0.46 -0.39 -14.39
N LEU B 261 0.67 -0.35 -15.09
CA LEU B 261 1.21 0.90 -15.64
C LEU B 261 0.41 1.33 -16.86
N ILE B 262 0.02 0.36 -17.69
CA ILE B 262 -0.77 0.67 -18.88
C ILE B 262 -2.14 1.18 -18.48
N LYS B 263 -2.75 0.55 -17.48
CA LYS B 263 -4.06 0.97 -17.00
C LYS B 263 -4.00 2.35 -16.34
N ARG B 264 -2.87 2.69 -15.74
CA ARG B 264 -2.71 4.00 -15.11
C ARG B 264 -2.82 5.06 -16.20
N ALA B 265 -2.28 4.75 -17.37
CA ALA B 265 -2.30 5.68 -18.49
C ALA B 265 -3.62 5.68 -19.27
N HIS B 266 -4.16 4.49 -19.50
CA HIS B 266 -5.40 4.32 -20.26
C HIS B 266 -6.43 3.51 -19.50
N PRO B 267 -6.94 4.04 -18.37
CA PRO B 267 -7.93 3.31 -17.58
C PRO B 267 -9.27 3.07 -18.24
N THR B 268 -9.58 3.81 -19.31
CA THR B 268 -10.87 3.61 -19.99
C THR B 268 -10.71 2.71 -21.22
N VAL B 269 -9.52 2.16 -21.43
CA VAL B 269 -9.26 1.29 -22.57
C VAL B 269 -9.14 -0.18 -22.12
N LYS B 270 -9.70 -1.08 -22.91
CA LYS B 270 -9.66 -2.51 -22.58
C LYS B 270 -8.39 -3.19 -23.07
N PHE B 271 -7.84 -4.05 -22.22
CA PHE B 271 -6.62 -4.80 -22.52
C PHE B 271 -6.86 -6.25 -22.14
N THR B 272 -6.29 -7.17 -22.92
CA THR B 272 -6.45 -8.60 -22.67
C THR B 272 -5.12 -9.33 -22.87
N THR B 273 -5.04 -10.56 -22.40
CA THR B 273 -3.84 -11.38 -22.54
C THR B 273 -4.12 -12.76 -21.93
N GLY B 274 -3.13 -13.65 -21.99
CA GLY B 274 -3.33 -14.96 -21.39
C GLY B 274 -3.09 -16.19 -22.24
N GLU B 275 -3.09 -16.07 -23.56
CA GLU B 275 -2.88 -17.26 -24.39
C GLU B 275 -1.54 -17.94 -24.16
N HIS B 276 -0.57 -17.20 -23.63
CA HIS B 276 0.74 -17.78 -23.36
C HIS B 276 1.04 -17.86 -21.86
N GLU B 277 -0.02 -18.01 -21.06
CA GLU B 277 0.11 -18.15 -19.61
C GLU B 277 -0.39 -19.56 -19.28
N TYR B 278 0.05 -20.13 -18.17
CA TYR B 278 -0.30 -21.50 -17.82
C TYR B 278 -0.66 -21.75 -16.35
N SER B 279 -1.50 -22.75 -16.12
CA SER B 279 -1.95 -23.19 -14.80
C SER B 279 -2.78 -22.19 -14.00
N ARG B 280 -3.45 -22.69 -12.94
CA ARG B 280 -4.27 -21.83 -12.11
C ARG B 280 -3.41 -20.82 -11.35
N TYR B 281 -2.14 -21.17 -11.13
CA TYR B 281 -1.21 -20.29 -10.43
C TYR B 281 -0.77 -19.14 -11.35
N GLY B 282 -0.67 -19.43 -12.63
CA GLY B 282 -0.26 -18.40 -13.58
C GLY B 282 -1.39 -17.40 -13.79
N PHE B 283 -2.60 -17.92 -13.95
CA PHE B 283 -3.75 -17.06 -14.19
C PHE B 283 -4.24 -16.25 -13.00
N ARG B 284 -3.94 -16.69 -11.79
CA ARG B 284 -4.39 -15.94 -10.62
C ARG B 284 -3.78 -14.53 -10.68
N LYS B 285 -2.57 -14.42 -11.22
CA LYS B 285 -1.92 -13.12 -11.30
C LYS B 285 -2.55 -12.19 -12.34
N LEU B 286 -3.19 -12.76 -13.36
CA LEU B 286 -3.84 -11.94 -14.39
C LEU B 286 -5.16 -11.39 -13.85
N VAL B 287 -5.73 -12.07 -12.87
CA VAL B 287 -6.97 -11.62 -12.27
C VAL B 287 -6.66 -10.62 -11.15
N GLU B 288 -5.56 -10.86 -10.44
CA GLU B 288 -5.14 -9.97 -9.35
C GLU B 288 -4.98 -8.54 -9.85
N GLY B 289 -5.64 -7.60 -9.17
CA GLY B 289 -5.53 -6.20 -9.56
C GLY B 289 -6.55 -5.80 -10.60
N ARG B 290 -7.14 -6.80 -11.26
CA ARG B 290 -8.14 -6.58 -12.29
C ARG B 290 -7.71 -5.53 -13.31
N ASN B 291 -6.50 -5.71 -13.86
CA ASN B 291 -5.97 -4.81 -14.87
C ASN B 291 -6.16 -5.38 -16.27
N LEU B 292 -6.83 -6.53 -16.35
CA LEU B 292 -7.11 -7.18 -17.62
C LEU B 292 -8.61 -7.39 -17.73
N ASP B 293 -9.19 -6.88 -18.81
CA ASP B 293 -10.62 -6.98 -19.05
C ASP B 293 -11.09 -8.36 -19.48
N ILE B 294 -10.18 -9.14 -20.04
CA ILE B 294 -10.49 -10.50 -20.48
C ILE B 294 -9.20 -11.33 -20.40
N ILE B 295 -9.30 -12.57 -19.92
CA ILE B 295 -8.14 -13.45 -19.89
C ILE B 295 -8.41 -14.50 -20.96
N GLN B 296 -7.39 -14.82 -21.75
CA GLN B 296 -7.56 -15.72 -22.89
C GLN B 296 -6.64 -16.93 -22.96
N PRO B 297 -6.82 -17.89 -22.05
CA PRO B 297 -5.96 -19.08 -22.10
C PRO B 297 -6.28 -19.94 -23.32
N ASP B 298 -5.32 -20.75 -23.75
CA ASP B 298 -5.56 -21.65 -24.86
C ASP B 298 -5.79 -22.98 -24.15
N VAL B 299 -6.93 -23.61 -24.42
CA VAL B 299 -7.29 -24.87 -23.77
C VAL B 299 -6.27 -26.00 -23.97
N MSE B 300 -5.57 -25.99 -25.10
CA MSE B 300 -4.58 -27.02 -25.40
C MSE B 300 -3.20 -26.68 -24.83
O MSE B 300 -2.27 -27.48 -24.95
CB MSE B 300 -4.47 -27.24 -26.90
CG MSE B 300 -5.75 -27.74 -27.57
SE MSE B 300 -5.63 -27.73 -29.50
CE MSE B 300 -5.95 -25.85 -29.78
N TRP B 301 -3.07 -25.51 -24.21
CA TRP B 301 -1.78 -25.09 -23.67
C TRP B 301 -1.70 -24.86 -22.16
N LEU B 302 -2.72 -24.22 -21.58
CA LEU B 302 -2.73 -23.88 -20.16
C LEU B 302 -2.71 -25.01 -19.14
N GLY B 303 -3.14 -26.19 -19.56
CA GLY B 303 -3.17 -27.33 -18.64
C GLY B 303 -4.30 -28.28 -18.96
N GLY B 304 -5.26 -27.83 -19.75
CA GLY B 304 -6.39 -28.67 -20.13
C GLY B 304 -7.72 -28.16 -19.61
N LEU B 305 -8.79 -28.90 -19.89
CA LEU B 305 -10.12 -28.52 -19.46
C LEU B 305 -10.26 -28.52 -17.94
N THR B 306 -9.70 -29.54 -17.29
CA THR B 306 -9.79 -29.63 -15.83
C THR B 306 -9.24 -28.37 -15.15
N GLU B 307 -8.04 -27.95 -15.56
CA GLU B 307 -7.43 -26.75 -14.97
C GLU B 307 -8.15 -25.48 -15.44
N LEU B 308 -8.64 -25.50 -16.68
CA LEU B 308 -9.35 -24.33 -17.22
C LEU B 308 -10.63 -24.06 -16.41
N LEU B 309 -11.32 -25.11 -15.98
CA LEU B 309 -12.53 -24.96 -15.19
C LEU B 309 -12.21 -24.22 -13.89
N LYS B 310 -11.04 -24.49 -13.33
CA LYS B 310 -10.63 -23.84 -12.08
C LYS B 310 -10.25 -22.39 -12.34
N VAL B 311 -9.58 -22.15 -13.47
CA VAL B 311 -9.18 -20.80 -13.84
C VAL B 311 -10.40 -19.92 -14.06
N ALA B 312 -11.41 -20.47 -14.72
CA ALA B 312 -12.63 -19.70 -14.99
C ALA B 312 -13.39 -19.40 -13.69
N ALA B 313 -13.36 -20.35 -12.75
CA ALA B 313 -14.06 -20.17 -11.48
C ALA B 313 -13.44 -19.02 -10.68
N LEU B 314 -12.11 -18.94 -10.69
CA LEU B 314 -11.44 -17.86 -9.97
C LEU B 314 -11.80 -16.54 -10.63
N ALA B 315 -11.74 -16.49 -11.96
CA ALA B 315 -12.09 -15.28 -12.69
C ALA B 315 -13.55 -14.91 -12.42
N ALA B 316 -14.42 -15.92 -12.34
CA ALA B 316 -15.84 -15.68 -12.10
C ALA B 316 -16.13 -15.02 -10.75
N ALA B 317 -15.25 -15.25 -9.78
CA ALA B 317 -15.43 -14.64 -8.46
C ALA B 317 -15.19 -13.13 -8.52
N TYR B 318 -14.59 -12.68 -9.62
CA TYR B 318 -14.31 -11.25 -9.82
C TYR B 318 -14.99 -10.75 -11.09
N ASP B 319 -15.90 -11.56 -11.61
CA ASP B 319 -16.65 -11.25 -12.83
C ASP B 319 -15.76 -10.94 -14.02
N VAL B 320 -14.59 -11.56 -14.07
CA VAL B 320 -13.68 -11.36 -15.19
C VAL B 320 -14.02 -12.40 -16.24
N PRO B 321 -14.32 -11.97 -17.47
CA PRO B 321 -14.66 -12.96 -18.50
C PRO B 321 -13.47 -13.77 -19.01
N VAL B 322 -13.75 -15.01 -19.39
CA VAL B 322 -12.73 -15.90 -19.93
C VAL B 322 -13.14 -16.18 -21.37
N VAL B 323 -12.28 -15.79 -22.31
CA VAL B 323 -12.53 -16.01 -23.73
C VAL B 323 -11.27 -16.68 -24.26
N PRO B 324 -11.25 -18.01 -24.29
CA PRO B 324 -10.11 -18.81 -24.76
C PRO B 324 -9.59 -18.42 -26.15
N HIS B 325 -8.29 -18.63 -26.32
CA HIS B 325 -7.64 -18.34 -27.59
C HIS B 325 -7.95 -19.47 -28.55
N ALA B 326 -8.68 -19.16 -29.61
CA ALA B 326 -9.07 -20.15 -30.62
C ALA B 326 -9.52 -21.44 -29.94
N SER B 327 -8.81 -22.54 -30.22
CA SER B 327 -9.08 -23.85 -29.62
C SER B 327 -10.22 -24.71 -30.18
N GLY B 328 -11.03 -24.17 -31.07
CA GLY B 328 -12.12 -24.97 -31.64
C GLY B 328 -13.07 -25.59 -30.63
N PRO B 329 -13.60 -26.80 -30.90
CA PRO B 329 -14.53 -27.49 -30.01
C PRO B 329 -14.09 -27.60 -28.55
N TYR B 330 -12.78 -27.64 -28.32
CA TYR B 330 -12.28 -27.72 -26.94
C TYR B 330 -12.69 -26.45 -26.21
N SER B 331 -12.77 -25.34 -26.94
CA SER B 331 -13.19 -24.09 -26.32
C SER B 331 -14.71 -23.93 -26.44
N TYR B 332 -15.29 -24.40 -27.54
CA TYR B 332 -16.74 -24.26 -27.73
C TYR B 332 -17.51 -24.91 -26.58
N HIS B 333 -17.14 -26.13 -26.22
CA HIS B 333 -17.84 -26.82 -25.14
C HIS B 333 -17.67 -26.11 -23.81
N PHE B 334 -16.55 -25.42 -23.65
CA PHE B 334 -16.29 -24.69 -22.42
C PHE B 334 -17.06 -23.35 -22.39
N GLN B 335 -16.98 -22.59 -23.47
CA GLN B 335 -17.66 -21.30 -23.56
C GLN B 335 -19.17 -21.37 -23.40
N ILE B 336 -19.77 -22.44 -23.89
CA ILE B 336 -21.21 -22.61 -23.85
C ILE B 336 -21.72 -23.02 -22.47
N SER B 337 -20.81 -23.38 -21.57
CA SER B 337 -21.20 -23.89 -20.25
C SER B 337 -20.92 -23.10 -18.98
N GLN B 338 -20.10 -22.05 -19.07
CA GLN B 338 -19.76 -21.27 -17.88
C GLN B 338 -20.53 -19.97 -17.74
N PRO B 339 -20.53 -19.40 -16.52
CA PRO B 339 -21.22 -18.14 -16.24
C PRO B 339 -20.50 -16.91 -16.80
N ASN B 340 -19.18 -17.00 -16.90
CA ASN B 340 -18.35 -15.88 -17.36
C ASN B 340 -17.55 -16.14 -18.65
N THR B 341 -18.19 -16.75 -19.65
CA THR B 341 -17.55 -17.04 -20.93
C THR B 341 -18.54 -16.54 -21.98
N PRO B 342 -18.60 -15.21 -22.17
CA PRO B 342 -19.45 -14.44 -23.08
C PRO B 342 -19.47 -14.75 -24.58
N PHE B 343 -18.29 -15.01 -25.15
CA PHE B 343 -18.23 -15.29 -26.58
C PHE B 343 -17.00 -16.11 -26.93
N GLN B 344 -16.82 -16.35 -28.23
CA GLN B 344 -15.73 -17.18 -28.73
C GLN B 344 -14.93 -16.57 -29.86
N GLU B 345 -13.66 -16.93 -29.93
CA GLU B 345 -12.79 -16.45 -30.99
C GLU B 345 -12.67 -17.47 -32.10
N TYR B 346 -12.62 -17.00 -33.33
CA TYR B 346 -12.40 -17.88 -34.46
C TYR B 346 -11.21 -17.29 -35.19
N LEU B 347 -10.11 -18.04 -35.23
CA LEU B 347 -8.90 -17.59 -35.91
C LEU B 347 -9.01 -17.95 -37.38
N ALA B 348 -9.26 -16.94 -38.22
CA ALA B 348 -9.41 -17.16 -39.66
C ALA B 348 -8.28 -18.07 -40.14
N ASN B 349 -8.66 -19.24 -40.64
CA ASN B 349 -7.66 -20.20 -41.09
C ASN B 349 -7.59 -20.30 -42.61
N SER B 350 -8.14 -19.32 -43.30
CA SER B 350 -8.07 -19.29 -44.75
C SER B 350 -6.84 -18.43 -45.00
N PRO B 351 -6.01 -18.81 -45.99
CA PRO B 351 -4.79 -18.06 -46.30
C PRO B 351 -4.96 -16.55 -46.43
N ASP B 352 -6.11 -16.10 -46.92
CA ASP B 352 -6.34 -14.67 -47.07
C ASP B 352 -7.28 -14.10 -46.01
N GLY B 353 -7.74 -14.96 -45.10
CA GLY B 353 -8.63 -14.53 -44.03
C GLY B 353 -10.02 -14.10 -44.48
N LYS B 354 -10.42 -14.51 -45.68
CA LYS B 354 -11.73 -14.12 -46.19
C LYS B 354 -12.79 -15.21 -46.08
N SER B 355 -12.41 -16.39 -45.61
CA SER B 355 -13.37 -17.48 -45.46
C SER B 355 -13.09 -18.30 -44.20
N VAL B 356 -14.09 -19.07 -43.77
CA VAL B 356 -13.96 -19.90 -42.58
C VAL B 356 -13.69 -21.37 -42.92
N LEU B 357 -12.56 -21.89 -42.44
CA LEU B 357 -12.19 -23.28 -42.66
C LEU B 357 -11.94 -23.91 -41.29
N PRO B 358 -11.92 -25.26 -41.21
CA PRO B 358 -11.70 -25.94 -39.93
C PRO B 358 -10.43 -25.48 -39.22
N VAL B 359 -10.54 -25.27 -37.92
CA VAL B 359 -9.39 -24.83 -37.13
C VAL B 359 -8.28 -25.88 -37.17
N PHE B 360 -8.66 -27.15 -37.09
CA PHE B 360 -7.67 -28.23 -37.10
C PHE B 360 -7.40 -28.86 -38.46
N GLY B 361 -7.74 -28.14 -39.52
CA GLY B 361 -7.49 -28.64 -40.86
C GLY B 361 -8.28 -29.89 -41.19
N ASP B 362 -7.68 -30.79 -41.95
CA ASP B 362 -8.36 -32.01 -42.35
C ASP B 362 -8.16 -33.20 -41.40
N LEU B 363 -7.68 -32.94 -40.19
CA LEU B 363 -7.47 -34.02 -39.23
C LEU B 363 -8.82 -34.65 -38.87
N PHE B 364 -9.84 -33.80 -38.76
CA PHE B 364 -11.18 -34.26 -38.42
C PHE B 364 -12.12 -34.04 -39.61
N ILE B 365 -13.22 -34.77 -39.67
CA ILE B 365 -14.17 -34.65 -40.78
C ILE B 365 -15.45 -33.91 -40.42
N ASP B 366 -15.70 -33.69 -39.13
CA ASP B 366 -16.94 -33.04 -38.73
C ASP B 366 -16.81 -31.88 -37.76
N GLU B 367 -15.73 -31.12 -37.87
CA GLU B 367 -15.54 -29.98 -36.99
C GLU B 367 -16.64 -28.96 -37.27
N PRO B 368 -17.40 -28.53 -36.24
CA PRO B 368 -18.45 -27.55 -36.50
C PRO B 368 -17.79 -26.20 -36.75
N ILE B 369 -18.16 -25.54 -37.83
CA ILE B 369 -17.57 -24.25 -38.18
C ILE B 369 -18.61 -23.13 -38.25
N PRO B 370 -18.28 -21.96 -37.69
CA PRO B 370 -19.17 -20.80 -37.67
C PRO B 370 -19.17 -20.03 -38.98
N THR B 371 -19.68 -20.67 -40.04
CA THR B 371 -19.73 -20.04 -41.36
C THR B 371 -20.65 -18.82 -41.37
N LYS B 372 -21.48 -18.68 -40.34
CA LYS B 372 -22.38 -17.55 -40.23
C LYS B 372 -22.09 -16.73 -38.97
N GLY B 373 -20.91 -16.94 -38.38
CA GLY B 373 -20.53 -16.18 -37.20
C GLY B 373 -20.99 -16.73 -35.87
N TYR B 374 -21.62 -17.89 -35.85
CA TYR B 374 -22.09 -18.46 -34.60
C TYR B 374 -22.32 -19.96 -34.68
N LEU B 375 -22.56 -20.56 -33.52
CA LEU B 375 -22.86 -21.98 -33.40
C LEU B 375 -23.91 -22.09 -32.30
N THR B 376 -24.59 -23.23 -32.24
CA THR B 376 -25.60 -23.43 -31.21
C THR B 376 -25.29 -24.74 -30.51
N THR B 377 -25.98 -25.01 -29.41
CA THR B 377 -25.74 -26.24 -28.66
C THR B 377 -25.97 -27.45 -29.55
N ALA B 378 -26.90 -27.35 -30.49
CA ALA B 378 -27.18 -28.47 -31.39
C ALA B 378 -25.93 -28.85 -32.17
N ASP B 379 -25.13 -27.84 -32.55
CA ASP B 379 -23.90 -28.09 -33.28
C ASP B 379 -22.91 -28.91 -32.46
N LEU B 380 -23.07 -28.88 -31.14
CA LEU B 380 -22.18 -29.59 -30.23
C LEU B 380 -22.76 -30.88 -29.67
N ASP B 381 -23.94 -31.28 -30.13
CA ASP B 381 -24.56 -32.49 -29.61
C ASP B 381 -24.03 -33.79 -30.21
N LYS B 382 -22.78 -34.10 -29.89
CA LYS B 382 -22.11 -35.32 -30.33
C LYS B 382 -21.33 -35.80 -29.11
N PRO B 383 -21.06 -37.11 -29.02
CA PRO B 383 -20.31 -37.65 -27.87
C PRO B 383 -18.94 -37.00 -27.71
N GLY B 384 -18.50 -36.80 -26.47
CA GLY B 384 -17.20 -36.20 -26.23
C GLY B 384 -17.11 -34.79 -26.78
N PHE B 385 -16.00 -34.48 -27.47
CA PHE B 385 -15.84 -33.16 -28.05
C PHE B 385 -16.44 -33.14 -29.46
N GLY B 386 -17.07 -34.25 -29.85
CA GLY B 386 -17.72 -34.35 -31.14
C GLY B 386 -16.86 -34.38 -32.39
N LEU B 387 -15.55 -34.53 -32.23
CA LEU B 387 -14.65 -34.55 -33.38
C LEU B 387 -14.33 -35.98 -33.80
N THR B 388 -14.58 -36.28 -35.07
CA THR B 388 -14.30 -37.60 -35.61
C THR B 388 -13.07 -37.50 -36.51
N ILE B 389 -12.05 -38.30 -36.21
CA ILE B 389 -10.83 -38.29 -37.00
C ILE B 389 -11.17 -38.72 -38.43
N ASN B 390 -10.67 -37.98 -39.41
CA ASN B 390 -10.92 -38.33 -40.80
C ASN B 390 -10.17 -39.63 -41.07
N PRO B 391 -10.90 -40.71 -41.36
CA PRO B 391 -10.24 -41.99 -41.62
C PRO B 391 -9.15 -41.88 -42.69
N ALA B 392 -9.33 -40.93 -43.61
CA ALA B 392 -8.35 -40.72 -44.68
C ALA B 392 -7.08 -40.07 -44.14
N ALA B 393 -7.18 -39.45 -42.97
CA ALA B 393 -6.03 -38.78 -42.36
C ALA B 393 -5.12 -39.74 -41.58
N ARG B 394 -5.61 -40.95 -41.33
CA ARG B 394 -4.83 -41.95 -40.60
C ARG B 394 -3.48 -42.18 -41.26
N ALA B 395 -3.45 -42.11 -42.59
CA ALA B 395 -2.21 -42.32 -43.33
C ALA B 395 -1.17 -41.28 -42.95
N LYS B 396 -1.63 -40.11 -42.52
CA LYS B 396 -0.75 -39.01 -42.13
C LYS B 396 -0.37 -39.08 -40.65
N LEU B 397 -1.02 -39.98 -39.91
CA LEU B 397 -0.70 -40.12 -38.49
C LEU B 397 0.51 -41.02 -38.28
N ILE B 398 1.63 -40.39 -37.94
CA ILE B 398 2.89 -41.10 -37.72
C ILE B 398 3.06 -41.58 -36.29
N PRO B 399 3.11 -42.91 -36.09
CA PRO B 399 3.28 -43.44 -34.72
C PRO B 399 4.57 -42.84 -34.14
N SER B 400 4.54 -42.52 -32.84
CA SER B 400 5.71 -41.93 -32.20
C SER B 400 6.78 -42.95 -31.81
N ASP B 401 6.53 -44.22 -32.11
CA ASP B 401 7.47 -45.29 -31.78
C ASP B 401 8.93 -45.04 -32.15
N TYR B 402 9.17 -44.44 -33.31
CA TYR B 402 10.54 -44.18 -33.77
C TYR B 402 11.36 -43.32 -32.81
N LEU B 403 10.68 -42.49 -32.02
CA LEU B 403 11.36 -41.61 -31.08
C LEU B 403 12.00 -42.36 -29.92
N PHE B 404 11.63 -43.62 -29.76
CA PHE B 404 12.16 -44.42 -28.67
C PHE B 404 13.11 -45.51 -29.14
N LYS B 405 13.43 -45.51 -30.43
CA LYS B 405 14.34 -46.48 -31.01
C LYS B 405 15.78 -45.97 -30.87
N VAL B 406 16.29 -45.95 -29.65
CA VAL B 406 17.64 -45.47 -29.40
C VAL B 406 18.69 -46.50 -29.83
N PRO B 407 19.70 -46.06 -30.60
CA PRO B 407 20.76 -46.95 -31.07
C PRO B 407 21.62 -47.52 -29.94
N GLU B 408 22.18 -48.71 -30.16
CA GLU B 408 23.03 -49.37 -29.17
C GLU B 408 24.42 -48.76 -29.10
N SER C 4 49.84 -23.67 -19.77
CA SER C 4 48.35 -23.66 -19.61
C SER C 4 47.73 -22.40 -20.19
N VAL C 5 46.80 -21.82 -19.45
CA VAL C 5 46.09 -20.62 -19.90
C VAL C 5 46.97 -19.38 -20.07
N LYS C 6 46.37 -18.34 -20.66
CA LYS C 6 47.08 -17.09 -20.91
C LYS C 6 47.63 -16.49 -19.63
N ASP C 7 48.87 -16.01 -19.70
CA ASP C 7 49.50 -15.36 -18.56
C ASP C 7 49.24 -13.88 -18.81
N PHE C 8 48.16 -13.37 -18.22
CA PHE C 8 47.79 -11.98 -18.40
C PHE C 8 48.69 -11.02 -17.65
N PRO C 9 49.10 -9.92 -18.30
CA PRO C 9 49.97 -8.95 -17.65
C PRO C 9 49.26 -8.23 -16.50
N LYS C 10 49.98 -8.01 -15.41
CA LYS C 10 49.42 -7.33 -14.24
C LYS C 10 49.60 -5.83 -14.40
N ILE C 11 48.93 -5.06 -13.54
CA ILE C 11 49.05 -3.61 -13.59
C ILE C 11 50.41 -3.22 -12.99
N LYS C 12 51.17 -2.46 -13.77
CA LYS C 12 52.50 -2.03 -13.33
C LYS C 12 52.49 -0.62 -12.76
N ALA C 13 51.74 0.27 -13.41
CA ALA C 13 51.68 1.65 -12.95
C ALA C 13 50.44 2.39 -13.44
N ILE C 14 50.18 3.53 -12.82
CA ILE C 14 49.06 4.36 -13.19
C ILE C 14 49.53 5.81 -13.18
N ARG C 15 49.15 6.56 -14.21
CA ARG C 15 49.54 7.95 -14.33
C ARG C 15 48.28 8.79 -14.55
N SER C 16 48.31 10.04 -14.08
CA SER C 16 47.18 10.96 -14.22
C SER C 16 47.64 12.29 -14.79
N PHE C 17 46.79 12.90 -15.61
CA PHE C 17 47.10 14.17 -16.24
C PHE C 17 45.89 15.08 -16.24
N ILE C 18 46.14 16.39 -16.14
CA ILE C 18 45.06 17.36 -16.20
C ILE C 18 45.16 17.85 -17.63
N ILE C 19 44.03 18.02 -18.30
CA ILE C 19 44.06 18.48 -19.68
C ILE C 19 43.99 20.00 -19.72
N GLY C 20 45.07 20.63 -20.16
CA GLY C 20 45.12 22.08 -20.22
C GLY C 20 44.17 22.68 -21.23
N GLY C 21 43.85 23.97 -21.03
CA GLY C 21 42.96 24.66 -21.95
C GLY C 21 41.53 24.19 -21.83
N VAL C 22 40.75 24.42 -22.89
CA VAL C 22 39.36 24.01 -22.92
C VAL C 22 39.04 23.25 -24.20
N GLY C 23 37.83 22.70 -24.27
CA GLY C 23 37.41 21.97 -25.45
C GLY C 23 38.09 20.64 -25.71
N SER C 24 38.87 20.15 -24.75
CA SER C 24 39.56 18.87 -24.91
C SER C 24 39.44 18.03 -23.64
N GLY C 25 38.93 16.80 -23.80
CA GLY C 25 38.78 15.94 -22.64
C GLY C 25 37.33 15.62 -22.32
N GLY C 26 37.12 14.91 -21.22
CA GLY C 26 35.78 14.51 -20.84
C GLY C 26 34.83 15.53 -20.23
N ASP C 27 35.31 16.72 -19.90
CA ASP C 27 34.42 17.73 -19.32
C ASP C 27 33.67 18.46 -20.43
N TYR C 28 32.51 17.93 -20.79
CA TYR C 28 31.66 18.49 -21.85
C TYR C 28 31.47 19.99 -21.78
N HIS C 29 31.36 20.52 -20.57
CA HIS C 29 31.08 21.94 -20.38
C HIS C 29 32.26 22.88 -20.21
N ASN C 30 33.48 22.34 -20.26
CA ASN C 30 34.66 23.18 -20.13
C ASN C 30 35.06 23.59 -21.54
N VAL C 31 34.26 24.48 -22.13
CA VAL C 31 34.49 24.94 -23.50
C VAL C 31 34.66 26.46 -23.60
N LYS C 32 35.07 26.91 -24.78
CA LYS C 32 35.28 28.32 -25.07
C LYS C 32 33.97 29.11 -25.02
N GLY C 33 34.06 30.37 -24.60
CA GLY C 33 32.88 31.20 -24.53
C GLY C 33 32.17 31.29 -25.87
N GLY C 34 30.86 31.44 -25.84
CA GLY C 34 30.09 31.53 -27.06
C GLY C 34 29.39 30.24 -27.43
N HIS C 35 29.93 29.12 -26.95
CA HIS C 35 29.37 27.81 -27.21
C HIS C 35 27.97 27.76 -26.58
N TRP C 36 26.99 27.23 -27.31
CA TRP C 36 25.62 27.17 -26.78
C TRP C 36 25.56 26.43 -25.45
N LEU C 37 26.46 25.46 -25.27
CA LEU C 37 26.50 24.69 -24.03
C LEU C 37 26.62 25.53 -22.76
N ILE C 38 27.20 26.72 -22.87
CA ILE C 38 27.37 27.57 -21.70
C ILE C 38 26.86 29.00 -21.84
N ASP C 39 26.54 29.43 -23.06
CA ASP C 39 26.10 30.80 -23.25
C ASP C 39 24.73 31.05 -23.89
N SER C 40 23.91 30.01 -24.00
CA SER C 40 22.58 30.20 -24.58
C SER C 40 21.59 30.17 -23.42
N ASP C 41 20.31 30.42 -23.67
CA ASP C 41 19.32 30.40 -22.59
C ASP C 41 19.05 28.97 -22.18
N ILE C 42 19.51 28.59 -20.99
CA ILE C 42 19.31 27.23 -20.49
C ILE C 42 18.90 27.27 -19.03
N SER C 43 17.77 26.65 -18.72
CA SER C 43 17.28 26.59 -17.34
C SER C 43 18.14 25.63 -16.54
N THR C 44 18.65 26.09 -15.40
CA THR C 44 19.51 25.26 -14.54
C THR C 44 19.14 25.45 -13.07
N PRO C 45 19.75 24.66 -12.18
CA PRO C 45 19.46 24.77 -10.74
C PRO C 45 19.82 26.14 -10.17
N ALA C 46 20.69 26.87 -10.86
CA ALA C 46 21.12 28.18 -10.40
C ALA C 46 20.45 29.35 -11.13
N SER C 47 19.51 29.05 -12.01
CA SER C 47 18.81 30.09 -12.75
C SER C 47 17.96 30.98 -11.86
N LYS C 48 17.74 30.52 -10.62
CA LYS C 48 16.95 31.26 -9.65
C LYS C 48 17.56 32.63 -9.36
N TRP C 49 18.87 32.74 -9.54
CA TRP C 49 19.60 33.97 -9.27
C TRP C 49 20.07 34.67 -10.54
N GLU C 50 19.67 35.92 -10.68
CA GLU C 50 19.99 36.73 -11.86
C GLU C 50 21.45 36.70 -12.32
N GLN C 51 22.39 36.78 -11.38
CA GLN C 51 23.80 36.78 -11.76
C GLN C 51 24.31 35.43 -12.28
N TYR C 52 23.52 34.37 -12.11
CA TYR C 52 23.96 33.05 -12.56
C TYR C 52 23.00 32.48 -13.59
N LYS C 53 22.17 33.37 -14.13
CA LYS C 53 21.14 33.02 -15.10
C LYS C 53 21.59 32.98 -16.57
N LYS C 54 22.42 33.94 -16.97
CA LYS C 54 22.87 34.03 -18.36
C LYS C 54 23.88 33.03 -18.88
N SER C 55 24.80 32.57 -18.03
CA SER C 55 25.79 31.61 -18.49
C SER C 55 25.97 30.50 -17.46
N ARG C 56 26.24 29.30 -17.95
CA ARG C 56 26.44 28.16 -17.07
C ARG C 56 27.80 28.22 -16.39
N THR C 57 28.75 28.94 -16.99
CA THR C 57 30.07 29.06 -16.39
C THR C 57 30.07 30.00 -15.20
N SER C 58 29.15 30.96 -15.19
CA SER C 58 29.06 31.92 -14.09
C SER C 58 28.98 31.21 -12.73
N TRP C 59 28.17 30.17 -12.65
CA TRP C 59 28.04 29.43 -11.39
C TRP C 59 29.01 28.24 -11.29
N GLY C 60 29.85 28.07 -12.30
CA GLY C 60 30.86 27.01 -12.26
C GLY C 60 30.66 25.65 -12.88
N ILE C 61 29.83 25.54 -13.92
CA ILE C 61 29.64 24.24 -14.55
C ILE C 61 30.95 23.71 -15.12
N ASN C 62 31.89 24.60 -15.39
CA ASN C 62 33.20 24.25 -15.96
C ASN C 62 34.33 24.28 -14.93
N VAL C 63 33.98 24.33 -13.65
CA VAL C 63 35.00 24.42 -12.60
C VAL C 63 36.00 23.28 -12.47
N LEU C 64 35.59 22.05 -12.78
CA LEU C 64 36.51 20.91 -12.63
C LEU C 64 37.53 20.70 -13.74
N GLY C 65 37.09 20.77 -14.99
CA GLY C 65 38.00 20.55 -16.09
C GLY C 65 38.11 19.06 -16.38
N SER C 66 38.96 18.69 -17.34
CA SER C 66 39.12 17.29 -17.70
C SER C 66 40.44 16.69 -17.20
N PHE C 67 40.47 15.36 -17.10
CA PHE C 67 41.68 14.68 -16.68
C PHE C 67 41.78 13.36 -17.45
N LEU C 68 42.98 12.80 -17.47
CA LEU C 68 43.21 11.55 -18.18
C LEU C 68 43.95 10.58 -17.28
N VAL C 69 43.57 9.31 -17.34
CA VAL C 69 44.21 8.28 -16.55
C VAL C 69 44.83 7.24 -17.47
N GLU C 70 46.08 6.88 -17.18
CA GLU C 70 46.79 5.86 -17.97
C GLU C 70 47.15 4.73 -17.03
N ILE C 71 46.81 3.50 -17.43
CA ILE C 71 47.14 2.32 -16.63
C ILE C 71 48.05 1.47 -17.51
N GLU C 72 49.29 1.25 -17.05
CA GLU C 72 50.24 0.48 -17.82
C GLU C 72 50.43 -0.91 -17.23
N ALA C 73 50.36 -1.92 -18.08
CA ALA C 73 50.53 -3.31 -17.65
C ALA C 73 52.00 -3.67 -17.72
N THR C 74 52.36 -4.80 -17.12
CA THR C 74 53.76 -5.24 -17.11
C THR C 74 54.34 -5.54 -18.51
N ASP C 75 53.47 -5.70 -19.50
CA ASP C 75 53.93 -6.01 -20.86
C ASP C 75 54.08 -4.73 -21.68
N GLY C 76 53.89 -3.58 -21.05
CA GLY C 76 54.02 -2.32 -21.76
C GLY C 76 52.72 -1.78 -22.35
N THR C 77 51.68 -2.62 -22.37
CA THR C 77 50.40 -2.19 -22.91
C THR C 77 49.82 -1.12 -22.00
N VAL C 78 49.24 -0.08 -22.59
CA VAL C 78 48.66 1.01 -21.81
C VAL C 78 47.21 1.31 -22.17
N GLY C 79 46.35 1.24 -21.16
CA GLY C 79 44.95 1.55 -21.37
C GLY C 79 44.71 2.91 -20.75
N PHE C 80 43.76 3.69 -21.27
CA PHE C 80 43.49 4.99 -20.70
C PHE C 80 42.07 5.44 -20.95
N ALA C 81 41.67 6.50 -20.25
CA ALA C 81 40.35 7.05 -20.39
C ALA C 81 40.36 8.48 -19.88
N THR C 82 39.39 9.27 -20.33
CA THR C 82 39.29 10.67 -19.92
C THR C 82 37.91 10.91 -19.31
N GLY C 83 37.82 11.96 -18.51
CA GLY C 83 36.55 12.30 -17.89
C GLY C 83 36.70 13.67 -17.25
N PHE C 84 35.65 14.16 -16.60
CA PHE C 84 35.78 15.46 -15.95
C PHE C 84 36.16 15.16 -14.50
N GLY C 85 36.80 16.13 -13.84
CA GLY C 85 37.23 15.95 -12.47
C GLY C 85 38.49 16.76 -12.21
N GLY C 86 39.25 17.01 -13.27
CA GLY C 86 40.45 17.81 -13.17
C GLY C 86 41.42 17.48 -12.04
N PRO C 87 42.02 18.51 -11.43
CA PRO C 87 42.99 18.37 -10.32
C PRO C 87 42.54 17.55 -9.12
N PRO C 88 41.36 17.84 -8.55
CA PRO C 88 40.94 17.03 -7.40
C PRO C 88 40.78 15.56 -7.73
N ALA C 89 40.35 15.27 -8.96
CA ALA C 89 40.19 13.89 -9.41
C ALA C 89 41.55 13.22 -9.41
N CYS C 90 42.54 13.89 -10.02
CA CYS C 90 43.90 13.35 -10.09
C CYS C 90 44.48 13.14 -8.70
N TRP C 91 44.18 14.06 -7.79
CA TRP C 91 44.68 13.94 -6.42
C TRP C 91 44.19 12.61 -5.83
N LEU C 92 42.89 12.36 -5.97
CA LEU C 92 42.28 11.14 -5.44
C LEU C 92 42.78 9.85 -6.10
N VAL C 93 43.07 9.92 -7.40
CA VAL C 93 43.56 8.76 -8.12
C VAL C 93 44.78 8.15 -7.45
N HIS C 94 45.74 9.00 -7.13
CA HIS C 94 46.99 8.55 -6.52
C HIS C 94 46.96 8.41 -5.00
N GLN C 95 46.35 9.37 -4.33
CA GLN C 95 46.30 9.31 -2.88
C GLN C 95 45.46 8.16 -2.35
N HIS C 96 44.35 7.85 -3.03
CA HIS C 96 43.48 6.77 -2.56
C HIS C 96 43.42 5.48 -3.37
N PHE C 97 42.98 5.58 -4.63
CA PHE C 97 42.79 4.41 -5.47
C PHE C 97 43.99 3.66 -6.03
N GLU C 98 45.14 4.32 -6.15
CA GLU C 98 46.30 3.64 -6.70
C GLU C 98 46.66 2.36 -5.94
N ARG C 99 46.49 2.39 -4.62
CA ARG C 99 46.83 1.25 -3.78
C ARG C 99 46.12 -0.05 -4.13
N PHE C 100 44.92 0.05 -4.70
CA PHE C 100 44.14 -1.14 -5.06
C PHE C 100 44.51 -1.70 -6.43
N LEU C 101 45.16 -0.88 -7.25
CA LEU C 101 45.51 -1.24 -8.61
C LEU C 101 46.88 -1.86 -8.89
N ILE C 102 47.93 -1.27 -8.35
CA ILE C 102 49.28 -1.77 -8.59
C ILE C 102 49.43 -3.26 -8.26
N GLY C 103 49.88 -4.03 -9.24
CA GLY C 103 50.07 -5.46 -9.04
C GLY C 103 48.84 -6.32 -9.21
N ALA C 104 47.70 -5.70 -9.50
CA ALA C 104 46.46 -6.45 -9.67
C ALA C 104 46.29 -6.94 -11.10
N ASP C 105 45.51 -8.00 -11.26
CA ASP C 105 45.20 -8.56 -12.57
C ASP C 105 44.08 -7.65 -13.06
N PRO C 106 44.30 -6.92 -14.17
CA PRO C 106 43.28 -6.01 -14.71
C PRO C 106 41.93 -6.65 -15.08
N ARG C 107 41.91 -7.97 -15.19
CA ARG C 107 40.67 -8.69 -15.52
C ARG C 107 39.73 -8.77 -14.32
N ASN C 108 40.25 -8.43 -13.14
CA ASN C 108 39.45 -8.46 -11.92
C ASN C 108 38.68 -7.15 -11.78
N THR C 109 37.91 -6.82 -12.82
CA THR C 109 37.12 -5.61 -12.83
C THR C 109 36.09 -5.54 -11.69
N ASN C 110 35.44 -6.67 -11.40
CA ASN C 110 34.44 -6.68 -10.33
C ASN C 110 35.07 -6.41 -8.96
N LEU C 111 36.20 -7.03 -8.69
CA LEU C 111 36.89 -6.85 -7.42
C LEU C 111 37.39 -5.43 -7.25
N LEU C 112 38.11 -4.92 -8.26
CA LEU C 112 38.66 -3.59 -8.19
C LEU C 112 37.58 -2.52 -8.01
N PHE C 113 36.44 -2.68 -8.67
CA PHE C 113 35.37 -1.70 -8.51
C PHE C 113 34.80 -1.72 -7.10
N GLU C 114 34.53 -2.92 -6.58
CA GLU C 114 33.97 -3.03 -5.24
C GLU C 114 34.91 -2.45 -4.19
N GLN C 115 36.21 -2.68 -4.36
CA GLN C 115 37.17 -2.17 -3.40
C GLN C 115 37.23 -0.64 -3.44
N MSE C 116 37.31 -0.06 -4.63
CA MSE C 116 37.38 1.39 -4.73
C MSE C 116 36.10 2.04 -4.20
O MSE C 116 36.16 3.03 -3.47
CB MSE C 116 37.62 1.82 -6.19
CG MSE C 116 39.00 1.46 -6.73
SE MSE C 116 39.35 2.26 -8.47
CE MSE C 116 38.49 0.91 -9.58
N TYR C 117 34.95 1.48 -4.58
CA TYR C 117 33.68 2.04 -4.15
C TYR C 117 33.46 1.94 -2.64
N ARG C 118 33.62 0.74 -2.09
CA ARG C 118 33.40 0.57 -0.66
C ARG C 118 34.46 1.25 0.19
N ALA C 119 35.69 1.34 -0.31
CA ALA C 119 36.75 2.00 0.44
C ALA C 119 36.59 3.52 0.47
N SER C 120 35.85 4.07 -0.49
CA SER C 120 35.63 5.51 -0.53
C SER C 120 34.22 5.89 -0.11
N MSE C 121 33.48 4.90 0.38
CA MSE C 121 32.11 5.10 0.82
C MSE C 121 31.95 6.23 1.83
O MSE C 121 30.98 6.97 1.79
CB MSE C 121 31.60 3.78 1.41
CG MSE C 121 30.16 3.79 1.87
SE MSE C 121 29.58 1.97 2.17
CE MSE C 121 29.22 1.53 0.33
N PHE C 122 32.92 6.38 2.73
CA PHE C 122 32.84 7.41 3.76
C PHE C 122 32.84 8.86 3.25
N TYR C 123 33.24 9.07 2.00
CA TYR C 123 33.23 10.42 1.45
C TYR C 123 32.71 10.41 0.01
N GLY C 124 32.21 9.26 -0.43
CA GLY C 124 31.72 9.14 -1.80
C GLY C 124 30.28 8.71 -2.02
N ARG C 125 30.12 7.55 -2.66
CA ARG C 125 28.82 6.99 -3.01
C ARG C 125 28.19 7.71 -4.20
N LYS C 126 28.35 9.03 -4.25
CA LYS C 126 27.83 9.85 -5.34
C LYS C 126 28.83 10.94 -5.68
N GLY C 127 28.65 11.55 -6.84
CA GLY C 127 29.51 12.65 -7.22
C GLY C 127 30.94 12.42 -7.68
N LEU C 128 31.77 13.44 -7.43
CA LEU C 128 33.17 13.45 -7.83
C LEU C 128 33.97 12.18 -7.59
N PRO C 129 33.96 11.64 -6.35
CA PRO C 129 34.73 10.42 -6.10
C PRO C 129 34.36 9.29 -7.05
N ILE C 130 33.07 9.19 -7.37
CA ILE C 130 32.60 8.13 -8.27
C ILE C 130 33.04 8.38 -9.70
N ALA C 131 33.14 9.64 -10.09
CA ALA C 131 33.59 10.00 -11.43
C ALA C 131 35.05 9.54 -11.56
N VAL C 132 35.81 9.66 -10.48
CA VAL C 132 37.20 9.24 -10.49
C VAL C 132 37.29 7.72 -10.71
N ILE C 133 36.50 6.97 -9.95
CA ILE C 133 36.48 5.52 -10.07
C ILE C 133 36.06 5.11 -11.49
N SER C 134 35.10 5.85 -12.04
CA SER C 134 34.61 5.58 -13.40
C SER C 134 35.70 5.63 -14.46
N VAL C 135 36.49 6.70 -14.44
CA VAL C 135 37.57 6.87 -15.41
C VAL C 135 38.62 5.79 -15.25
N ILE C 136 38.92 5.41 -14.01
CA ILE C 136 39.89 4.37 -13.74
C ILE C 136 39.33 3.07 -14.33
N ASP C 137 38.06 2.79 -14.06
CA ASP C 137 37.44 1.58 -14.57
C ASP C 137 37.45 1.55 -16.10
N LEU C 138 37.17 2.69 -16.73
CA LEU C 138 37.17 2.76 -18.19
C LEU C 138 38.58 2.50 -18.72
N ALA C 139 39.59 2.99 -18.01
CA ALA C 139 40.98 2.78 -18.42
C ALA C 139 41.32 1.29 -18.33
N LEU C 140 40.76 0.61 -17.34
CA LEU C 140 41.01 -0.82 -17.18
C LEU C 140 40.44 -1.56 -18.38
N TRP C 141 39.22 -1.21 -18.78
CA TRP C 141 38.58 -1.86 -19.91
C TRP C 141 39.33 -1.59 -21.22
N ASP C 142 39.87 -0.39 -21.35
CA ASP C 142 40.62 -0.04 -22.55
C ASP C 142 41.85 -0.96 -22.60
N LEU C 143 42.47 -1.14 -21.43
CA LEU C 143 43.65 -1.98 -21.30
C LEU C 143 43.32 -3.43 -21.65
N LEU C 144 42.21 -3.93 -21.12
CA LEU C 144 41.79 -5.30 -21.39
C LEU C 144 41.61 -5.55 -22.88
N GLY C 145 40.95 -4.62 -23.56
CA GLY C 145 40.73 -4.77 -24.99
C GLY C 145 42.02 -4.74 -25.77
N LYS C 146 42.95 -3.88 -25.37
CA LYS C 146 44.23 -3.78 -26.07
C LYS C 146 45.09 -5.02 -25.86
N VAL C 147 45.10 -5.56 -24.66
CA VAL C 147 45.88 -6.77 -24.41
C VAL C 147 45.33 -7.91 -25.27
N ARG C 148 44.01 -7.96 -25.41
CA ARG C 148 43.37 -9.01 -26.20
C ARG C 148 43.20 -8.65 -27.68
N ASN C 149 43.55 -7.43 -28.05
CA ASN C 149 43.40 -6.96 -29.42
C ASN C 149 41.95 -7.06 -29.88
N GLU C 150 41.03 -6.73 -28.97
CA GLU C 150 39.60 -6.77 -29.28
C GLU C 150 38.92 -5.49 -28.84
N PRO C 151 37.82 -5.11 -29.50
CA PRO C 151 37.09 -3.90 -29.11
C PRO C 151 36.37 -4.21 -27.81
N VAL C 152 36.18 -3.22 -26.95
CA VAL C 152 35.50 -3.46 -25.68
C VAL C 152 34.12 -4.10 -25.88
N TYR C 153 33.38 -3.67 -26.90
CA TYR C 153 32.05 -4.23 -27.10
C TYR C 153 32.08 -5.74 -27.33
N ARG C 154 33.18 -6.27 -27.87
CA ARG C 154 33.28 -7.71 -28.10
C ARG C 154 33.60 -8.46 -26.80
N LEU C 155 33.85 -7.71 -25.73
CA LEU C 155 34.18 -8.30 -24.43
C LEU C 155 33.02 -8.27 -23.44
N ILE C 156 31.98 -7.50 -23.76
CA ILE C 156 30.85 -7.38 -22.86
C ILE C 156 29.50 -7.84 -23.41
N GLY C 157 29.52 -8.84 -24.30
CA GLY C 157 28.27 -9.34 -24.84
C GLY C 157 28.17 -9.35 -26.35
N GLY C 158 29.13 -8.71 -27.02
CA GLY C 158 29.12 -8.67 -28.46
C GLY C 158 28.20 -7.59 -29.01
N ALA C 159 27.79 -7.75 -30.27
CA ALA C 159 26.90 -6.77 -30.88
C ALA C 159 25.46 -7.29 -30.89
N THR C 160 24.55 -6.50 -30.32
CA THR C 160 23.14 -6.87 -30.31
C THR C 160 22.51 -6.17 -31.50
N LYS C 161 23.28 -5.29 -32.13
CA LYS C 161 22.85 -4.53 -33.30
C LYS C 161 24.13 -4.21 -34.08
N GLU C 162 24.02 -4.08 -35.40
CA GLU C 162 25.19 -3.78 -36.22
C GLU C 162 25.28 -2.29 -36.52
N ARG C 163 24.19 -1.57 -36.25
CA ARG C 163 24.14 -0.14 -36.46
C ARG C 163 23.61 0.56 -35.22
N LEU C 164 24.22 1.68 -34.88
CA LEU C 164 23.81 2.47 -33.71
C LEU C 164 23.27 3.81 -34.17
N ASP C 165 21.97 4.04 -33.96
CA ASP C 165 21.33 5.27 -34.37
C ASP C 165 21.37 6.31 -33.25
N PHE C 166 21.73 7.54 -33.62
CA PHE C 166 21.83 8.64 -32.67
C PHE C 166 20.75 9.70 -32.84
N TYR C 167 20.46 10.39 -31.75
CA TYR C 167 19.54 11.52 -31.78
C TYR C 167 20.52 12.63 -31.40
N CYS C 168 20.22 13.87 -31.78
CA CYS C 168 21.15 14.96 -31.51
C CYS C 168 20.65 15.98 -30.48
N THR C 169 21.48 16.25 -29.49
CA THR C 169 21.14 17.22 -28.44
C THR C 169 21.78 18.56 -28.76
N GLY C 170 20.93 19.57 -28.93
CA GLY C 170 21.41 20.91 -29.23
C GLY C 170 20.29 21.87 -29.58
N PRO C 171 20.59 23.16 -29.78
CA PRO C 171 19.61 24.20 -30.12
C PRO C 171 19.05 24.20 -31.55
N GLU C 172 19.60 23.38 -32.43
CA GLU C 172 19.12 23.37 -33.81
C GLU C 172 18.64 22.00 -34.29
N PRO C 173 17.40 21.61 -33.90
CA PRO C 173 16.87 20.31 -34.32
C PRO C 173 16.72 20.16 -35.83
N THR C 174 16.62 21.26 -36.57
CA THR C 174 16.50 21.15 -38.03
C THR C 174 17.83 20.67 -38.59
N ALA C 175 18.92 21.02 -37.92
CA ALA C 175 20.26 20.60 -38.34
C ALA C 175 20.39 19.11 -38.05
N ALA C 176 19.88 18.70 -36.89
CA ALA C 176 19.93 17.30 -36.50
C ALA C 176 19.20 16.46 -37.54
N LYS C 177 18.01 16.90 -37.92
CA LYS C 177 17.21 16.20 -38.91
C LYS C 177 17.95 16.12 -40.24
N ALA C 178 18.51 17.24 -40.67
CA ALA C 178 19.25 17.31 -41.93
C ALA C 178 20.48 16.38 -41.96
N MSE C 179 21.16 16.26 -40.83
CA MSE C 179 22.35 15.43 -40.76
C MSE C 179 22.09 13.94 -40.66
O MSE C 179 23.03 13.13 -40.76
CB MSE C 179 23.24 15.88 -39.60
CG MSE C 179 23.82 17.27 -39.79
SE MSE C 179 25.07 17.68 -38.40
CE MSE C 179 23.82 18.15 -37.00
N GLY C 180 20.84 13.56 -40.45
CA GLY C 180 20.53 12.14 -40.37
C GLY C 180 20.15 11.61 -39.00
N PHE C 181 20.22 12.43 -37.97
CA PHE C 181 19.86 11.98 -36.63
C PHE C 181 18.36 11.72 -36.62
N TRP C 182 17.91 10.71 -35.87
CA TRP C 182 16.50 10.38 -35.86
C TRP C 182 15.64 11.32 -35.03
N GLY C 183 16.27 12.09 -34.14
CA GLY C 183 15.51 13.02 -33.33
C GLY C 183 16.37 14.14 -32.79
N GLY C 184 15.73 15.16 -32.24
CA GLY C 184 16.46 16.28 -31.70
C GLY C 184 16.00 16.63 -30.30
N LYS C 185 16.95 16.78 -29.38
CA LYS C 185 16.61 17.13 -28.00
C LYS C 185 17.08 18.56 -27.78
N VAL C 186 16.17 19.44 -27.39
CA VAL C 186 16.49 20.85 -27.17
C VAL C 186 16.48 21.21 -25.69
N PRO C 187 17.30 22.21 -25.30
CA PRO C 187 17.36 22.63 -23.89
C PRO C 187 16.28 23.64 -23.51
N LEU C 188 15.58 23.38 -22.41
CA LEU C 188 14.53 24.28 -21.94
C LEU C 188 15.20 25.58 -21.52
N PRO C 189 14.73 26.71 -22.06
CA PRO C 189 15.33 28.01 -21.72
C PRO C 189 15.05 28.69 -20.37
N PHE C 190 13.83 28.59 -19.86
CA PHE C 190 13.50 29.28 -18.60
C PHE C 190 13.10 28.41 -17.42
N CYS C 191 13.50 28.86 -16.22
CA CYS C 191 13.21 28.13 -14.98
C CYS C 191 11.90 28.55 -14.33
N PRO C 192 11.45 27.79 -13.32
CA PRO C 192 10.19 28.09 -12.61
C PRO C 192 10.15 29.48 -11.99
N ASP C 193 11.31 30.02 -11.62
CA ASP C 193 11.34 31.33 -11.01
C ASP C 193 11.00 32.48 -11.96
N ASP C 194 10.89 32.17 -13.25
CA ASP C 194 10.51 33.20 -14.21
C ASP C 194 8.99 33.25 -14.30
N GLY C 195 8.34 32.51 -13.40
CA GLY C 195 6.89 32.48 -13.33
C GLY C 195 6.13 32.09 -14.59
N HIS C 196 4.87 32.51 -14.65
CA HIS C 196 3.99 32.22 -15.77
C HIS C 196 4.51 32.80 -17.08
N GLU C 197 5.18 33.94 -16.99
CA GLU C 197 5.76 34.56 -18.18
C GLU C 197 6.80 33.63 -18.77
N GLY C 198 7.65 33.08 -17.89
CA GLY C 198 8.67 32.16 -18.36
C GLY C 198 8.06 30.90 -18.94
N LEU C 199 6.95 30.46 -18.35
CA LEU C 199 6.27 29.26 -18.83
C LEU C 199 5.73 29.45 -20.24
N ARG C 200 5.11 30.59 -20.50
CA ARG C 200 4.59 30.85 -21.84
C ARG C 200 5.72 30.91 -22.86
N LYS C 201 6.85 31.48 -22.46
CA LYS C 201 8.01 31.58 -23.34
C LYS C 201 8.60 30.19 -23.60
N ASN C 202 8.54 29.32 -22.60
CA ASN C 202 9.06 27.95 -22.77
C ASN C 202 8.18 27.26 -23.81
N VAL C 203 6.87 27.45 -23.69
CA VAL C 203 5.91 26.85 -24.61
C VAL C 203 6.13 27.36 -26.03
N GLU C 204 6.29 28.67 -26.19
CA GLU C 204 6.49 29.26 -27.50
C GLU C 204 7.80 28.77 -28.11
N PHE C 205 8.81 28.61 -27.26
CA PHE C 205 10.12 28.13 -27.68
C PHE C 205 10.00 26.73 -28.27
N LEU C 206 9.28 25.86 -27.58
CA LEU C 206 9.09 24.48 -28.04
C LEU C 206 8.18 24.42 -29.26
N ARG C 207 7.16 25.28 -29.31
CA ARG C 207 6.24 25.28 -30.43
C ARG C 207 6.99 25.64 -31.71
N LYS C 208 7.88 26.62 -31.62
CA LYS C 208 8.66 27.04 -32.78
C LYS C 208 9.50 25.90 -33.34
N HIS C 209 10.09 25.10 -32.46
CA HIS C 209 10.88 23.97 -32.90
C HIS C 209 10.03 22.90 -33.55
N ARG C 210 8.86 22.63 -32.96
CA ARG C 210 7.95 21.64 -33.52
C ARG C 210 7.52 22.06 -34.92
N GLU C 211 7.20 23.34 -35.07
CA GLU C 211 6.76 23.83 -36.37
C GLU C 211 7.87 23.82 -37.41
N ALA C 212 9.11 23.97 -36.96
CA ALA C 212 10.26 23.98 -37.87
C ALA C 212 10.67 22.61 -38.38
N VAL C 213 10.50 21.57 -37.57
CA VAL C 213 10.89 20.21 -38.00
C VAL C 213 9.72 19.40 -38.54
N GLY C 214 8.51 19.89 -38.33
CA GLY C 214 7.36 19.15 -38.82
C GLY C 214 6.74 18.34 -37.69
N PRO C 215 5.54 17.78 -37.92
CA PRO C 215 4.81 16.98 -36.93
C PRO C 215 5.36 15.59 -36.62
N ASP C 216 6.22 15.07 -37.48
CA ASP C 216 6.73 13.71 -37.26
C ASP C 216 8.11 13.57 -36.63
N PHE C 217 8.99 14.55 -36.85
CA PHE C 217 10.34 14.48 -36.31
C PHE C 217 10.34 14.53 -34.77
N PRO C 218 10.85 13.48 -34.12
CA PRO C 218 10.88 13.45 -32.65
C PRO C 218 11.66 14.61 -32.03
N ILE C 219 11.04 15.27 -31.06
CA ILE C 219 11.64 16.38 -30.34
C ILE C 219 11.60 16.04 -28.85
N MSE C 220 12.75 16.09 -28.20
CA MSE C 220 12.85 15.81 -26.77
C MSE C 220 13.22 17.11 -26.07
O MSE C 220 13.80 18.00 -26.69
CB MSE C 220 13.90 14.73 -26.50
CG MSE C 220 13.50 13.34 -27.02
SE MSE C 220 13.59 13.15 -28.95
CE MSE C 220 15.32 12.27 -29.04
N VAL C 221 12.89 17.22 -24.78
CA VAL C 221 13.20 18.45 -24.04
C VAL C 221 14.06 18.18 -22.81
N ASP C 222 15.25 18.79 -22.78
CA ASP C 222 16.15 18.62 -21.65
C ASP C 222 15.94 19.77 -20.67
N CYS C 223 15.69 19.43 -19.41
CA CYS C 223 15.44 20.44 -18.39
C CYS C 223 16.55 20.63 -17.36
N TYR C 224 17.67 19.93 -17.56
CA TYR C 224 18.83 20.02 -16.69
C TYR C 224 18.51 20.19 -15.18
N MSE C 225 17.79 19.22 -14.63
CA MSE C 225 17.40 19.18 -13.21
C MSE C 225 16.97 20.50 -12.60
O MSE C 225 17.13 20.72 -11.40
CB MSE C 225 18.55 18.57 -12.37
CG MSE C 225 19.92 19.23 -12.54
SE MSE C 225 21.43 18.32 -11.64
CE MSE C 225 22.88 19.27 -12.50
N SER C 226 16.36 21.37 -13.40
CA SER C 226 15.99 22.70 -12.94
C SER C 226 14.53 23.00 -12.57
N LEU C 227 13.63 22.04 -12.77
CA LEU C 227 12.23 22.32 -12.46
C LEU C 227 11.78 21.72 -11.13
N ASN C 228 10.47 21.64 -10.95
CA ASN C 228 9.88 21.07 -9.75
C ASN C 228 8.60 20.37 -10.19
N VAL C 229 7.99 19.60 -9.28
CA VAL C 229 6.79 18.86 -9.64
C VAL C 229 5.63 19.69 -10.20
N SER C 230 5.19 20.71 -9.47
CA SER C 230 4.09 21.55 -9.92
C SER C 230 4.37 22.20 -11.28
N TYR C 231 5.55 22.80 -11.41
CA TYR C 231 5.91 23.47 -12.65
C TYR C 231 5.97 22.47 -13.82
N THR C 232 6.58 21.32 -13.60
CA THR C 232 6.68 20.32 -14.65
C THR C 232 5.28 19.93 -15.12
N ILE C 233 4.39 19.67 -14.16
CA ILE C 233 3.03 19.28 -14.49
C ILE C 233 2.32 20.36 -15.32
N GLU C 234 2.51 21.62 -14.95
CA GLU C 234 1.85 22.69 -15.69
C GLU C 234 2.46 22.87 -17.08
N LEU C 235 3.79 22.82 -17.16
CA LEU C 235 4.48 22.99 -18.44
C LEU C 235 4.11 21.89 -19.42
N VAL C 236 4.19 20.64 -18.96
CA VAL C 236 3.84 19.52 -19.82
C VAL C 236 2.42 19.63 -20.32
N LYS C 237 1.50 20.00 -19.43
CA LYS C 237 0.10 20.17 -19.82
C LYS C 237 -0.04 21.24 -20.90
N ALA C 238 0.67 22.34 -20.75
CA ALA C 238 0.60 23.43 -21.74
C ALA C 238 1.19 23.05 -23.10
N CYS C 239 2.04 22.02 -23.12
CA CYS C 239 2.68 21.59 -24.37
C CYS C 239 2.12 20.30 -24.95
N LEU C 240 1.01 19.80 -24.42
CA LEU C 240 0.46 18.55 -24.91
C LEU C 240 0.24 18.45 -26.42
N ASP C 241 -0.11 19.55 -27.06
CA ASP C 241 -0.35 19.54 -28.51
C ASP C 241 0.93 19.52 -29.35
N LEU C 242 2.08 19.64 -28.69
CA LEU C 242 3.35 19.66 -29.39
C LEU C 242 3.94 18.26 -29.59
N ASN C 243 3.30 17.25 -29.00
CA ASN C 243 3.76 15.86 -29.11
C ASN C 243 5.24 15.69 -28.76
N ILE C 244 5.63 16.19 -27.59
CA ILE C 244 7.02 16.05 -27.14
C ILE C 244 7.27 14.56 -26.91
N ASN C 245 8.40 14.05 -27.42
CA ASN C 245 8.74 12.64 -27.28
C ASN C 245 8.96 12.27 -25.81
N TRP C 246 9.81 13.03 -25.12
CA TRP C 246 10.05 12.81 -23.70
C TRP C 246 10.65 14.05 -23.05
N TRP C 247 10.42 14.17 -21.74
CA TRP C 247 10.92 15.29 -20.95
C TRP C 247 12.04 14.74 -20.07
N GLU C 248 13.24 15.29 -20.26
CA GLU C 248 14.43 14.83 -19.56
C GLU C 248 14.90 15.63 -18.34
N GLU C 249 15.23 14.89 -17.28
CA GLU C 249 15.71 15.44 -16.03
C GLU C 249 14.98 16.69 -15.55
N CYS C 250 13.65 16.58 -15.46
CA CYS C 250 12.83 17.69 -15.02
C CYS C 250 13.09 18.07 -13.57
N LEU C 251 13.37 17.07 -12.75
CA LEU C 251 13.60 17.31 -11.33
C LEU C 251 15.05 17.20 -10.89
N SER C 252 15.33 17.68 -9.69
CA SER C 252 16.65 17.58 -9.11
C SER C 252 16.89 16.10 -8.88
N PRO C 253 18.15 15.63 -8.98
CA PRO C 253 18.44 14.22 -8.76
C PRO C 253 18.08 13.80 -7.33
N ASP C 254 17.90 14.79 -6.46
CA ASP C 254 17.54 14.52 -5.06
C ASP C 254 16.06 14.18 -4.89
N ASP C 255 15.25 14.38 -5.93
CA ASP C 255 13.82 14.11 -5.80
C ASP C 255 13.22 13.20 -6.87
N THR C 256 13.86 12.06 -7.13
CA THR C 256 13.32 11.15 -8.13
C THR C 256 11.97 10.62 -7.65
N ASP C 257 11.71 10.67 -6.35
CA ASP C 257 10.41 10.22 -5.83
C ASP C 257 9.29 11.07 -6.44
N GLY C 258 9.65 12.28 -6.87
CA GLY C 258 8.67 13.18 -7.47
C GLY C 258 8.06 12.70 -8.78
N PHE C 259 8.70 11.76 -9.45
CA PHE C 259 8.15 11.29 -10.71
C PHE C 259 6.85 10.50 -10.55
N ALA C 260 6.62 10.01 -9.33
CA ALA C 260 5.39 9.28 -9.06
C ALA C 260 4.24 10.28 -9.18
N LEU C 261 4.49 11.50 -8.70
CA LEU C 261 3.49 12.58 -8.76
C LEU C 261 3.32 13.07 -10.18
N ILE C 262 4.42 13.21 -10.91
CA ILE C 262 4.36 13.64 -12.30
C ILE C 262 3.60 12.62 -13.15
N LYS C 263 3.89 11.33 -12.95
CA LYS C 263 3.21 10.28 -13.70
C LYS C 263 1.71 10.20 -13.36
N ARG C 264 1.34 10.59 -12.14
CA ARG C 264 -0.07 10.58 -11.77
C ARG C 264 -0.80 11.59 -12.64
N ALA C 265 -0.14 12.72 -12.88
CA ALA C 265 -0.70 13.79 -13.69
C ALA C 265 -0.61 13.54 -15.18
N HIS C 266 0.54 13.03 -15.63
CA HIS C 266 0.76 12.79 -17.05
C HIS C 266 1.25 11.36 -17.33
N PRO C 267 0.38 10.37 -17.08
CA PRO C 267 0.74 8.97 -17.32
C PRO C 267 0.99 8.57 -18.77
N THR C 268 0.54 9.38 -19.73
CA THR C 268 0.77 9.05 -21.14
C THR C 268 1.96 9.81 -21.72
N VAL C 269 2.72 10.46 -20.85
CA VAL C 269 3.88 11.23 -21.29
C VAL C 269 5.17 10.59 -20.79
N LYS C 270 6.20 10.57 -21.62
CA LYS C 270 7.48 9.97 -21.26
C LYS C 270 8.42 10.90 -20.50
N PHE C 271 9.05 10.37 -19.47
CA PHE C 271 9.98 11.14 -18.63
C PHE C 271 11.25 10.32 -18.45
N THR C 272 12.39 11.02 -18.40
CA THR C 272 13.68 10.36 -18.25
C THR C 272 14.57 11.12 -17.27
N THR C 273 15.66 10.48 -16.83
CA THR C 273 16.61 11.11 -15.92
C THR C 273 17.73 10.12 -15.61
N GLY C 274 18.70 10.56 -14.82
CA GLY C 274 19.78 9.66 -14.45
C GLY C 274 21.21 10.08 -14.71
N GLU C 275 21.44 11.13 -15.51
CA GLU C 275 22.81 11.51 -15.78
C GLU C 275 23.54 11.98 -14.54
N HIS C 276 22.80 12.41 -13.54
CA HIS C 276 23.43 12.86 -12.29
C HIS C 276 23.11 11.92 -11.13
N GLU C 277 22.99 10.63 -11.45
CA GLU C 277 22.73 9.59 -10.44
C GLU C 277 23.93 8.65 -10.51
N TYR C 278 24.23 7.95 -9.42
CA TYR C 278 25.40 7.07 -9.36
C TYR C 278 25.17 5.72 -8.68
N SER C 279 25.98 4.74 -9.09
CA SER C 279 25.98 3.37 -8.56
C SER C 279 24.72 2.55 -8.81
N ARG C 280 24.86 1.24 -8.69
CA ARG C 280 23.75 0.34 -8.89
C ARG C 280 22.66 0.60 -7.85
N TYR C 281 23.07 1.11 -6.69
CA TYR C 281 22.14 1.42 -5.61
C TYR C 281 21.37 2.69 -5.92
N GLY C 282 22.02 3.61 -6.64
CA GLY C 282 21.36 4.85 -6.99
C GLY C 282 20.33 4.61 -8.07
N PHE C 283 20.68 3.81 -9.07
CA PHE C 283 19.79 3.53 -10.17
C PHE C 283 18.64 2.57 -9.88
N ARG C 284 18.78 1.72 -8.86
CA ARG C 284 17.69 0.81 -8.56
C ARG C 284 16.44 1.62 -8.27
N LYS C 285 16.60 2.78 -7.64
CA LYS C 285 15.47 3.63 -7.29
C LYS C 285 14.77 4.21 -8.53
N LEU C 286 15.53 4.43 -9.59
CA LEU C 286 14.94 4.97 -10.82
C LEU C 286 14.12 3.91 -11.53
N VAL C 287 14.42 2.64 -11.28
CA VAL C 287 13.69 1.56 -11.91
C VAL C 287 12.45 1.19 -11.08
N GLU C 288 12.56 1.30 -9.75
CA GLU C 288 11.44 0.98 -8.85
C GLU C 288 10.23 1.85 -9.16
N GLY C 289 9.07 1.22 -9.32
CA GLY C 289 7.86 1.98 -9.61
C GLY C 289 7.68 2.19 -11.09
N ARG C 290 8.76 2.06 -11.84
CA ARG C 290 8.72 2.22 -13.29
C ARG C 290 8.04 3.54 -13.68
N ASN C 291 8.50 4.63 -13.07
CA ASN C 291 7.99 5.95 -13.35
C ASN C 291 8.88 6.72 -14.33
N LEU C 292 9.94 6.06 -14.78
CA LEU C 292 10.87 6.65 -15.73
C LEU C 292 10.95 5.75 -16.96
N ASP C 293 10.71 6.31 -18.13
CA ASP C 293 10.70 5.57 -19.36
C ASP C 293 12.09 5.21 -19.88
N ILE C 294 13.09 5.99 -19.48
CA ILE C 294 14.47 5.75 -19.88
C ILE C 294 15.40 6.25 -18.77
N ILE C 295 16.44 5.48 -18.45
CA ILE C 295 17.41 5.92 -17.45
C ILE C 295 18.66 6.27 -18.24
N GLN C 296 19.29 7.39 -17.89
CA GLN C 296 20.42 7.90 -18.63
C GLN C 296 21.71 8.19 -17.88
N PRO C 297 22.40 7.15 -17.39
CA PRO C 297 23.65 7.39 -16.67
C PRO C 297 24.76 7.84 -17.60
N ASP C 298 25.72 8.57 -17.06
CA ASP C 298 26.87 8.98 -17.85
C ASP C 298 27.93 7.95 -17.46
N VAL C 299 28.43 7.21 -18.44
CA VAL C 299 29.42 6.16 -18.17
C VAL C 299 30.67 6.66 -17.44
N MSE C 300 31.02 7.93 -17.63
CA MSE C 300 32.20 8.49 -16.98
C MSE C 300 31.91 9.04 -15.58
O MSE C 300 32.83 9.47 -14.89
CB MSE C 300 32.78 9.62 -17.83
CG MSE C 300 33.43 9.17 -19.14
SE MSE C 300 33.99 10.70 -20.21
CE MSE C 300 32.26 11.22 -20.85
N TRP C 301 30.66 9.00 -15.16
CA TRP C 301 30.27 9.52 -13.86
C TRP C 301 29.65 8.52 -12.86
N LEU C 302 28.77 7.64 -13.35
CA LEU C 302 28.05 6.70 -12.49
C LEU C 302 28.87 5.65 -11.74
N GLY C 303 30.07 5.38 -12.23
CA GLY C 303 30.91 4.39 -11.58
C GLY C 303 31.78 3.64 -12.59
N GLY C 304 31.43 3.77 -13.86
CA GLY C 304 32.20 3.11 -14.90
C GLY C 304 31.42 2.05 -15.66
N LEU C 305 32.10 1.37 -16.57
CA LEU C 305 31.48 0.33 -17.38
C LEU C 305 31.09 -0.89 -16.56
N THR C 306 31.95 -1.30 -15.63
CA THR C 306 31.67 -2.46 -14.81
C THR C 306 30.34 -2.29 -14.08
N GLU C 307 30.15 -1.14 -13.44
CA GLU C 307 28.91 -0.87 -12.72
C GLU C 307 27.74 -0.64 -13.70
N LEU C 308 28.01 0.02 -14.82
CA LEU C 308 26.97 0.27 -15.81
C LEU C 308 26.35 -1.04 -16.32
N LEU C 309 27.19 -2.07 -16.48
CA LEU C 309 26.69 -3.36 -16.94
C LEU C 309 25.67 -3.90 -15.95
N LYS C 310 25.90 -3.71 -14.66
CA LYS C 310 24.98 -4.17 -13.63
C LYS C 310 23.71 -3.32 -13.61
N VAL C 311 23.86 -2.02 -13.82
CA VAL C 311 22.71 -1.13 -13.83
C VAL C 311 21.79 -1.51 -15.00
N ALA C 312 22.39 -1.78 -16.15
CA ALA C 312 21.61 -2.14 -17.34
C ALA C 312 20.92 -3.48 -17.17
N ALA C 313 21.55 -4.39 -16.44
CA ALA C 313 20.98 -5.71 -16.21
C ALA C 313 19.72 -5.62 -15.34
N LEU C 314 19.75 -4.74 -14.35
CA LEU C 314 18.58 -4.57 -13.48
C LEU C 314 17.46 -3.97 -14.30
N ALA C 315 17.77 -2.95 -15.09
CA ALA C 315 16.77 -2.29 -15.92
C ALA C 315 16.20 -3.29 -16.93
N ALA C 316 17.06 -4.17 -17.44
CA ALA C 316 16.63 -5.16 -18.43
C ALA C 316 15.59 -6.13 -17.86
N ALA C 317 15.65 -6.38 -16.56
CA ALA C 317 14.70 -7.28 -15.92
C ALA C 317 13.30 -6.68 -15.92
N TYR C 318 13.23 -5.37 -16.19
CA TYR C 318 11.95 -4.65 -16.22
C TYR C 318 11.75 -3.99 -17.59
N ASP C 319 12.57 -4.39 -18.55
CA ASP C 319 12.51 -3.88 -19.91
C ASP C 319 12.62 -2.36 -20.00
N VAL C 320 13.33 -1.77 -19.04
CA VAL C 320 13.53 -0.33 -19.05
C VAL C 320 14.79 -0.06 -19.86
N PRO C 321 14.68 0.75 -20.91
CA PRO C 321 15.86 1.04 -21.73
C PRO C 321 16.88 1.94 -21.04
N VAL C 322 18.14 1.69 -21.33
CA VAL C 322 19.23 2.50 -20.79
C VAL C 322 19.85 3.22 -21.99
N VAL C 323 19.82 4.55 -21.95
CA VAL C 323 20.40 5.36 -23.01
C VAL C 323 21.33 6.35 -22.32
N PRO C 324 22.62 6.00 -22.22
CA PRO C 324 23.64 6.84 -21.58
C PRO C 324 23.67 8.26 -22.09
N HIS C 325 24.09 9.16 -21.21
CA HIS C 325 24.21 10.57 -21.53
C HIS C 325 25.54 10.76 -22.25
N ALA C 326 25.47 11.22 -23.50
CA ALA C 326 26.67 11.45 -24.32
C ALA C 326 27.70 10.33 -24.13
N SER C 327 28.89 10.68 -23.66
CA SER C 327 29.98 9.74 -23.38
C SER C 327 30.85 9.21 -24.51
N GLY C 328 30.55 9.55 -25.76
CA GLY C 328 31.37 9.07 -26.86
C GLY C 328 31.53 7.55 -26.90
N PRO C 329 32.69 7.04 -27.35
CA PRO C 329 32.94 5.60 -27.43
C PRO C 329 32.67 4.81 -26.14
N TYR C 330 32.87 5.43 -24.99
CA TYR C 330 32.63 4.75 -23.72
C TYR C 330 31.16 4.32 -23.70
N SER C 331 30.31 5.12 -24.31
CA SER C 331 28.90 4.77 -24.37
C SER C 331 28.58 3.98 -25.64
N TYR C 332 29.25 4.27 -26.75
CA TYR C 332 28.97 3.54 -27.99
C TYR C 332 29.18 2.05 -27.83
N HIS C 333 30.31 1.66 -27.26
CA HIS C 333 30.60 0.24 -27.07
C HIS C 333 29.56 -0.43 -26.18
N PHE C 334 29.01 0.33 -25.24
CA PHE C 334 28.00 -0.22 -24.34
C PHE C 334 26.66 -0.37 -25.07
N GLN C 335 26.21 0.68 -25.73
CA GLN C 335 24.92 0.66 -26.44
C GLN C 335 24.77 -0.41 -27.50
N ILE C 336 25.87 -0.68 -28.18
CA ILE C 336 25.86 -1.66 -29.27
C ILE C 336 25.82 -3.10 -28.76
N SER C 337 26.04 -3.30 -27.46
CA SER C 337 26.12 -4.65 -26.90
C SER C 337 25.05 -5.17 -25.95
N GLN C 338 24.12 -4.34 -25.51
CA GLN C 338 23.11 -4.81 -24.56
C GLN C 338 21.73 -5.05 -25.17
N PRO C 339 20.89 -5.84 -24.49
CA PRO C 339 19.55 -6.10 -25.01
C PRO C 339 18.58 -4.93 -24.86
N ASN C 340 18.89 -4.02 -23.93
CA ASN C 340 18.02 -2.87 -23.66
C ASN C 340 18.68 -1.51 -23.81
N THR C 341 19.47 -1.33 -24.86
CA THR C 341 20.15 -0.07 -25.13
C THR C 341 19.86 0.23 -26.60
N PRO C 342 18.65 0.75 -26.89
CA PRO C 342 18.10 1.09 -28.20
C PRO C 342 18.79 2.13 -29.10
N PHE C 343 19.35 3.17 -28.52
CA PHE C 343 20.01 4.20 -29.31
C PHE C 343 21.00 5.00 -28.49
N GLN C 344 21.67 5.96 -29.13
CA GLN C 344 22.70 6.78 -28.50
C GLN C 344 22.43 8.27 -28.61
N GLU C 345 22.96 9.01 -27.65
CA GLU C 345 22.84 10.46 -27.68
C GLU C 345 24.14 11.05 -28.19
N TYR C 346 24.01 12.12 -28.98
CA TYR C 346 25.19 12.83 -29.45
C TYR C 346 24.93 14.27 -29.03
N LEU C 347 25.75 14.77 -28.11
CA LEU C 347 25.63 16.13 -27.62
C LEU C 347 26.34 17.02 -28.62
N ALA C 348 25.58 17.80 -29.39
CA ALA C 348 26.18 18.68 -30.38
C ALA C 348 27.25 19.54 -29.71
N ASN C 349 28.48 19.44 -30.20
CA ASN C 349 29.58 20.20 -29.62
C ASN C 349 30.01 21.40 -30.44
N SER C 350 29.35 21.61 -31.59
CA SER C 350 29.66 22.77 -32.41
C SER C 350 29.06 23.93 -31.64
N PRO C 351 29.73 25.10 -31.64
CA PRO C 351 29.22 26.28 -30.93
C PRO C 351 27.77 26.64 -31.24
N ASP C 352 27.38 26.53 -32.50
CA ASP C 352 26.02 26.85 -32.91
C ASP C 352 25.11 25.62 -32.99
N GLY C 353 25.67 24.45 -32.71
CA GLY C 353 24.89 23.22 -32.74
C GLY C 353 24.42 22.77 -34.10
N LYS C 354 25.08 23.23 -35.16
CA LYS C 354 24.69 22.85 -36.51
C LYS C 354 25.62 21.84 -37.19
N SER C 355 26.62 21.35 -36.47
CA SER C 355 27.54 20.38 -37.06
C SER C 355 28.08 19.42 -36.00
N VAL C 356 28.58 18.27 -36.43
CA VAL C 356 29.12 17.27 -35.51
C VAL C 356 30.63 17.42 -35.33
N LEU C 357 31.06 17.68 -34.10
CA LEU C 357 32.47 17.81 -33.79
C LEU C 357 32.81 16.72 -32.77
N PRO C 358 34.09 16.33 -32.66
CA PRO C 358 34.47 15.29 -31.70
C PRO C 358 34.00 15.62 -30.29
N VAL C 359 33.50 14.62 -29.58
CA VAL C 359 33.02 14.81 -28.21
C VAL C 359 34.16 15.23 -27.29
N PHE C 360 35.33 14.64 -27.48
CA PHE C 360 36.48 14.95 -26.64
C PHE C 360 37.46 15.95 -27.26
N GLY C 361 36.99 16.71 -28.24
CA GLY C 361 37.85 17.70 -28.87
C GLY C 361 39.04 17.13 -29.60
N ASP C 362 40.18 17.80 -29.52
CA ASP C 362 41.39 17.35 -30.21
C ASP C 362 42.27 16.42 -29.37
N LEU C 363 41.73 15.93 -28.26
CA LEU C 363 42.49 15.04 -27.39
C LEU C 363 42.87 13.74 -28.11
N PHE C 364 41.96 13.23 -28.91
CA PHE C 364 42.21 11.99 -29.64
C PHE C 364 42.24 12.29 -31.14
N ILE C 365 42.84 11.39 -31.91
CA ILE C 365 42.95 11.60 -33.35
C ILE C 365 42.04 10.74 -34.20
N ASP C 366 41.38 9.76 -33.58
CA ASP C 366 40.51 8.86 -34.32
C ASP C 366 39.14 8.59 -33.72
N GLU C 367 38.58 9.58 -33.04
CA GLU C 367 37.26 9.39 -32.44
C GLU C 367 36.23 9.20 -33.56
N PRO C 368 35.44 8.12 -33.48
CA PRO C 368 34.43 7.88 -34.52
C PRO C 368 33.27 8.86 -34.29
N ILE C 369 32.94 9.65 -35.31
CA ILE C 369 31.88 10.64 -35.20
C ILE C 369 30.68 10.31 -36.10
N PRO C 370 29.45 10.46 -35.57
CA PRO C 370 28.22 10.18 -36.31
C PRO C 370 27.81 11.32 -37.25
N THR C 371 28.66 11.62 -38.22
CA THR C 371 28.39 12.69 -39.18
C THR C 371 27.10 12.46 -39.97
N LYS C 372 26.67 11.20 -40.05
CA LYS C 372 25.45 10.85 -40.77
C LYS C 372 24.33 10.42 -39.83
N GLY C 373 24.51 10.65 -38.54
CA GLY C 373 23.49 10.28 -37.57
C GLY C 373 23.55 8.84 -37.08
N TYR C 374 24.61 8.14 -37.42
CA TYR C 374 24.76 6.76 -36.98
C TYR C 374 26.20 6.29 -37.07
N LEU C 375 26.46 5.13 -36.47
CA LEU C 375 27.76 4.48 -36.50
C LEU C 375 27.48 2.98 -36.63
N THR C 376 28.47 2.22 -37.09
CA THR C 376 28.30 0.78 -37.24
C THR C 376 29.37 0.07 -36.42
N THR C 377 29.24 -1.24 -36.31
CA THR C 377 30.22 -2.03 -35.57
C THR C 377 31.61 -1.87 -36.19
N ALA C 378 31.65 -1.66 -37.50
CA ALA C 378 32.91 -1.50 -38.19
C ALA C 378 33.64 -0.26 -37.68
N ASP C 379 32.88 0.79 -37.38
CA ASP C 379 33.47 2.02 -36.85
C ASP C 379 34.07 1.80 -35.47
N LEU C 380 33.53 0.82 -34.75
CA LEU C 380 33.98 0.52 -33.40
C LEU C 380 35.01 -0.60 -33.33
N ASP C 381 35.37 -1.17 -34.48
CA ASP C 381 36.33 -2.26 -34.51
C ASP C 381 37.77 -1.82 -34.38
N LYS C 382 38.12 -1.41 -33.17
CA LYS C 382 39.48 -0.96 -32.82
C LYS C 382 39.76 -1.54 -31.43
N PRO C 383 41.04 -1.72 -31.07
CA PRO C 383 41.35 -2.26 -29.74
C PRO C 383 40.85 -1.35 -28.61
N GLY C 384 40.32 -1.96 -27.55
CA GLY C 384 39.82 -1.19 -26.43
C GLY C 384 38.67 -0.30 -26.84
N PHE C 385 38.72 0.98 -26.45
CA PHE C 385 37.67 1.92 -26.81
C PHE C 385 38.00 2.63 -28.12
N GLY C 386 39.08 2.18 -28.77
CA GLY C 386 39.48 2.73 -30.05
C GLY C 386 39.91 4.19 -30.13
N LEU C 387 40.33 4.75 -29.01
CA LEU C 387 40.76 6.14 -28.98
C LEU C 387 42.27 6.23 -28.83
N THR C 388 42.92 6.88 -29.79
CA THR C 388 44.37 7.07 -29.78
C THR C 388 44.64 8.53 -29.47
N ILE C 389 45.49 8.78 -28.47
CA ILE C 389 45.82 10.14 -28.08
C ILE C 389 46.50 10.90 -29.21
N ASN C 390 46.04 12.13 -29.44
CA ASN C 390 46.59 12.99 -30.47
C ASN C 390 47.97 13.47 -30.04
N PRO C 391 49.01 13.17 -30.84
CA PRO C 391 50.37 13.61 -30.51
C PRO C 391 50.43 15.10 -30.16
N ALA C 392 49.69 15.90 -30.93
CA ALA C 392 49.66 17.34 -30.71
C ALA C 392 49.12 17.66 -29.32
N ALA C 393 48.12 16.91 -28.87
CA ALA C 393 47.52 17.12 -27.56
C ALA C 393 48.42 16.74 -26.38
N ARG C 394 49.39 15.87 -26.62
CA ARG C 394 50.32 15.45 -25.57
C ARG C 394 50.93 16.62 -24.82
N ALA C 395 51.12 17.73 -25.52
CA ALA C 395 51.70 18.92 -24.90
C ALA C 395 50.77 19.50 -23.85
N LYS C 396 49.46 19.36 -24.06
CA LYS C 396 48.47 19.88 -23.14
C LYS C 396 48.24 18.96 -21.93
N LEU C 397 48.85 17.78 -21.95
CA LEU C 397 48.69 16.84 -20.84
C LEU C 397 49.62 17.24 -19.70
N ILE C 398 49.03 17.86 -18.68
CA ILE C 398 49.78 18.31 -17.52
C ILE C 398 49.88 17.23 -16.44
N PRO C 399 51.10 16.75 -16.15
CA PRO C 399 51.23 15.71 -15.12
C PRO C 399 50.66 16.24 -13.81
N SER C 400 49.95 15.40 -13.08
CA SER C 400 49.35 15.81 -11.81
C SER C 400 50.35 15.93 -10.66
N ASP C 401 51.63 15.68 -10.97
CA ASP C 401 52.69 15.74 -9.97
C ASP C 401 52.71 16.97 -9.07
N TYR C 402 52.45 18.14 -9.64
CA TYR C 402 52.50 19.38 -8.87
C TYR C 402 51.52 19.41 -7.69
N LEU C 403 50.47 18.61 -7.77
CA LEU C 403 49.47 18.57 -6.70
C LEU C 403 49.94 17.91 -5.41
N PHE C 404 51.04 17.18 -5.48
CA PHE C 404 51.56 16.49 -4.30
C PHE C 404 52.81 17.11 -3.69
N LYS C 405 53.24 18.24 -4.24
CA LYS C 405 54.43 18.94 -3.75
C LYS C 405 54.02 19.94 -2.67
N VAL C 406 53.67 19.42 -1.51
CA VAL C 406 53.26 20.25 -0.38
C VAL C 406 54.47 20.89 0.28
N PRO C 407 54.39 22.20 0.57
CA PRO C 407 55.51 22.89 1.22
C PRO C 407 55.81 22.37 2.62
N GLU C 408 57.07 22.51 3.03
CA GLU C 408 57.50 22.06 4.36
C GLU C 408 57.07 23.02 5.46
N SER D 4 18.63 53.08 9.89
CA SER D 4 17.73 52.67 11.00
C SER D 4 18.22 51.40 11.69
N VAL D 5 19.03 50.62 10.97
CA VAL D 5 19.52 49.37 11.53
C VAL D 5 21.03 49.21 11.41
N LYS D 6 21.53 48.16 12.04
CA LYS D 6 22.96 47.85 12.05
C LYS D 6 23.53 47.64 10.65
N ASP D 7 24.73 48.17 10.43
CA ASP D 7 25.40 48.01 9.15
C ASP D 7 26.35 46.84 9.37
N PHE D 8 25.91 45.65 8.97
CA PHE D 8 26.71 44.45 9.14
C PHE D 8 27.86 44.37 8.14
N PRO D 9 29.05 43.95 8.61
CA PRO D 9 30.20 43.86 7.69
C PRO D 9 30.02 42.73 6.67
N LYS D 10 30.45 42.98 5.44
CA LYS D 10 30.36 41.99 4.37
C LYS D 10 31.58 41.08 4.39
N ILE D 11 31.53 40.02 3.60
CA ILE D 11 32.65 39.08 3.51
C ILE D 11 33.72 39.71 2.62
N LYS D 12 34.94 39.81 3.14
CA LYS D 12 36.04 40.42 2.41
C LYS D 12 36.94 39.41 1.71
N ALA D 13 37.21 38.29 2.39
CA ALA D 13 38.08 37.28 1.81
C ALA D 13 37.93 35.93 2.49
N ILE D 14 38.40 34.89 1.81
CA ILE D 14 38.35 33.54 2.35
C ILE D 14 39.72 32.90 2.12
N ARG D 15 40.22 32.22 3.14
CA ARG D 15 41.51 31.55 3.06
C ARG D 15 41.30 30.10 3.48
N SER D 16 42.13 29.20 2.96
CA SER D 16 42.02 27.80 3.34
C SER D 16 43.42 27.24 3.61
N PHE D 17 43.50 26.30 4.54
CA PHE D 17 44.76 25.70 4.92
C PHE D 17 44.62 24.20 5.08
N ILE D 18 45.70 23.47 4.80
CA ILE D 18 45.71 22.03 4.98
C ILE D 18 46.46 21.88 6.30
N ILE D 19 45.93 21.06 7.21
CA ILE D 19 46.60 20.87 8.49
C ILE D 19 47.65 19.78 8.38
N GLY D 20 48.91 20.17 8.48
CA GLY D 20 50.00 19.21 8.37
C GLY D 20 50.03 18.23 9.52
N GLY D 21 50.65 17.08 9.29
CA GLY D 21 50.75 16.07 10.32
C GLY D 21 49.46 15.31 10.54
N VAL D 22 49.31 14.73 11.73
CA VAL D 22 48.13 13.97 12.06
C VAL D 22 47.60 14.35 13.44
N GLY D 23 46.41 13.84 13.77
CA GLY D 23 45.81 14.11 15.06
C GLY D 23 45.40 15.54 15.31
N SER D 24 45.30 16.35 14.27
CA SER D 24 44.91 17.74 14.43
C SER D 24 43.96 18.17 13.32
N GLY D 25 42.77 18.61 13.70
CA GLY D 25 41.80 19.04 12.69
C GLY D 25 40.55 18.18 12.68
N GLY D 26 39.68 18.44 11.71
CA GLY D 26 38.42 17.72 11.61
C GLY D 26 38.45 16.25 11.25
N ASP D 27 39.48 15.78 10.56
CA ASP D 27 39.54 14.36 10.17
C ASP D 27 39.81 13.48 11.39
N TYR D 28 38.74 12.94 11.97
CA TYR D 28 38.83 12.08 13.15
C TYR D 28 39.75 10.89 12.98
N HIS D 29 39.82 10.35 11.76
CA HIS D 29 40.62 9.16 11.50
C HIS D 29 42.05 9.35 11.01
N ASN D 30 42.49 10.59 10.90
CA ASN D 30 43.85 10.86 10.47
C ASN D 30 44.68 11.02 11.74
N VAL D 31 44.88 9.90 12.44
CA VAL D 31 45.63 9.89 13.68
C VAL D 31 46.90 9.04 13.61
N LYS D 32 47.69 9.10 14.67
CA LYS D 32 48.94 8.35 14.76
C LYS D 32 48.67 6.86 14.90
N GLY D 33 49.58 6.05 14.35
CA GLY D 33 49.41 4.61 14.44
C GLY D 33 49.25 4.17 15.88
N GLY D 34 48.51 3.08 16.09
CA GLY D 34 48.29 2.57 17.43
C GLY D 34 46.95 2.97 18.00
N HIS D 35 46.42 4.10 17.51
CA HIS D 35 45.13 4.59 17.97
C HIS D 35 44.05 3.56 17.65
N TRP D 36 43.16 3.30 18.60
CA TRP D 36 42.10 2.32 18.39
C TRP D 36 41.23 2.68 17.18
N LEU D 37 41.13 3.97 16.88
CA LEU D 37 40.33 4.42 15.75
C LEU D 37 40.75 3.81 14.42
N ILE D 38 42.02 3.45 14.30
CA ILE D 38 42.52 2.89 13.06
C ILE D 38 43.25 1.55 13.18
N ASP D 39 43.69 1.21 14.39
CA ASP D 39 44.44 -0.03 14.57
C ASP D 39 43.85 -1.13 15.46
N SER D 40 42.54 -1.08 15.69
CA SER D 40 41.88 -2.12 16.49
C SER D 40 40.96 -2.88 15.54
N ASP D 41 40.40 -3.99 16.00
CA ASP D 41 39.49 -4.75 15.15
C ASP D 41 38.17 -4.03 15.01
N ILE D 42 37.88 -3.55 13.80
CA ILE D 42 36.64 -2.83 13.54
C ILE D 42 36.11 -3.26 12.18
N SER D 43 34.88 -3.76 12.14
CA SER D 43 34.30 -4.19 10.88
C SER D 43 33.98 -2.96 10.05
N THR D 44 34.38 -3.01 8.77
CA THR D 44 34.15 -1.88 7.86
C THR D 44 33.70 -2.41 6.50
N PRO D 45 33.34 -1.50 5.57
CA PRO D 45 32.91 -1.95 4.24
C PRO D 45 34.06 -2.67 3.52
N ALA D 46 35.29 -2.46 3.96
CA ALA D 46 36.45 -3.08 3.32
C ALA D 46 37.00 -4.30 4.04
N SER D 47 36.34 -4.73 5.12
CA SER D 47 36.78 -5.89 5.89
C SER D 47 36.62 -7.18 5.10
N LYS D 48 35.96 -7.10 3.96
CA LYS D 48 35.73 -8.25 3.09
C LYS D 48 37.06 -8.80 2.59
N TRP D 49 38.06 -7.94 2.49
CA TRP D 49 39.37 -8.31 1.98
C TRP D 49 40.44 -8.33 3.06
N GLU D 50 41.13 -9.47 3.15
CA GLU D 50 42.17 -9.67 4.16
C GLU D 50 43.20 -8.56 4.32
N GLN D 51 43.67 -8.00 3.22
CA GLN D 51 44.69 -6.93 3.28
C GLN D 51 44.19 -5.63 3.91
N TYR D 52 42.88 -5.45 3.96
CA TYR D 52 42.30 -4.22 4.50
C TYR D 52 41.48 -4.46 5.75
N LYS D 53 41.69 -5.62 6.37
CA LYS D 53 40.95 -6.05 7.56
C LYS D 53 41.50 -5.56 8.90
N LYS D 54 42.82 -5.59 9.07
CA LYS D 54 43.44 -5.21 10.33
C LYS D 54 43.63 -3.71 10.60
N SER D 55 43.71 -2.91 9.56
CA SER D 55 43.92 -1.48 9.71
C SER D 55 42.92 -0.69 8.89
N ARG D 56 42.40 0.39 9.46
CA ARG D 56 41.44 1.23 8.76
C ARG D 56 42.18 2.15 7.79
N THR D 57 43.45 2.45 8.08
CA THR D 57 44.24 3.30 7.21
C THR D 57 44.67 2.52 5.97
N SER D 58 44.73 1.20 6.10
CA SER D 58 45.13 0.35 4.97
C SER D 58 44.29 0.63 3.74
N TRP D 59 42.98 0.79 3.91
CA TRP D 59 42.12 1.07 2.78
C TRP D 59 41.89 2.57 2.52
N GLY D 60 42.50 3.41 3.35
CA GLY D 60 42.41 4.85 3.16
C GLY D 60 41.46 5.72 3.98
N ILE D 61 41.08 5.28 5.18
CA ILE D 61 40.16 6.07 5.99
C ILE D 61 40.75 7.45 6.34
N ASN D 62 42.07 7.56 6.30
CA ASN D 62 42.77 8.81 6.63
C ASN D 62 43.31 9.53 5.41
N VAL D 63 42.93 9.06 4.21
CA VAL D 63 43.42 9.63 2.97
C VAL D 63 43.22 11.13 2.73
N LEU D 64 42.10 11.69 3.18
CA LEU D 64 41.82 13.11 2.94
C LEU D 64 42.57 14.11 3.81
N GLY D 65 42.65 13.85 5.11
CA GLY D 65 43.31 14.78 6.00
C GLY D 65 42.37 15.89 6.40
N SER D 66 42.86 16.84 7.19
CA SER D 66 42.04 17.96 7.66
C SER D 66 42.38 19.27 6.96
N PHE D 67 41.42 20.18 6.95
CA PHE D 67 41.64 21.50 6.37
C PHE D 67 40.93 22.55 7.23
N LEU D 68 41.33 23.80 7.06
CA LEU D 68 40.76 24.90 7.82
C LEU D 68 40.35 26.03 6.89
N VAL D 69 39.20 26.62 7.14
CA VAL D 69 38.72 27.73 6.33
C VAL D 69 38.54 28.97 7.19
N GLU D 70 39.05 30.10 6.70
CA GLU D 70 38.90 31.37 7.40
C GLU D 70 38.10 32.30 6.49
N ILE D 71 37.12 32.98 7.07
CA ILE D 71 36.32 33.92 6.32
C ILE D 71 36.47 35.25 7.05
N GLU D 72 37.08 36.22 6.39
CA GLU D 72 37.31 37.53 6.99
C GLU D 72 36.29 38.54 6.50
N ALA D 73 35.73 39.31 7.42
CA ALA D 73 34.74 40.33 7.09
C ALA D 73 35.44 41.68 6.92
N THR D 74 34.74 42.65 6.33
CA THR D 74 35.32 43.97 6.10
C THR D 74 35.71 44.72 7.36
N ASP D 75 35.30 44.24 8.53
CA ASP D 75 35.65 44.91 9.78
C ASP D 75 36.85 44.24 10.44
N GLY D 76 37.42 43.25 9.77
CA GLY D 76 38.58 42.56 10.31
C GLY D 76 38.23 41.32 11.12
N THR D 77 36.95 41.13 11.41
CA THR D 77 36.53 39.95 12.17
C THR D 77 36.74 38.72 11.31
N VAL D 78 37.28 37.66 11.90
CA VAL D 78 37.53 36.43 11.17
C VAL D 78 36.83 35.21 11.78
N GLY D 79 36.02 34.53 10.98
CA GLY D 79 35.35 33.34 11.45
C GLY D 79 36.05 32.18 10.78
N PHE D 80 36.07 31.03 11.43
CA PHE D 80 36.73 29.86 10.85
C PHE D 80 36.14 28.55 11.36
N ALA D 81 36.50 27.48 10.68
CA ALA D 81 36.03 26.15 11.04
C ALA D 81 36.96 25.13 10.42
N THR D 82 36.98 23.93 10.99
CA THR D 82 37.82 22.87 10.47
C THR D 82 36.95 21.67 10.11
N GLY D 83 37.48 20.80 9.27
CA GLY D 83 36.76 19.61 8.86
C GLY D 83 37.69 18.71 8.09
N PHE D 84 37.18 17.61 7.55
CA PHE D 84 38.04 16.72 6.78
C PHE D 84 37.81 17.00 5.30
N GLY D 85 38.83 16.76 4.49
CA GLY D 85 38.72 17.02 3.07
C GLY D 85 40.08 17.34 2.49
N GLY D 86 40.97 17.84 3.35
CA GLY D 86 42.32 18.16 2.94
C GLY D 86 42.48 18.98 1.67
N PRO D 87 43.52 18.68 0.86
CA PRO D 87 43.81 19.37 -0.39
C PRO D 87 42.66 19.50 -1.40
N PRO D 88 41.98 18.38 -1.72
CA PRO D 88 40.89 18.52 -2.69
C PRO D 88 39.77 19.44 -2.18
N ALA D 89 39.58 19.46 -0.87
CA ALA D 89 38.55 20.31 -0.28
C ALA D 89 38.96 21.77 -0.48
N CYS D 90 40.22 22.08 -0.17
CA CYS D 90 40.74 23.44 -0.33
C CYS D 90 40.66 23.89 -1.79
N TRP D 91 40.93 22.95 -2.70
CA TRP D 91 40.89 23.27 -4.12
C TRP D 91 39.49 23.75 -4.50
N LEU D 92 38.47 23.03 -4.07
CA LEU D 92 37.08 23.39 -4.37
C LEU D 92 36.65 24.69 -3.72
N VAL D 93 37.14 24.94 -2.50
CA VAL D 93 36.79 26.17 -1.80
C VAL D 93 37.04 27.40 -2.66
N HIS D 94 38.23 27.48 -3.23
CA HIS D 94 38.62 28.63 -4.05
C HIS D 94 38.18 28.57 -5.50
N GLN D 95 38.32 27.41 -6.13
CA GLN D 95 37.94 27.28 -7.53
C GLN D 95 36.44 27.40 -7.77
N HIS D 96 35.64 26.88 -6.84
CA HIS D 96 34.20 26.93 -7.03
C HIS D 96 33.40 27.84 -6.11
N PHE D 97 33.48 27.60 -4.81
CA PHE D 97 32.67 28.33 -3.86
C PHE D 97 33.00 29.77 -3.48
N GLU D 98 34.26 30.19 -3.65
CA GLU D 98 34.64 31.55 -3.30
C GLU D 98 33.80 32.61 -4.02
N ARG D 99 33.42 32.33 -5.26
CA ARG D 99 32.64 33.26 -6.06
C ARG D 99 31.30 33.67 -5.43
N PHE D 100 30.72 32.80 -4.63
CA PHE D 100 29.43 33.10 -3.99
C PHE D 100 29.59 33.88 -2.70
N LEU D 101 30.78 33.82 -2.12
CA LEU D 101 31.04 34.45 -0.83
C LEU D 101 31.56 35.88 -0.79
N ILE D 102 32.55 36.19 -1.62
CA ILE D 102 33.13 37.53 -1.62
C ILE D 102 32.10 38.64 -1.85
N GLY D 103 32.02 39.56 -0.89
CA GLY D 103 31.09 40.67 -1.00
C GLY D 103 29.70 40.39 -0.46
N ALA D 104 29.45 39.14 -0.08
CA ALA D 104 28.14 38.77 0.44
C ALA D 104 27.96 39.12 1.92
N ASP D 105 26.71 39.31 2.33
CA ASP D 105 26.37 39.58 3.72
C ASP D 105 26.39 38.20 4.36
N PRO D 106 27.25 37.99 5.37
CA PRO D 106 27.33 36.68 6.01
C PRO D 106 26.05 36.21 6.71
N ARG D 107 25.12 37.13 6.93
CA ARG D 107 23.86 36.76 7.57
C ARG D 107 22.94 36.04 6.59
N ASN D 108 23.30 36.06 5.30
CA ASN D 108 22.50 35.39 4.27
C ASN D 108 22.89 33.91 4.18
N THR D 109 22.82 33.22 5.31
CA THR D 109 23.18 31.81 5.37
C THR D 109 22.30 30.91 4.49
N ASN D 110 21.01 31.20 4.43
CA ASN D 110 20.13 30.37 3.61
C ASN D 110 20.45 30.50 2.13
N LEU D 111 20.65 31.74 1.68
CA LEU D 111 20.98 32.01 0.29
C LEU D 111 22.31 31.37 -0.10
N LEU D 112 23.34 31.62 0.69
CA LEU D 112 24.66 31.09 0.39
C LEU D 112 24.69 29.57 0.35
N PHE D 113 23.98 28.91 1.27
CA PHE D 113 23.96 27.45 1.24
C PHE D 113 23.27 26.97 -0.03
N GLU D 114 22.09 27.50 -0.32
CA GLU D 114 21.35 27.09 -1.52
C GLU D 114 22.19 27.29 -2.78
N GLN D 115 22.92 28.39 -2.86
CA GLN D 115 23.73 28.64 -4.04
C GLN D 115 24.88 27.64 -4.18
N MSE D 116 25.60 27.40 -3.08
CA MSE D 116 26.71 26.46 -3.13
C MSE D 116 26.22 25.04 -3.42
O MSE D 116 26.83 24.31 -4.22
CB MSE D 116 27.49 26.47 -1.83
CG MSE D 116 28.20 27.79 -1.53
SE MSE D 116 29.43 27.65 -0.02
CE MSE D 116 28.17 27.99 1.42
N TYR D 117 25.14 24.63 -2.78
CA TYR D 117 24.60 23.29 -2.97
C TYR D 117 24.07 23.07 -4.39
N ARG D 118 23.20 23.97 -4.85
CA ARG D 118 22.62 23.79 -6.19
C ARG D 118 23.65 23.99 -7.32
N ALA D 119 24.65 24.83 -7.09
CA ALA D 119 25.67 25.07 -8.11
C ALA D 119 26.67 23.90 -8.23
N SER D 120 26.75 23.07 -7.20
CA SER D 120 27.67 21.93 -7.23
C SER D 120 26.91 20.61 -7.37
N MSE D 121 25.61 20.73 -7.59
CA MSE D 121 24.75 19.56 -7.75
C MSE D 121 25.26 18.60 -8.83
O MSE D 121 25.18 17.38 -8.66
CB MSE D 121 23.34 20.05 -8.07
CG MSE D 121 22.31 18.98 -8.38
SE MSE D 121 20.56 19.84 -8.41
CE MSE D 121 20.34 19.90 -6.50
N PHE D 122 25.81 19.15 -9.91
CA PHE D 122 26.29 18.30 -11.01
C PHE D 122 27.42 17.34 -10.65
N TYR D 123 28.14 17.61 -9.55
CA TYR D 123 29.21 16.71 -9.12
C TYR D 123 29.14 16.47 -7.61
N GLY D 124 28.07 16.96 -6.97
CA GLY D 124 27.95 16.82 -5.54
C GLY D 124 26.74 16.07 -4.98
N ARG D 125 25.91 16.80 -4.22
CA ARG D 125 24.71 16.28 -3.56
C ARG D 125 25.08 15.48 -2.32
N LYS D 126 26.18 14.75 -2.40
CA LYS D 126 26.64 13.96 -1.27
C LYS D 126 28.16 13.87 -1.29
N GLY D 127 28.74 13.42 -0.17
CA GLY D 127 30.18 13.25 -0.11
C GLY D 127 31.05 14.49 0.02
N LEU D 128 32.30 14.34 -0.40
CA LEU D 128 33.29 15.41 -0.31
C LEU D 128 32.85 16.84 -0.59
N PRO D 129 32.19 17.09 -1.74
CA PRO D 129 31.75 18.46 -2.04
C PRO D 129 30.88 19.06 -0.95
N ILE D 130 30.03 18.24 -0.35
CA ILE D 130 29.14 18.71 0.70
C ILE D 130 29.92 18.97 1.99
N ALA D 131 31.00 18.23 2.20
CA ALA D 131 31.83 18.43 3.38
C ALA D 131 32.49 19.81 3.25
N VAL D 132 32.84 20.19 2.03
CA VAL D 132 33.47 21.50 1.81
C VAL D 132 32.47 22.59 2.17
N ILE D 133 31.25 22.47 1.64
CA ILE D 133 30.20 23.44 1.91
C ILE D 133 29.94 23.54 3.42
N SER D 134 29.94 22.38 4.09
CA SER D 134 29.70 22.33 5.52
C SER D 134 30.68 23.18 6.31
N VAL D 135 31.97 23.04 6.01
CA VAL D 135 32.99 23.79 6.72
C VAL D 135 32.89 25.29 6.42
N ILE D 136 32.56 25.64 5.18
CA ILE D 136 32.41 27.05 4.82
C ILE D 136 31.23 27.61 5.64
N ASP D 137 30.14 26.86 5.69
CA ASP D 137 28.95 27.28 6.43
C ASP D 137 29.25 27.46 7.93
N LEU D 138 30.01 26.52 8.48
CA LEU D 138 30.37 26.60 9.90
C LEU D 138 31.23 27.84 10.17
N ALA D 139 32.11 28.17 9.22
CA ALA D 139 32.96 29.34 9.37
C ALA D 139 32.10 30.60 9.31
N LEU D 140 31.05 30.57 8.51
CA LEU D 140 30.14 31.72 8.41
C LEU D 140 29.45 31.94 9.75
N TRP D 141 29.01 30.86 10.38
CA TRP D 141 28.34 30.95 11.68
C TRP D 141 29.30 31.43 12.77
N ASP D 142 30.55 30.99 12.68
CA ASP D 142 31.56 31.40 13.66
C ASP D 142 31.72 32.91 13.53
N LEU D 143 31.76 33.38 12.28
CA LEU D 143 31.89 34.80 11.98
C LEU D 143 30.72 35.60 12.53
N LEU D 144 29.50 35.10 12.31
CA LEU D 144 28.30 35.78 12.79
C LEU D 144 28.33 35.92 14.31
N GLY D 145 28.70 34.84 14.99
CA GLY D 145 28.78 34.89 16.44
C GLY D 145 29.80 35.91 16.91
N LYS D 146 30.96 35.92 16.26
CA LYS D 146 32.01 36.85 16.62
C LYS D 146 31.66 38.31 16.35
N VAL D 147 30.95 38.58 15.26
CA VAL D 147 30.56 39.95 14.98
C VAL D 147 29.54 40.42 16.02
N ARG D 148 28.63 39.53 16.42
CA ARG D 148 27.63 39.90 17.40
C ARG D 148 28.09 39.70 18.83
N ASN D 149 29.28 39.12 18.99
CA ASN D 149 29.83 38.83 20.32
C ASN D 149 28.89 37.90 21.08
N GLU D 150 28.35 36.91 20.39
CA GLU D 150 27.45 35.93 20.99
C GLU D 150 27.84 34.53 20.59
N PRO D 151 27.51 33.52 21.42
CA PRO D 151 27.85 32.13 21.12
C PRO D 151 26.86 31.69 20.02
N VAL D 152 27.27 30.79 19.15
CA VAL D 152 26.37 30.34 18.09
C VAL D 152 25.03 29.83 18.62
N TYR D 153 25.04 29.05 19.70
CA TYR D 153 23.79 28.51 20.23
C TYR D 153 22.74 29.57 20.58
N ARG D 154 23.17 30.78 20.91
CA ARG D 154 22.24 31.86 21.24
C ARG D 154 21.65 32.51 19.98
N LEU D 155 22.18 32.13 18.82
CA LEU D 155 21.72 32.66 17.54
C LEU D 155 20.77 31.71 16.81
N ILE D 156 20.71 30.47 17.26
CA ILE D 156 19.88 29.48 16.59
C ILE D 156 18.77 28.84 17.41
N GLY D 157 18.24 29.58 18.39
CA GLY D 157 17.17 29.03 19.20
C GLY D 157 17.38 29.10 20.69
N GLY D 158 18.61 29.45 21.09
CA GLY D 158 18.91 29.55 22.51
C GLY D 158 19.23 28.21 23.14
N ALA D 159 18.98 28.10 24.43
CA ALA D 159 19.26 26.85 25.13
C ALA D 159 17.97 26.15 25.53
N THR D 160 17.77 24.93 25.02
CA THR D 160 16.59 24.16 25.37
C THR D 160 16.91 23.33 26.61
N LYS D 161 18.16 23.38 27.03
CA LYS D 161 18.63 22.68 28.21
C LYS D 161 19.89 23.38 28.71
N GLU D 162 20.15 23.34 30.01
CA GLU D 162 21.33 24.00 30.56
C GLU D 162 22.51 23.05 30.67
N ARG D 163 22.25 21.75 30.54
CA ARG D 163 23.30 20.75 30.62
C ARG D 163 23.19 19.77 29.46
N LEU D 164 24.33 19.47 28.84
CA LEU D 164 24.37 18.54 27.72
C LEU D 164 25.09 17.27 28.18
N ASP D 165 24.35 16.17 28.20
CA ASP D 165 24.91 14.89 28.62
C ASP D 165 25.50 14.13 27.44
N PHE D 166 26.64 13.48 27.66
CA PHE D 166 27.33 12.74 26.61
C PHE D 166 27.42 11.25 26.88
N TYR D 167 27.53 10.47 25.81
CA TYR D 167 27.76 9.05 25.92
C TYR D 167 29.13 8.96 25.27
N CYS D 168 29.89 7.92 25.58
CA CYS D 168 31.23 7.80 25.04
C CYS D 168 31.43 6.66 24.06
N THR D 169 32.02 6.98 22.91
CA THR D 169 32.28 5.97 21.89
C THR D 169 33.75 5.55 21.98
N GLY D 170 33.98 4.26 22.21
CA GLY D 170 35.34 3.78 22.32
C GLY D 170 35.40 2.32 22.75
N PRO D 171 36.60 1.73 22.80
CA PRO D 171 36.79 0.33 23.18
C PRO D 171 36.67 0.01 24.67
N GLU D 172 36.61 1.04 25.52
CA GLU D 172 36.53 0.81 26.96
C GLU D 172 35.31 1.44 27.62
N PRO D 173 34.16 0.76 27.55
CA PRO D 173 32.95 1.31 28.17
C PRO D 173 33.03 1.44 29.70
N THR D 174 33.91 0.68 30.34
CA THR D 174 34.04 0.79 31.79
C THR D 174 34.68 2.15 32.10
N ALA D 175 35.53 2.62 31.19
CA ALA D 175 36.19 3.91 31.36
C ALA D 175 35.15 5.01 31.18
N ALA D 176 34.27 4.83 30.20
CA ALA D 176 33.20 5.80 29.93
C ALA D 176 32.32 5.91 31.17
N LYS D 177 32.02 4.75 31.75
CA LYS D 177 31.18 4.68 32.93
C LYS D 177 31.84 5.40 34.11
N ALA D 178 33.13 5.12 34.31
CA ALA D 178 33.86 5.74 35.41
C ALA D 178 34.02 7.26 35.25
N MSE D 179 34.07 7.74 34.00
CA MSE D 179 34.23 9.16 33.76
C MSE D 179 32.95 9.98 33.84
O MSE D 179 32.98 11.21 33.75
CB MSE D 179 34.91 9.39 32.41
CG MSE D 179 36.34 8.90 32.37
SE MSE D 179 37.25 9.41 30.75
CE MSE D 179 36.75 7.92 29.62
N GLY D 180 31.81 9.31 34.00
CA GLY D 180 30.56 10.04 34.10
C GLY D 180 29.66 10.05 32.88
N PHE D 181 30.11 9.41 31.79
CA PHE D 181 29.29 9.35 30.58
C PHE D 181 28.11 8.45 30.89
N TRP D 182 26.93 8.78 30.38
CA TRP D 182 25.76 7.98 30.67
C TRP D 182 25.71 6.64 29.94
N GLY D 183 26.54 6.49 28.92
CA GLY D 183 26.55 5.24 28.17
C GLY D 183 27.81 5.09 27.35
N GLY D 184 28.02 3.88 26.84
CA GLY D 184 29.20 3.62 26.03
C GLY D 184 28.87 2.87 24.76
N LYS D 185 29.41 3.34 23.65
CA LYS D 185 29.19 2.71 22.36
C LYS D 185 30.50 2.08 21.91
N VAL D 186 30.46 0.79 21.59
CA VAL D 186 31.65 0.06 21.17
C VAL D 186 31.59 -0.31 19.68
N PRO D 187 32.76 -0.42 19.04
CA PRO D 187 32.81 -0.78 17.62
C PRO D 187 32.75 -2.29 17.41
N LEU D 188 31.87 -2.73 16.51
CA LEU D 188 31.72 -4.16 16.20
C LEU D 188 33.02 -4.56 15.50
N PRO D 189 33.69 -5.62 15.99
CA PRO D 189 34.96 -6.11 15.41
C PRO D 189 34.98 -6.91 14.11
N PHE D 190 33.96 -7.72 13.84
CA PHE D 190 33.97 -8.55 12.63
C PHE D 190 32.80 -8.36 11.66
N CYS D 191 33.09 -8.48 10.37
CA CYS D 191 32.08 -8.31 9.33
C CYS D 191 31.44 -9.64 8.91
N PRO D 192 30.31 -9.57 8.16
CA PRO D 192 29.60 -10.76 7.70
C PRO D 192 30.47 -11.79 6.98
N ASP D 193 31.46 -11.32 6.23
CA ASP D 193 32.33 -12.23 5.49
C ASP D 193 33.13 -13.19 6.37
N ASP D 194 33.16 -12.94 7.67
CA ASP D 194 33.87 -13.82 8.59
C ASP D 194 32.92 -14.94 9.01
N GLY D 195 31.75 -14.95 8.38
CA GLY D 195 30.76 -15.99 8.63
C GLY D 195 30.33 -16.22 10.06
N HIS D 196 29.88 -17.45 10.32
CA HIS D 196 29.40 -17.85 11.63
C HIS D 196 30.45 -17.72 12.73
N GLU D 197 31.71 -17.95 12.39
CA GLU D 197 32.77 -17.82 13.37
C GLU D 197 32.86 -16.36 13.79
N GLY D 198 32.79 -15.46 12.81
CA GLY D 198 32.85 -14.04 13.11
C GLY D 198 31.66 -13.61 13.94
N LEU D 199 30.50 -14.21 13.67
CA LEU D 199 29.28 -13.89 14.40
C LEU D 199 29.43 -14.27 15.87
N ARG D 200 29.97 -15.46 16.14
CA ARG D 200 30.16 -15.91 17.51
C ARG D 200 31.15 -15.01 18.23
N LYS D 201 32.19 -14.58 17.53
CA LYS D 201 33.20 -13.71 18.13
C LYS D 201 32.60 -12.34 18.41
N ASN D 202 31.70 -11.89 17.54
CA ASN D 202 31.05 -10.60 17.76
C ASN D 202 30.17 -10.69 19.00
N VAL D 203 29.44 -11.78 19.14
CA VAL D 203 28.56 -11.96 20.29
C VAL D 203 29.38 -12.00 21.58
N GLU D 204 30.47 -12.76 21.59
CA GLU D 204 31.32 -12.88 22.77
C GLU D 204 31.92 -11.51 23.12
N PHE D 205 32.31 -10.76 22.09
CA PHE D 205 32.89 -9.43 22.28
C PHE D 205 31.89 -8.57 23.07
N LEU D 206 30.66 -8.52 22.59
CA LEU D 206 29.63 -7.73 23.25
C LEU D 206 29.25 -8.28 24.62
N ARG D 207 29.19 -9.60 24.74
CA ARG D 207 28.84 -10.20 26.02
C ARG D 207 29.83 -9.80 27.10
N LYS D 208 31.12 -9.77 26.74
CA LYS D 208 32.20 -9.40 27.66
C LYS D 208 32.06 -7.96 28.13
N HIS D 209 31.65 -7.07 27.23
CA HIS D 209 31.47 -5.67 27.60
C HIS D 209 30.29 -5.51 28.53
N ARG D 210 29.20 -6.22 28.23
CA ARG D 210 28.01 -6.16 29.08
C ARG D 210 28.39 -6.64 30.47
N GLU D 211 29.20 -7.70 30.53
CA GLU D 211 29.65 -8.24 31.80
C GLU D 211 30.42 -7.24 32.63
N ALA D 212 31.33 -6.53 31.98
CA ALA D 212 32.18 -5.54 32.63
C ALA D 212 31.48 -4.32 33.20
N VAL D 213 30.50 -3.79 32.49
CA VAL D 213 29.79 -2.60 32.95
C VAL D 213 28.58 -2.87 33.83
N GLY D 214 28.13 -4.12 33.85
CA GLY D 214 26.97 -4.44 34.66
C GLY D 214 25.72 -4.46 33.79
N PRO D 215 24.60 -4.93 34.32
CA PRO D 215 23.33 -5.00 33.59
C PRO D 215 22.61 -3.69 33.28
N ASP D 216 22.93 -2.63 34.01
CA ASP D 216 22.24 -1.37 33.81
C ASP D 216 22.88 -0.33 32.90
N PHE D 217 24.20 -0.28 32.86
CA PHE D 217 24.89 0.70 32.02
C PHE D 217 24.56 0.52 30.54
N PRO D 218 24.01 1.56 29.90
CA PRO D 218 23.67 1.47 28.49
C PRO D 218 24.88 1.18 27.60
N ILE D 219 24.71 0.22 26.68
CA ILE D 219 25.77 -0.15 25.76
C ILE D 219 25.21 -0.07 24.35
N MSE D 220 25.88 0.67 23.48
CA MSE D 220 25.46 0.81 22.09
C MSE D 220 26.52 0.16 21.21
O MSE D 220 27.68 0.07 21.61
CB MSE D 220 25.31 2.29 21.72
CG MSE D 220 24.15 3.00 22.42
SE MSE D 220 24.43 3.37 24.32
CE MSE D 220 25.13 5.17 24.16
N VAL D 221 26.12 -0.30 20.02
CA VAL D 221 27.07 -0.95 19.11
C VAL D 221 27.16 -0.24 17.77
N ASP D 222 28.37 0.16 17.40
CA ASP D 222 28.60 0.85 16.13
C ASP D 222 29.10 -0.16 15.10
N CYS D 223 28.42 -0.25 13.96
CA CYS D 223 28.77 -1.19 12.91
C CYS D 223 29.43 -0.59 11.67
N TYR D 224 29.69 0.71 11.71
CA TYR D 224 30.34 1.43 10.61
C TYR D 224 29.97 0.94 9.20
N MSE D 225 28.67 1.02 8.87
CA MSE D 225 28.12 0.63 7.56
C MSE D 225 28.68 -0.66 6.97
O MSE D 225 28.74 -0.80 5.75
CB MSE D 225 28.30 1.77 6.55
CG MSE D 225 29.46 2.73 6.79
SE MSE D 225 29.78 4.05 5.35
CE MSE D 225 31.71 4.16 5.49
N SER D 226 29.01 -1.62 7.82
CA SER D 226 29.62 -2.86 7.36
C SER D 226 28.79 -4.14 7.25
N LEU D 227 27.55 -4.12 7.73
CA LEU D 227 26.76 -5.34 7.67
C LEU D 227 25.75 -5.37 6.52
N ASN D 228 24.80 -6.30 6.61
CA ASN D 228 23.75 -6.43 5.61
C ASN D 228 22.48 -6.80 6.38
N VAL D 229 21.34 -6.79 5.70
CA VAL D 229 20.08 -7.10 6.38
C VAL D 229 20.04 -8.43 7.10
N SER D 230 20.31 -9.52 6.38
CA SER D 230 20.28 -10.86 7.00
C SER D 230 21.23 -11.02 8.19
N TYR D 231 22.46 -10.56 8.03
CA TYR D 231 23.45 -10.70 9.10
C TYR D 231 23.03 -9.86 10.31
N THR D 232 22.55 -8.65 10.06
CA THR D 232 22.13 -7.79 11.16
C THR D 232 21.03 -8.49 11.95
N ILE D 233 20.03 -9.01 11.24
CA ILE D 233 18.94 -9.72 11.88
C ILE D 233 19.42 -10.90 12.74
N GLU D 234 20.39 -11.65 12.22
CA GLU D 234 20.90 -12.80 12.98
C GLU D 234 21.75 -12.38 14.18
N LEU D 235 22.55 -11.35 14.01
CA LEU D 235 23.40 -10.86 15.09
C LEU D 235 22.57 -10.27 16.22
N VAL D 236 21.60 -9.44 15.86
CA VAL D 236 20.73 -8.82 16.86
C VAL D 236 19.98 -9.89 17.65
N LYS D 237 19.52 -10.92 16.95
CA LYS D 237 18.81 -12.02 17.59
C LYS D 237 19.74 -12.73 18.58
N ALA D 238 20.96 -12.99 18.16
CA ALA D 238 21.94 -13.68 19.00
C ALA D 238 22.34 -12.87 20.23
N CYS D 239 22.11 -11.55 20.20
CA CYS D 239 22.48 -10.67 21.31
C CYS D 239 21.31 -10.14 22.12
N LEU D 240 20.12 -10.66 21.91
CA LEU D 240 18.95 -10.15 22.62
C LEU D 240 19.07 -10.07 24.13
N ASP D 241 19.68 -11.07 24.76
CA ASP D 241 19.80 -11.05 26.22
C ASP D 241 20.89 -10.09 26.73
N LEU D 242 21.60 -9.43 25.83
CA LEU D 242 22.63 -8.48 26.24
C LEU D 242 22.05 -7.08 26.43
N ASN D 243 20.78 -6.93 26.07
CA ASN D 243 20.09 -5.65 26.21
C ASN D 243 20.85 -4.47 25.62
N ILE D 244 21.23 -4.60 24.35
CA ILE D 244 21.92 -3.54 23.64
C ILE D 244 20.94 -2.38 23.49
N ASN D 245 21.40 -1.17 23.80
CA ASN D 245 20.56 0.03 23.72
C ASN D 245 20.17 0.33 22.27
N TRP D 246 21.16 0.37 21.38
CA TRP D 246 20.87 0.58 19.96
C TRP D 246 22.02 0.08 19.09
N TRP D 247 21.69 -0.24 17.84
CA TRP D 247 22.65 -0.72 16.85
C TRP D 247 22.78 0.39 15.81
N GLU D 248 24.01 0.90 15.68
CA GLU D 248 24.30 2.02 14.80
C GLU D 248 24.94 1.71 13.45
N GLU D 249 24.39 2.35 12.42
CA GLU D 249 24.84 2.21 11.04
C GLU D 249 25.15 0.77 10.63
N CYS D 250 24.18 -0.11 10.80
CA CYS D 250 24.35 -1.52 10.45
C CYS D 250 24.49 -1.72 8.94
N LEU D 251 23.79 -0.90 8.17
CA LEU D 251 23.82 -1.03 6.73
C LEU D 251 24.60 0.05 6.00
N SER D 252 24.87 -0.21 4.72
CA SER D 252 25.55 0.76 3.89
C SER D 252 24.59 1.93 3.77
N PRO D 253 25.11 3.16 3.67
CA PRO D 253 24.23 4.32 3.53
C PRO D 253 23.41 4.23 2.25
N ASP D 254 23.79 3.32 1.35
CA ASP D 254 23.08 3.13 0.10
C ASP D 254 21.83 2.27 0.26
N ASP D 255 21.67 1.65 1.43
CA ASP D 255 20.51 0.77 1.63
C ASP D 255 19.69 1.07 2.89
N THR D 256 19.34 2.33 3.08
CA THR D 256 18.53 2.70 4.22
C THR D 256 17.15 2.04 4.10
N ASP D 257 16.75 1.69 2.88
CA ASP D 257 15.47 1.02 2.68
C ASP D 257 15.47 -0.30 3.43
N GLY D 258 16.66 -0.85 3.65
CA GLY D 258 16.77 -2.12 4.35
C GLY D 258 16.31 -2.13 5.79
N PHE D 259 16.22 -0.96 6.40
CA PHE D 259 15.77 -0.88 7.79
C PHE D 259 14.32 -1.28 7.98
N ALA D 260 13.54 -1.23 6.91
CA ALA D 260 12.14 -1.64 6.99
C ALA D 260 12.10 -3.15 7.22
N LEU D 261 13.08 -3.85 6.63
CA LEU D 261 13.19 -5.30 6.78
C LEU D 261 13.74 -5.65 8.15
N ILE D 262 14.69 -4.85 8.63
CA ILE D 262 15.26 -5.08 9.94
C ILE D 262 14.21 -4.85 11.03
N LYS D 263 13.41 -3.81 10.87
CA LYS D 263 12.36 -3.50 11.85
C LYS D 263 11.27 -4.57 11.85
N ARG D 264 11.04 -5.20 10.70
CA ARG D 264 10.03 -6.26 10.61
C ARG D 264 10.47 -7.40 11.53
N ALA D 265 11.77 -7.68 11.53
CA ALA D 265 12.32 -8.77 12.35
C ALA D 265 12.50 -8.38 13.81
N HIS D 266 13.00 -7.18 14.07
CA HIS D 266 13.24 -6.70 15.44
C HIS D 266 12.58 -5.35 15.70
N PRO D 267 11.24 -5.32 15.75
CA PRO D 267 10.50 -4.08 16.00
C PRO D 267 10.70 -3.46 17.38
N THR D 268 11.19 -4.24 18.33
CA THR D 268 11.42 -3.73 19.68
C THR D 268 12.87 -3.34 19.93
N VAL D 269 13.69 -3.37 18.88
CA VAL D 269 15.10 -3.03 19.01
C VAL D 269 15.37 -1.69 18.28
N LYS D 270 16.21 -0.85 18.90
CA LYS D 270 16.53 0.46 18.33
C LYS D 270 17.66 0.43 17.31
N PHE D 271 17.49 1.17 16.22
CA PHE D 271 18.48 1.25 15.17
C PHE D 271 18.71 2.71 14.79
N THR D 272 19.96 3.05 14.49
CA THR D 272 20.32 4.42 14.13
C THR D 272 21.24 4.45 12.93
N THR D 273 21.37 5.62 12.31
CA THR D 273 22.26 5.79 11.16
C THR D 273 22.22 7.24 10.73
N GLY D 274 23.02 7.58 9.72
CA GLY D 274 23.02 8.95 9.22
C GLY D 274 24.33 9.71 9.15
N GLU D 275 25.39 9.24 9.79
CA GLU D 275 26.63 10.00 9.75
C GLU D 275 27.21 10.09 8.34
N HIS D 276 26.82 9.17 7.46
CA HIS D 276 27.30 9.20 6.08
C HIS D 276 26.17 9.53 5.11
N GLU D 277 25.22 10.33 5.57
CA GLU D 277 24.10 10.78 4.73
C GLU D 277 24.23 12.30 4.64
N TYR D 278 23.69 12.90 3.58
CA TYR D 278 23.84 14.34 3.37
C TYR D 278 22.59 15.06 2.88
N SER D 279 22.52 16.35 3.17
CA SER D 279 21.43 17.26 2.78
C SER D 279 20.06 16.92 3.35
N ARG D 280 19.17 17.91 3.34
CA ARG D 280 17.83 17.71 3.84
C ARG D 280 17.08 16.66 3.03
N TYR D 281 17.46 16.50 1.76
CA TYR D 281 16.84 15.52 0.89
C TYR D 281 17.30 14.11 1.26
N GLY D 282 18.55 13.99 1.68
CA GLY D 282 19.05 12.69 2.07
C GLY D 282 18.41 12.24 3.36
N PHE D 283 18.31 13.16 4.32
CA PHE D 283 17.74 12.80 5.61
C PHE D 283 16.23 12.61 5.63
N ARG D 284 15.51 13.23 4.69
CA ARG D 284 14.07 13.05 4.68
C ARG D 284 13.75 11.55 4.57
N LYS D 285 14.59 10.83 3.83
CA LYS D 285 14.39 9.39 3.65
C LYS D 285 14.58 8.59 4.94
N LEU D 286 15.46 9.06 5.81
CA LEU D 286 15.71 8.37 7.08
C LEU D 286 14.54 8.55 8.05
N VAL D 287 13.80 9.63 7.89
CA VAL D 287 12.65 9.90 8.74
C VAL D 287 11.40 9.17 8.23
N GLU D 288 11.26 9.11 6.90
CA GLU D 288 10.11 8.44 6.28
C GLU D 288 10.00 6.99 6.75
N GLY D 289 8.80 6.60 7.17
CA GLY D 289 8.60 5.24 7.62
C GLY D 289 8.97 5.05 9.09
N ARG D 290 9.71 6.01 9.63
CA ARG D 290 10.13 5.97 11.02
C ARG D 290 10.70 4.61 11.43
N ASN D 291 11.68 4.13 10.65
CA ASN D 291 12.33 2.86 10.94
C ASN D 291 13.68 3.07 11.62
N LEU D 292 13.99 4.32 11.92
CA LEU D 292 15.23 4.69 12.59
C LEU D 292 14.89 5.50 13.84
N ASP D 293 15.37 5.02 14.98
CA ASP D 293 15.11 5.65 16.27
C ASP D 293 15.87 6.95 16.51
N ILE D 294 16.99 7.11 15.82
CA ILE D 294 17.80 8.31 15.93
C ILE D 294 18.54 8.51 14.62
N ILE D 295 18.66 9.76 14.18
CA ILE D 295 19.41 10.05 12.96
C ILE D 295 20.64 10.80 13.45
N GLN D 296 21.80 10.45 12.90
CA GLN D 296 23.06 11.01 13.35
C GLN D 296 23.96 11.67 12.31
N PRO D 297 23.54 12.84 11.79
CA PRO D 297 24.38 13.51 10.81
C PRO D 297 25.65 14.06 11.45
N ASP D 298 26.68 14.27 10.65
CA ASP D 298 27.91 14.86 11.14
C ASP D 298 27.81 16.30 10.63
N VAL D 299 27.86 17.26 11.54
CA VAL D 299 27.72 18.66 11.17
C VAL D 299 28.75 19.14 10.14
N MSE D 300 29.93 18.55 10.14
CA MSE D 300 30.97 18.94 9.19
C MSE D 300 30.84 18.23 7.84
O MSE D 300 31.63 18.48 6.93
CB MSE D 300 32.36 18.67 9.78
CG MSE D 300 32.71 19.51 10.99
SE MSE D 300 34.39 18.97 11.82
CE MSE D 300 33.71 17.53 12.91
N TRP D 301 29.86 17.34 7.71
CA TRP D 301 29.71 16.58 6.48
C TRP D 301 28.37 16.75 5.73
N LEU D 302 27.26 16.74 6.46
CA LEU D 302 25.93 16.81 5.85
C LEU D 302 25.58 18.06 5.05
N GLY D 303 26.30 19.14 5.29
CA GLY D 303 26.02 20.39 4.59
C GLY D 303 26.26 21.60 5.48
N GLY D 304 26.40 21.36 6.78
CA GLY D 304 26.65 22.45 7.70
C GLY D 304 25.51 22.71 8.68
N LEU D 305 25.70 23.73 9.52
CA LEU D 305 24.69 24.08 10.53
C LEU D 305 23.38 24.53 9.90
N THR D 306 23.47 25.40 8.89
CA THR D 306 22.28 25.89 8.22
C THR D 306 21.37 24.74 7.74
N GLU D 307 21.95 23.74 7.07
CA GLU D 307 21.17 22.61 6.58
C GLU D 307 20.75 21.70 7.73
N LEU D 308 21.62 21.56 8.73
CA LEU D 308 21.32 20.71 9.88
C LEU D 308 20.08 21.23 10.63
N LEU D 309 19.93 22.54 10.72
CA LEU D 309 18.77 23.12 11.40
C LEU D 309 17.49 22.66 10.69
N LYS D 310 17.55 22.57 9.36
CA LYS D 310 16.38 22.14 8.59
C LYS D 310 16.15 20.64 8.76
N VAL D 311 17.23 19.87 8.81
CA VAL D 311 17.10 18.42 9.00
C VAL D 311 16.49 18.12 10.35
N ALA D 312 16.91 18.86 11.39
CA ALA D 312 16.38 18.64 12.73
C ALA D 312 14.90 19.04 12.81
N ALA D 313 14.53 20.09 12.09
CA ALA D 313 13.14 20.55 12.09
C ALA D 313 12.21 19.49 11.50
N LEU D 314 12.64 18.86 10.40
CA LEU D 314 11.83 17.82 9.78
C LEU D 314 11.68 16.64 10.73
N ALA D 315 12.78 16.26 11.38
CA ALA D 315 12.75 15.16 12.33
C ALA D 315 11.87 15.51 13.53
N ALA D 316 11.89 16.77 13.93
CA ALA D 316 11.11 17.23 15.08
C ALA D 316 9.61 17.09 14.85
N ALA D 317 9.18 17.17 13.59
CA ALA D 317 7.76 17.03 13.26
C ALA D 317 7.29 15.59 13.50
N TYR D 318 8.23 14.68 13.65
CA TYR D 318 7.90 13.27 13.86
C TYR D 318 8.51 12.79 15.19
N ASP D 319 9.00 13.75 15.96
CA ASP D 319 9.62 13.49 17.25
C ASP D 319 10.76 12.50 17.16
N VAL D 320 11.52 12.58 16.06
CA VAL D 320 12.67 11.71 15.88
C VAL D 320 13.86 12.53 16.39
N PRO D 321 14.61 11.98 17.35
CA PRO D 321 15.76 12.74 17.87
C PRO D 321 16.94 12.79 16.92
N VAL D 322 17.66 13.89 16.96
CA VAL D 322 18.85 14.06 16.14
C VAL D 322 20.02 14.12 17.11
N VAL D 323 20.95 13.17 16.98
CA VAL D 323 22.13 13.12 17.83
C VAL D 323 23.30 13.02 16.85
N PRO D 324 23.85 14.17 16.46
CA PRO D 324 24.97 14.16 15.52
C PRO D 324 26.19 13.35 15.92
N HIS D 325 26.89 12.88 14.89
CA HIS D 325 28.10 12.08 15.04
C HIS D 325 29.22 13.02 15.49
N ALA D 326 29.53 12.94 16.79
CA ALA D 326 30.56 13.75 17.45
C ALA D 326 31.29 14.74 16.55
N SER D 327 31.01 16.01 16.74
CA SER D 327 31.64 17.06 15.94
C SER D 327 32.13 18.21 16.82
N GLY D 328 32.49 17.89 18.05
CA GLY D 328 32.96 18.91 18.96
C GLY D 328 31.96 20.05 19.10
N PRO D 329 32.44 21.28 19.37
CA PRO D 329 31.59 22.45 19.54
C PRO D 329 30.56 22.67 18.43
N TYR D 330 30.87 22.26 17.21
CA TYR D 330 29.95 22.44 16.11
C TYR D 330 28.64 21.71 16.40
N SER D 331 28.75 20.61 17.12
CA SER D 331 27.57 19.84 17.49
C SER D 331 27.06 20.28 18.86
N TYR D 332 27.96 20.69 19.76
CA TYR D 332 27.53 21.11 21.09
C TYR D 332 26.55 22.26 21.02
N HIS D 333 26.89 23.28 20.24
CA HIS D 333 26.01 24.44 20.10
C HIS D 333 24.66 24.05 19.49
N PHE D 334 24.67 23.03 18.65
CA PHE D 334 23.44 22.59 18.02
C PHE D 334 22.56 21.79 18.99
N GLN D 335 23.14 20.78 19.63
CA GLN D 335 22.41 19.94 20.56
C GLN D 335 21.76 20.66 21.74
N ILE D 336 22.43 21.69 22.23
CA ILE D 336 21.93 22.44 23.37
C ILE D 336 20.77 23.37 23.01
N SER D 337 20.53 23.56 21.71
CA SER D 337 19.50 24.50 21.26
C SER D 337 18.19 24.00 20.68
N GLN D 338 18.12 22.74 20.29
CA GLN D 338 16.91 22.22 19.66
C GLN D 338 15.96 21.45 20.59
N PRO D 339 14.70 21.29 20.18
CA PRO D 339 13.74 20.55 21.00
C PRO D 339 13.88 19.04 20.92
N ASN D 340 14.57 18.55 19.89
CA ASN D 340 14.74 17.11 19.69
C ASN D 340 16.19 16.65 19.56
N THR D 341 17.07 17.23 20.37
CA THR D 341 18.50 16.88 20.38
C THR D 341 18.82 16.60 21.85
N PRO D 342 18.41 15.42 22.34
CA PRO D 342 18.55 14.90 23.71
C PRO D 342 19.93 14.75 24.34
N PHE D 343 20.93 14.38 23.55
CA PHE D 343 22.27 14.20 24.09
C PHE D 343 23.33 14.27 23.02
N GLN D 344 24.58 14.07 23.44
CA GLN D 344 25.71 14.19 22.53
C GLN D 344 26.69 13.03 22.57
N GLU D 345 27.30 12.77 21.42
CA GLU D 345 28.30 11.73 21.35
C GLU D 345 29.68 12.33 21.53
N TYR D 346 30.54 11.62 22.23
CA TYR D 346 31.91 12.07 22.38
C TYR D 346 32.73 10.86 21.94
N LEU D 347 33.47 11.03 20.85
CA LEU D 347 34.31 9.95 20.33
C LEU D 347 35.65 10.01 21.04
N ALA D 348 35.91 9.04 21.90
CA ALA D 348 37.16 8.99 22.64
C ALA D 348 38.32 9.00 21.67
N ASN D 349 39.14 10.05 21.71
CA ASN D 349 40.28 10.09 20.82
C ASN D 349 41.59 9.92 21.55
N SER D 350 41.53 9.20 22.68
CA SER D 350 42.73 8.89 23.43
C SER D 350 43.11 7.55 22.79
N PRO D 351 44.40 7.31 22.57
CA PRO D 351 44.87 6.06 21.96
C PRO D 351 44.18 4.79 22.45
N ASP D 352 44.07 4.63 23.76
CA ASP D 352 43.44 3.45 24.35
C ASP D 352 41.98 3.66 24.72
N GLY D 353 41.45 4.84 24.43
CA GLY D 353 40.05 5.13 24.74
C GLY D 353 39.71 5.16 26.22
N LYS D 354 40.70 5.38 27.08
CA LYS D 354 40.44 5.40 28.51
C LYS D 354 40.41 6.81 29.09
N SER D 355 40.59 7.82 28.23
CA SER D 355 40.58 9.20 28.68
C SER D 355 39.99 10.11 27.60
N VAL D 356 39.59 11.31 27.99
CA VAL D 356 39.01 12.26 27.05
C VAL D 356 40.01 13.34 26.66
N LEU D 357 40.24 13.45 25.35
CA LEU D 357 41.16 14.44 24.81
C LEU D 357 40.41 15.28 23.77
N PRO D 358 40.94 16.47 23.44
CA PRO D 358 40.32 17.36 22.46
C PRO D 358 39.98 16.66 21.15
N VAL D 359 38.75 16.84 20.68
CA VAL D 359 38.33 16.20 19.44
C VAL D 359 39.18 16.65 18.26
N PHE D 360 39.56 17.93 18.25
CA PHE D 360 40.34 18.48 17.15
C PHE D 360 41.84 18.57 17.42
N GLY D 361 42.30 17.83 18.43
CA GLY D 361 43.73 17.84 18.75
C GLY D 361 44.25 19.18 19.22
N ASP D 362 45.50 19.46 18.91
CA ASP D 362 46.14 20.71 19.32
C ASP D 362 45.89 21.87 18.37
N LEU D 363 44.92 21.73 17.47
CA LEU D 363 44.61 22.80 16.54
C LEU D 363 44.12 24.02 17.30
N PHE D 364 43.31 23.78 18.33
CA PHE D 364 42.77 24.86 19.14
C PHE D 364 43.32 24.72 20.56
N ILE D 365 43.24 25.79 21.33
CA ILE D 365 43.77 25.77 22.70
C ILE D 365 42.71 25.70 23.79
N ASP D 366 41.48 26.06 23.45
CA ASP D 366 40.40 26.09 24.44
C ASP D 366 39.16 25.24 24.16
N GLU D 367 39.35 24.08 23.55
CA GLU D 367 38.19 23.24 23.26
C GLU D 367 37.56 22.72 24.55
N PRO D 368 36.27 22.96 24.76
CA PRO D 368 35.61 22.48 25.98
C PRO D 368 35.47 20.95 25.89
N ILE D 369 35.91 20.25 26.92
CA ILE D 369 35.87 18.79 26.94
C ILE D 369 35.06 18.23 28.11
N PRO D 370 34.18 17.26 27.84
CA PRO D 370 33.32 16.62 28.84
C PRO D 370 34.08 15.61 29.69
N THR D 371 35.05 16.10 30.47
CA THR D 371 35.85 15.23 31.32
C THR D 371 35.01 14.51 32.37
N LYS D 372 33.85 15.09 32.71
CA LYS D 372 32.97 14.50 33.71
C LYS D 372 31.70 13.91 33.06
N GLY D 373 31.73 13.77 31.75
CA GLY D 373 30.59 13.21 31.04
C GLY D 373 29.53 14.20 30.59
N TYR D 374 29.75 15.49 30.85
CA TYR D 374 28.78 16.50 30.45
C TYR D 374 29.40 17.89 30.33
N LEU D 375 28.64 18.81 29.76
CA LEU D 375 29.04 20.20 29.60
C LEU D 375 27.80 21.04 29.90
N THR D 376 28.00 22.32 30.18
CA THR D 376 26.87 23.20 30.47
C THR D 376 26.91 24.37 29.48
N THR D 377 25.87 25.19 29.49
CA THR D 377 25.82 26.34 28.59
C THR D 377 26.99 27.29 28.87
N ALA D 378 27.38 27.40 30.14
CA ALA D 378 28.48 28.28 30.51
C ALA D 378 29.76 27.91 29.78
N ASP D 379 29.95 26.61 29.53
CA ASP D 379 31.14 26.14 28.84
C ASP D 379 31.15 26.60 27.38
N LEU D 380 29.97 26.94 26.86
CA LEU D 380 29.84 27.38 25.47
C LEU D 380 29.75 28.89 25.33
N ASP D 381 29.82 29.62 26.43
CA ASP D 381 29.71 31.06 26.38
C ASP D 381 30.94 31.85 25.93
N LYS D 382 31.29 31.66 24.66
CA LYS D 382 32.40 32.35 24.02
C LYS D 382 31.90 32.73 22.62
N PRO D 383 32.48 33.77 22.02
CA PRO D 383 32.05 34.20 20.67
C PRO D 383 32.10 33.10 19.61
N GLY D 384 31.08 33.06 18.74
CA GLY D 384 31.04 32.05 17.70
C GLY D 384 31.00 30.65 18.28
N PHE D 385 31.85 29.76 17.76
CA PHE D 385 31.90 28.40 18.27
C PHE D 385 32.90 28.30 19.41
N GLY D 386 33.42 29.45 19.82
CA GLY D 386 34.36 29.53 20.93
C GLY D 386 35.70 28.84 20.81
N LEU D 387 36.14 28.55 19.59
CA LEU D 387 37.43 27.88 19.40
C LEU D 387 38.50 28.87 18.96
N THR D 388 39.64 28.86 19.66
CA THR D 388 40.75 29.76 19.35
C THR D 388 41.91 28.95 18.78
N ILE D 389 42.35 29.31 17.59
CA ILE D 389 43.45 28.60 16.94
C ILE D 389 44.71 28.70 17.79
N ASN D 390 45.33 27.56 18.05
CA ASN D 390 46.56 27.51 18.83
C ASN D 390 47.69 28.15 18.03
N PRO D 391 48.27 29.25 18.52
CA PRO D 391 49.34 29.89 17.77
C PRO D 391 50.48 28.91 17.45
N ALA D 392 50.67 27.92 18.31
CA ALA D 392 51.71 26.92 18.10
C ALA D 392 51.36 26.04 16.91
N ALA D 393 50.08 26.01 16.53
CA ALA D 393 49.64 25.19 15.40
C ALA D 393 49.67 26.00 14.11
N ARG D 394 49.83 27.31 14.23
CA ARG D 394 49.88 28.18 13.06
C ARG D 394 50.94 27.71 12.06
N ALA D 395 51.98 27.08 12.60
CA ALA D 395 53.08 26.59 11.78
C ALA D 395 52.67 25.36 10.96
N LYS D 396 51.74 24.57 11.48
CA LYS D 396 51.28 23.37 10.78
C LYS D 396 50.22 23.73 9.74
N LEU D 397 49.79 24.99 9.74
CA LEU D 397 48.78 25.42 8.77
C LEU D 397 49.44 25.72 7.44
N ILE D 398 49.25 24.82 6.48
CA ILE D 398 49.82 24.96 5.16
C ILE D 398 48.88 25.65 4.17
N PRO D 399 49.26 26.85 3.69
CA PRO D 399 48.40 27.56 2.74
C PRO D 399 48.11 26.64 1.56
N SER D 400 46.89 26.69 1.03
CA SER D 400 46.52 25.83 -0.09
C SER D 400 46.99 26.35 -1.44
N ASP D 401 47.68 27.48 -1.43
CA ASP D 401 48.20 28.12 -2.63
C ASP D 401 48.89 27.19 -3.63
N TYR D 402 49.72 26.29 -3.13
CA TYR D 402 50.48 25.37 -3.99
C TYR D 402 49.61 24.53 -4.91
N LEU D 403 48.36 24.30 -4.52
CA LEU D 403 47.44 23.50 -5.31
C LEU D 403 47.00 24.19 -6.60
N PHE D 404 47.23 25.49 -6.69
CA PHE D 404 46.83 26.25 -7.87
C PHE D 404 47.99 26.68 -8.77
N LYS D 405 49.20 26.31 -8.38
CA LYS D 405 50.38 26.64 -9.16
C LYS D 405 50.57 25.58 -10.24
N VAL D 406 49.73 25.63 -11.27
CA VAL D 406 49.77 24.67 -12.36
C VAL D 406 50.92 24.91 -13.33
N PRO D 407 51.68 23.86 -13.67
CA PRO D 407 52.82 23.92 -14.59
C PRO D 407 52.46 24.50 -15.94
N GLU D 408 53.43 25.13 -16.59
CA GLU D 408 53.23 25.73 -17.90
C GLU D 408 53.14 24.66 -18.98
N LEU E 2 -29.43 -33.17 -30.91
CA LEU E 2 -29.20 -34.26 -31.90
C LEU E 2 -29.41 -35.64 -31.28
N SER E 3 -29.79 -36.60 -32.11
CA SER E 3 -30.03 -37.97 -31.68
C SER E 3 -28.74 -38.72 -31.40
N SER E 4 -27.62 -38.10 -31.72
CA SER E 4 -26.31 -38.72 -31.54
C SER E 4 -25.87 -38.84 -30.08
N VAL E 5 -26.67 -38.30 -29.16
CA VAL E 5 -26.32 -38.36 -27.73
C VAL E 5 -27.52 -38.66 -26.84
N LYS E 6 -27.21 -39.06 -25.61
CA LYS E 6 -28.24 -39.39 -24.61
C LYS E 6 -29.35 -38.35 -24.54
N ASP E 7 -30.58 -38.82 -24.46
CA ASP E 7 -31.74 -37.95 -24.35
C ASP E 7 -32.06 -37.85 -22.86
N PHE E 8 -31.47 -36.85 -22.20
CA PHE E 8 -31.65 -36.65 -20.76
C PHE E 8 -33.03 -36.15 -20.39
N PRO E 9 -33.65 -36.72 -19.34
CA PRO E 9 -34.98 -36.28 -18.93
C PRO E 9 -34.96 -34.86 -18.37
N LYS E 10 -36.02 -34.10 -18.64
CA LYS E 10 -36.13 -32.73 -18.16
C LYS E 10 -36.80 -32.73 -16.78
N ILE E 11 -36.73 -31.61 -16.08
CA ILE E 11 -37.35 -31.49 -14.76
C ILE E 11 -38.86 -31.40 -14.96
N LYS E 12 -39.59 -32.28 -14.29
CA LYS E 12 -41.04 -32.33 -14.39
C LYS E 12 -41.73 -31.61 -13.24
N ALA E 13 -41.25 -31.81 -12.02
CA ALA E 13 -41.86 -31.18 -10.87
C ALA E 13 -40.93 -31.06 -9.68
N ILE E 14 -41.31 -30.21 -8.74
CA ILE E 14 -40.53 -30.01 -7.52
C ILE E 14 -41.49 -29.99 -6.35
N ARG E 15 -41.11 -30.71 -5.29
CA ARG E 15 -41.92 -30.80 -4.08
C ARG E 15 -41.06 -30.45 -2.88
N SER E 16 -41.66 -29.85 -1.86
CA SER E 16 -40.93 -29.50 -0.65
C SER E 16 -41.74 -29.93 0.58
N PHE E 17 -41.02 -30.30 1.63
CA PHE E 17 -41.63 -30.75 2.87
C PHE E 17 -40.89 -30.17 4.06
N ILE E 18 -41.62 -29.99 5.16
CA ILE E 18 -41.02 -29.51 6.40
C ILE E 18 -40.88 -30.79 7.21
N ILE E 19 -39.74 -31.00 7.84
CA ILE E 19 -39.55 -32.20 8.63
C ILE E 19 -40.08 -32.01 10.04
N GLY E 20 -41.12 -32.78 10.38
CA GLY E 20 -41.71 -32.68 11.69
C GLY E 20 -40.80 -33.15 12.81
N GLY E 21 -41.05 -32.67 14.02
CA GLY E 21 -40.25 -33.06 15.16
C GLY E 21 -38.85 -32.47 15.14
N VAL E 22 -37.91 -33.17 15.75
CA VAL E 22 -36.52 -32.71 15.81
C VAL E 22 -35.57 -33.89 15.60
N GLY E 23 -34.28 -33.58 15.48
CA GLY E 23 -33.28 -34.63 15.31
C GLY E 23 -33.21 -35.27 13.93
N SER E 24 -33.97 -34.76 12.97
CA SER E 24 -33.95 -35.32 11.62
C SER E 24 -33.99 -34.22 10.58
N GLY E 25 -33.09 -34.29 9.60
CA GLY E 25 -33.03 -33.29 8.56
C GLY E 25 -31.73 -32.53 8.59
N GLY E 26 -31.65 -31.45 7.81
CA GLY E 26 -30.43 -30.67 7.74
C GLY E 26 -30.12 -29.70 8.89
N ASP E 27 -31.13 -29.34 9.69
CA ASP E 27 -30.89 -28.40 10.79
C ASP E 27 -30.20 -29.09 11.96
N TYR E 28 -28.89 -28.96 12.02
CA TYR E 28 -28.07 -29.58 13.06
C TYR E 28 -28.52 -29.20 14.47
N HIS E 29 -28.95 -27.96 14.64
CA HIS E 29 -29.32 -27.47 15.96
C HIS E 29 -30.76 -27.63 16.41
N ASN E 30 -31.61 -28.18 15.55
CA ASN E 30 -33.00 -28.42 15.92
C ASN E 30 -33.02 -29.82 16.52
N VAL E 31 -32.47 -29.94 17.72
CA VAL E 31 -32.39 -31.22 18.40
C VAL E 31 -33.10 -31.20 19.75
N LYS E 32 -33.24 -32.38 20.34
CA LYS E 32 -33.88 -32.56 21.63
C LYS E 32 -33.07 -31.95 22.76
N GLY E 33 -33.76 -31.38 23.75
CA GLY E 33 -33.08 -30.77 24.88
C GLY E 33 -32.10 -31.72 25.53
N GLY E 34 -31.00 -31.18 26.05
CA GLY E 34 -29.99 -32.01 26.69
C GLY E 34 -28.79 -32.22 25.79
N HIS E 35 -29.01 -32.11 24.48
CA HIS E 35 -27.94 -32.28 23.51
C HIS E 35 -26.91 -31.18 23.74
N TRP E 36 -25.64 -31.54 23.86
CA TRP E 36 -24.59 -30.55 24.09
C TRP E 36 -24.65 -29.42 23.06
N LEU E 37 -25.13 -29.73 21.86
CA LEU E 37 -25.22 -28.73 20.80
C LEU E 37 -26.06 -27.51 21.19
N ILE E 38 -26.98 -27.68 22.13
CA ILE E 38 -27.82 -26.56 22.54
C ILE E 38 -27.85 -26.29 24.04
N ASP E 39 -27.49 -27.27 24.87
CA ASP E 39 -27.53 -27.09 26.31
C ASP E 39 -26.24 -27.13 27.11
N SER E 40 -25.10 -27.02 26.44
CA SER E 40 -23.82 -27.01 27.14
C SER E 40 -23.32 -25.57 27.07
N ASP E 41 -22.28 -25.24 27.83
CA ASP E 41 -21.75 -23.88 27.79
C ASP E 41 -21.04 -23.62 26.48
N ILE E 42 -21.65 -22.79 25.64
CA ILE E 42 -21.09 -22.45 24.34
C ILE E 42 -21.19 -20.94 24.13
N SER E 43 -20.04 -20.31 23.86
CA SER E 43 -19.99 -18.87 23.62
C SER E 43 -20.62 -18.59 22.26
N THR E 44 -21.58 -17.66 22.23
CA THR E 44 -22.26 -17.31 20.99
C THR E 44 -22.44 -15.79 20.89
N PRO E 45 -22.93 -15.30 19.73
CA PRO E 45 -23.14 -13.87 19.54
C PRO E 45 -24.16 -13.29 20.53
N ALA E 46 -25.00 -14.15 21.11
CA ALA E 46 -26.03 -13.72 22.05
C ALA E 46 -25.67 -13.96 23.52
N SER E 47 -24.46 -14.47 23.76
CA SER E 47 -24.01 -14.75 25.13
C SER E 47 -23.88 -13.47 25.95
N LYS E 48 -23.93 -12.33 25.27
CA LYS E 48 -23.82 -11.03 25.91
C LYS E 48 -24.97 -10.81 26.90
N TRP E 49 -26.09 -11.49 26.66
CA TRP E 49 -27.27 -11.34 27.48
C TRP E 49 -27.57 -12.57 28.31
N GLU E 50 -27.66 -12.37 29.63
CA GLU E 50 -27.90 -13.44 30.58
C GLU E 50 -28.99 -14.44 30.24
N GLN E 51 -30.13 -13.96 29.76
CA GLN E 51 -31.24 -14.87 29.44
C GLN E 51 -31.03 -15.72 28.19
N TYR E 52 -29.99 -15.43 27.42
CA TYR E 52 -29.70 -16.18 26.21
C TYR E 52 -28.31 -16.82 26.25
N LYS E 53 -27.75 -16.93 27.45
CA LYS E 53 -26.41 -17.49 27.59
C LYS E 53 -26.37 -18.98 27.88
N LYS E 54 -27.38 -19.48 28.60
CA LYS E 54 -27.42 -20.90 28.96
C LYS E 54 -27.76 -21.91 27.87
N SER E 55 -28.60 -21.52 26.92
CA SER E 55 -28.96 -22.42 25.83
C SER E 55 -29.05 -21.67 24.53
N ARG E 56 -28.70 -22.34 23.43
CA ARG E 56 -28.74 -21.72 22.11
C ARG E 56 -30.16 -21.65 21.56
N THR E 57 -31.05 -22.47 22.09
CA THR E 57 -32.44 -22.44 21.63
C THR E 57 -33.17 -21.23 22.21
N SER E 58 -32.69 -20.77 23.37
CA SER E 58 -33.32 -19.60 24.01
C SER E 58 -33.36 -18.42 23.04
N TRP E 59 -32.27 -18.22 22.30
CA TRP E 59 -32.25 -17.12 21.34
C TRP E 59 -32.67 -17.51 19.91
N GLY E 60 -33.00 -18.78 19.71
CA GLY E 60 -33.48 -19.21 18.41
C GLY E 60 -32.60 -19.95 17.41
N ILE E 61 -31.54 -20.61 17.86
CA ILE E 61 -30.68 -21.32 16.92
C ILE E 61 -31.46 -22.41 16.18
N ASN E 62 -32.55 -22.88 16.78
CA ASN E 62 -33.39 -23.94 16.21
C ASN E 62 -34.70 -23.42 15.62
N VAL E 63 -34.80 -22.11 15.45
CA VAL E 63 -36.04 -21.52 14.95
C VAL E 63 -36.51 -21.93 13.56
N LEU E 64 -35.59 -22.19 12.63
CA LEU E 64 -35.98 -22.54 11.27
C LEU E 64 -36.47 -23.96 11.04
N GLY E 65 -35.76 -24.95 11.58
CA GLY E 65 -36.15 -26.33 11.37
C GLY E 65 -35.57 -26.83 10.05
N SER E 66 -35.83 -28.10 9.73
CA SER E 66 -35.32 -28.70 8.51
C SER E 66 -36.38 -28.81 7.43
N PHE E 67 -35.96 -28.89 6.18
CA PHE E 67 -36.90 -29.06 5.08
C PHE E 67 -36.28 -29.97 4.03
N LEU E 68 -37.14 -30.55 3.20
CA LEU E 68 -36.69 -31.46 2.15
C LEU E 68 -37.23 -31.03 0.80
N VAL E 69 -36.40 -31.15 -0.22
CA VAL E 69 -36.80 -30.79 -1.57
C VAL E 69 -36.64 -32.01 -2.47
N GLU E 70 -37.66 -32.29 -3.27
CA GLU E 70 -37.62 -33.40 -4.21
C GLU E 70 -37.79 -32.83 -5.61
N ILE E 71 -36.94 -33.27 -6.53
CA ILE E 71 -37.02 -32.83 -7.91
C ILE E 71 -37.18 -34.07 -8.76
N GLU E 72 -38.35 -34.18 -9.40
CA GLU E 72 -38.67 -35.33 -10.24
C GLU E 72 -38.48 -35.02 -11.72
N ALA E 73 -37.81 -35.92 -12.42
CA ALA E 73 -37.57 -35.77 -13.85
C ALA E 73 -38.70 -36.45 -14.63
N THR E 74 -38.77 -36.18 -15.92
CA THR E 74 -39.82 -36.74 -16.77
C THR E 74 -39.78 -38.26 -16.87
N ASP E 75 -38.65 -38.86 -16.52
CA ASP E 75 -38.49 -40.31 -16.59
C ASP E 75 -38.86 -40.96 -15.26
N GLY E 76 -39.31 -40.15 -14.30
CA GLY E 76 -39.69 -40.68 -13.01
C GLY E 76 -38.58 -40.66 -11.96
N THR E 77 -37.35 -40.41 -12.38
CA THR E 77 -36.24 -40.37 -11.43
C THR E 77 -36.42 -39.17 -10.51
N VAL E 78 -36.19 -39.37 -9.22
CA VAL E 78 -36.33 -38.30 -8.24
C VAL E 78 -35.06 -38.02 -7.45
N GLY E 79 -34.63 -36.76 -7.48
CA GLY E 79 -33.46 -36.37 -6.74
C GLY E 79 -33.94 -35.54 -5.56
N PHE E 80 -33.21 -35.58 -4.45
CA PHE E 80 -33.60 -34.81 -3.28
C PHE E 80 -32.43 -34.44 -2.39
N ALA E 81 -32.70 -33.53 -1.46
CA ALA E 81 -31.71 -33.08 -0.51
C ALA E 81 -32.42 -32.40 0.64
N THR E 82 -31.76 -32.37 1.79
CA THR E 82 -32.33 -31.73 2.97
C THR E 82 -31.40 -30.61 3.43
N GLY E 83 -31.92 -29.74 4.30
CA GLY E 83 -31.13 -28.63 4.82
C GLY E 83 -31.99 -27.90 5.83
N PHE E 84 -31.49 -26.80 6.39
CA PHE E 84 -32.29 -26.05 7.35
C PHE E 84 -32.97 -24.91 6.61
N GLY E 85 -34.08 -24.42 7.15
CA GLY E 85 -34.80 -23.34 6.49
C GLY E 85 -36.29 -23.48 6.78
N GLY E 86 -36.72 -24.73 7.00
CA GLY E 86 -38.11 -24.99 7.31
C GLY E 86 -39.18 -24.32 6.46
N PRO E 87 -40.29 -23.87 7.08
CA PRO E 87 -41.38 -23.22 6.37
C PRO E 87 -41.03 -22.08 5.42
N PRO E 88 -40.30 -21.06 5.89
CA PRO E 88 -39.96 -19.97 4.97
C PRO E 88 -39.14 -20.42 3.77
N ALA E 89 -38.31 -21.44 3.96
CA ALA E 89 -37.50 -21.98 2.87
C ALA E 89 -38.42 -22.59 1.82
N CYS E 90 -39.37 -23.42 2.28
CA CYS E 90 -40.32 -24.06 1.37
C CYS E 90 -41.17 -23.02 0.65
N TRP E 91 -41.51 -21.94 1.35
CA TRP E 91 -42.32 -20.89 0.75
C TRP E 91 -41.59 -20.32 -0.46
N LEU E 92 -40.30 -20.04 -0.30
CA LEU E 92 -39.47 -19.49 -1.37
C LEU E 92 -39.24 -20.48 -2.51
N VAL E 93 -39.11 -21.75 -2.18
CA VAL E 93 -38.89 -22.78 -3.21
C VAL E 93 -39.93 -22.71 -4.33
N HIS E 94 -41.20 -22.66 -3.94
CA HIS E 94 -42.30 -22.64 -4.89
C HIS E 94 -42.70 -21.25 -5.40
N GLN E 95 -42.72 -20.26 -4.51
CA GLN E 95 -43.10 -18.92 -4.90
C GLN E 95 -42.09 -18.24 -5.82
N HIS E 96 -40.80 -18.50 -5.60
CA HIS E 96 -39.80 -17.86 -6.44
C HIS E 96 -39.02 -18.77 -7.38
N PHE E 97 -38.33 -19.74 -6.82
CA PHE E 97 -37.46 -20.60 -7.61
C PHE E 97 -38.03 -21.67 -8.54
N GLU E 98 -39.23 -22.17 -8.25
CA GLU E 98 -39.82 -23.19 -9.10
C GLU E 98 -39.88 -22.78 -10.58
N ARG E 99 -40.15 -21.51 -10.84
CA ARG E 99 -40.25 -21.01 -12.21
C ARG E 99 -39.02 -21.26 -13.07
N PHE E 100 -37.85 -21.28 -12.45
CA PHE E 100 -36.61 -21.51 -13.20
C PHE E 100 -36.33 -22.99 -13.44
N LEU E 101 -36.95 -23.86 -12.65
CA LEU E 101 -36.70 -25.29 -12.74
C LEU E 101 -37.57 -26.14 -13.66
N ILE E 102 -38.88 -25.93 -13.61
CA ILE E 102 -39.79 -26.73 -14.44
C ILE E 102 -39.44 -26.71 -15.93
N GLY E 103 -39.28 -27.89 -16.51
CA GLY E 103 -38.96 -27.99 -17.93
C GLY E 103 -37.50 -27.83 -18.30
N ALA E 104 -36.65 -27.53 -17.32
CA ALA E 104 -35.23 -27.34 -17.59
C ALA E 104 -34.45 -28.65 -17.59
N ASP E 105 -33.32 -28.65 -18.29
CA ASP E 105 -32.43 -29.82 -18.33
C ASP E 105 -31.67 -29.70 -17.01
N PRO E 106 -31.76 -30.72 -16.14
CA PRO E 106 -31.07 -30.69 -14.85
C PRO E 106 -29.55 -30.61 -14.92
N ARG E 107 -28.98 -30.89 -16.09
CA ARG E 107 -27.53 -30.83 -16.27
C ARG E 107 -27.07 -29.37 -16.37
N ASN E 108 -28.01 -28.46 -16.54
CA ASN E 108 -27.67 -27.04 -16.64
C ASN E 108 -27.54 -26.43 -15.24
N THR E 109 -26.67 -27.02 -14.44
CA THR E 109 -26.45 -26.55 -13.08
C THR E 109 -25.91 -25.12 -13.01
N ASN E 110 -25.00 -24.77 -13.92
CA ASN E 110 -24.44 -23.43 -13.89
C ASN E 110 -25.48 -22.37 -14.20
N LEU E 111 -26.32 -22.64 -15.20
CA LEU E 111 -27.37 -21.71 -15.59
C LEU E 111 -28.41 -21.56 -14.48
N LEU E 112 -28.89 -22.68 -13.97
CA LEU E 112 -29.91 -22.66 -12.93
C LEU E 112 -29.41 -21.94 -11.68
N PHE E 113 -28.16 -22.16 -11.28
CA PHE E 113 -27.65 -21.47 -10.11
C PHE E 113 -27.59 -19.97 -10.37
N GLU E 114 -27.05 -19.57 -11.51
CA GLU E 114 -26.91 -18.15 -11.82
C GLU E 114 -28.27 -17.45 -11.85
N GLN E 115 -29.29 -18.13 -12.37
CA GLN E 115 -30.62 -17.53 -12.44
C GLN E 115 -31.23 -17.36 -11.05
N MSE E 116 -31.19 -18.42 -10.24
CA MSE E 116 -31.75 -18.33 -8.89
C MSE E 116 -31.02 -17.30 -8.05
O MSE E 116 -31.64 -16.51 -7.32
CB MSE E 116 -31.70 -19.69 -8.18
CG MSE E 116 -32.54 -20.77 -8.84
SE MSE E 116 -32.68 -22.39 -7.77
CE MSE E 116 -34.42 -22.97 -8.38
N TYR E 117 -29.70 -17.28 -8.15
CA TYR E 117 -28.91 -16.33 -7.37
C TYR E 117 -29.14 -14.87 -7.78
N ARG E 118 -29.00 -14.59 -9.08
CA ARG E 118 -29.17 -13.21 -9.53
C ARG E 118 -30.62 -12.73 -9.43
N ALA E 119 -31.58 -13.64 -9.58
CA ALA E 119 -32.99 -13.26 -9.49
C ALA E 119 -33.43 -12.98 -8.06
N SER E 120 -32.68 -13.49 -7.08
CA SER E 120 -33.03 -13.28 -5.67
C SER E 120 -32.07 -12.28 -5.01
N MSE E 121 -31.18 -11.72 -5.82
CA MSE E 121 -30.20 -10.75 -5.35
C MSE E 121 -30.82 -9.57 -4.57
O MSE E 121 -30.22 -9.09 -3.61
CB MSE E 121 -29.42 -10.25 -6.56
CG MSE E 121 -28.28 -9.29 -6.28
SE MSE E 121 -27.14 -9.17 -7.86
CE MSE E 121 -26.08 -10.72 -7.49
N PHE E 122 -32.02 -9.14 -4.96
CA PHE E 122 -32.63 -8.00 -4.28
C PHE E 122 -33.03 -8.27 -2.81
N TYR E 123 -33.10 -9.53 -2.41
CA TYR E 123 -33.42 -9.86 -1.03
C TYR E 123 -32.53 -10.98 -0.50
N GLY E 124 -31.53 -11.37 -1.29
CA GLY E 124 -30.65 -12.47 -0.89
C GLY E 124 -29.15 -12.19 -0.79
N ARG E 125 -28.38 -12.84 -1.65
CA ARG E 125 -26.91 -12.74 -1.68
C ARG E 125 -26.28 -13.51 -0.54
N LYS E 126 -26.93 -13.48 0.62
CA LYS E 126 -26.44 -14.20 1.79
C LYS E 126 -27.62 -14.64 2.63
N GLY E 127 -27.37 -15.58 3.55
CA GLY E 127 -28.43 -16.03 4.44
C GLY E 127 -29.44 -17.03 3.92
N LEU E 128 -30.61 -17.01 4.55
CA LEU E 128 -31.72 -17.91 4.25
C LEU E 128 -32.00 -18.18 2.76
N PRO E 129 -32.16 -17.13 1.94
CA PRO E 129 -32.45 -17.36 0.52
C PRO E 129 -31.39 -18.22 -0.16
N ILE E 130 -30.14 -18.05 0.24
CA ILE E 130 -29.05 -18.82 -0.35
C ILE E 130 -29.08 -20.27 0.11
N ALA E 131 -29.55 -20.49 1.33
CA ALA E 131 -29.66 -21.83 1.87
C ALA E 131 -30.71 -22.58 1.05
N VAL E 132 -31.76 -21.87 0.63
CA VAL E 132 -32.81 -22.47 -0.17
C VAL E 132 -32.22 -22.93 -1.51
N ILE E 133 -31.50 -22.03 -2.17
CA ILE E 133 -30.88 -22.32 -3.45
C ILE E 133 -29.94 -23.52 -3.31
N SER E 134 -29.23 -23.59 -2.19
CA SER E 134 -28.28 -24.68 -1.93
C SER E 134 -28.95 -26.05 -1.91
N VAL E 135 -30.06 -26.16 -1.20
CA VAL E 135 -30.77 -27.43 -1.11
C VAL E 135 -31.33 -27.84 -2.47
N ILE E 136 -31.82 -26.86 -3.24
CA ILE E 136 -32.34 -27.15 -4.56
C ILE E 136 -31.20 -27.65 -5.47
N ASP E 137 -30.05 -27.00 -5.38
CA ASP E 137 -28.88 -27.38 -6.18
C ASP E 137 -28.41 -28.78 -5.81
N LEU E 138 -28.43 -29.11 -4.51
CA LEU E 138 -28.01 -30.44 -4.08
C LEU E 138 -28.99 -31.49 -4.60
N ALA E 139 -30.27 -31.14 -4.64
CA ALA E 139 -31.29 -32.05 -5.14
C ALA E 139 -31.02 -32.31 -6.63
N LEU E 140 -30.61 -31.27 -7.34
CA LEU E 140 -30.31 -31.43 -8.76
C LEU E 140 -29.15 -32.40 -8.94
N TRP E 141 -28.09 -32.24 -8.15
CA TRP E 141 -26.96 -33.14 -8.26
C TRP E 141 -27.34 -34.57 -7.91
N ASP E 142 -28.21 -34.73 -6.91
CA ASP E 142 -28.65 -36.08 -6.50
C ASP E 142 -29.38 -36.69 -7.71
N LEU E 143 -30.20 -35.89 -8.37
CA LEU E 143 -30.94 -36.33 -9.54
C LEU E 143 -29.98 -36.75 -10.66
N LEU E 144 -28.99 -35.92 -10.93
CA LEU E 144 -28.01 -36.20 -11.99
C LEU E 144 -27.29 -37.52 -11.74
N GLY E 145 -26.88 -37.75 -10.50
CA GLY E 145 -26.19 -38.99 -10.18
C GLY E 145 -27.10 -40.19 -10.37
N LYS E 146 -28.37 -40.03 -10.00
CA LYS E 146 -29.32 -41.13 -10.12
C LYS E 146 -29.66 -41.47 -11.57
N VAL E 147 -29.76 -40.46 -12.42
CA VAL E 147 -30.07 -40.71 -13.82
C VAL E 147 -28.88 -41.41 -14.49
N ARG E 148 -27.67 -41.00 -14.13
CA ARG E 148 -26.47 -41.60 -14.71
C ARG E 148 -26.03 -42.85 -13.96
N ASN E 149 -26.68 -43.14 -12.85
CA ASN E 149 -26.35 -44.30 -12.02
C ASN E 149 -24.91 -44.19 -11.52
N GLU E 150 -24.52 -42.99 -11.08
CA GLU E 150 -23.18 -42.76 -10.58
C GLU E 150 -23.21 -41.92 -9.30
N PRO E 151 -22.20 -42.10 -8.43
CA PRO E 151 -22.13 -41.34 -7.19
C PRO E 151 -21.78 -39.91 -7.60
N VAL E 152 -22.22 -38.92 -6.83
CA VAL E 152 -21.91 -37.54 -7.18
C VAL E 152 -20.41 -37.29 -7.32
N TYR E 153 -19.60 -37.83 -6.41
CA TYR E 153 -18.16 -37.59 -6.49
C TYR E 153 -17.53 -37.99 -7.82
N ARG E 154 -18.12 -38.96 -8.50
CA ARG E 154 -17.60 -39.42 -9.80
C ARG E 154 -17.99 -38.45 -10.92
N LEU E 155 -18.84 -37.48 -10.60
CA LEU E 155 -19.30 -36.51 -11.59
C LEU E 155 -18.60 -35.16 -11.43
N ILE E 156 -17.91 -34.95 -10.32
CA ILE E 156 -17.25 -33.68 -10.06
C ILE E 156 -15.73 -33.72 -9.93
N GLY E 157 -15.08 -34.66 -10.61
CA GLY E 157 -13.64 -34.74 -10.54
C GLY E 157 -13.08 -36.08 -10.11
N GLY E 158 -13.97 -36.98 -9.71
CA GLY E 158 -13.53 -38.29 -9.29
C GLY E 158 -12.97 -38.30 -7.88
N ALA E 159 -12.14 -39.29 -7.60
CA ALA E 159 -11.51 -39.41 -6.28
C ALA E 159 -10.06 -38.96 -6.29
N THR E 160 -9.73 -37.99 -5.45
CA THR E 160 -8.36 -37.51 -5.35
C THR E 160 -7.71 -38.24 -4.18
N LYS E 161 -8.53 -38.98 -3.45
CA LYS E 161 -8.09 -39.77 -2.31
C LYS E 161 -9.08 -40.93 -2.16
N GLU E 162 -8.60 -42.08 -1.71
CA GLU E 162 -9.47 -43.24 -1.56
C GLU E 162 -10.03 -43.36 -0.15
N ARG E 163 -9.51 -42.53 0.75
CA ARG E 163 -9.95 -42.52 2.13
C ARG E 163 -10.09 -41.08 2.62
N LEU E 164 -11.18 -40.81 3.32
CA LEU E 164 -11.46 -39.49 3.86
C LEU E 164 -11.28 -39.57 5.37
N ASP E 165 -10.34 -38.79 5.91
CA ASP E 165 -10.10 -38.78 7.34
C ASP E 165 -10.88 -37.66 8.01
N PHE E 166 -11.45 -37.96 9.18
CA PHE E 166 -12.26 -36.98 9.90
C PHE E 166 -11.69 -36.57 11.24
N TYR E 167 -12.08 -35.37 11.67
CA TYR E 167 -11.71 -34.89 12.99
C TYR E 167 -13.11 -34.78 13.59
N CYS E 168 -13.22 -34.87 14.91
CA CYS E 168 -14.52 -34.85 15.55
C CYS E 168 -14.79 -33.59 16.36
N THR E 169 -15.94 -32.97 16.11
CA THR E 169 -16.33 -31.76 16.84
C THR E 169 -17.29 -32.17 17.95
N GLY E 170 -16.93 -31.84 19.18
CA GLY E 170 -17.78 -32.19 20.32
C GLY E 170 -17.09 -31.91 21.64
N PRO E 171 -17.80 -32.06 22.76
CA PRO E 171 -17.25 -31.82 24.11
C PRO E 171 -16.33 -32.89 24.68
N GLU E 172 -16.15 -34.00 23.98
CA GLU E 172 -15.29 -35.08 24.48
C GLU E 172 -14.20 -35.51 23.51
N PRO E 173 -13.10 -34.75 23.44
CA PRO E 173 -12.01 -35.12 22.53
C PRO E 173 -11.34 -36.47 22.84
N THR E 174 -11.49 -36.95 24.08
CA THR E 174 -10.91 -38.26 24.41
C THR E 174 -11.69 -39.33 23.67
N ALA E 175 -12.98 -39.08 23.49
CA ALA E 175 -13.85 -40.02 22.77
C ALA E 175 -13.48 -39.99 21.29
N ALA E 176 -13.22 -38.78 20.79
CA ALA E 176 -12.83 -38.62 19.39
C ALA E 176 -11.53 -39.39 19.12
N LYS E 177 -10.59 -39.27 20.05
CA LYS E 177 -9.31 -39.96 19.91
C LYS E 177 -9.49 -41.48 19.95
N ALA E 178 -10.32 -41.95 20.85
CA ALA E 178 -10.57 -43.38 20.99
C ALA E 178 -11.27 -43.98 19.77
N MSE E 179 -12.13 -43.20 19.13
CA MSE E 179 -12.86 -43.69 17.96
C MSE E 179 -12.06 -43.68 16.67
O MSE E 179 -12.49 -44.27 15.68
CB MSE E 179 -14.16 -42.90 17.79
CG MSE E 179 -15.14 -43.11 18.92
SE MSE E 179 -16.87 -42.31 18.57
CE MSE E 179 -16.56 -40.57 19.36
N GLY E 180 -10.91 -43.02 16.65
CA GLY E 180 -10.10 -43.02 15.45
C GLY E 180 -9.98 -41.70 14.71
N PHE E 181 -10.71 -40.68 15.16
CA PHE E 181 -10.63 -39.36 14.53
C PHE E 181 -9.23 -38.81 14.78
N TRP E 182 -8.66 -38.11 13.79
CA TRP E 182 -7.31 -37.59 13.95
C TRP E 182 -7.20 -36.41 14.89
N GLY E 183 -8.32 -35.73 15.15
CA GLY E 183 -8.28 -34.60 16.04
C GLY E 183 -9.64 -34.32 16.66
N GLY E 184 -9.67 -33.41 17.62
CA GLY E 184 -10.91 -33.06 18.28
C GLY E 184 -11.10 -31.56 18.41
N LYS E 185 -12.27 -31.07 18.00
CA LYS E 185 -12.56 -29.65 18.09
C LYS E 185 -13.62 -29.42 19.18
N VAL E 186 -13.27 -28.63 20.18
CA VAL E 186 -14.18 -28.35 21.28
C VAL E 186 -14.73 -26.92 21.19
N PRO E 187 -15.95 -26.70 21.71
CA PRO E 187 -16.55 -25.38 21.66
C PRO E 187 -16.13 -24.52 22.85
N LEU E 188 -15.73 -23.27 22.58
CA LEU E 188 -15.32 -22.35 23.62
C LEU E 188 -16.54 -22.05 24.48
N PRO E 189 -16.42 -22.16 25.81
CA PRO E 189 -17.55 -21.91 26.70
C PRO E 189 -17.95 -20.48 27.06
N PHE E 190 -16.99 -19.56 27.17
CA PHE E 190 -17.34 -18.20 27.58
C PHE E 190 -17.01 -17.08 26.60
N CYS E 191 -17.88 -16.07 26.55
CA CYS E 191 -17.74 -14.93 25.65
C CYS E 191 -16.97 -13.77 26.29
N PRO E 192 -16.55 -12.79 25.46
CA PRO E 192 -15.79 -11.62 25.94
C PRO E 192 -16.45 -10.87 27.10
N ASP E 193 -17.78 -10.79 27.09
CA ASP E 193 -18.49 -10.07 28.14
C ASP E 193 -18.38 -10.68 29.53
N ASP E 194 -17.83 -11.88 29.62
CA ASP E 194 -17.64 -12.52 30.92
C ASP E 194 -16.34 -12.00 31.52
N GLY E 195 -15.69 -11.09 30.78
CA GLY E 195 -14.45 -10.48 31.25
C GLY E 195 -13.25 -11.39 31.41
N HIS E 196 -12.33 -10.97 32.27
CA HIS E 196 -11.10 -11.71 32.52
C HIS E 196 -11.35 -13.02 33.27
N GLU E 197 -12.39 -13.07 34.08
CA GLU E 197 -12.71 -14.30 34.78
C GLU E 197 -13.09 -15.34 33.74
N GLY E 198 -13.89 -14.91 32.76
CA GLY E 198 -14.31 -15.80 31.70
C GLY E 198 -13.11 -16.27 30.88
N LEU E 199 -12.15 -15.39 30.67
CA LEU E 199 -10.97 -15.75 29.90
C LEU E 199 -10.17 -16.81 30.65
N ARG E 200 -10.05 -16.64 31.97
CA ARG E 200 -9.34 -17.62 32.78
C ARG E 200 -10.06 -18.96 32.74
N LYS E 201 -11.40 -18.91 32.78
CA LYS E 201 -12.20 -20.12 32.75
C LYS E 201 -12.06 -20.82 31.39
N ASN E 202 -11.95 -20.03 30.32
CA ASN E 202 -11.76 -20.60 28.99
C ASN E 202 -10.40 -21.29 28.95
N VAL E 203 -9.38 -20.63 29.49
CA VAL E 203 -8.04 -21.21 29.50
C VAL E 203 -8.02 -22.53 30.29
N GLU E 204 -8.67 -22.55 31.44
CA GLU E 204 -8.72 -23.74 32.28
C GLU E 204 -9.47 -24.87 31.57
N PHE E 205 -10.52 -24.49 30.84
CA PHE E 205 -11.34 -25.43 30.10
C PHE E 205 -10.46 -26.15 29.06
N LEU E 206 -9.67 -25.36 28.33
CA LEU E 206 -8.79 -25.93 27.32
C LEU E 206 -7.62 -26.68 27.93
N ARG E 207 -7.10 -26.19 29.05
CA ARG E 207 -5.98 -26.85 29.70
C ARG E 207 -6.35 -28.28 30.09
N LYS E 208 -7.54 -28.45 30.66
CA LYS E 208 -7.99 -29.78 31.08
C LYS E 208 -8.16 -30.74 29.90
N HIS E 209 -8.62 -30.21 28.76
CA HIS E 209 -8.79 -31.06 27.58
C HIS E 209 -7.42 -31.50 27.08
N ARG E 210 -6.46 -30.58 27.06
CA ARG E 210 -5.11 -30.88 26.61
C ARG E 210 -4.48 -31.96 27.49
N GLU E 211 -4.64 -31.82 28.80
CA GLU E 211 -4.08 -32.78 29.74
C GLU E 211 -4.70 -34.16 29.55
N ALA E 212 -5.99 -34.19 29.25
CA ALA E 212 -6.72 -35.46 29.06
C ALA E 212 -6.34 -36.25 27.81
N VAL E 213 -6.12 -35.55 26.69
CA VAL E 213 -5.78 -36.25 25.45
C VAL E 213 -4.28 -36.40 25.24
N GLY E 214 -3.48 -35.80 26.10
CA GLY E 214 -2.05 -35.90 25.93
C GLY E 214 -1.50 -34.74 25.13
N PRO E 215 -0.18 -34.59 25.04
CA PRO E 215 0.46 -33.50 24.29
C PRO E 215 0.46 -33.58 22.77
N ASP E 216 0.15 -34.74 22.20
CA ASP E 216 0.19 -34.88 20.75
C ASP E 216 -1.13 -34.81 19.99
N PHE E 217 -2.23 -35.21 20.62
CA PHE E 217 -3.52 -35.21 19.94
C PHE E 217 -3.95 -33.80 19.57
N PRO E 218 -4.23 -33.56 18.28
CA PRO E 218 -4.65 -32.23 17.85
C PRO E 218 -5.97 -31.78 18.49
N ILE E 219 -5.96 -30.55 19.00
CA ILE E 219 -7.15 -29.97 19.62
C ILE E 219 -7.43 -28.64 18.94
N MSE E 220 -8.65 -28.48 18.46
CA MSE E 220 -9.07 -27.25 17.79
C MSE E 220 -10.15 -26.60 18.65
O MSE E 220 -10.83 -27.27 19.40
CB MSE E 220 -9.61 -27.57 16.40
CG MSE E 220 -9.72 -29.05 16.12
SE MSE E 220 -8.04 -29.93 15.65
CE MSE E 220 -8.76 -30.93 14.16
N VAL E 221 -10.29 -25.29 18.52
CA VAL E 221 -11.28 -24.57 19.31
C VAL E 221 -12.28 -23.80 18.46
N ASP E 222 -13.55 -24.12 18.61
CA ASP E 222 -14.62 -23.46 17.86
C ASP E 222 -15.17 -22.31 18.73
N CYS E 223 -15.23 -21.12 18.15
CA CYS E 223 -15.70 -19.94 18.88
C CYS E 223 -17.06 -19.39 18.42
N TYR E 224 -17.72 -20.10 17.51
CA TYR E 224 -19.03 -19.71 16.99
C TYR E 224 -19.25 -18.20 16.84
N MSE E 225 -18.43 -17.56 16.01
CA MSE E 225 -18.49 -16.12 15.72
C MSE E 225 -18.80 -15.22 16.93
O MSE E 225 -19.37 -14.13 16.77
CB MSE E 225 -19.51 -15.86 14.59
CG MSE E 225 -20.91 -16.43 14.81
SE MSE E 225 -22.17 -16.34 13.26
CE MSE E 225 -23.50 -17.57 13.94
N SER E 226 -18.36 -15.63 18.12
CA SER E 226 -18.66 -14.88 19.33
C SER E 226 -17.63 -13.94 19.95
N LEU E 227 -16.43 -13.89 19.40
CA LEU E 227 -15.42 -13.02 20.01
C LEU E 227 -15.22 -11.72 19.25
N ASN E 228 -14.10 -11.07 19.53
CA ASN E 228 -13.73 -9.82 18.89
C ASN E 228 -12.21 -9.85 18.74
N VAL E 229 -11.65 -8.90 18.01
CA VAL E 229 -10.21 -8.88 17.78
C VAL E 229 -9.34 -8.86 19.03
N SER E 230 -9.56 -7.90 19.92
CA SER E 230 -8.72 -7.82 21.12
C SER E 230 -8.86 -9.04 22.03
N TYR E 231 -10.08 -9.53 22.23
CA TYR E 231 -10.28 -10.68 23.10
C TYR E 231 -9.62 -11.93 22.50
N THR E 232 -9.77 -12.10 21.19
CA THR E 232 -9.16 -13.24 20.51
C THR E 232 -7.63 -13.20 20.72
N ILE E 233 -7.04 -12.03 20.52
CA ILE E 233 -5.60 -11.87 20.67
C ILE E 233 -5.13 -12.24 22.08
N GLU E 234 -5.85 -11.74 23.09
CA GLU E 234 -5.47 -12.04 24.47
C GLU E 234 -5.71 -13.50 24.83
N LEU E 235 -6.80 -14.09 24.34
CA LEU E 235 -7.11 -15.49 24.62
C LEU E 235 -6.07 -16.41 24.01
N VAL E 236 -5.78 -16.20 22.73
CA VAL E 236 -4.80 -17.01 22.03
C VAL E 236 -3.45 -16.94 22.74
N LYS E 237 -3.08 -15.73 23.18
CA LYS E 237 -1.82 -15.54 23.87
C LYS E 237 -1.80 -16.33 25.18
N ALA E 238 -2.92 -16.29 25.91
CA ALA E 238 -3.02 -17.00 27.18
C ALA E 238 -2.99 -18.52 27.02
N CYS E 239 -3.25 -19.01 25.80
CA CYS E 239 -3.27 -20.45 25.54
C CYS E 239 -2.10 -20.99 24.71
N LEU E 240 -1.10 -20.16 24.44
CA LEU E 240 0.03 -20.60 23.60
C LEU E 240 0.68 -21.93 24.02
N ASP E 241 0.80 -22.15 25.32
CA ASP E 241 1.42 -23.38 25.82
C ASP E 241 0.57 -24.64 25.63
N LEU E 242 -0.70 -24.47 25.32
CA LEU E 242 -1.59 -25.61 25.13
C LEU E 242 -1.52 -26.20 23.72
N ASN E 243 -0.78 -25.53 22.85
CA ASN E 243 -0.59 -25.98 21.47
C ASN E 243 -1.89 -26.25 20.72
N ILE E 244 -2.77 -25.26 20.69
CA ILE E 244 -4.04 -25.39 19.98
C ILE E 244 -3.75 -25.48 18.47
N ASN E 245 -4.36 -26.43 17.78
CA ASN E 245 -4.14 -26.61 16.35
C ASN E 245 -4.67 -25.40 15.56
N TRP E 246 -5.91 -25.01 15.83
CA TRP E 246 -6.48 -23.86 15.16
C TRP E 246 -7.66 -23.30 15.93
N TRP E 247 -7.94 -22.01 15.72
CA TRP E 247 -9.04 -21.32 16.36
C TRP E 247 -10.05 -21.02 15.25
N GLU E 248 -11.27 -21.51 15.42
CA GLU E 248 -12.33 -21.38 14.42
C GLU E 248 -13.40 -20.33 14.68
N GLU E 249 -13.74 -19.60 13.62
CA GLU E 249 -14.76 -18.55 13.65
C GLU E 249 -14.73 -17.67 14.89
N CYS E 250 -13.56 -17.10 15.19
CA CYS E 250 -13.40 -16.23 16.35
C CYS E 250 -14.21 -14.95 16.23
N LEU E 251 -14.30 -14.42 15.02
CA LEU E 251 -15.01 -13.17 14.78
C LEU E 251 -16.34 -13.33 14.07
N SER E 252 -17.16 -12.28 14.14
CA SER E 252 -18.44 -12.26 13.45
C SER E 252 -18.13 -12.35 11.96
N PRO E 253 -19.03 -12.97 11.18
CA PRO E 253 -18.82 -13.09 9.73
C PRO E 253 -18.79 -11.72 9.06
N ASP E 254 -19.27 -10.71 9.78
CA ASP E 254 -19.30 -9.33 9.27
C ASP E 254 -17.94 -8.66 9.37
N ASP E 255 -16.99 -9.27 10.07
CA ASP E 255 -15.67 -8.66 10.25
C ASP E 255 -14.49 -9.55 9.91
N THR E 256 -14.51 -10.15 8.72
CA THR E 256 -13.40 -11.00 8.31
C THR E 256 -12.15 -10.14 8.13
N ASP E 257 -12.33 -8.85 7.91
CA ASP E 257 -11.19 -7.94 7.76
C ASP E 257 -10.36 -7.94 9.05
N GLY E 258 -11.00 -8.33 10.16
CA GLY E 258 -10.31 -8.35 11.44
C GLY E 258 -9.21 -9.39 11.55
N PHE E 259 -9.21 -10.40 10.69
CA PHE E 259 -8.17 -11.42 10.76
C PHE E 259 -6.80 -10.89 10.37
N ALA E 260 -6.77 -9.74 9.70
CA ALA E 260 -5.50 -9.11 9.34
C ALA E 260 -4.85 -8.65 10.65
N LEU E 261 -5.68 -8.15 11.56
CA LEU E 261 -5.20 -7.67 12.86
C LEU E 261 -4.81 -8.84 13.75
N ILE E 262 -5.58 -9.92 13.67
CA ILE E 262 -5.30 -11.11 14.46
C ILE E 262 -3.99 -11.74 13.98
N LYS E 263 -3.80 -11.81 12.67
CA LYS E 263 -2.56 -12.39 12.12
C LYS E 263 -1.33 -11.55 12.44
N ARG E 264 -1.51 -10.25 12.57
CA ARG E 264 -0.38 -9.38 12.90
C ARG E 264 0.14 -9.73 14.29
N ALA E 265 -0.78 -10.09 15.18
CA ALA E 265 -0.44 -10.45 16.55
C ALA E 265 0.01 -11.90 16.70
N HIS E 266 -0.65 -12.81 16.00
CA HIS E 266 -0.33 -14.24 16.08
C HIS E 266 -0.11 -14.85 14.69
N PRO E 267 0.94 -14.42 13.99
CA PRO E 267 1.21 -14.94 12.64
C PRO E 267 1.59 -16.41 12.57
N THR E 268 1.92 -17.02 13.71
CA THR E 268 2.28 -18.44 13.72
C THR E 268 1.12 -19.31 14.19
N VAL E 269 -0.05 -18.71 14.40
CA VAL E 269 -1.22 -19.44 14.87
C VAL E 269 -2.26 -19.54 13.74
N LYS E 270 -2.87 -20.71 13.59
CA LYS E 270 -3.87 -20.93 12.54
C LYS E 270 -5.28 -20.46 12.93
N PHE E 271 -5.96 -19.85 11.97
CA PHE E 271 -7.31 -19.36 12.17
C PHE E 271 -8.18 -19.78 10.99
N THR E 272 -9.44 -20.11 11.28
CA THR E 272 -10.36 -20.55 10.23
C THR E 272 -11.74 -19.90 10.40
N THR E 273 -12.55 -19.97 9.37
CA THR E 273 -13.90 -19.39 9.41
C THR E 273 -14.58 -19.68 8.08
N GLY E 274 -15.83 -19.26 7.95
CA GLY E 274 -16.53 -19.45 6.70
C GLY E 274 -17.87 -20.16 6.71
N GLU E 275 -18.23 -20.87 7.78
CA GLU E 275 -19.49 -21.57 7.76
C GLU E 275 -20.71 -20.65 7.61
N HIS E 276 -20.55 -19.37 7.95
CA HIS E 276 -21.65 -18.43 7.80
C HIS E 276 -21.36 -17.38 6.74
N GLU E 277 -20.63 -17.79 5.70
CA GLU E 277 -20.32 -16.91 4.57
C GLU E 277 -21.00 -17.56 3.36
N TYR E 278 -21.30 -16.75 2.35
CA TYR E 278 -22.03 -17.24 1.18
C TYR E 278 -21.53 -16.73 -0.17
N SER E 279 -21.75 -17.54 -1.20
CA SER E 279 -21.40 -17.25 -2.59
C SER E 279 -19.91 -17.14 -2.90
N ARG E 280 -19.57 -17.23 -4.17
CA ARG E 280 -18.17 -17.12 -4.58
C ARG E 280 -17.66 -15.71 -4.29
N TYR E 281 -18.58 -14.75 -4.23
CA TYR E 281 -18.21 -13.37 -3.95
C TYR E 281 -17.90 -13.18 -2.47
N GLY E 282 -18.60 -13.94 -1.63
CA GLY E 282 -18.35 -13.84 -0.21
C GLY E 282 -17.04 -14.50 0.16
N PHE E 283 -16.75 -15.66 -0.42
CA PHE E 283 -15.51 -16.37 -0.12
C PHE E 283 -14.24 -15.80 -0.74
N ARG E 284 -14.36 -15.05 -1.83
CA ARG E 284 -13.15 -14.49 -2.42
C ARG E 284 -12.45 -13.62 -1.37
N LYS E 285 -13.26 -13.02 -0.50
CA LYS E 285 -12.77 -12.17 0.59
C LYS E 285 -11.94 -12.92 1.63
N LEU E 286 -12.33 -14.15 1.92
CA LEU E 286 -11.61 -14.94 2.91
C LEU E 286 -10.26 -15.42 2.40
N VAL E 287 -10.14 -15.54 1.08
CA VAL E 287 -8.88 -15.97 0.48
C VAL E 287 -7.96 -14.76 0.29
N GLU E 288 -8.54 -13.60 -0.02
CA GLU E 288 -7.74 -12.39 -0.21
C GLU E 288 -6.92 -12.09 1.04
N GLY E 289 -5.62 -11.85 0.86
CA GLY E 289 -4.76 -11.54 1.99
C GLY E 289 -4.23 -12.79 2.66
N ARG E 290 -4.87 -13.93 2.37
CA ARG E 290 -4.46 -15.20 2.94
C ARG E 290 -4.27 -15.13 4.46
N ASN E 291 -5.26 -14.60 5.15
CA ASN E 291 -5.21 -14.50 6.60
C ASN E 291 -5.98 -15.63 7.28
N LEU E 292 -6.49 -16.55 6.47
CA LEU E 292 -7.23 -17.70 6.99
C LEU E 292 -6.59 -18.97 6.45
N ASP E 293 -6.21 -19.86 7.36
CA ASP E 293 -5.57 -21.11 7.01
C ASP E 293 -6.50 -22.15 6.39
N ILE E 294 -7.79 -22.03 6.68
CA ILE E 294 -8.79 -22.95 6.14
C ILE E 294 -10.12 -22.20 6.04
N ILE E 295 -10.85 -22.41 4.96
CA ILE E 295 -12.16 -21.78 4.82
C ILE E 295 -13.13 -22.94 4.95
N GLN E 296 -14.22 -22.73 5.67
CA GLN E 296 -15.17 -23.80 5.96
C GLN E 296 -16.63 -23.54 5.62
N PRO E 297 -16.98 -23.47 4.34
CA PRO E 297 -18.38 -23.23 3.98
C PRO E 297 -19.24 -24.45 4.27
N ASP E 298 -20.53 -24.23 4.46
CA ASP E 298 -21.45 -25.34 4.69
C ASP E 298 -22.13 -25.50 3.33
N VAL E 299 -22.03 -26.70 2.75
CA VAL E 299 -22.59 -26.97 1.44
C VAL E 299 -24.09 -26.69 1.32
N MSE E 300 -24.83 -26.82 2.42
CA MSE E 300 -26.26 -26.58 2.41
C MSE E 300 -26.61 -25.11 2.63
O MSE E 300 -27.79 -24.73 2.57
CB MSE E 300 -26.95 -27.43 3.50
CG MSE E 300 -26.87 -28.93 3.25
SE MSE E 300 -27.59 -29.95 4.73
CE MSE E 300 -25.99 -30.06 5.80
N TRP E 301 -25.60 -24.28 2.86
CA TRP E 301 -25.85 -22.86 3.10
C TRP E 301 -25.23 -21.86 2.12
N LEU E 302 -23.98 -22.09 1.73
CA LEU E 302 -23.26 -21.16 0.85
C LEU E 302 -23.80 -20.93 -0.55
N GLY E 303 -24.60 -21.85 -1.06
CA GLY E 303 -25.14 -21.71 -2.40
C GLY E 303 -25.32 -23.07 -3.06
N GLY E 304 -24.66 -24.08 -2.51
CA GLY E 304 -24.78 -25.43 -3.05
C GLY E 304 -23.45 -25.98 -3.57
N LEU E 305 -23.52 -27.16 -4.16
CA LEU E 305 -22.34 -27.83 -4.71
C LEU E 305 -21.78 -27.11 -5.94
N THR E 306 -22.68 -26.64 -6.80
CA THR E 306 -22.25 -25.94 -8.01
C THR E 306 -21.36 -24.75 -7.63
N GLU E 307 -21.82 -23.94 -6.68
CA GLU E 307 -21.07 -22.77 -6.24
C GLU E 307 -19.83 -23.18 -5.43
N LEU E 308 -19.96 -24.21 -4.59
CA LEU E 308 -18.83 -24.67 -3.79
C LEU E 308 -17.65 -25.10 -4.66
N LEU E 309 -17.94 -25.70 -5.82
CA LEU E 309 -16.88 -26.12 -6.72
C LEU E 309 -16.07 -24.91 -7.18
N LYS E 310 -16.76 -23.79 -7.38
CA LYS E 310 -16.09 -22.56 -7.81
C LYS E 310 -15.30 -21.94 -6.67
N VAL E 311 -15.85 -22.03 -5.45
CA VAL E 311 -15.18 -21.50 -4.27
C VAL E 311 -13.89 -22.29 -4.02
N ALA E 312 -13.97 -23.60 -4.17
CA ALA E 312 -12.81 -24.46 -3.95
C ALA E 312 -11.72 -24.18 -4.99
N ALA E 313 -12.13 -23.93 -6.22
CA ALA E 313 -11.17 -23.66 -7.29
C ALA E 313 -10.40 -22.37 -7.03
N LEU E 314 -11.11 -21.36 -6.54
CA LEU E 314 -10.47 -20.07 -6.24
C LEU E 314 -9.45 -20.29 -5.13
N ALA E 315 -9.86 -20.99 -4.08
CA ALA E 315 -8.97 -21.28 -2.96
C ALA E 315 -7.76 -22.10 -3.41
N ALA E 316 -7.98 -23.03 -4.33
CA ALA E 316 -6.91 -23.90 -4.82
C ALA E 316 -5.80 -23.15 -5.56
N ALA E 317 -6.14 -22.02 -6.17
CA ALA E 317 -5.16 -21.22 -6.88
C ALA E 317 -4.19 -20.59 -5.88
N TYR E 318 -4.57 -20.57 -4.61
CA TYR E 318 -3.73 -20.01 -3.57
C TYR E 318 -3.38 -21.07 -2.54
N ASP E 319 -3.68 -22.33 -2.89
CA ASP E 319 -3.42 -23.48 -2.05
C ASP E 319 -4.05 -23.38 -0.67
N VAL E 320 -5.19 -22.72 -0.60
CA VAL E 320 -5.90 -22.60 0.67
C VAL E 320 -6.82 -23.81 0.74
N PRO E 321 -6.71 -24.60 1.82
CA PRO E 321 -7.59 -25.77 1.91
C PRO E 321 -9.03 -25.41 2.26
N VAL E 322 -9.96 -26.18 1.72
CA VAL E 322 -11.38 -26.00 1.97
C VAL E 322 -11.84 -27.23 2.74
N VAL E 323 -12.34 -27.01 3.96
CA VAL E 323 -12.83 -28.09 4.81
C VAL E 323 -14.23 -27.68 5.24
N PRO E 324 -15.26 -28.11 4.50
CA PRO E 324 -16.66 -27.78 4.79
C PRO E 324 -17.12 -28.06 6.21
N HIS E 325 -18.07 -27.24 6.66
CA HIS E 325 -18.66 -27.40 7.97
C HIS E 325 -19.55 -28.63 7.86
N ALA E 326 -19.14 -29.70 8.53
CA ALA E 326 -19.84 -30.98 8.54
C ALA E 326 -21.22 -30.95 7.90
N SER E 327 -21.33 -31.48 6.68
CA SER E 327 -22.60 -31.49 5.97
C SER E 327 -22.95 -32.89 5.47
N GLY E 328 -22.46 -33.90 6.19
CA GLY E 328 -22.74 -35.27 5.79
C GLY E 328 -22.27 -35.58 4.39
N PRO E 329 -22.95 -36.50 3.68
CA PRO E 329 -22.62 -36.90 2.31
C PRO E 329 -22.44 -35.75 1.32
N TYR E 330 -23.15 -34.66 1.53
CA TYR E 330 -23.04 -33.51 0.64
C TYR E 330 -21.61 -32.99 0.68
N SER E 331 -20.96 -33.11 1.84
CA SER E 331 -19.59 -32.68 1.98
C SER E 331 -18.62 -33.82 1.68
N TYR E 332 -19.02 -35.06 1.99
CA TYR E 332 -18.14 -36.20 1.73
C TYR E 332 -17.80 -36.34 0.24
N HIS E 333 -18.81 -36.28 -0.62
CA HIS E 333 -18.57 -36.41 -2.05
C HIS E 333 -17.70 -35.28 -2.57
N PHE E 334 -17.79 -34.12 -1.93
CA PHE E 334 -16.99 -32.98 -2.33
C PHE E 334 -15.53 -33.12 -1.90
N GLN E 335 -15.33 -33.41 -0.61
CA GLN E 335 -13.98 -33.56 -0.05
C GLN E 335 -13.13 -34.62 -0.72
N ILE E 336 -13.78 -35.72 -1.11
CA ILE E 336 -13.07 -36.83 -1.72
C ILE E 336 -12.64 -36.53 -3.16
N SER E 337 -13.18 -35.46 -3.74
CA SER E 337 -12.93 -35.13 -5.14
C SER E 337 -12.01 -33.96 -5.55
N GLN E 338 -11.69 -33.07 -4.62
CA GLN E 338 -10.87 -31.91 -4.98
C GLN E 338 -9.40 -32.02 -4.58
N PRO E 339 -8.55 -31.18 -5.19
CA PRO E 339 -7.12 -31.21 -4.86
C PRO E 339 -6.76 -30.51 -3.55
N ASN E 340 -7.66 -29.66 -3.07
CA ASN E 340 -7.40 -28.91 -1.83
C ASN E 340 -8.45 -29.11 -0.74
N THR E 341 -8.92 -30.34 -0.60
CA THR E 341 -9.93 -30.69 0.41
C THR E 341 -9.34 -31.88 1.17
N PRO E 342 -8.36 -31.62 2.05
CA PRO E 342 -7.62 -32.56 2.90
C PRO E 342 -8.33 -33.48 3.86
N PHE E 343 -9.35 -32.98 4.53
CA PHE E 343 -10.07 -33.80 5.50
C PHE E 343 -11.48 -33.31 5.73
N GLN E 344 -12.20 -34.01 6.59
CA GLN E 344 -13.60 -33.71 6.86
C GLN E 344 -13.92 -33.56 8.34
N GLU E 345 -14.97 -32.79 8.63
CA GLU E 345 -15.43 -32.60 9.99
C GLU E 345 -16.65 -33.47 10.24
N TYR E 346 -16.75 -33.99 11.45
CA TYR E 346 -17.93 -34.76 11.82
C TYR E 346 -18.38 -34.12 13.12
N LEU E 347 -19.57 -33.51 13.08
CA LEU E 347 -20.13 -32.85 14.25
C LEU E 347 -20.82 -33.89 15.10
N ALA E 348 -20.19 -34.26 16.22
CA ALA E 348 -20.74 -35.26 17.12
C ALA E 348 -22.22 -34.96 17.36
N ASN E 349 -23.08 -35.88 16.95
CA ASN E 349 -24.50 -35.68 17.09
C ASN E 349 -25.11 -36.48 18.24
N SER E 350 -24.26 -37.12 19.03
CA SER E 350 -24.75 -37.86 20.19
C SER E 350 -24.90 -36.80 21.27
N PRO E 351 -25.94 -36.91 22.12
CA PRO E 351 -26.18 -35.94 23.20
C PRO E 351 -24.96 -35.61 24.06
N ASP E 352 -24.14 -36.62 24.35
CA ASP E 352 -22.96 -36.42 25.18
C ASP E 352 -21.66 -36.34 24.39
N GLY E 353 -21.76 -36.43 23.06
CA GLY E 353 -20.60 -36.36 22.21
C GLY E 353 -19.60 -37.49 22.34
N LYS E 354 -20.05 -38.65 22.82
CA LYS E 354 -19.15 -39.79 22.99
C LYS E 354 -19.33 -40.88 21.93
N SER E 355 -20.23 -40.67 20.98
CA SER E 355 -20.46 -41.66 19.93
C SER E 355 -20.87 -40.99 18.62
N VAL E 356 -20.72 -41.72 17.52
CA VAL E 356 -21.06 -41.20 16.20
C VAL E 356 -22.43 -41.69 15.73
N LEU E 357 -23.33 -40.74 15.48
CA LEU E 357 -24.67 -41.05 15.00
C LEU E 357 -24.92 -40.30 13.69
N PRO E 358 -25.89 -40.74 12.89
CA PRO E 358 -26.21 -40.09 11.62
C PRO E 358 -26.38 -38.58 11.74
N VAL E 359 -25.79 -37.83 10.82
CA VAL E 359 -25.90 -36.38 10.85
C VAL E 359 -27.34 -35.92 10.65
N PHE E 360 -28.07 -36.61 9.78
CA PHE E 360 -29.45 -36.25 9.48
C PHE E 360 -30.51 -37.07 10.22
N GLY E 361 -30.10 -37.71 11.31
CA GLY E 361 -31.04 -38.50 12.09
C GLY E 361 -31.70 -39.66 11.34
N ASP E 362 -32.96 -39.93 11.66
CA ASP E 362 -33.69 -41.04 11.04
C ASP E 362 -34.34 -40.69 9.70
N LEU E 363 -33.99 -39.55 9.12
CA LEU E 363 -34.57 -39.15 7.85
C LEU E 363 -34.19 -40.14 6.76
N PHE E 364 -32.96 -40.66 6.85
CA PHE E 364 -32.45 -41.62 5.87
C PHE E 364 -32.11 -42.93 6.58
N ILE E 365 -31.96 -44.00 5.80
CA ILE E 365 -31.66 -45.31 6.36
C ILE E 365 -30.25 -45.83 6.07
N ASP E 366 -29.53 -45.16 5.17
CA ASP E 366 -28.20 -45.62 4.79
C ASP E 366 -27.10 -44.55 4.79
N GLU E 367 -27.13 -43.63 5.74
CA GLU E 367 -26.10 -42.61 5.80
C GLU E 367 -24.76 -43.21 6.23
N PRO E 368 -23.70 -43.02 5.42
CA PRO E 368 -22.40 -43.57 5.80
C PRO E 368 -21.84 -42.78 6.99
N ILE E 369 -21.45 -43.49 8.04
CA ILE E 369 -20.92 -42.84 9.25
C ILE E 369 -19.51 -43.28 9.57
N PRO E 370 -18.64 -42.31 9.93
CA PRO E 370 -17.23 -42.58 10.27
C PRO E 370 -17.06 -43.07 11.70
N THR E 371 -17.58 -44.26 11.99
CA THR E 371 -17.46 -44.82 13.33
C THR E 371 -16.00 -45.12 13.67
N LYS E 372 -15.17 -45.24 12.64
CA LYS E 372 -13.76 -45.52 12.82
C LYS E 372 -12.92 -44.26 12.59
N GLY E 373 -13.59 -43.13 12.36
CA GLY E 373 -12.88 -41.90 12.13
C GLY E 373 -12.53 -41.64 10.68
N TYR E 374 -13.11 -42.42 9.77
CA TYR E 374 -12.84 -42.25 8.35
C TYR E 374 -13.88 -42.96 7.50
N LEU E 375 -13.89 -42.64 6.22
CA LEU E 375 -14.79 -43.27 5.26
C LEU E 375 -13.93 -43.55 4.04
N THR E 376 -14.44 -44.37 3.13
CA THR E 376 -13.70 -44.70 1.92
C THR E 376 -14.57 -44.40 0.72
N THR E 377 -13.97 -44.42 -0.47
CA THR E 377 -14.73 -44.17 -1.69
C THR E 377 -15.81 -45.23 -1.85
N ALA E 378 -15.53 -46.45 -1.39
CA ALA E 378 -16.49 -47.54 -1.49
C ALA E 378 -17.75 -47.21 -0.69
N ASP E 379 -17.58 -46.53 0.44
CA ASP E 379 -18.72 -46.16 1.28
C ASP E 379 -19.65 -45.19 0.54
N LEU E 380 -19.08 -44.48 -0.43
CA LEU E 380 -19.84 -43.49 -1.19
C LEU E 380 -20.36 -44.00 -2.55
N ASP E 381 -20.10 -45.27 -2.85
CA ASP E 381 -20.52 -45.81 -4.15
C ASP E 381 -21.99 -46.19 -4.27
N LYS E 382 -22.84 -45.17 -4.26
CA LYS E 382 -24.28 -45.30 -4.40
C LYS E 382 -24.71 -44.16 -5.32
N PRO E 383 -25.84 -44.30 -6.02
CA PRO E 383 -26.32 -43.25 -6.93
C PRO E 383 -26.55 -41.91 -6.24
N GLY E 384 -26.21 -40.82 -6.91
CA GLY E 384 -26.39 -39.50 -6.33
C GLY E 384 -25.60 -39.35 -5.05
N PHE E 385 -26.23 -38.86 -3.99
CA PHE E 385 -25.54 -38.70 -2.72
C PHE E 385 -25.70 -39.94 -1.85
N GLY E 386 -26.25 -41.00 -2.45
CA GLY E 386 -26.43 -42.26 -1.76
C GLY E 386 -27.32 -42.28 -0.53
N LEU E 387 -28.22 -41.32 -0.40
CA LEU E 387 -29.12 -41.30 0.75
C LEU E 387 -30.51 -41.73 0.35
N THR E 388 -31.05 -42.70 1.07
CA THR E 388 -32.38 -43.23 0.81
C THR E 388 -33.30 -42.85 1.96
N ILE E 389 -34.41 -42.18 1.64
CA ILE E 389 -35.34 -41.76 2.66
C ILE E 389 -35.95 -42.92 3.43
N ASN E 390 -36.02 -42.77 4.74
CA ASN E 390 -36.59 -43.78 5.61
C ASN E 390 -38.10 -43.78 5.40
N PRO E 391 -38.66 -44.90 4.90
CA PRO E 391 -40.11 -44.94 4.68
C PRO E 391 -40.88 -44.57 5.94
N ALA E 392 -40.30 -44.86 7.10
CA ALA E 392 -40.94 -44.54 8.37
C ALA E 392 -40.98 -43.03 8.60
N ALA E 393 -40.04 -42.31 8.00
CA ALA E 393 -39.97 -40.86 8.14
C ALA E 393 -40.95 -40.15 7.22
N ARG E 394 -41.47 -40.87 6.22
CA ARG E 394 -42.41 -40.31 5.28
C ARG E 394 -43.58 -39.66 6.00
N ALA E 395 -44.00 -40.27 7.11
CA ALA E 395 -45.12 -39.75 7.90
C ALA E 395 -44.80 -38.41 8.57
N LYS E 396 -43.52 -38.15 8.80
CA LYS E 396 -43.10 -36.90 9.41
C LYS E 396 -42.97 -35.80 8.37
N LEU E 397 -42.88 -36.17 7.11
CA LEU E 397 -42.75 -35.19 6.04
C LEU E 397 -44.05 -34.45 5.84
N ILE E 398 -44.07 -33.19 6.30
CA ILE E 398 -45.25 -32.35 6.19
C ILE E 398 -45.21 -31.55 4.89
N PRO E 399 -46.21 -31.76 4.01
CA PRO E 399 -46.25 -31.02 2.74
C PRO E 399 -46.30 -29.54 3.06
N SER E 400 -45.65 -28.72 2.23
CA SER E 400 -45.61 -27.28 2.45
C SER E 400 -46.85 -26.56 1.92
N ASP E 401 -47.77 -27.31 1.35
CA ASP E 401 -49.00 -26.76 0.79
C ASP E 401 -49.75 -25.76 1.67
N TYR E 402 -49.83 -26.05 2.97
CA TYR E 402 -50.56 -25.19 3.90
C TYR E 402 -50.07 -23.74 3.93
N LEU E 403 -48.80 -23.54 3.59
CA LEU E 403 -48.22 -22.20 3.60
C LEU E 403 -48.77 -21.29 2.51
N PHE E 404 -49.48 -21.89 1.55
CA PHE E 404 -50.02 -21.12 0.43
C PHE E 404 -51.54 -20.99 0.49
N LYS E 405 -52.13 -21.47 1.58
CA LYS E 405 -53.57 -21.41 1.77
C LYS E 405 -53.91 -20.06 2.41
N VAL E 406 -53.78 -18.99 1.63
CA VAL E 406 -54.06 -17.65 2.14
C VAL E 406 -55.56 -17.34 2.21
N PRO E 407 -56.01 -16.83 3.36
CA PRO E 407 -57.43 -16.48 3.57
C PRO E 407 -57.91 -15.48 2.52
N GLU E 408 -59.19 -15.56 2.16
CA GLU E 408 -59.77 -14.67 1.16
C GLU E 408 -59.86 -13.22 1.64
N LEU F 2 -39.04 3.64 39.19
CA LEU F 2 -38.99 4.94 39.93
C LEU F 2 -39.96 5.94 39.33
N SER F 3 -40.73 6.59 40.19
CA SER F 3 -41.73 7.57 39.76
C SER F 3 -41.14 8.96 39.51
N SER F 4 -39.82 9.09 39.69
CA SER F 4 -39.15 10.37 39.48
C SER F 4 -39.10 10.72 37.99
N VAL F 5 -39.28 9.71 37.15
CA VAL F 5 -39.28 9.89 35.71
C VAL F 5 -40.47 9.19 35.09
N LYS F 6 -40.68 9.44 33.81
CA LYS F 6 -41.81 8.89 33.08
C LYS F 6 -41.94 7.37 33.19
N ASP F 7 -43.18 6.92 33.36
CA ASP F 7 -43.48 5.50 33.42
C ASP F 7 -43.87 5.11 32.01
N PHE F 8 -42.88 4.67 31.23
CA PHE F 8 -43.12 4.30 29.84
C PHE F 8 -43.77 2.94 29.71
N PRO F 9 -44.79 2.83 28.85
CA PRO F 9 -45.52 1.58 28.62
C PRO F 9 -44.59 0.54 27.98
N LYS F 10 -44.68 -0.70 28.44
CA LYS F 10 -43.84 -1.75 27.87
C LYS F 10 -44.58 -2.41 26.70
N ILE F 11 -43.86 -3.21 25.92
CA ILE F 11 -44.46 -3.89 24.79
C ILE F 11 -45.36 -5.02 25.29
N LYS F 12 -46.63 -4.98 24.87
CA LYS F 12 -47.58 -6.00 25.28
C LYS F 12 -47.77 -7.08 24.22
N ALA F 13 -47.86 -6.66 22.96
CA ALA F 13 -48.07 -7.62 21.90
C ALA F 13 -47.60 -7.12 20.53
N ILE F 14 -47.41 -8.07 19.62
CA ILE F 14 -46.99 -7.76 18.27
C ILE F 14 -47.86 -8.55 17.30
N ARG F 15 -48.33 -7.89 16.25
CA ARG F 15 -49.17 -8.52 15.25
C ARG F 15 -48.61 -8.25 13.87
N SER F 16 -48.81 -9.18 12.94
CA SER F 16 -48.31 -8.99 11.59
C SER F 16 -49.38 -9.37 10.58
N PHE F 17 -49.41 -8.63 9.48
CA PHE F 17 -50.38 -8.86 8.43
C PHE F 17 -49.73 -8.84 7.07
N ILE F 18 -50.33 -9.55 6.13
CA ILE F 18 -49.86 -9.57 4.77
C ILE F 18 -50.86 -8.66 4.07
N ILE F 19 -50.37 -7.76 3.23
CA ILE F 19 -51.25 -6.84 2.54
C ILE F 19 -51.76 -7.46 1.23
N GLY F 20 -53.06 -7.75 1.21
CA GLY F 20 -53.66 -8.36 0.03
C GLY F 20 -53.63 -7.47 -1.19
N GLY F 21 -53.58 -8.09 -2.37
CA GLY F 21 -53.57 -7.35 -3.61
C GLY F 21 -52.20 -6.77 -3.95
N VAL F 22 -52.18 -5.79 -4.84
CA VAL F 22 -50.94 -5.15 -5.25
C VAL F 22 -51.03 -3.64 -5.06
N GLY F 23 -49.92 -2.95 -5.29
CA GLY F 23 -49.88 -1.50 -5.16
C GLY F 23 -50.24 -0.94 -3.79
N SER F 24 -50.06 -1.72 -2.74
CA SER F 24 -50.37 -1.28 -1.38
C SER F 24 -49.37 -1.85 -0.38
N GLY F 25 -48.60 -0.98 0.26
CA GLY F 25 -47.63 -1.45 1.23
C GLY F 25 -46.20 -1.18 0.82
N GLY F 26 -45.26 -1.68 1.64
CA GLY F 26 -43.84 -1.47 1.40
C GLY F 26 -43.17 -2.05 0.17
N ASP F 27 -43.75 -3.06 -0.47
CA ASP F 27 -43.13 -3.65 -1.66
C ASP F 27 -43.37 -2.79 -2.89
N TYR F 28 -42.44 -1.87 -3.16
CA TYR F 28 -42.52 -0.97 -4.30
C TYR F 28 -42.84 -1.65 -5.63
N HIS F 29 -42.30 -2.84 -5.83
CA HIS F 29 -42.46 -3.54 -7.09
C HIS F 29 -43.64 -4.50 -7.23
N ASN F 30 -44.45 -4.63 -6.18
CA ASN F 30 -45.62 -5.49 -6.25
C ASN F 30 -46.76 -4.60 -6.72
N VAL F 31 -46.74 -4.25 -8.01
CA VAL F 31 -47.74 -3.38 -8.61
C VAL F 31 -48.50 -4.06 -9.75
N LYS F 32 -49.48 -3.34 -10.29
CA LYS F 32 -50.30 -3.82 -11.38
C LYS F 32 -49.53 -3.81 -12.70
N GLY F 33 -49.83 -4.77 -13.56
CA GLY F 33 -49.16 -4.83 -14.85
C GLY F 33 -49.30 -3.54 -15.61
N GLY F 34 -48.29 -3.19 -16.40
CA GLY F 34 -48.33 -1.96 -17.16
C GLY F 34 -47.52 -0.86 -16.51
N HIS F 35 -47.27 -1.00 -15.21
CA HIS F 35 -46.50 -0.01 -14.47
C HIS F 35 -45.07 -0.01 -15.02
N TRP F 36 -44.49 1.17 -15.22
CA TRP F 36 -43.14 1.25 -15.75
C TRP F 36 -42.16 0.50 -14.85
N LEU F 37 -42.47 0.46 -13.55
CA LEU F 37 -41.60 -0.21 -12.59
C LEU F 37 -41.37 -1.70 -12.90
N ILE F 38 -42.29 -2.32 -13.64
CA ILE F 38 -42.15 -3.73 -13.95
C ILE F 38 -42.27 -4.09 -15.43
N ASP F 39 -42.85 -3.20 -16.24
CA ASP F 39 -43.04 -3.50 -17.66
C ASP F 39 -42.33 -2.64 -18.69
N SER F 40 -41.42 -1.77 -18.26
CA SER F 40 -40.68 -0.94 -19.20
C SER F 40 -39.29 -1.55 -19.38
N ASP F 41 -38.53 -1.09 -20.36
CA ASP F 41 -37.20 -1.65 -20.57
C ASP F 41 -36.28 -1.19 -19.45
N ILE F 42 -35.91 -2.12 -18.59
CA ILE F 42 -35.02 -1.83 -17.47
C ILE F 42 -33.95 -2.91 -17.38
N SER F 43 -32.69 -2.51 -17.37
CA SER F 43 -31.59 -3.47 -17.27
C SER F 43 -31.53 -4.00 -15.84
N THR F 44 -31.51 -5.32 -15.70
CA THR F 44 -31.47 -5.96 -14.38
C THR F 44 -30.48 -7.12 -14.37
N PRO F 45 -30.24 -7.72 -13.19
CA PRO F 45 -29.31 -8.85 -13.08
C PRO F 45 -29.79 -10.07 -13.89
N ALA F 46 -31.07 -10.10 -14.22
CA ALA F 46 -31.65 -11.21 -14.97
C ALA F 46 -31.84 -10.93 -16.46
N SER F 47 -31.42 -9.75 -16.89
CA SER F 47 -31.56 -9.35 -18.29
C SER F 47 -30.71 -10.18 -19.24
N LYS F 48 -29.82 -11.00 -18.68
CA LYS F 48 -28.95 -11.85 -19.48
C LYS F 48 -29.80 -12.89 -20.21
N TRP F 49 -30.96 -13.19 -19.64
CA TRP F 49 -31.85 -14.20 -20.21
C TRP F 49 -33.11 -13.64 -20.85
N GLU F 50 -33.27 -13.93 -22.13
CA GLU F 50 -34.39 -13.46 -22.93
C GLU F 50 -35.78 -13.54 -22.29
N GLN F 51 -36.09 -14.66 -21.66
CA GLN F 51 -37.40 -14.81 -21.03
C GLN F 51 -37.57 -14.00 -19.76
N TYR F 52 -36.50 -13.35 -19.30
CA TYR F 52 -36.58 -12.55 -18.08
C TYR F 52 -36.19 -11.09 -18.27
N LYS F 53 -35.99 -10.67 -19.51
CA LYS F 53 -35.59 -9.29 -19.74
C LYS F 53 -36.71 -8.31 -20.07
N LYS F 54 -37.88 -8.81 -20.46
CA LYS F 54 -38.98 -7.93 -20.81
C LYS F 54 -39.81 -7.39 -19.64
N SER F 55 -39.89 -8.15 -18.56
CA SER F 55 -40.65 -7.72 -17.39
C SER F 55 -39.89 -8.10 -16.12
N ARG F 56 -39.92 -7.21 -15.14
CA ARG F 56 -39.23 -7.46 -13.89
C ARG F 56 -39.96 -8.51 -13.05
N THR F 57 -41.26 -8.68 -13.29
CA THR F 57 -42.02 -9.67 -12.54
C THR F 57 -41.75 -11.08 -13.04
N SER F 58 -41.31 -11.20 -14.29
CA SER F 58 -41.03 -12.52 -14.87
C SER F 58 -40.01 -13.29 -14.02
N TRP F 59 -38.99 -12.61 -13.53
CA TRP F 59 -38.00 -13.29 -12.70
C TRP F 59 -38.30 -13.20 -11.21
N GLY F 60 -39.41 -12.56 -10.85
CA GLY F 60 -39.81 -12.49 -9.46
C GLY F 60 -39.52 -11.28 -8.58
N ILE F 61 -39.39 -10.09 -9.16
CA ILE F 61 -39.12 -8.91 -8.33
C ILE F 61 -40.26 -8.63 -7.36
N ASN F 62 -41.44 -9.13 -7.68
CA ASN F 62 -42.63 -8.93 -6.87
C ASN F 62 -43.02 -10.18 -6.07
N VAL F 63 -42.12 -11.15 -6.01
CA VAL F 63 -42.42 -12.40 -5.32
C VAL F 63 -42.77 -12.32 -3.83
N LEU F 64 -42.14 -11.39 -3.10
CA LEU F 64 -42.37 -11.27 -1.67
C LEU F 64 -43.70 -10.66 -1.22
N GLY F 65 -44.03 -9.48 -1.74
CA GLY F 65 -45.26 -8.84 -1.33
C GLY F 65 -45.00 -7.98 -0.11
N SER F 66 -46.02 -7.27 0.36
CA SER F 66 -45.86 -6.40 1.51
C SER F 66 -46.44 -6.97 2.79
N PHE F 67 -45.93 -6.50 3.93
CA PHE F 67 -46.45 -6.93 5.22
C PHE F 67 -46.50 -5.73 6.15
N LEU F 68 -47.28 -5.86 7.21
CA LEU F 68 -47.44 -4.80 8.19
C LEU F 68 -47.21 -5.37 9.58
N VAL F 69 -46.51 -4.60 10.41
CA VAL F 69 -46.24 -5.01 11.77
C VAL F 69 -46.82 -3.98 12.74
N GLU F 70 -47.57 -4.46 13.73
CA GLU F 70 -48.15 -3.58 14.73
C GLU F 70 -47.58 -3.98 16.07
N ILE F 71 -47.13 -3.01 16.86
CA ILE F 71 -46.59 -3.29 18.18
C ILE F 71 -47.46 -2.52 19.18
N GLU F 72 -48.15 -3.26 20.05
CA GLU F 72 -49.01 -2.61 21.03
C GLU F 72 -48.36 -2.56 22.40
N ALA F 73 -48.42 -1.38 23.02
CA ALA F 73 -47.86 -1.18 24.34
C ALA F 73 -48.94 -1.44 25.38
N THR F 74 -48.53 -1.63 26.63
CA THR F 74 -49.48 -1.91 27.71
C THR F 74 -50.52 -0.81 27.95
N ASP F 75 -50.26 0.38 27.43
CA ASP F 75 -51.21 1.49 27.61
C ASP F 75 -52.20 1.56 26.46
N GLY F 76 -52.08 0.63 25.50
CA GLY F 76 -52.98 0.62 24.37
C GLY F 76 -52.46 1.35 23.14
N THR F 77 -51.34 2.05 23.28
CA THR F 77 -50.78 2.78 22.15
C THR F 77 -50.21 1.77 21.15
N VAL F 78 -50.45 2.01 19.87
CA VAL F 78 -49.97 1.10 18.83
C VAL F 78 -49.06 1.78 17.80
N GLY F 79 -47.89 1.18 17.59
CA GLY F 79 -46.97 1.70 16.60
C GLY F 79 -46.94 0.67 15.48
N PHE F 80 -46.74 1.11 14.25
CA PHE F 80 -46.70 0.17 13.14
C PHE F 80 -45.84 0.66 12.00
N ALA F 81 -45.49 -0.25 11.10
CA ALA F 81 -44.67 0.07 9.94
C ALA F 81 -44.90 -0.99 8.88
N THR F 82 -44.61 -0.65 7.63
CA THR F 82 -44.79 -1.59 6.53
C THR F 82 -43.47 -1.74 5.78
N GLY F 83 -43.38 -2.80 5.00
CA GLY F 83 -42.18 -3.05 4.22
C GLY F 83 -42.41 -4.25 3.32
N PHE F 84 -41.42 -4.66 2.54
CA PHE F 84 -41.61 -5.82 1.70
C PHE F 84 -41.12 -7.03 2.48
N GLY F 85 -41.63 -8.21 2.16
CA GLY F 85 -41.23 -9.41 2.86
C GLY F 85 -42.37 -10.43 2.89
N GLY F 86 -43.59 -9.92 2.86
CA GLY F 86 -44.77 -10.78 2.84
C GLY F 86 -44.82 -11.91 3.85
N PRO F 87 -45.37 -13.07 3.45
CA PRO F 87 -45.50 -14.26 4.30
C PRO F 87 -44.23 -14.71 5.03
N PRO F 88 -43.12 -14.90 4.30
CA PRO F 88 -41.92 -15.34 5.02
C PRO F 88 -41.46 -14.36 6.09
N ALA F 89 -41.66 -13.07 5.85
CA ALA F 89 -41.28 -12.05 6.83
C ALA F 89 -42.13 -12.20 8.09
N CYS F 90 -43.44 -12.32 7.90
CA CYS F 90 -44.37 -12.48 9.02
C CYS F 90 -44.03 -13.75 9.81
N TRP F 91 -43.64 -14.79 9.11
CA TRP F 91 -43.31 -16.05 9.76
C TRP F 91 -42.16 -15.82 10.73
N LEU F 92 -41.14 -15.10 10.27
CA LEU F 92 -39.96 -14.79 11.09
C LEU F 92 -40.29 -13.86 12.26
N VAL F 93 -41.18 -12.91 12.03
CA VAL F 93 -41.59 -11.97 13.07
C VAL F 93 -42.02 -12.69 14.34
N HIS F 94 -42.89 -13.68 14.19
CA HIS F 94 -43.41 -14.41 15.33
C HIS F 94 -42.55 -15.58 15.82
N GLN F 95 -42.03 -16.37 14.89
CA GLN F 95 -41.23 -17.52 15.26
C GLN F 95 -39.90 -17.18 15.90
N HIS F 96 -39.26 -16.12 15.43
CA HIS F 96 -37.96 -15.77 15.99
C HIS F 96 -37.89 -14.50 16.82
N PHE F 97 -38.26 -13.37 16.22
CA PHE F 97 -38.14 -12.08 16.87
C PHE F 97 -39.10 -11.66 17.98
N GLU F 98 -40.30 -12.23 18.00
CA GLU F 98 -41.25 -11.85 19.05
C GLU F 98 -40.71 -12.03 20.46
N ARG F 99 -39.90 -13.07 20.66
CA ARG F 99 -39.34 -13.37 21.98
C ARG F 99 -38.51 -12.24 22.60
N PHE F 100 -37.88 -11.41 21.78
CA PHE F 100 -37.07 -10.32 22.30
C PHE F 100 -37.90 -9.08 22.60
N LEU F 101 -39.10 -9.02 22.05
CA LEU F 101 -39.97 -7.85 22.19
C LEU F 101 -40.97 -7.83 23.34
N ILE F 102 -41.71 -8.91 23.54
CA ILE F 102 -42.72 -8.94 24.59
C ILE F 102 -42.16 -8.60 25.97
N GLY F 103 -42.76 -7.60 26.60
CA GLY F 103 -42.34 -7.19 27.94
C GLY F 103 -41.19 -6.20 27.98
N ALA F 104 -40.61 -5.89 26.83
CA ALA F 104 -39.47 -4.97 26.78
C ALA F 104 -39.87 -3.50 26.73
N ASP F 105 -38.96 -2.64 27.18
CA ASP F 105 -39.19 -1.20 27.15
C ASP F 105 -38.89 -0.81 25.70
N PRO F 106 -39.88 -0.28 24.97
CA PRO F 106 -39.67 0.11 23.57
C PRO F 106 -38.58 1.16 23.35
N ARG F 107 -38.18 1.85 24.41
CA ARG F 107 -37.13 2.85 24.30
C ARG F 107 -35.75 2.21 24.15
N ASN F 108 -35.67 0.91 24.40
CA ASN F 108 -34.39 0.19 24.29
C ASN F 108 -34.18 -0.25 22.85
N THR F 109 -34.18 0.72 21.94
CA THR F 109 -33.98 0.43 20.53
C THR F 109 -32.60 -0.15 20.24
N ASN F 110 -31.58 0.34 20.91
CA ASN F 110 -30.23 -0.18 20.67
C ASN F 110 -30.12 -1.63 21.09
N LEU F 111 -30.66 -1.96 22.26
CA LEU F 111 -30.61 -3.34 22.76
C LEU F 111 -31.40 -4.30 21.86
N LEU F 112 -32.64 -3.94 21.56
CA LEU F 112 -33.48 -4.80 20.74
C LEU F 112 -32.92 -5.04 19.35
N PHE F 113 -32.30 -4.02 18.74
CA PHE F 113 -31.73 -4.22 17.42
C PHE F 113 -30.55 -5.20 17.50
N GLU F 114 -29.67 -4.97 18.46
CA GLU F 114 -28.51 -5.84 18.62
C GLU F 114 -28.91 -7.29 18.85
N GLN F 115 -29.94 -7.51 19.67
CA GLN F 115 -30.39 -8.87 19.96
C GLN F 115 -31.00 -9.54 18.73
N MSE F 116 -31.87 -8.83 18.02
CA MSE F 116 -32.48 -9.40 16.84
C MSE F 116 -31.44 -9.68 15.76
O MSE F 116 -31.46 -10.73 15.12
CB MSE F 116 -33.55 -8.46 16.27
CG MSE F 116 -34.79 -8.34 17.16
SE MSE F 116 -36.22 -7.40 16.26
CE MSE F 116 -35.70 -5.58 16.68
N TYR F 117 -30.51 -8.74 15.57
CA TYR F 117 -29.48 -8.90 14.56
C TYR F 117 -28.50 -10.02 14.90
N ARG F 118 -27.94 -9.99 16.10
CA ARG F 118 -26.98 -11.01 16.47
C ARG F 118 -27.59 -12.41 16.66
N ALA F 119 -28.85 -12.46 17.07
CA ALA F 119 -29.50 -13.75 17.26
C ALA F 119 -29.90 -14.39 15.92
N SER F 120 -30.00 -13.58 14.86
CA SER F 120 -30.36 -14.10 13.54
C SER F 120 -29.15 -14.18 12.62
N MSE F 121 -27.98 -13.87 13.18
CA MSE F 121 -26.74 -13.89 12.43
C MSE F 121 -26.49 -15.18 11.65
O MSE F 121 -26.03 -15.14 10.50
CB MSE F 121 -25.59 -13.63 13.41
CG MSE F 121 -24.21 -13.55 12.80
SE MSE F 121 -22.99 -12.75 14.08
CE MSE F 121 -23.42 -10.91 13.67
N PHE F 122 -26.82 -16.32 12.24
CA PHE F 122 -26.58 -17.60 11.58
C PHE F 122 -27.33 -17.82 10.27
N TYR F 123 -28.34 -17.00 9.99
CA TYR F 123 -29.08 -17.14 8.72
C TYR F 123 -29.41 -15.77 8.13
N GLY F 124 -28.84 -14.71 8.71
CA GLY F 124 -29.11 -13.37 8.23
C GLY F 124 -27.92 -12.52 7.81
N ARG F 125 -27.71 -11.42 8.54
CA ARG F 125 -26.66 -10.44 8.29
C ARG F 125 -27.05 -9.55 7.11
N LYS F 126 -27.67 -10.15 6.10
CA LYS F 126 -28.10 -9.40 4.94
C LYS F 126 -29.38 -10.01 4.38
N GLY F 127 -30.07 -9.26 3.52
CA GLY F 127 -31.28 -9.78 2.92
C GLY F 127 -32.55 -9.77 3.72
N LEU F 128 -33.46 -10.67 3.35
CA LEU F 128 -34.77 -10.81 3.97
C LEU F 128 -34.85 -10.73 5.50
N PRO F 129 -34.02 -11.48 6.23
CA PRO F 129 -34.12 -11.39 7.68
C PRO F 129 -33.91 -9.97 8.22
N ILE F 130 -33.03 -9.21 7.57
CA ILE F 130 -32.76 -7.85 7.99
C ILE F 130 -33.93 -6.93 7.67
N ALA F 131 -34.64 -7.22 6.58
CA ALA F 131 -35.80 -6.44 6.21
C ALA F 131 -36.85 -6.60 7.30
N VAL F 132 -36.95 -7.80 7.85
CA VAL F 132 -37.91 -8.08 8.92
C VAL F 132 -37.57 -7.22 10.13
N ILE F 133 -36.32 -7.27 10.55
CA ILE F 133 -35.86 -6.49 11.68
C ILE F 133 -36.11 -5.00 11.44
N SER F 134 -35.89 -4.57 10.20
CA SER F 134 -36.09 -3.16 9.85
C SER F 134 -37.50 -2.67 10.13
N VAL F 135 -38.49 -3.42 9.67
CA VAL F 135 -39.90 -3.06 9.86
C VAL F 135 -40.29 -3.07 11.33
N ILE F 136 -39.77 -4.03 12.08
CA ILE F 136 -40.05 -4.10 13.51
C ILE F 136 -39.48 -2.84 14.18
N ASP F 137 -38.24 -2.50 13.83
CA ASP F 137 -37.58 -1.32 14.39
C ASP F 137 -38.36 -0.03 14.07
N LEU F 138 -38.87 0.06 12.85
CA LEU F 138 -39.64 1.25 12.47
C LEU F 138 -40.94 1.33 13.26
N ALA F 139 -41.56 0.18 13.50
CA ALA F 139 -42.79 0.13 14.27
C ALA F 139 -42.49 0.60 15.69
N LEU F 140 -41.30 0.25 16.19
CA LEU F 140 -40.91 0.67 17.52
C LEU F 140 -40.81 2.19 17.56
N TRP F 141 -40.17 2.77 16.56
CA TRP F 141 -40.03 4.21 16.50
C TRP F 141 -41.38 4.92 16.33
N ASP F 142 -42.29 4.30 15.58
CA ASP F 142 -43.61 4.87 15.38
C ASP F 142 -44.29 4.90 16.75
N LEU F 143 -44.12 3.81 17.50
CA LEU F 143 -44.71 3.68 18.83
C LEU F 143 -44.15 4.73 19.78
N LEU F 144 -42.84 4.89 19.76
CA LEU F 144 -42.18 5.86 20.62
C LEU F 144 -42.72 7.28 20.38
N GLY F 145 -42.86 7.63 19.11
CA GLY F 145 -43.37 8.95 18.77
C GLY F 145 -44.80 9.14 19.23
N LYS F 146 -45.60 8.08 19.13
CA LYS F 146 -47.00 8.17 19.54
C LYS F 146 -47.15 8.27 21.05
N VAL F 147 -46.31 7.54 21.79
CA VAL F 147 -46.38 7.61 23.25
C VAL F 147 -46.01 9.02 23.70
N ARG F 148 -45.01 9.61 23.06
CA ARG F 148 -44.55 10.95 23.41
C ARG F 148 -45.30 12.07 22.69
N ASN F 149 -46.16 11.69 21.75
CA ASN F 149 -46.92 12.66 20.95
C ASN F 149 -45.98 13.61 20.20
N GLU F 150 -44.90 13.03 19.66
CA GLU F 150 -43.93 13.82 18.89
C GLU F 150 -43.61 13.10 17.58
N PRO F 151 -43.26 13.86 16.54
CA PRO F 151 -42.92 13.24 15.25
C PRO F 151 -41.57 12.55 15.46
N VAL F 152 -41.31 11.48 14.73
CA VAL F 152 -40.04 10.76 14.87
C VAL F 152 -38.81 11.65 14.67
N TYR F 153 -38.85 12.57 13.70
CA TYR F 153 -37.69 13.43 13.46
C TYR F 153 -37.30 14.27 14.66
N ARG F 154 -38.26 14.60 15.52
CA ARG F 154 -37.98 15.40 16.72
C ARG F 154 -37.33 14.56 17.80
N LEU F 155 -37.27 13.24 17.59
CA LEU F 155 -36.67 12.33 18.56
C LEU F 155 -35.28 11.85 18.15
N ILE F 156 -34.89 12.15 16.91
CA ILE F 156 -33.59 11.70 16.42
C ILE F 156 -32.63 12.80 15.98
N GLY F 157 -32.75 13.98 16.60
CA GLY F 157 -31.85 15.07 16.25
C GLY F 157 -32.54 16.36 15.86
N GLY F 158 -33.84 16.30 15.63
CA GLY F 158 -34.57 17.49 15.26
C GLY F 158 -34.49 17.79 13.77
N ALA F 159 -34.76 19.05 13.41
CA ALA F 159 -34.70 19.43 12.01
C ALA F 159 -33.41 20.19 11.69
N THR F 160 -32.59 19.62 10.81
CA THR F 160 -31.36 20.28 10.40
C THR F 160 -31.68 21.16 9.20
N LYS F 161 -32.91 21.02 8.70
CA LYS F 161 -33.39 21.81 7.58
C LYS F 161 -34.91 21.88 7.74
N GLU F 162 -35.51 22.95 7.24
CA GLU F 162 -36.96 23.11 7.35
C GLU F 162 -37.64 22.62 6.08
N ARG F 163 -36.89 22.59 4.99
CA ARG F 163 -37.42 22.15 3.71
C ARG F 163 -36.61 20.95 3.18
N LEU F 164 -37.33 19.98 2.63
CA LEU F 164 -36.69 18.78 2.09
C LEU F 164 -36.94 18.77 0.59
N ASP F 165 -35.86 18.86 -0.20
CA ASP F 165 -36.00 18.85 -1.66
C ASP F 165 -35.85 17.44 -2.21
N PHE F 166 -36.67 17.12 -3.21
CA PHE F 166 -36.68 15.80 -3.84
C PHE F 166 -36.27 15.80 -5.29
N TYR F 167 -35.75 14.65 -5.75
CA TYR F 167 -35.46 14.47 -7.15
C TYR F 167 -36.45 13.35 -7.47
N CYS F 168 -36.83 13.21 -8.72
CA CYS F 168 -37.80 12.20 -9.10
C CYS F 168 -37.24 11.07 -9.96
N THR F 169 -37.49 9.83 -9.52
CA THR F 169 -37.02 8.66 -10.24
C THR F 169 -38.16 8.12 -11.11
N GLY F 170 -37.93 8.11 -12.42
CA GLY F 170 -38.95 7.63 -13.33
C GLY F 170 -38.58 7.81 -14.80
N PRO F 171 -39.39 7.28 -15.72
CA PRO F 171 -39.14 7.38 -17.16
C PRO F 171 -39.38 8.74 -17.80
N GLU F 172 -40.00 9.67 -17.08
CA GLU F 172 -40.28 10.99 -17.63
C GLU F 172 -39.64 12.14 -16.86
N PRO F 173 -38.35 12.42 -17.12
CA PRO F 173 -37.69 13.52 -16.40
C PRO F 173 -38.27 14.89 -16.71
N THR F 174 -38.95 15.05 -17.85
CA THR F 174 -39.54 16.35 -18.16
C THR F 174 -40.71 16.58 -17.20
N ALA F 175 -41.35 15.50 -16.77
CA ALA F 175 -42.46 15.59 -15.84
C ALA F 175 -41.90 15.96 -14.47
N ALA F 176 -40.78 15.34 -14.12
CA ALA F 176 -40.12 15.62 -12.85
C ALA F 176 -39.78 17.12 -12.78
N LYS F 177 -39.23 17.63 -13.87
CA LYS F 177 -38.86 19.04 -13.96
C LYS F 177 -40.10 19.93 -13.83
N ALA F 178 -41.16 19.57 -14.54
CA ALA F 178 -42.40 20.35 -14.50
C ALA F 178 -43.06 20.38 -13.13
N MSE F 179 -42.93 19.29 -12.38
CA MSE F 179 -43.54 19.23 -11.05
C MSE F 179 -42.75 19.90 -9.93
O MSE F 179 -43.26 20.01 -8.81
CB MSE F 179 -43.84 17.78 -10.69
CG MSE F 179 -44.88 17.14 -11.58
SE MSE F 179 -45.42 15.40 -10.97
CE MSE F 179 -44.02 14.35 -11.83
N GLY F 180 -41.53 20.33 -10.21
CA GLY F 180 -40.75 21.00 -9.18
C GLY F 180 -39.57 20.24 -8.60
N PHE F 181 -39.38 19.00 -9.01
CA PHE F 181 -38.25 18.21 -8.52
C PHE F 181 -36.97 18.84 -9.06
N TRP F 182 -35.89 18.82 -8.28
CA TRP F 182 -34.65 19.43 -8.73
C TRP F 182 -33.90 18.62 -9.78
N GLY F 183 -34.22 17.33 -9.87
CA GLY F 183 -33.56 16.48 -10.85
C GLY F 183 -34.38 15.25 -11.17
N GLY F 184 -33.96 14.53 -12.21
CA GLY F 184 -34.68 13.33 -12.59
C GLY F 184 -33.73 12.16 -12.82
N LYS F 185 -34.08 11.00 -12.25
CA LYS F 185 -33.26 9.80 -12.40
C LYS F 185 -34.02 8.81 -13.26
N VAL F 186 -33.40 8.42 -14.38
CA VAL F 186 -34.02 7.47 -15.30
C VAL F 186 -33.38 6.09 -15.24
N PRO F 187 -34.15 5.03 -15.52
CA PRO F 187 -33.63 3.67 -15.48
C PRO F 187 -32.94 3.28 -16.79
N LEU F 188 -31.73 2.73 -16.68
CA LEU F 188 -30.97 2.32 -17.86
C LEU F 188 -31.73 1.16 -18.49
N PRO F 189 -32.02 1.22 -19.80
CA PRO F 189 -32.76 0.16 -20.47
C PRO F 189 -32.10 -1.17 -20.83
N PHE F 190 -30.85 -1.16 -21.29
CA PHE F 190 -30.21 -2.40 -21.71
C PHE F 190 -28.97 -2.82 -20.94
N CYS F 191 -28.82 -4.14 -20.79
CA CYS F 191 -27.70 -4.74 -20.05
C CYS F 191 -26.47 -5.00 -20.91
N PRO F 192 -25.33 -5.33 -20.28
CA PRO F 192 -24.09 -5.59 -21.02
C PRO F 192 -24.22 -6.70 -22.06
N ASP F 193 -25.03 -7.71 -21.76
CA ASP F 193 -25.20 -8.81 -22.69
C ASP F 193 -25.84 -8.43 -24.02
N ASP F 194 -26.33 -7.20 -24.12
CA ASP F 194 -26.91 -6.74 -25.39
C ASP F 194 -25.78 -6.20 -26.27
N GLY F 195 -24.55 -6.27 -25.76
CA GLY F 195 -23.40 -5.82 -26.51
C GLY F 195 -23.31 -4.36 -26.89
N HIS F 196 -22.50 -4.07 -27.91
CA HIS F 196 -22.31 -2.71 -28.38
C HIS F 196 -23.59 -2.10 -28.96
N GLU F 197 -24.48 -2.97 -29.43
CA GLU F 197 -25.75 -2.50 -29.99
C GLU F 197 -26.54 -1.94 -28.81
N GLY F 198 -26.58 -2.70 -27.72
CA GLY F 198 -27.30 -2.27 -26.54
C GLY F 198 -26.67 -1.01 -25.95
N LEU F 199 -25.35 -0.90 -26.04
CA LEU F 199 -24.68 0.28 -25.51
C LEU F 199 -25.07 1.51 -26.33
N ARG F 200 -25.11 1.36 -27.65
CA ARG F 200 -25.50 2.48 -28.48
C ARG F 200 -26.93 2.90 -28.18
N LYS F 201 -27.79 1.92 -27.91
CA LYS F 201 -29.18 2.22 -27.60
C LYS F 201 -29.28 2.92 -26.25
N ASN F 202 -28.42 2.55 -25.31
CA ASN F 202 -28.42 3.19 -24.00
C ASN F 202 -28.02 4.65 -24.15
N VAL F 203 -26.99 4.90 -24.96
CA VAL F 203 -26.51 6.25 -25.18
C VAL F 203 -27.61 7.11 -25.81
N GLU F 204 -28.27 6.56 -26.84
CA GLU F 204 -29.34 7.28 -27.53
C GLU F 204 -30.49 7.60 -26.58
N PHE F 205 -30.80 6.63 -25.72
CA PHE F 205 -31.86 6.76 -24.73
C PHE F 205 -31.59 7.97 -23.83
N LEU F 206 -30.35 8.05 -23.35
CA LEU F 206 -29.95 9.14 -22.48
C LEU F 206 -29.85 10.46 -23.21
N ARG F 207 -29.35 10.43 -24.45
CA ARG F 207 -29.23 11.65 -25.23
C ARG F 207 -30.60 12.28 -25.44
N LYS F 208 -31.60 11.46 -25.74
CA LYS F 208 -32.96 11.96 -25.95
C LYS F 208 -33.48 12.67 -24.71
N HIS F 209 -33.21 12.10 -23.54
CA HIS F 209 -33.64 12.71 -22.30
C HIS F 209 -32.93 14.03 -22.02
N ARG F 210 -31.64 14.09 -22.32
CA ARG F 210 -30.86 15.32 -22.12
C ARG F 210 -31.40 16.41 -23.05
N GLU F 211 -31.71 16.04 -24.27
CA GLU F 211 -32.23 17.00 -25.24
C GLU F 211 -33.61 17.51 -24.81
N ALA F 212 -34.39 16.63 -24.20
CA ALA F 212 -35.73 16.98 -23.76
C ALA F 212 -35.77 17.95 -22.57
N VAL F 213 -34.91 17.73 -21.58
CA VAL F 213 -34.91 18.59 -20.39
C VAL F 213 -33.98 19.79 -20.47
N GLY F 214 -33.17 19.87 -21.50
CA GLY F 214 -32.26 21.00 -21.60
C GLY F 214 -30.94 20.66 -20.95
N PRO F 215 -29.89 21.46 -21.18
CA PRO F 215 -28.55 21.23 -20.62
C PRO F 215 -28.35 21.45 -19.13
N ASP F 216 -29.25 22.15 -18.46
CA ASP F 216 -29.07 22.43 -17.03
C ASP F 216 -29.78 21.53 -16.02
N PHE F 217 -30.85 20.87 -16.44
CA PHE F 217 -31.60 20.01 -15.52
C PHE F 217 -30.84 18.72 -15.22
N PRO F 218 -30.52 18.49 -13.93
CA PRO F 218 -29.79 17.29 -13.53
C PRO F 218 -30.48 15.99 -13.94
N ILE F 219 -29.71 15.10 -14.56
CA ILE F 219 -30.21 13.79 -14.98
C ILE F 219 -29.31 12.74 -14.34
N MSE F 220 -29.91 11.79 -13.63
CA MSE F 220 -29.16 10.71 -13.00
C MSE F 220 -29.56 9.40 -13.68
O MSE F 220 -30.65 9.31 -14.24
CB MSE F 220 -29.47 10.65 -11.50
CG MSE F 220 -28.93 11.82 -10.68
SE MSE F 220 -29.91 13.48 -10.94
CE MSE F 220 -31.07 13.35 -9.40
N VAL F 221 -28.70 8.40 -13.61
CA VAL F 221 -28.98 7.12 -14.25
C VAL F 221 -28.93 5.95 -13.29
N ASP F 222 -30.03 5.21 -13.19
CA ASP F 222 -30.11 4.06 -12.31
C ASP F 222 -29.85 2.80 -13.12
N CYS F 223 -28.90 1.97 -12.68
CA CYS F 223 -28.55 0.76 -13.41
C CYS F 223 -28.98 -0.54 -12.73
N TYR F 224 -29.70 -0.41 -11.62
CA TYR F 224 -30.22 -1.57 -10.88
C TYR F 224 -29.28 -2.77 -10.82
N MSE F 225 -28.10 -2.56 -10.25
CA MSE F 225 -27.06 -3.59 -10.07
C MSE F 225 -26.87 -4.55 -11.24
O MSE F 225 -26.49 -5.71 -11.05
CB MSE F 225 -27.34 -4.39 -8.78
CG MSE F 225 -28.78 -4.91 -8.61
SE MSE F 225 -29.12 -5.89 -6.96
CE MSE F 225 -31.03 -6.16 -7.18
N SER F 226 -27.07 -4.05 -12.46
CA SER F 226 -26.99 -4.91 -13.65
C SER F 226 -25.75 -4.85 -14.54
N LEU F 227 -24.80 -3.98 -14.25
CA LEU F 227 -23.64 -3.89 -15.13
C LEU F 227 -22.40 -4.57 -14.54
N ASN F 228 -21.24 -4.22 -15.10
CA ASN F 228 -19.97 -4.75 -14.64
C ASN F 228 -18.94 -3.63 -14.84
N VAL F 229 -17.75 -3.80 -14.29
CA VAL F 229 -16.73 -2.77 -14.40
C VAL F 229 -16.42 -2.31 -15.82
N SER F 230 -16.05 -3.24 -16.70
CA SER F 230 -15.71 -2.89 -18.07
C SER F 230 -16.83 -2.14 -18.80
N TYR F 231 -18.05 -2.67 -18.70
CA TYR F 231 -19.18 -2.04 -19.38
C TYR F 231 -19.49 -0.65 -18.83
N THR F 232 -19.49 -0.52 -17.51
CA THR F 232 -19.76 0.77 -16.89
C THR F 232 -18.74 1.79 -17.39
N ILE F 233 -17.48 1.40 -17.41
CA ILE F 233 -16.43 2.29 -17.88
C ILE F 233 -16.65 2.73 -19.32
N GLU F 234 -17.05 1.80 -20.19
CA GLU F 234 -17.27 2.14 -21.58
C GLU F 234 -18.53 2.99 -21.77
N LEU F 235 -19.59 2.66 -21.03
CA LEU F 235 -20.84 3.39 -21.12
C LEU F 235 -20.68 4.84 -20.63
N VAL F 236 -20.08 5.00 -19.46
CA VAL F 236 -19.86 6.33 -18.92
C VAL F 236 -19.04 7.16 -19.89
N LYS F 237 -17.98 6.56 -20.42
CA LYS F 237 -17.14 7.27 -21.38
C LYS F 237 -17.96 7.73 -22.59
N ALA F 238 -18.81 6.85 -23.09
CA ALA F 238 -19.65 7.16 -24.25
C ALA F 238 -20.69 8.26 -24.00
N CYS F 239 -21.00 8.51 -22.73
CA CYS F 239 -21.99 9.52 -22.37
C CYS F 239 -21.44 10.80 -21.76
N LEU F 240 -20.11 10.96 -21.76
CA LEU F 240 -19.52 12.15 -21.16
C LEU F 240 -20.13 13.49 -21.59
N ASP F 241 -20.44 13.66 -22.86
CA ASP F 241 -21.03 14.90 -23.36
C ASP F 241 -22.45 15.15 -22.83
N LEU F 242 -23.08 14.12 -22.29
CA LEU F 242 -24.45 14.25 -21.78
C LEU F 242 -24.50 14.82 -20.37
N ASN F 243 -23.34 14.98 -19.74
CA ASN F 243 -23.23 15.52 -18.39
C ASN F 243 -24.17 14.86 -17.37
N ILE F 244 -24.06 13.55 -17.25
CA ILE F 244 -24.88 12.81 -16.29
C ILE F 244 -24.43 13.18 -14.88
N ASN F 245 -25.40 13.50 -14.01
CA ASN F 245 -25.10 13.90 -12.63
C ASN F 245 -24.42 12.76 -11.86
N TRP F 246 -25.02 11.59 -11.87
CA TRP F 246 -24.42 10.42 -11.22
C TRP F 246 -24.98 9.13 -11.78
N TRP F 247 -24.18 8.08 -11.64
CA TRP F 247 -24.54 6.74 -12.11
C TRP F 247 -24.79 5.89 -10.87
N GLU F 248 -26.00 5.36 -10.77
CA GLU F 248 -26.40 4.59 -9.59
C GLU F 248 -26.43 3.07 -9.73
N GLU F 249 -25.93 2.41 -8.69
CA GLU F 249 -25.87 0.96 -8.59
C GLU F 249 -25.45 0.26 -9.87
N CYS F 250 -24.33 0.69 -10.43
CA CYS F 250 -23.82 0.11 -11.66
C CYS F 250 -23.44 -1.35 -11.50
N LEU F 251 -22.91 -1.68 -10.33
CA LEU F 251 -22.45 -3.04 -10.07
C LEU F 251 -23.33 -3.81 -9.10
N SER F 252 -23.10 -5.12 -9.08
CA SER F 252 -23.81 -6.02 -8.17
C SER F 252 -23.38 -5.63 -6.77
N PRO F 253 -24.28 -5.74 -5.78
CA PRO F 253 -23.92 -5.37 -4.40
C PRO F 253 -22.76 -6.25 -3.91
N ASP F 254 -22.50 -7.36 -4.61
CA ASP F 254 -21.41 -8.27 -4.24
C ASP F 254 -20.04 -7.75 -4.69
N ASP F 255 -20.02 -6.69 -5.48
CA ASP F 255 -18.74 -6.19 -5.98
C ASP F 255 -18.47 -4.71 -5.79
N THR F 256 -18.72 -4.21 -4.58
CA THR F 256 -18.49 -2.81 -4.30
C THR F 256 -16.99 -2.48 -4.46
N ASP F 257 -16.15 -3.50 -4.36
CA ASP F 257 -14.70 -3.29 -4.53
C ASP F 257 -14.42 -2.78 -5.94
N GLY F 258 -15.30 -3.12 -6.88
CA GLY F 258 -15.13 -2.71 -8.26
C GLY F 258 -15.17 -1.20 -8.50
N PHE F 259 -15.70 -0.44 -7.56
CA PHE F 259 -15.76 1.00 -7.74
C PHE F 259 -14.39 1.67 -7.70
N ALA F 260 -13.41 0.99 -7.11
CA ALA F 260 -12.06 1.53 -7.08
C ALA F 260 -11.55 1.56 -8.52
N LEU F 261 -11.94 0.55 -9.29
CA LEU F 261 -11.54 0.45 -10.70
C LEU F 261 -12.31 1.45 -11.55
N ILE F 262 -13.60 1.61 -11.26
CA ILE F 262 -14.42 2.57 -12.00
C ILE F 262 -13.92 3.98 -11.74
N LYS F 263 -13.55 4.26 -10.48
CA LYS F 263 -13.05 5.59 -10.13
C LYS F 263 -11.68 5.85 -10.77
N ARG F 264 -10.88 4.80 -10.95
CA ARG F 264 -9.57 4.96 -11.58
C ARG F 264 -9.78 5.46 -13.01
N ALA F 265 -10.83 4.95 -13.65
CA ALA F 265 -11.14 5.34 -15.03
C ALA F 265 -11.90 6.65 -15.14
N HIS F 266 -12.84 6.88 -14.22
CA HIS F 266 -13.65 8.10 -14.25
C HIS F 266 -13.68 8.80 -12.90
N PRO F 267 -12.53 9.34 -12.46
CA PRO F 267 -12.45 10.03 -11.17
C PRO F 267 -13.26 11.32 -11.04
N THR F 268 -13.67 11.91 -12.15
CA THR F 268 -14.45 13.14 -12.09
C THR F 268 -15.94 12.86 -12.22
N VAL F 269 -16.32 11.58 -12.24
CA VAL F 269 -17.71 11.20 -12.37
C VAL F 269 -18.26 10.63 -11.06
N LYS F 270 -19.50 11.00 -10.73
CA LYS F 270 -20.13 10.54 -9.49
C LYS F 270 -20.82 9.18 -9.64
N PHE F 271 -20.61 8.33 -8.63
CA PHE F 271 -21.20 7.00 -8.59
C PHE F 271 -21.84 6.79 -7.22
N THR F 272 -22.99 6.11 -7.20
CA THR F 272 -23.70 5.85 -5.95
C THR F 272 -24.14 4.39 -5.89
N THR F 273 -24.52 3.95 -4.70
CA THR F 273 -25.01 2.58 -4.50
C THR F 273 -25.39 2.40 -3.04
N GLY F 274 -25.92 1.22 -2.72
CA GLY F 274 -26.29 0.95 -1.34
C GLY F 274 -27.70 0.47 -1.02
N GLU F 275 -28.65 0.64 -1.92
CA GLU F 275 -30.01 0.20 -1.60
C GLU F 275 -30.10 -1.29 -1.31
N HIS F 276 -29.13 -2.07 -1.81
CA HIS F 276 -29.14 -3.49 -1.55
C HIS F 276 -27.99 -3.94 -0.64
N GLU F 277 -27.61 -3.06 0.27
CA GLU F 277 -26.56 -3.36 1.25
C GLU F 277 -27.25 -3.32 2.61
N TYR F 278 -26.66 -3.98 3.61
CA TYR F 278 -27.26 -4.05 4.93
C TYR F 278 -26.28 -3.90 6.10
N SER F 279 -26.81 -3.44 7.22
CA SER F 279 -26.09 -3.24 8.48
C SER F 279 -24.95 -2.23 8.45
N ARG F 280 -24.52 -1.81 9.64
CA ARG F 280 -23.43 -0.86 9.75
C ARG F 280 -22.14 -1.48 9.24
N TYR F 281 -22.05 -2.81 9.31
CA TYR F 281 -20.86 -3.51 8.85
C TYR F 281 -20.82 -3.56 7.32
N GLY F 282 -22.00 -3.63 6.71
CA GLY F 282 -22.06 -3.65 5.26
C GLY F 282 -21.73 -2.29 4.69
N PHE F 283 -22.28 -1.24 5.30
CA PHE F 283 -22.04 0.11 4.81
C PHE F 283 -20.67 0.70 5.09
N ARG F 284 -19.96 0.17 6.09
CA ARG F 284 -18.63 0.72 6.37
C ARG F 284 -17.76 0.53 5.14
N LYS F 285 -17.96 -0.57 4.41
CA LYS F 285 -17.17 -0.85 3.22
C LYS F 285 -17.45 0.11 2.08
N LEU F 286 -18.66 0.66 2.02
CA LEU F 286 -19.01 1.61 0.98
C LEU F 286 -18.37 2.96 1.23
N VAL F 287 -18.08 3.25 2.50
CA VAL F 287 -17.44 4.50 2.87
C VAL F 287 -15.92 4.40 2.76
N GLU F 288 -15.37 3.23 3.09
CA GLU F 288 -13.93 3.01 3.00
C GLU F 288 -13.44 3.27 1.59
N GLY F 289 -12.39 4.08 1.46
CA GLY F 289 -11.84 4.37 0.15
C GLY F 289 -12.53 5.55 -0.50
N ARG F 290 -13.71 5.90 0.00
CA ARG F 290 -14.47 7.01 -0.54
C ARG F 290 -14.56 6.95 -2.06
N ASN F 291 -15.01 5.81 -2.57
CA ASN F 291 -15.17 5.60 -4.00
C ASN F 291 -16.62 5.78 -4.42
N LEU F 292 -17.48 6.10 -3.45
CA LEU F 292 -18.91 6.32 -3.69
C LEU F 292 -19.29 7.72 -3.20
N ASP F 293 -19.88 8.50 -4.09
CA ASP F 293 -20.27 9.87 -3.77
C ASP F 293 -21.50 9.98 -2.88
N ILE F 294 -22.36 8.97 -2.92
CA ILE F 294 -23.57 8.94 -2.09
C ILE F 294 -23.89 7.50 -1.75
N ILE F 295 -24.28 7.21 -0.52
CA ILE F 295 -24.65 5.85 -0.17
C ILE F 295 -26.17 5.90 -0.02
N GLN F 296 -26.86 4.87 -0.51
CA GLN F 296 -28.31 4.89 -0.54
C GLN F 296 -29.06 3.71 0.06
N PRO F 297 -28.98 3.53 1.38
CA PRO F 297 -29.68 2.41 2.01
C PRO F 297 -31.20 2.60 1.96
N ASP F 298 -31.95 1.51 2.05
CA ASP F 298 -33.41 1.60 2.10
C ASP F 298 -33.69 1.35 3.58
N VAL F 299 -34.37 2.31 4.21
CA VAL F 299 -34.65 2.21 5.64
C VAL F 299 -35.43 0.97 6.06
N MSE F 300 -36.23 0.43 5.14
CA MSE F 300 -37.02 -0.77 5.43
C MSE F 300 -36.25 -2.05 5.14
O MSE F 300 -36.77 -3.14 5.37
CB MSE F 300 -38.30 -0.76 4.59
CG MSE F 300 -39.31 0.30 4.97
SE MSE F 300 -40.76 0.40 3.67
CE MSE F 300 -39.88 1.54 2.39
N TRP F 301 -35.01 -1.92 4.67
CA TRP F 301 -34.20 -3.08 4.32
C TRP F 301 -32.87 -3.25 5.08
N LEU F 302 -32.12 -2.16 5.22
CA LEU F 302 -30.80 -2.19 5.87
C LEU F 302 -30.71 -2.61 7.32
N GLY F 303 -31.83 -2.54 8.04
CA GLY F 303 -31.83 -2.91 9.44
C GLY F 303 -32.75 -2.01 10.25
N GLY F 304 -33.17 -0.90 9.66
CA GLY F 304 -34.08 -0.01 10.36
C GLY F 304 -33.51 1.37 10.66
N LEU F 305 -34.29 2.20 11.34
CA LEU F 305 -33.87 3.55 11.69
C LEU F 305 -32.74 3.56 12.71
N THR F 306 -32.80 2.67 13.70
CA THR F 306 -31.75 2.60 14.70
C THR F 306 -30.40 2.37 14.05
N GLU F 307 -30.33 1.40 13.15
CA GLU F 307 -29.05 1.09 12.48
C GLU F 307 -28.71 2.19 11.46
N LEU F 308 -29.73 2.73 10.79
CA LEU F 308 -29.50 3.78 9.80
C LEU F 308 -28.82 5.00 10.44
N LEU F 309 -29.23 5.33 11.67
CA LEU F 309 -28.63 6.46 12.37
C LEU F 309 -27.12 6.23 12.54
N LYS F 310 -26.72 5.00 12.80
CA LYS F 310 -25.31 4.67 12.97
C LYS F 310 -24.58 4.71 11.63
N VAL F 311 -25.24 4.23 10.58
CA VAL F 311 -24.64 4.24 9.24
C VAL F 311 -24.41 5.70 8.82
N ALA F 312 -25.38 6.56 9.08
CA ALA F 312 -25.25 7.96 8.72
C ALA F 312 -24.12 8.64 9.50
N ALA F 313 -23.96 8.27 10.77
CA ALA F 313 -22.92 8.83 11.62
C ALA F 313 -21.53 8.48 11.07
N LEU F 314 -21.36 7.23 10.65
CA LEU F 314 -20.08 6.79 10.12
C LEU F 314 -19.79 7.57 8.83
N ALA F 315 -20.81 7.72 7.99
CA ALA F 315 -20.65 8.45 6.73
C ALA F 315 -20.35 9.94 7.00
N ALA F 316 -20.97 10.49 8.04
CA ALA F 316 -20.77 11.90 8.38
C ALA F 316 -19.32 12.23 8.77
N ALA F 317 -18.62 11.26 9.36
CA ALA F 317 -17.24 11.49 9.76
C ALA F 317 -16.33 11.67 8.55
N TYR F 318 -16.84 11.28 7.38
CA TYR F 318 -16.11 11.41 6.12
C TYR F 318 -16.87 12.30 5.15
N ASP F 319 -17.87 12.99 5.67
CA ASP F 319 -18.71 13.89 4.89
C ASP F 319 -19.33 13.27 3.65
N VAL F 320 -19.63 11.98 3.73
CA VAL F 320 -20.26 11.26 2.62
C VAL F 320 -21.77 11.40 2.85
N PRO F 321 -22.49 11.94 1.87
CA PRO F 321 -23.94 12.10 2.04
C PRO F 321 -24.70 10.77 1.98
N VAL F 322 -25.78 10.71 2.75
CA VAL F 322 -26.63 9.52 2.77
C VAL F 322 -27.99 9.97 2.23
N VAL F 323 -28.41 9.36 1.13
CA VAL F 323 -29.69 9.67 0.50
C VAL F 323 -30.39 8.32 0.32
N PRO F 324 -31.24 7.94 1.29
CA PRO F 324 -31.96 6.66 1.25
C PRO F 324 -32.76 6.41 -0.01
N HIS F 325 -32.88 5.14 -0.35
CA HIS F 325 -33.65 4.71 -1.50
C HIS F 325 -35.11 4.89 -1.14
N ALA F 326 -35.78 5.81 -1.84
CA ALA F 326 -37.19 6.16 -1.63
C ALA F 326 -37.94 5.28 -0.65
N SER F 327 -38.08 5.74 0.58
CA SER F 327 -38.77 4.98 1.61
C SER F 327 -39.92 5.75 2.26
N GLY F 328 -40.45 6.73 1.56
CA GLY F 328 -41.56 7.51 2.11
C GLY F 328 -41.20 8.18 3.42
N PRO F 329 -42.17 8.39 4.31
CA PRO F 329 -41.94 9.03 5.62
C PRO F 329 -40.81 8.40 6.46
N TYR F 330 -40.58 7.10 6.31
CA TYR F 330 -39.53 6.47 7.08
C TYR F 330 -38.21 7.12 6.73
N SER F 331 -38.07 7.58 5.49
CA SER F 331 -36.86 8.25 5.07
C SER F 331 -36.97 9.76 5.29
N TYR F 332 -38.16 10.33 5.10
CA TYR F 332 -38.33 11.77 5.28
C TYR F 332 -37.90 12.24 6.67
N HIS F 333 -38.36 11.54 7.71
CA HIS F 333 -38.01 11.93 9.07
C HIS F 333 -36.50 11.84 9.31
N PHE F 334 -35.86 10.90 8.61
CA PHE F 334 -34.43 10.72 8.75
C PHE F 334 -33.67 11.84 8.03
N GLN F 335 -34.01 12.07 6.77
CA GLN F 335 -33.34 13.09 5.95
C GLN F 335 -33.40 14.50 6.51
N ILE F 336 -34.52 14.84 7.15
CA ILE F 336 -34.71 16.17 7.70
C ILE F 336 -33.93 16.41 9.00
N SER F 337 -33.40 15.34 9.57
CA SER F 337 -32.71 15.43 10.87
C SER F 337 -31.20 15.28 10.96
N GLN F 338 -30.57 14.77 9.91
CA GLN F 338 -29.12 14.56 9.96
C GLN F 338 -28.29 15.65 9.30
N PRO F 339 -26.99 15.72 9.64
CA PRO F 339 -26.12 16.75 9.05
C PRO F 339 -25.63 16.42 7.64
N ASN F 340 -25.72 15.15 7.25
CA ASN F 340 -25.25 14.71 5.93
C ASN F 340 -26.32 13.98 5.11
N THR F 341 -27.52 14.54 5.08
CA THR F 341 -28.65 13.97 4.33
C THR F 341 -29.26 15.16 3.59
N PRO F 342 -28.62 15.58 2.48
CA PRO F 342 -28.94 16.70 1.60
C PRO F 342 -30.29 16.77 0.87
N PHE F 343 -30.80 15.64 0.41
CA PHE F 343 -32.06 15.63 -0.30
C PHE F 343 -32.71 14.25 -0.26
N GLN F 344 -33.84 14.12 -0.94
CA GLN F 344 -34.59 12.88 -0.93
C GLN F 344 -35.03 12.38 -2.30
N GLU F 345 -35.16 11.06 -2.42
CA GLU F 345 -35.60 10.47 -3.66
C GLU F 345 -37.09 10.16 -3.58
N TYR F 346 -37.77 10.31 -4.72
CA TYR F 346 -39.17 9.97 -4.77
C TYR F 346 -39.32 9.11 -6.02
N LEU F 347 -39.78 7.88 -5.81
CA LEU F 347 -39.96 6.95 -6.91
C LEU F 347 -41.34 7.14 -7.51
N ALA F 348 -41.40 7.69 -8.72
CA ALA F 348 -42.66 7.93 -9.39
C ALA F 348 -43.51 6.68 -9.32
N ASN F 349 -44.60 6.75 -8.56
CA ASN F 349 -45.47 5.59 -8.42
C ASN F 349 -46.68 5.61 -9.35
N SER F 350 -46.60 6.41 -10.40
CA SER F 350 -47.68 6.46 -11.38
C SER F 350 -47.22 5.56 -12.52
N PRO F 351 -48.15 4.81 -13.13
CA PRO F 351 -47.81 3.90 -14.23
C PRO F 351 -46.94 4.49 -15.33
N ASP F 352 -47.18 5.76 -15.68
CA ASP F 352 -46.41 6.40 -16.73
C ASP F 352 -45.34 7.35 -16.20
N GLY F 353 -45.22 7.41 -14.88
CA GLY F 353 -44.22 8.26 -14.26
C GLY F 353 -44.38 9.75 -14.48
N LYS F 354 -45.60 10.19 -14.79
CA LYS F 354 -45.87 11.60 -15.04
C LYS F 354 -46.58 12.31 -13.89
N SER F 355 -46.87 11.59 -12.82
CA SER F 355 -47.55 12.16 -11.66
C SER F 355 -47.08 11.47 -10.39
N VAL F 356 -47.28 12.11 -9.24
CA VAL F 356 -46.86 11.53 -7.98
C VAL F 356 -48.02 10.96 -7.18
N LEU F 357 -47.86 9.71 -6.74
CA LEU F 357 -48.87 9.01 -5.96
C LEU F 357 -48.18 8.47 -4.71
N PRO F 358 -48.96 8.20 -3.64
CA PRO F 358 -48.39 7.67 -2.40
C PRO F 358 -47.44 6.50 -2.63
N VAL F 359 -46.32 6.50 -1.91
CA VAL F 359 -45.35 5.43 -2.07
C VAL F 359 -45.92 4.08 -1.63
N PHE F 360 -46.74 4.10 -0.58
CA PHE F 360 -47.33 2.86 -0.06
C PHE F 360 -48.76 2.60 -0.51
N GLY F 361 -49.16 3.22 -1.62
CA GLY F 361 -50.50 3.02 -2.14
C GLY F 361 -51.61 3.44 -1.18
N ASP F 362 -52.74 2.74 -1.22
CA ASP F 362 -53.85 3.09 -0.35
C ASP F 362 -53.82 2.50 1.05
N LEU F 363 -52.67 1.96 1.46
CA LEU F 363 -52.55 1.39 2.81
C LEU F 363 -52.78 2.48 3.86
N PHE F 364 -52.31 3.69 3.56
CA PHE F 364 -52.46 4.82 4.47
C PHE F 364 -53.29 5.90 3.77
N ILE F 365 -53.92 6.78 4.55
CA ILE F 365 -54.75 7.84 3.98
C ILE F 365 -54.14 9.24 4.02
N ASP F 366 -53.04 9.41 4.73
CA ASP F 366 -52.42 10.73 4.85
C ASP F 366 -50.93 10.81 4.58
N GLU F 367 -50.42 10.00 3.66
CA GLU F 367 -49.00 10.04 3.36
C GLU F 367 -48.69 11.38 2.70
N PRO F 368 -47.73 12.14 3.26
CA PRO F 368 -47.42 13.43 2.62
C PRO F 368 -46.68 13.14 1.33
N ILE F 369 -47.07 13.81 0.25
CA ILE F 369 -46.45 13.58 -1.05
C ILE F 369 -45.86 14.86 -1.64
N PRO F 370 -44.65 14.78 -2.21
CA PRO F 370 -43.98 15.92 -2.82
C PRO F 370 -44.52 16.26 -4.20
N THR F 371 -45.81 16.61 -4.25
CA THR F 371 -46.46 16.94 -5.51
C THR F 371 -45.81 18.15 -6.19
N LYS F 372 -45.11 18.97 -5.40
CA LYS F 372 -44.44 20.14 -5.95
C LYS F 372 -42.92 20.03 -5.82
N GLY F 373 -42.45 18.80 -5.63
CA GLY F 373 -41.01 18.55 -5.54
C GLY F 373 -40.36 18.71 -4.18
N TYR F 374 -41.15 18.97 -3.14
CA TYR F 374 -40.58 19.14 -1.81
C TYR F 374 -41.59 18.97 -0.69
N LEU F 375 -41.08 18.91 0.53
CA LEU F 375 -41.90 18.80 1.73
C LEU F 375 -41.23 19.67 2.79
N THR F 376 -41.95 19.99 3.85
CA THR F 376 -41.39 20.81 4.93
C THR F 376 -41.63 20.09 6.25
N THR F 377 -41.04 20.60 7.32
CA THR F 377 -41.22 19.99 8.63
C THR F 377 -42.71 19.93 8.99
N ALA F 378 -43.48 20.92 8.54
CA ALA F 378 -44.91 20.95 8.82
C ALA F 378 -45.59 19.69 8.31
N ASP F 379 -45.17 19.21 7.14
CA ASP F 379 -45.74 18.02 6.55
C ASP F 379 -45.52 16.77 7.41
N LEU F 380 -44.48 16.81 8.24
CA LEU F 380 -44.15 15.67 9.09
C LEU F 380 -44.58 15.85 10.54
N ASP F 381 -45.27 16.94 10.84
CA ASP F 381 -45.69 17.19 12.21
C ASP F 381 -46.90 16.41 12.68
N LYS F 382 -46.72 15.10 12.80
CA LYS F 382 -47.75 14.18 13.28
C LYS F 382 -47.03 13.19 14.18
N PRO F 383 -47.75 12.55 15.12
CA PRO F 383 -47.08 11.60 16.01
C PRO F 383 -46.46 10.39 15.29
N GLY F 384 -45.30 9.96 15.76
CA GLY F 384 -44.63 8.83 15.14
C GLY F 384 -44.25 9.17 13.71
N PHE F 385 -44.45 8.22 12.80
CA PHE F 385 -44.13 8.48 11.39
C PHE F 385 -45.30 9.16 10.69
N GLY F 386 -46.32 9.51 11.47
CA GLY F 386 -47.48 10.21 10.95
C GLY F 386 -48.34 9.54 9.91
N LEU F 387 -48.22 8.23 9.75
CA LEU F 387 -49.01 7.51 8.76
C LEU F 387 -50.23 6.87 9.40
N THR F 388 -51.41 7.20 8.88
CA THR F 388 -52.67 6.68 9.39
C THR F 388 -53.20 5.60 8.44
N ILE F 389 -53.40 4.40 8.97
CA ILE F 389 -53.92 3.30 8.16
C ILE F 389 -55.29 3.68 7.65
N ASN F 390 -55.53 3.46 6.36
CA ASN F 390 -56.82 3.78 5.77
C ASN F 390 -57.84 2.79 6.31
N PRO F 391 -58.84 3.28 7.06
CA PRO F 391 -59.85 2.39 7.62
C PRO F 391 -60.50 1.54 6.53
N ALA F 392 -60.75 2.15 5.37
CA ALA F 392 -61.37 1.47 4.25
C ALA F 392 -60.42 0.47 3.61
N ALA F 393 -59.30 0.19 4.26
CA ALA F 393 -58.31 -0.75 3.72
C ALA F 393 -57.92 -1.82 4.73
N ARG F 394 -58.52 -1.76 5.92
CA ARG F 394 -58.22 -2.73 6.97
C ARG F 394 -58.61 -4.12 6.47
N ALA F 395 -59.60 -4.17 5.59
CA ALA F 395 -60.10 -5.42 5.04
C ALA F 395 -59.06 -6.18 4.22
N LYS F 396 -58.10 -5.47 3.64
CA LYS F 396 -57.06 -6.12 2.84
C LYS F 396 -55.90 -6.64 3.69
N LEU F 397 -55.93 -6.33 4.98
CA LEU F 397 -54.87 -6.79 5.88
C LEU F 397 -55.18 -8.21 6.32
N ILE F 398 -54.41 -9.16 5.79
CA ILE F 398 -54.58 -10.57 6.09
C ILE F 398 -53.72 -11.02 7.26
N PRO F 399 -54.35 -11.46 8.36
CA PRO F 399 -53.59 -11.92 9.53
C PRO F 399 -52.64 -13.04 9.08
N SER F 400 -51.45 -13.09 9.67
CA SER F 400 -50.48 -14.12 9.29
C SER F 400 -50.70 -15.45 10.02
N ASP F 401 -51.77 -15.51 10.81
CA ASP F 401 -52.09 -16.72 11.57
C ASP F 401 -52.03 -18.02 10.78
N TYR F 402 -52.57 -18.00 9.57
CA TYR F 402 -52.60 -19.19 8.72
C TYR F 402 -51.23 -19.83 8.48
N LEU F 403 -50.18 -19.01 8.50
CA LEU F 403 -48.82 -19.51 8.27
C LEU F 403 -48.33 -20.45 9.36
N PHE F 404 -49.00 -20.46 10.50
CA PHE F 404 -48.60 -21.30 11.62
C PHE F 404 -49.54 -22.49 11.86
N LYS F 405 -50.51 -22.66 10.97
CA LYS F 405 -51.47 -23.77 11.08
C LYS F 405 -50.86 -25.01 10.42
N VAL F 406 -49.85 -25.58 11.06
CA VAL F 406 -49.19 -26.77 10.52
C VAL F 406 -50.06 -28.02 10.66
N PRO F 407 -50.21 -28.78 9.56
CA PRO F 407 -51.02 -30.01 9.56
C PRO F 407 -50.55 -31.03 10.59
N LEU G 2 31.71 34.00 30.66
CA LEU G 2 30.47 34.79 30.88
C LEU G 2 30.61 36.23 30.41
N SER G 3 31.70 36.89 30.82
CA SER G 3 31.92 38.27 30.40
C SER G 3 32.52 38.29 28.99
N SER G 4 32.80 37.10 28.45
CA SER G 4 33.39 37.00 27.13
C SER G 4 32.34 37.20 26.02
N VAL G 5 31.06 37.11 26.40
CA VAL G 5 29.99 37.31 25.43
C VAL G 5 28.99 38.34 25.93
N LYS G 6 28.12 38.78 25.03
CA LYS G 6 27.10 39.77 25.35
C LYS G 6 26.22 39.34 26.52
N ASP G 7 25.90 40.29 27.39
CA ASP G 7 25.03 40.03 28.52
C ASP G 7 23.65 40.48 28.07
N PHE G 8 22.93 39.56 27.43
CA PHE G 8 21.60 39.86 26.89
C PHE G 8 20.56 40.11 27.98
N PRO G 9 19.72 41.15 27.81
CA PRO G 9 18.69 41.46 28.79
C PRO G 9 17.63 40.37 28.87
N LYS G 10 17.19 40.07 30.09
CA LYS G 10 16.18 39.05 30.33
C LYS G 10 14.80 39.68 30.22
N ILE G 11 13.77 38.84 30.18
CA ILE G 11 12.40 39.33 30.11
C ILE G 11 11.99 39.85 31.49
N LYS G 12 11.54 41.10 31.52
CA LYS G 12 11.14 41.74 32.77
C LYS G 12 9.64 41.68 33.02
N ALA G 13 8.85 41.95 31.97
CA ALA G 13 7.41 41.94 32.12
C ALA G 13 6.68 41.78 30.80
N ILE G 14 5.40 41.43 30.89
CA ILE G 14 4.56 41.27 29.72
C ILE G 14 3.23 41.96 30.00
N ARG G 15 2.74 42.66 28.99
CA ARG G 15 1.48 43.39 29.09
C ARG G 15 0.64 43.01 27.87
N SER G 16 -0.67 43.02 28.04
CA SER G 16 -1.57 42.70 26.93
C SER G 16 -2.71 43.71 26.91
N PHE G 17 -3.20 44.00 25.71
CA PHE G 17 -4.27 44.96 25.52
C PHE G 17 -5.26 44.44 24.49
N ILE G 18 -6.51 44.84 24.65
CA ILE G 18 -7.53 44.50 23.67
C ILE G 18 -7.57 45.75 22.80
N ILE G 19 -7.68 45.57 21.49
CA ILE G 19 -7.76 46.73 20.60
C ILE G 19 -9.22 47.11 20.39
N GLY G 20 -9.62 48.25 20.93
CA GLY G 20 -11.00 48.70 20.80
C GLY G 20 -11.38 49.14 19.40
N GLY G 21 -12.65 48.99 19.05
CA GLY G 21 -13.12 49.39 17.73
C GLY G 21 -12.95 48.30 16.68
N VAL G 22 -12.93 48.70 15.42
CA VAL G 22 -12.76 47.76 14.32
C VAL G 22 -11.74 48.28 13.32
N GLY G 23 -11.25 47.40 12.46
CA GLY G 23 -10.28 47.79 11.45
C GLY G 23 -8.92 48.16 12.01
N SER G 24 -8.54 47.56 13.13
CA SER G 24 -7.26 47.84 13.75
C SER G 24 -6.77 46.63 14.55
N GLY G 25 -5.63 46.08 14.15
CA GLY G 25 -5.10 44.93 14.84
C GLY G 25 -5.10 43.66 14.00
N GLY G 26 -4.64 42.57 14.61
CA GLY G 26 -4.56 41.29 13.93
C GLY G 26 -5.80 40.61 13.36
N ASP G 27 -6.98 40.93 13.85
CA ASP G 27 -8.21 40.31 13.34
C ASP G 27 -8.64 40.92 12.01
N TYR G 28 -8.28 40.26 10.91
CA TYR G 28 -8.60 40.74 9.56
C TYR G 28 -10.10 40.96 9.33
N HIS G 29 -10.92 40.08 9.90
CA HIS G 29 -12.35 40.12 9.71
C HIS G 29 -13.14 41.00 10.68
N ASN G 30 -12.45 41.70 11.56
CA ASN G 30 -13.13 42.59 12.50
C ASN G 30 -13.07 43.99 11.89
N VAL G 31 -13.88 44.20 10.85
CA VAL G 31 -13.92 45.49 10.15
C VAL G 31 -15.30 46.12 10.11
N LYS G 32 -15.36 47.34 9.58
CA LYS G 32 -16.61 48.09 9.47
C LYS G 32 -17.57 47.47 8.45
N GLY G 33 -18.86 47.61 8.70
CA GLY G 33 -19.87 47.07 7.81
C GLY G 33 -19.71 47.62 6.40
N GLY G 34 -20.02 46.78 5.41
CA GLY G 34 -19.92 47.22 4.03
C GLY G 34 -18.69 46.64 3.36
N HIS G 35 -17.67 46.34 4.15
CA HIS G 35 -16.43 45.77 3.65
C HIS G 35 -16.73 44.45 2.94
N TRP G 36 -16.09 44.18 1.82
CA TRP G 36 -16.33 42.95 1.09
C TRP G 36 -15.96 41.74 1.94
N LEU G 37 -15.02 41.93 2.87
CA LEU G 37 -14.57 40.85 3.74
C LEU G 37 -15.69 40.25 4.58
N ILE G 38 -16.77 41.00 4.79
CA ILE G 38 -17.87 40.49 5.60
C ILE G 38 -19.25 40.65 5.01
N ASP G 39 -19.42 41.58 4.06
CA ASP G 39 -20.73 41.80 3.47
C ASP G 39 -20.91 41.47 1.99
N SER G 40 -20.00 40.68 1.43
CA SER G 40 -20.12 40.29 0.02
C SER G 40 -20.45 38.80 0.01
N ASP G 41 -20.85 38.28 -1.15
CA ASP G 41 -21.17 36.86 -1.27
C ASP G 41 -19.90 36.02 -1.19
N ILE G 42 -19.75 35.29 -0.09
CA ILE G 42 -18.58 34.44 0.11
C ILE G 42 -19.02 33.12 0.71
N SER G 43 -18.66 32.03 0.06
CA SER G 43 -19.00 30.69 0.55
C SER G 43 -18.20 30.40 1.80
N THR G 44 -18.89 30.03 2.88
CA THR G 44 -18.24 29.73 4.15
C THR G 44 -18.83 28.45 4.74
N PRO G 45 -18.22 27.92 5.82
CA PRO G 45 -18.75 26.69 6.44
C PRO G 45 -20.18 26.88 6.96
N ALA G 46 -20.56 28.13 7.21
CA ALA G 46 -21.89 28.45 7.72
C ALA G 46 -22.90 28.83 6.65
N SER G 47 -22.46 28.89 5.39
CA SER G 47 -23.34 29.26 4.29
C SER G 47 -24.50 28.28 4.10
N LYS G 48 -24.44 27.14 4.78
CA LYS G 48 -25.47 26.12 4.67
C LYS G 48 -26.81 26.63 5.21
N TRP G 49 -26.76 27.67 6.04
CA TRP G 49 -27.96 28.21 6.65
C TRP G 49 -28.26 29.64 6.19
N GLU G 50 -29.46 29.82 5.66
CA GLU G 50 -29.93 31.10 5.13
C GLU G 50 -29.58 32.33 5.97
N GLN G 51 -29.84 32.28 7.27
CA GLN G 51 -29.57 33.43 8.13
C GLN G 51 -28.08 33.72 8.35
N TYR G 52 -27.21 32.85 7.84
CA TYR G 52 -25.79 33.05 8.02
C TYR G 52 -25.00 33.12 6.73
N LYS G 53 -25.69 33.17 5.60
CA LYS G 53 -24.99 33.21 4.32
C LYS G 53 -24.74 34.60 3.72
N LYS G 54 -25.51 35.60 4.12
CA LYS G 54 -25.33 36.94 3.57
C LYS G 54 -24.20 37.75 4.19
N SER G 55 -23.91 37.51 5.47
CA SER G 55 -22.83 38.22 6.17
C SER G 55 -21.95 37.26 6.96
N ARG G 56 -20.65 37.49 6.94
CA ARG G 56 -19.72 36.64 7.67
C ARG G 56 -19.76 37.00 9.16
N THR G 57 -20.20 38.21 9.48
CA THR G 57 -20.29 38.64 10.87
C THR G 57 -21.50 38.00 11.54
N SER G 58 -22.53 37.71 10.74
CA SER G 58 -23.75 37.09 11.27
C SER G 58 -23.44 35.85 12.08
N TRP G 59 -22.52 35.01 11.58
CA TRP G 59 -22.17 33.80 12.32
C TRP G 59 -20.96 33.98 13.25
N GLY G 60 -20.42 35.19 13.31
CA GLY G 60 -19.32 35.47 14.21
C GLY G 60 -17.87 35.45 13.74
N ILE G 61 -17.61 35.70 12.47
CA ILE G 61 -16.23 35.68 11.99
C ILE G 61 -15.39 36.74 12.71
N ASN G 62 -16.07 37.77 13.22
CA ASN G 62 -15.42 38.88 13.92
C ASN G 62 -15.57 38.84 15.45
N VAL G 63 -16.06 37.73 15.97
CA VAL G 63 -16.29 37.61 17.41
C VAL G 63 -15.10 37.81 18.34
N LEU G 64 -13.91 37.37 17.94
CA LEU G 64 -12.72 37.49 18.80
C LEU G 64 -12.15 38.89 18.99
N GLY G 65 -11.95 39.61 17.90
CA GLY G 65 -11.37 40.93 18.01
C GLY G 65 -9.86 40.79 18.02
N SER G 66 -9.15 41.91 18.15
CA SER G 66 -7.69 41.89 18.13
C SER G 66 -7.09 42.18 19.51
N PHE G 67 -5.86 41.73 19.72
CA PHE G 67 -5.17 42.01 20.96
C PHE G 67 -3.71 42.32 20.67
N LEU G 68 -3.03 42.92 21.64
CA LEU G 68 -1.64 43.30 21.50
C LEU G 68 -0.84 42.84 22.70
N VAL G 69 0.34 42.29 22.45
CA VAL G 69 1.20 41.82 23.53
C VAL G 69 2.52 42.58 23.51
N GLU G 70 2.93 43.07 24.68
CA GLU G 70 4.19 43.79 24.81
C GLU G 70 5.07 43.00 25.77
N ILE G 71 6.32 42.79 25.38
CA ILE G 71 7.28 42.08 26.25
C ILE G 71 8.45 43.03 26.48
N GLU G 72 8.63 43.43 27.73
CA GLU G 72 9.71 44.36 28.07
C GLU G 72 10.89 43.65 28.72
N ALA G 73 12.09 43.96 28.23
CA ALA G 73 13.31 43.35 28.76
C ALA G 73 13.88 44.24 29.88
N THR G 74 14.84 43.72 30.62
CA THR G 74 15.44 44.43 31.74
C THR G 74 16.19 45.71 31.36
N ASP G 75 16.47 45.89 30.08
CA ASP G 75 17.19 47.07 29.60
C ASP G 75 16.22 48.13 29.12
N GLY G 76 14.93 47.85 29.23
CA GLY G 76 13.92 48.81 28.80
C GLY G 76 13.43 48.63 27.37
N THR G 77 14.04 47.72 26.62
CA THR G 77 13.61 47.49 25.24
C THR G 77 12.27 46.76 25.28
N VAL G 78 11.38 47.13 24.37
CA VAL G 78 10.07 46.50 24.32
C VAL G 78 9.75 45.92 22.95
N GLY G 79 9.36 44.66 22.94
CA GLY G 79 8.98 44.01 21.70
C GLY G 79 7.48 43.78 21.78
N PHE G 80 6.80 43.80 20.64
CA PHE G 80 5.37 43.58 20.65
C PHE G 80 4.86 42.99 19.35
N ALA G 81 3.62 42.52 19.39
CA ALA G 81 2.97 41.92 18.23
C ALA G 81 1.47 41.93 18.46
N THR G 82 0.72 41.86 17.36
CA THR G 82 -0.73 41.86 17.42
C THR G 82 -1.28 40.66 16.67
N GLY G 83 -2.50 40.25 17.01
CA GLY G 83 -3.13 39.13 16.35
C GLY G 83 -4.59 39.09 16.76
N PHE G 84 -5.34 38.11 16.27
CA PHE G 84 -6.74 38.03 16.67
C PHE G 84 -6.80 37.17 17.93
N GLY G 85 -7.85 37.36 18.72
CA GLY G 85 -8.00 36.58 19.94
C GLY G 85 -8.70 37.40 21.00
N GLY G 86 -8.55 38.71 20.91
CA GLY G 86 -9.20 39.61 21.84
C GLY G 86 -9.10 39.26 23.32
N PRO G 87 -10.19 39.49 24.09
CA PRO G 87 -10.26 39.21 25.52
C PRO G 87 -9.82 37.81 25.98
N PRO G 88 -10.38 36.74 25.39
CA PRO G 88 -9.96 35.41 25.85
C PRO G 88 -8.46 35.15 25.65
N ALA G 89 -7.89 35.73 24.61
CA ALA G 89 -6.46 35.57 24.34
C ALA G 89 -5.66 36.25 25.45
N CYS G 90 -6.04 37.47 25.80
CA CYS G 90 -5.35 38.22 26.86
C CYS G 90 -5.47 37.50 28.20
N TRP G 91 -6.62 36.88 28.43
CA TRP G 91 -6.83 36.15 29.67
C TRP G 91 -5.78 35.04 29.78
N LEU G 92 -5.60 34.30 28.69
CA LEU G 92 -4.64 33.19 28.66
C LEU G 92 -3.19 33.65 28.74
N VAL G 93 -2.89 34.79 28.14
CA VAL G 93 -1.53 35.33 28.18
C VAL G 93 -1.01 35.40 29.61
N HIS G 94 -1.82 35.99 30.49
CA HIS G 94 -1.42 36.16 31.88
C HIS G 94 -1.67 34.99 32.81
N GLN G 95 -2.84 34.38 32.71
CA GLN G 95 -3.16 33.25 33.58
C GLN G 95 -2.31 32.02 33.32
N HIS G 96 -1.95 31.77 32.05
CA HIS G 96 -1.17 30.59 31.75
C HIS G 96 0.28 30.78 31.30
N PHE G 97 0.47 31.55 30.23
CA PHE G 97 1.80 31.72 29.66
C PHE G 97 2.82 32.63 30.33
N GLU G 98 2.37 33.65 31.03
CA GLU G 98 3.30 34.57 31.68
C GLU G 98 4.34 33.84 32.55
N ARG G 99 3.92 32.78 33.23
CA ARG G 99 4.81 32.02 34.10
C ARG G 99 6.08 31.49 33.44
N PHE G 100 6.03 31.22 32.14
CA PHE G 100 7.19 30.69 31.43
C PHE G 100 8.13 31.78 30.95
N LEU G 101 7.61 32.99 30.81
CA LEU G 101 8.38 34.13 30.28
C LEU G 101 9.18 35.01 31.23
N ILE G 102 8.59 35.42 32.35
CA ILE G 102 9.29 36.30 33.28
C ILE G 102 10.64 35.75 33.75
N GLY G 103 11.70 36.53 33.55
CA GLY G 103 13.03 36.11 33.96
C GLY G 103 13.78 35.30 32.93
N ALA G 104 13.10 34.92 31.85
CA ALA G 104 13.74 34.11 30.82
C ALA G 104 14.57 34.90 29.83
N ASP G 105 15.55 34.23 29.22
CA ASP G 105 16.39 34.86 28.21
C ASP G 105 15.53 34.81 26.94
N PRO G 106 15.20 35.98 26.38
CA PRO G 106 14.36 36.03 25.17
C PRO G 106 14.94 35.31 23.95
N ARG G 107 16.24 35.00 23.99
CA ARG G 107 16.86 34.30 22.87
C ARG G 107 16.47 32.82 22.88
N ASN G 108 15.88 32.37 23.98
CA ASN G 108 15.47 30.97 24.10
C ASN G 108 14.11 30.74 23.47
N THR G 109 14.00 31.06 22.19
CA THR G 109 12.75 30.90 21.47
C THR G 109 12.29 29.45 21.35
N ASN G 110 13.23 28.52 21.17
CA ASN G 110 12.84 27.12 21.06
C ASN G 110 12.27 26.58 22.35
N LEU G 111 12.94 26.89 23.46
CA LEU G 111 12.51 26.43 24.77
C LEU G 111 11.14 27.00 25.15
N LEU G 112 10.99 28.31 25.02
CA LEU G 112 9.73 28.95 25.39
C LEU G 112 8.56 28.44 24.58
N PHE G 113 8.76 28.18 23.29
CA PHE G 113 7.65 27.68 22.48
C PHE G 113 7.27 26.29 22.93
N GLU G 114 8.24 25.41 23.12
CA GLU G 114 7.95 24.05 23.54
C GLU G 114 7.19 24.03 24.87
N GLN G 115 7.61 24.87 25.81
CA GLN G 115 6.96 24.92 27.11
C GLN G 115 5.51 25.40 27.01
N MSE G 116 5.28 26.48 26.26
CA MSE G 116 3.92 26.98 26.10
C MSE G 116 3.04 25.98 25.37
O MSE G 116 1.89 25.75 25.76
CB MSE G 116 3.93 28.32 25.36
CG MSE G 116 4.58 29.46 26.14
SE MSE G 116 4.32 31.18 25.29
CE MSE G 116 5.81 31.15 24.05
N TYR G 117 3.58 25.40 24.30
CA TYR G 117 2.80 24.44 23.52
C TYR G 117 2.48 23.18 24.31
N ARG G 118 3.49 22.55 24.89
CA ARG G 118 3.26 21.32 25.64
C ARG G 118 2.51 21.51 26.95
N ALA G 119 2.65 22.67 27.58
CA ALA G 119 1.93 22.93 28.83
C ALA G 119 0.46 23.23 28.56
N SER G 120 0.13 23.56 27.31
CA SER G 120 -1.26 23.87 26.98
C SER G 120 -1.91 22.81 26.09
N MSE G 121 -1.21 21.70 25.86
CA MSE G 121 -1.78 20.65 25.02
C MSE G 121 -3.11 20.12 25.52
O MSE G 121 -3.97 19.76 24.71
CB MSE G 121 -0.80 19.49 24.86
CG MSE G 121 0.42 19.80 24.00
SE MSE G 121 1.09 18.22 23.12
CE MSE G 121 0.84 16.94 24.55
N PHE G 122 -3.32 20.08 26.83
CA PHE G 122 -4.57 19.55 27.35
C PHE G 122 -5.82 20.32 26.92
N TYR G 123 -5.65 21.56 26.45
CA TYR G 123 -6.79 22.33 25.98
C TYR G 123 -6.45 23.06 24.66
N GLY G 124 -5.27 22.77 24.11
CA GLY G 124 -4.85 23.44 22.89
C GLY G 124 -4.56 22.59 21.67
N ARG G 125 -3.29 22.62 21.24
CA ARG G 125 -2.79 21.92 20.06
C ARG G 125 -3.18 22.64 18.78
N LYS G 126 -4.41 23.17 18.75
CA LYS G 126 -4.88 23.90 17.59
C LYS G 126 -5.83 25.00 18.05
N GLY G 127 -6.12 25.94 17.15
CA GLY G 127 -7.05 27.00 17.49
C GLY G 127 -6.57 28.16 18.35
N LEU G 128 -7.51 28.77 19.06
CA LEU G 128 -7.27 29.92 19.91
C LEU G 128 -6.02 29.90 20.79
N PRO G 129 -5.82 28.84 21.58
CA PRO G 129 -4.63 28.80 22.44
C PRO G 129 -3.32 28.97 21.66
N ILE G 130 -3.28 28.41 20.46
CA ILE G 130 -2.08 28.50 19.63
C ILE G 130 -1.89 29.89 19.05
N ALA G 131 -2.99 30.60 18.80
CA ALA G 131 -2.90 31.96 18.29
C ALA G 131 -2.27 32.84 19.36
N VAL G 132 -2.57 32.52 20.62
CA VAL G 132 -2.01 33.29 21.74
C VAL G 132 -0.50 33.08 21.80
N ILE G 133 -0.09 31.82 21.72
CA ILE G 133 1.34 31.49 21.74
C ILE G 133 2.04 32.17 20.56
N SER G 134 1.36 32.21 19.42
CA SER G 134 1.91 32.83 18.21
C SER G 134 2.29 34.29 18.39
N VAL G 135 1.35 35.07 18.94
CA VAL G 135 1.58 36.49 19.15
C VAL G 135 2.69 36.73 20.18
N ILE G 136 2.74 35.90 21.21
CA ILE G 136 3.78 36.02 22.21
C ILE G 136 5.12 35.76 21.56
N ASP G 137 5.18 34.74 20.72
CA ASP G 137 6.42 34.39 20.02
C ASP G 137 6.86 35.53 19.11
N LEU G 138 5.90 36.13 18.41
CA LEU G 138 6.22 37.23 17.51
C LEU G 138 6.76 38.42 18.31
N ALA G 139 6.23 38.64 19.50
CA ALA G 139 6.69 39.72 20.36
C ALA G 139 8.15 39.48 20.78
N LEU G 140 8.48 38.21 21.01
CA LEU G 140 9.85 37.86 21.39
C LEU G 140 10.79 38.19 20.24
N TRP G 141 10.41 37.82 19.01
CA TRP G 141 11.25 38.09 17.87
C TRP G 141 11.41 39.59 17.62
N ASP G 142 10.34 40.35 17.82
CA ASP G 142 10.40 41.79 17.63
C ASP G 142 11.40 42.34 18.67
N LEU G 143 11.34 41.79 19.88
CA LEU G 143 12.23 42.20 20.95
C LEU G 143 13.69 41.89 20.60
N LEU G 144 13.94 40.68 20.11
CA LEU G 144 15.30 40.28 19.75
C LEU G 144 15.88 41.19 18.69
N GLY G 145 15.07 41.52 17.69
CA GLY G 145 15.55 42.40 16.64
C GLY G 145 15.88 43.79 17.19
N LYS G 146 15.02 44.29 18.06
CA LYS G 146 15.24 45.62 18.64
C LYS G 146 16.48 45.67 19.53
N VAL G 147 16.70 44.62 20.32
CA VAL G 147 17.88 44.61 21.17
C VAL G 147 19.15 44.61 20.31
N ARG G 148 19.12 43.83 19.22
CA ARG G 148 20.28 43.76 18.33
C ARG G 148 20.32 44.87 17.28
N ASN G 149 19.24 45.65 17.20
CA ASN G 149 19.13 46.72 16.21
C ASN G 149 19.19 46.15 14.81
N GLU G 150 18.53 45.00 14.61
CA GLU G 150 18.50 44.34 13.31
C GLU G 150 17.07 43.94 12.94
N PRO G 151 16.77 43.87 11.62
CA PRO G 151 15.43 43.48 11.21
C PRO G 151 15.32 41.97 11.49
N VAL G 152 14.13 41.48 11.79
CA VAL G 152 13.96 40.06 12.08
C VAL G 152 14.46 39.16 10.94
N TYR G 153 14.27 39.56 9.70
CA TYR G 153 14.71 38.71 8.59
C TYR G 153 16.22 38.46 8.59
N ARG G 154 16.98 39.40 9.12
CA ARG G 154 18.44 39.26 9.18
C ARG G 154 18.86 38.32 10.30
N LEU G 155 17.90 37.89 11.12
CA LEU G 155 18.19 37.00 12.23
C LEU G 155 17.74 35.57 11.96
N ILE G 156 16.96 35.38 10.90
CA ILE G 156 16.46 34.04 10.60
C ILE G 156 16.91 33.45 9.26
N GLY G 157 18.07 33.85 8.78
CA GLY G 157 18.56 33.31 7.53
C GLY G 157 18.98 34.33 6.50
N GLY G 158 18.66 35.59 6.76
CA GLY G 158 19.01 36.66 5.84
C GLY G 158 18.01 36.78 4.70
N ALA G 159 18.44 37.36 3.59
CA ALA G 159 17.55 37.52 2.45
C ALA G 159 17.90 36.53 1.34
N THR G 160 16.94 35.69 0.97
CA THR G 160 17.17 34.74 -0.11
C THR G 160 16.75 35.41 -1.42
N LYS G 161 16.11 36.56 -1.27
CA LYS G 161 15.67 37.36 -2.42
C LYS G 161 15.68 38.80 -1.97
N GLU G 162 15.90 39.71 -2.91
CA GLU G 162 15.94 41.14 -2.59
C GLU G 162 14.59 41.80 -2.75
N ARG G 163 13.73 41.17 -3.53
CA ARG G 163 12.40 41.70 -3.78
C ARG G 163 11.35 40.64 -3.50
N LEU G 164 10.26 41.04 -2.87
CA LEU G 164 9.16 40.14 -2.54
C LEU G 164 7.96 40.51 -3.41
N ASP G 165 7.54 39.60 -4.28
CA ASP G 165 6.41 39.86 -5.15
C ASP G 165 5.11 39.36 -4.52
N PHE G 166 4.06 40.17 -4.63
CA PHE G 166 2.76 39.84 -4.04
C PHE G 166 1.65 39.59 -5.06
N TYR G 167 0.68 38.78 -4.65
CA TYR G 167 -0.51 38.55 -5.46
C TYR G 167 -1.55 39.20 -4.56
N CYS G 168 -2.68 39.63 -5.13
CA CYS G 168 -3.71 40.31 -4.35
C CYS G 168 -5.02 39.53 -4.19
N THR G 169 -5.48 39.42 -2.95
CA THR G 169 -6.72 38.72 -2.65
C THR G 169 -7.85 39.72 -2.49
N GLY G 170 -8.87 39.60 -3.33
CA GLY G 170 -9.98 40.52 -3.27
C GLY G 170 -10.98 40.30 -4.39
N PRO G 171 -12.11 41.03 -4.37
CA PRO G 171 -13.16 40.92 -5.39
C PRO G 171 -12.87 41.60 -6.73
N GLU G 172 -11.79 42.36 -6.82
CA GLU G 172 -11.46 43.07 -8.05
C GLU G 172 -10.07 42.74 -8.59
N PRO G 173 -9.95 41.61 -9.30
CA PRO G 173 -8.64 41.25 -9.84
C PRO G 173 -8.09 42.23 -10.88
N THR G 174 -8.96 43.03 -11.49
CA THR G 174 -8.50 44.00 -12.47
C THR G 174 -7.74 45.09 -11.75
N ALA G 175 -8.14 45.37 -10.50
CA ALA G 175 -7.46 46.38 -9.70
C ALA G 175 -6.11 45.81 -9.28
N ALA G 176 -6.09 44.53 -8.93
CA ALA G 176 -4.85 43.87 -8.53
C ALA G 176 -3.84 44.00 -9.67
N LYS G 177 -4.30 43.70 -10.88
CA LYS G 177 -3.45 43.77 -12.06
C LYS G 177 -2.96 45.21 -12.30
N ALA G 178 -3.85 46.17 -12.15
CA ALA G 178 -3.50 47.58 -12.35
C ALA G 178 -2.48 48.08 -11.34
N MSE G 179 -2.54 47.58 -10.11
CA MSE G 179 -1.62 47.99 -9.06
C MSE G 179 -0.24 47.34 -9.11
O MSE G 179 0.66 47.74 -8.36
CB MSE G 179 -2.26 47.76 -7.68
CG MSE G 179 -3.46 48.64 -7.42
SE MSE G 179 -4.15 48.43 -5.62
CE MSE G 179 -5.17 46.81 -5.88
N GLY G 180 -0.05 46.36 -9.99
CA GLY G 180 1.25 45.71 -10.09
C GLY G 180 1.37 44.34 -9.47
N PHE G 181 0.29 43.84 -8.88
CA PHE G 181 0.32 42.51 -8.28
C PHE G 181 0.40 41.49 -9.42
N TRP G 182 1.14 40.40 -9.22
CA TRP G 182 1.30 39.45 -10.30
C TRP G 182 0.09 38.56 -10.54
N GLY G 183 -0.81 38.51 -9.56
CA GLY G 183 -2.00 37.68 -9.69
C GLY G 183 -3.12 38.14 -8.78
N GLY G 184 -4.31 37.62 -9.02
CA GLY G 184 -5.46 37.99 -8.21
C GLY G 184 -6.22 36.76 -7.73
N LYS G 185 -6.49 36.71 -6.43
CA LYS G 185 -7.24 35.59 -5.87
C LYS G 185 -8.63 36.09 -5.47
N VAL G 186 -9.67 35.47 -6.01
CA VAL G 186 -11.04 35.89 -5.71
C VAL G 186 -11.75 34.89 -4.80
N PRO G 187 -12.72 35.39 -4.02
CA PRO G 187 -13.47 34.49 -3.13
C PRO G 187 -14.68 33.85 -3.81
N LEU G 188 -14.79 32.53 -3.68
CA LEU G 188 -15.92 31.80 -4.27
C LEU G 188 -17.19 32.27 -3.55
N PRO G 189 -18.23 32.67 -4.30
CA PRO G 189 -19.47 33.14 -3.68
C PRO G 189 -20.51 32.16 -3.14
N PHE G 190 -20.67 30.99 -3.75
CA PHE G 190 -21.70 30.05 -3.30
C PHE G 190 -21.22 28.68 -2.84
N CYS G 191 -21.86 28.16 -1.79
CA CYS G 191 -21.50 26.86 -1.22
C CYS G 191 -22.27 25.70 -1.87
N PRO G 192 -21.84 24.46 -1.60
CA PRO G 192 -22.47 23.26 -2.15
C PRO G 192 -23.97 23.14 -1.89
N ASP G 193 -24.43 23.65 -0.76
CA ASP G 193 -25.85 23.56 -0.44
C ASP G 193 -26.74 24.37 -1.36
N ASP G 194 -26.14 25.20 -2.20
CA ASP G 194 -26.90 25.99 -3.16
C ASP G 194 -27.11 25.13 -4.40
N GLY G 195 -26.63 23.89 -4.33
CA GLY G 195 -26.79 22.95 -5.42
C GLY G 195 -26.23 23.33 -6.77
N HIS G 196 -26.82 22.75 -7.82
CA HIS G 196 -26.39 22.99 -9.19
C HIS G 196 -26.57 24.43 -9.64
N GLU G 197 -27.56 25.13 -9.07
CA GLU G 197 -27.77 26.52 -9.45
C GLU G 197 -26.59 27.33 -8.91
N GLY G 198 -26.17 27.00 -7.70
CA GLY G 198 -25.04 27.70 -7.10
C GLY G 198 -23.78 27.41 -7.89
N LEU G 199 -23.67 26.18 -8.37
CA LEU G 199 -22.52 25.74 -9.15
C LEU G 199 -22.44 26.55 -10.45
N ARG G 200 -23.57 26.70 -11.13
CA ARG G 200 -23.61 27.47 -12.35
C ARG G 200 -23.20 28.91 -12.08
N LYS G 201 -23.72 29.47 -10.98
CA LYS G 201 -23.41 30.85 -10.61
C LYS G 201 -21.94 31.01 -10.25
N ASN G 202 -21.36 29.99 -9.63
CA ASN G 202 -19.93 30.05 -9.26
C ASN G 202 -19.10 30.10 -10.54
N VAL G 203 -19.44 29.24 -11.50
CA VAL G 203 -18.73 29.19 -12.76
C VAL G 203 -18.84 30.52 -13.49
N GLU G 204 -20.06 31.06 -13.54
CA GLU G 204 -20.31 32.34 -14.19
C GLU G 204 -19.48 33.45 -13.56
N PHE G 205 -19.43 33.44 -12.24
CA PHE G 205 -18.66 34.41 -11.46
C PHE G 205 -17.19 34.38 -11.89
N LEU G 206 -16.62 33.19 -11.95
CA LEU G 206 -15.22 33.04 -12.32
C LEU G 206 -14.97 33.33 -13.81
N ARG G 207 -15.92 32.95 -14.66
CA ARG G 207 -15.76 33.19 -16.09
C ARG G 207 -15.65 34.70 -16.35
N LYS G 208 -16.50 35.46 -15.69
CA LYS G 208 -16.51 36.90 -15.84
C LYS G 208 -15.20 37.53 -15.39
N HIS G 209 -14.60 37.00 -14.33
CA HIS G 209 -13.33 37.52 -13.84
C HIS G 209 -12.22 37.22 -14.84
N ARG G 210 -12.22 36.00 -15.38
CA ARG G 210 -11.23 35.63 -16.37
C ARG G 210 -11.38 36.55 -17.59
N GLU G 211 -12.62 36.82 -17.97
CA GLU G 211 -12.90 37.69 -19.11
C GLU G 211 -12.36 39.10 -18.90
N ALA G 212 -12.53 39.62 -17.69
CA ALA G 212 -12.08 40.96 -17.34
C ALA G 212 -10.56 41.18 -17.34
N VAL G 213 -9.81 40.19 -16.86
CA VAL G 213 -8.36 40.34 -16.79
C VAL G 213 -7.61 39.80 -17.99
N GLY G 214 -8.31 39.10 -18.88
CA GLY G 214 -7.62 38.55 -20.02
C GLY G 214 -7.14 37.13 -19.74
N PRO G 215 -6.65 36.42 -20.78
CA PRO G 215 -6.17 35.04 -20.68
C PRO G 215 -4.86 34.75 -19.95
N ASP G 216 -4.02 35.76 -19.73
CA ASP G 216 -2.74 35.52 -19.09
C ASP G 216 -2.60 35.85 -17.60
N PHE G 217 -3.39 36.80 -17.10
CA PHE G 217 -3.29 37.18 -15.70
C PHE G 217 -3.73 36.04 -14.78
N PRO G 218 -2.83 35.57 -13.90
CA PRO G 218 -3.17 34.48 -12.98
C PRO G 218 -4.36 34.79 -12.07
N ILE G 219 -5.30 33.85 -12.02
CA ILE G 219 -6.48 33.98 -11.18
C ILE G 219 -6.55 32.78 -10.24
N MSE G 220 -6.65 33.04 -8.95
CA MSE G 220 -6.74 31.97 -7.96
C MSE G 220 -8.11 32.07 -7.30
O MSE G 220 -8.74 33.13 -7.30
CB MSE G 220 -5.63 32.13 -6.91
CG MSE G 220 -4.21 31.89 -7.45
SE MSE G 220 -3.50 33.34 -8.56
CE MSE G 220 -2.50 34.29 -7.19
N VAL G 221 -8.59 30.96 -6.76
CA VAL G 221 -9.90 30.95 -6.13
C VAL G 221 -9.83 30.46 -4.68
N ASP G 222 -10.29 31.31 -3.76
CA ASP G 222 -10.30 30.99 -2.35
C ASP G 222 -11.69 30.45 -2.02
N CYS G 223 -11.76 29.30 -1.37
CA CYS G 223 -13.04 28.69 -1.04
C CYS G 223 -13.36 28.66 0.46
N TYR G 224 -12.51 29.34 1.24
CA TYR G 224 -12.67 29.45 2.69
C TYR G 224 -13.24 28.19 3.38
N MSE G 225 -12.53 27.08 3.23
CA MSE G 225 -12.90 25.77 3.82
C MSE G 225 -14.38 25.40 3.76
O MSE G 225 -14.88 24.69 4.64
CB MSE G 225 -12.38 25.69 5.27
CG MSE G 225 -12.91 26.75 6.23
SE MSE G 225 -12.01 26.84 8.00
CE MSE G 225 -12.45 28.69 8.40
N SER G 226 -15.06 25.83 2.70
CA SER G 226 -16.50 25.60 2.59
C SER G 226 -17.05 24.51 1.67
N LEU G 227 -16.21 23.83 0.91
CA LEU G 227 -16.72 22.82 -0.01
C LEU G 227 -16.55 21.40 0.52
N ASN G 228 -16.63 20.44 -0.38
CA ASN G 228 -16.45 19.03 -0.05
C ASN G 228 -15.77 18.40 -1.26
N VAL G 229 -15.37 17.14 -1.14
CA VAL G 229 -14.68 16.48 -2.25
C VAL G 229 -15.47 16.40 -3.56
N SER G 230 -16.70 15.90 -3.50
CA SER G 230 -17.50 15.78 -4.71
C SER G 230 -17.77 17.11 -5.40
N TYR G 231 -18.11 18.12 -4.61
CA TYR G 231 -18.39 19.45 -5.18
C TYR G 231 -17.15 20.07 -5.78
N THR G 232 -16.03 19.96 -5.08
CA THR G 232 -14.77 20.52 -5.56
C THR G 232 -14.42 19.91 -6.92
N ILE G 233 -14.54 18.60 -7.03
CA ILE G 233 -14.25 17.91 -8.28
C ILE G 233 -15.15 18.39 -9.42
N GLU G 234 -16.45 18.53 -9.14
CA GLU G 234 -17.38 18.99 -10.18
C GLU G 234 -17.12 20.44 -10.58
N LEU G 235 -16.87 21.30 -9.59
CA LEU G 235 -16.62 22.71 -9.85
C LEU G 235 -15.34 22.91 -10.65
N VAL G 236 -14.27 22.26 -10.23
CA VAL G 236 -13.00 22.37 -10.93
C VAL G 236 -13.17 21.92 -12.37
N LYS G 237 -13.84 20.79 -12.57
CA LYS G 237 -14.06 20.27 -13.91
C LYS G 237 -14.78 21.29 -14.78
N ALA G 238 -15.83 21.90 -14.22
CA ALA G 238 -16.63 22.89 -14.94
C ALA G 238 -15.86 24.16 -15.28
N CYS G 239 -14.75 24.41 -14.59
CA CYS G 239 -13.95 25.63 -14.82
C CYS G 239 -12.61 25.37 -15.51
N LEU G 240 -12.40 24.17 -16.01
CA LEU G 240 -11.11 23.87 -16.63
C LEU G 240 -10.65 24.85 -17.70
N ASP G 241 -11.55 25.32 -18.54
CA ASP G 241 -11.16 26.25 -19.60
C ASP G 241 -10.89 27.68 -19.11
N LEU G 242 -11.09 27.93 -17.82
CA LEU G 242 -10.85 29.26 -17.28
C LEU G 242 -9.39 29.36 -16.81
N ASN G 243 -8.69 28.24 -16.88
CA ASN G 243 -7.28 28.18 -16.48
C ASN G 243 -7.00 28.82 -15.12
N ILE G 244 -7.67 28.31 -14.09
CA ILE G 244 -7.47 28.80 -12.73
C ILE G 244 -6.08 28.37 -12.28
N ASN G 245 -5.33 29.29 -11.67
CA ASN G 245 -3.97 28.99 -11.23
C ASN G 245 -3.98 27.96 -10.09
N TRP G 246 -4.82 28.19 -9.07
CA TRP G 246 -4.93 27.23 -7.97
C TRP G 246 -6.23 27.43 -7.22
N TRP G 247 -6.68 26.36 -6.57
CA TRP G 247 -7.91 26.37 -5.78
C TRP G 247 -7.50 26.28 -4.33
N GLU G 248 -7.89 27.27 -3.54
CA GLU G 248 -7.50 27.36 -2.14
C GLU G 248 -8.52 27.00 -1.08
N GLU G 249 -8.06 26.22 -0.10
CA GLU G 249 -8.87 25.78 1.03
C GLU G 249 -10.27 25.30 0.63
N CYS G 250 -10.33 24.39 -0.33
CA CYS G 250 -11.60 23.85 -0.79
C CYS G 250 -12.30 23.03 0.28
N LEU G 251 -11.51 22.33 1.09
CA LEU G 251 -12.07 21.48 2.13
C LEU G 251 -11.93 22.01 3.55
N SER G 252 -12.69 21.40 4.46
CA SER G 252 -12.60 21.77 5.87
C SER G 252 -11.21 21.33 6.32
N PRO G 253 -10.60 22.07 7.26
CA PRO G 253 -9.27 21.71 7.76
C PRO G 253 -9.30 20.33 8.40
N ASP G 254 -10.50 19.85 8.72
CA ASP G 254 -10.67 18.54 9.34
C ASP G 254 -10.55 17.40 8.31
N ASP G 255 -10.52 17.73 7.03
CA ASP G 255 -10.45 16.69 6.00
C ASP G 255 -9.34 16.87 4.96
N THR G 256 -8.13 17.14 5.41
CA THR G 256 -7.03 17.29 4.48
C THR G 256 -6.80 15.97 3.75
N ASP G 257 -7.29 14.86 4.31
CA ASP G 257 -7.14 13.56 3.67
C ASP G 257 -7.90 13.55 2.34
N GLY G 258 -8.92 14.39 2.22
CA GLY G 258 -9.69 14.44 1.00
C GLY G 258 -8.93 14.89 -0.24
N PHE G 259 -7.82 15.58 -0.06
CA PHE G 259 -7.06 16.05 -1.22
C PHE G 259 -6.48 14.91 -2.06
N ALA G 260 -6.36 13.73 -1.46
CA ALA G 260 -5.85 12.57 -2.20
C ALA G 260 -6.90 12.20 -3.25
N LEU G 261 -8.16 12.37 -2.87
CA LEU G 261 -9.30 12.08 -3.76
C LEU G 261 -9.42 13.15 -4.82
N ILE G 262 -9.21 14.40 -4.43
CA ILE G 262 -9.29 15.52 -5.37
C ILE G 262 -8.17 15.41 -6.40
N LYS G 263 -6.97 15.05 -5.94
CA LYS G 263 -5.83 14.89 -6.84
C LYS G 263 -6.02 13.71 -7.79
N ARG G 264 -6.73 12.67 -7.35
CA ARG G 264 -6.97 11.53 -8.22
C ARG G 264 -7.82 12.00 -9.41
N ALA G 265 -8.73 12.93 -9.13
CA ALA G 265 -9.61 13.45 -10.16
C ALA G 265 -8.97 14.54 -11.02
N HIS G 266 -8.26 15.47 -10.37
CA HIS G 266 -7.63 16.58 -11.07
C HIS G 266 -6.14 16.69 -10.75
N PRO G 267 -5.34 15.69 -11.18
CA PRO G 267 -3.90 15.70 -10.93
C PRO G 267 -3.08 16.82 -11.60
N THR G 268 -3.66 17.49 -12.60
CA THR G 268 -2.93 18.56 -13.28
C THR G 268 -3.37 19.93 -12.75
N VAL G 269 -4.17 19.93 -11.69
CA VAL G 269 -4.66 21.18 -11.11
C VAL G 269 -4.05 21.42 -9.74
N LYS G 270 -3.68 22.66 -9.46
CA LYS G 270 -3.08 23.01 -8.17
C LYS G 270 -4.09 23.29 -7.07
N PHE G 271 -3.79 22.78 -5.87
CA PHE G 271 -4.64 22.96 -4.70
C PHE G 271 -3.76 23.38 -3.53
N THR G 272 -4.29 24.26 -2.69
CA THR G 272 -3.56 24.76 -1.52
C THR G 272 -4.45 24.81 -0.30
N THR G 273 -3.84 24.91 0.88
CA THR G 273 -4.59 25.00 2.13
C THR G 273 -3.61 25.24 3.27
N GLY G 274 -4.13 25.36 4.48
CA GLY G 274 -3.26 25.53 5.62
C GLY G 274 -3.43 26.73 6.54
N GLU G 275 -4.17 27.75 6.13
CA GLU G 275 -4.30 28.91 7.00
C GLU G 275 -5.00 28.56 8.31
N HIS G 276 -5.77 27.47 8.32
CA HIS G 276 -6.45 27.06 9.53
C HIS G 276 -5.91 25.75 10.10
N GLU G 277 -4.61 25.55 9.92
CA GLU G 277 -3.92 24.37 10.46
C GLU G 277 -2.89 24.90 11.44
N TYR G 278 -2.46 24.06 12.39
CA TYR G 278 -1.52 24.51 13.42
C TYR G 278 -0.42 23.51 13.78
N SER G 279 0.70 24.06 14.25
CA SER G 279 1.89 23.32 14.70
C SER G 279 2.61 22.50 13.63
N ARG G 280 3.84 22.13 13.94
CA ARG G 280 4.63 21.34 13.00
C ARG G 280 3.98 19.97 12.79
N TYR G 281 3.21 19.53 13.78
CA TYR G 281 2.53 18.24 13.70
C TYR G 281 1.30 18.33 12.79
N GLY G 282 0.69 19.51 12.76
CA GLY G 282 -0.47 19.69 11.91
C GLY G 282 -0.04 19.77 10.46
N PHE G 283 1.01 20.53 10.20
CA PHE G 283 1.50 20.70 8.84
C PHE G 283 2.21 19.50 8.22
N ARG G 284 2.79 18.63 9.04
CA ARG G 284 3.47 17.49 8.46
C ARG G 284 2.48 16.71 7.60
N LYS G 285 1.23 16.67 8.04
CA LYS G 285 0.18 15.97 7.31
C LYS G 285 -0.11 16.57 5.93
N LEU G 286 0.02 17.89 5.82
CA LEU G 286 -0.24 18.56 4.54
C LEU G 286 0.86 18.30 3.52
N VAL G 287 2.05 17.98 4.01
CA VAL G 287 3.17 17.69 3.12
C VAL G 287 3.17 16.22 2.73
N GLU G 288 2.76 15.34 3.65
CA GLU G 288 2.72 13.90 3.37
C GLU G 288 1.85 13.60 2.16
N GLY G 289 2.40 12.82 1.23
CA GLY G 289 1.65 12.47 0.03
C GLY G 289 1.78 13.53 -1.04
N ARG G 290 2.19 14.73 -0.64
CA ARG G 290 2.36 15.83 -1.57
C ARG G 290 1.14 16.06 -2.46
N ASN G 291 -0.02 16.17 -1.83
CA ASN G 291 -1.27 16.42 -2.53
C ASN G 291 -1.65 17.89 -2.49
N LEU G 292 -0.76 18.70 -1.93
CA LEU G 292 -0.97 20.15 -1.85
C LEU G 292 0.21 20.85 -2.47
N ASP G 293 -0.07 21.72 -3.43
CA ASP G 293 0.98 22.43 -4.15
C ASP G 293 1.63 23.55 -3.35
N ILE G 294 0.88 24.10 -2.40
CA ILE G 294 1.38 25.18 -1.56
C ILE G 294 0.72 25.06 -0.18
N ILE G 295 1.48 25.25 0.89
CA ILE G 295 0.87 25.24 2.22
C ILE G 295 0.89 26.68 2.67
N GLN G 296 -0.21 27.12 3.29
CA GLN G 296 -0.37 28.52 3.67
C GLN G 296 -0.70 28.81 5.13
N PRO G 297 0.27 28.63 6.02
CA PRO G 297 0.00 28.92 7.43
C PRO G 297 -0.10 30.40 7.69
N ASP G 298 -0.81 30.77 8.76
CA ASP G 298 -0.90 32.17 9.14
C ASP G 298 0.06 32.25 10.31
N VAL G 299 1.09 33.09 10.19
CA VAL G 299 2.10 33.21 11.23
C VAL G 299 1.55 33.60 12.61
N MSE G 300 0.45 34.34 12.63
CA MSE G 300 -0.15 34.76 13.90
C MSE G 300 -1.07 33.69 14.47
O MSE G 300 -1.61 33.86 15.58
CB MSE G 300 -0.95 36.05 13.71
CG MSE G 300 -0.12 37.27 13.33
SE MSE G 300 -1.25 38.81 12.97
CE MSE G 300 -1.66 38.42 11.14
N TRP G 301 -1.23 32.58 13.75
CA TRP G 301 -2.13 31.50 14.21
C TRP G 301 -1.50 30.12 14.43
N LEU G 302 -0.62 29.71 13.53
CA LEU G 302 -0.01 28.37 13.61
C LEU G 302 0.86 28.04 14.81
N GLY G 303 1.37 29.06 15.47
CA GLY G 303 2.23 28.84 16.62
C GLY G 303 3.32 29.90 16.73
N GLY G 304 3.51 30.67 15.67
CA GLY G 304 4.51 31.72 15.68
C GLY G 304 5.62 31.53 14.66
N LEU G 305 6.57 32.46 14.66
CA LEU G 305 7.69 32.39 13.72
C LEU G 305 8.61 31.21 14.05
N THR G 306 8.82 30.96 15.33
CA THR G 306 9.69 29.86 15.74
C THR G 306 9.20 28.53 15.17
N GLU G 307 7.90 28.29 15.28
CA GLU G 307 7.33 27.04 14.76
C GLU G 307 7.25 27.08 13.24
N LEU G 308 6.94 28.25 12.67
CA LEU G 308 6.84 28.38 11.22
C LEU G 308 8.18 28.05 10.55
N LEU G 309 9.27 28.40 11.20
CA LEU G 309 10.58 28.10 10.65
C LEU G 309 10.75 26.58 10.52
N LYS G 310 10.21 25.84 11.49
CA LYS G 310 10.30 24.39 11.46
C LYS G 310 9.36 23.81 10.40
N VAL G 311 8.18 24.43 10.24
CA VAL G 311 7.22 23.98 9.24
C VAL G 311 7.80 24.19 7.84
N ALA G 312 8.43 25.33 7.63
CA ALA G 312 9.00 25.65 6.34
C ALA G 312 10.15 24.70 5.98
N ALA G 313 10.92 24.30 6.99
CA ALA G 313 12.05 23.40 6.77
C ALA G 313 11.60 22.00 6.35
N LEU G 314 10.52 21.52 6.94
CA LEU G 314 10.01 20.20 6.58
C LEU G 314 9.52 20.27 5.14
N ALA G 315 8.80 21.35 4.82
CA ALA G 315 8.28 21.54 3.47
C ALA G 315 9.43 21.64 2.47
N ALA G 316 10.50 22.32 2.88
CA ALA G 316 11.67 22.51 2.02
C ALA G 316 12.33 21.19 1.63
N ALA G 317 12.24 20.19 2.50
CA ALA G 317 12.84 18.89 2.22
C ALA G 317 12.09 18.16 1.10
N TYR G 318 10.91 18.67 0.74
CA TYR G 318 10.09 18.09 -0.32
C TYR G 318 9.78 19.14 -1.39
N ASP G 319 10.51 20.24 -1.33
CA ASP G 319 10.37 21.37 -2.26
C ASP G 319 8.95 21.91 -2.38
N VAL G 320 8.21 21.84 -1.28
CA VAL G 320 6.84 22.36 -1.25
C VAL G 320 6.91 23.81 -0.79
N PRO G 321 6.39 24.74 -1.62
CA PRO G 321 6.41 26.18 -1.30
C PRO G 321 5.53 26.50 -0.09
N VAL G 322 6.00 27.43 0.73
CA VAL G 322 5.24 27.89 1.89
C VAL G 322 4.92 29.34 1.58
N VAL G 323 3.62 29.65 1.49
CA VAL G 323 3.17 31.00 1.19
C VAL G 323 2.13 31.37 2.24
N PRO G 324 2.57 31.96 3.36
CA PRO G 324 1.74 32.38 4.49
C PRO G 324 0.51 33.21 4.13
N HIS G 325 -0.54 33.03 4.94
CA HIS G 325 -1.79 33.77 4.76
C HIS G 325 -1.60 35.20 5.28
N ALA G 326 -1.53 36.15 4.35
CA ALA G 326 -1.34 37.57 4.62
C ALA G 326 -1.27 37.97 6.08
N SER G 327 -0.05 38.15 6.60
CA SER G 327 0.14 38.52 7.99
C SER G 327 1.03 39.75 8.13
N GLY G 328 1.08 40.58 7.10
CA GLY G 328 1.91 41.77 7.16
C GLY G 328 3.37 41.44 7.34
N PRO G 329 4.14 42.33 8.00
CA PRO G 329 5.57 42.14 8.24
C PRO G 329 5.93 40.81 8.91
N TYR G 330 5.02 40.26 9.69
CA TYR G 330 5.28 38.99 10.36
C TYR G 330 5.53 37.92 9.30
N SER G 331 4.88 38.07 8.16
CA SER G 331 5.08 37.12 7.06
C SER G 331 6.13 37.64 6.07
N TYR G 332 6.26 38.95 5.93
CA TYR G 332 7.24 39.50 4.98
C TYR G 332 8.66 39.09 5.36
N HIS G 333 9.02 39.27 6.63
CA HIS G 333 10.36 38.93 7.09
C HIS G 333 10.64 37.44 6.93
N PHE G 334 9.60 36.63 7.03
CA PHE G 334 9.75 35.19 6.87
C PHE G 334 9.93 34.83 5.39
N GLN G 335 9.03 35.35 4.56
CA GLN G 335 9.03 35.06 3.13
C GLN G 335 10.32 35.47 2.41
N ILE G 336 10.93 36.56 2.86
CA ILE G 336 12.16 37.06 2.24
C ILE G 336 13.40 36.25 2.63
N SER G 337 13.26 35.40 3.65
CA SER G 337 14.40 34.66 4.19
C SER G 337 14.58 33.16 3.92
N GLN G 338 13.54 32.48 3.44
CA GLN G 338 13.62 31.05 3.22
C GLN G 338 13.87 30.62 1.79
N PRO G 339 14.34 29.39 1.59
CA PRO G 339 14.61 28.90 0.24
C PRO G 339 13.34 28.47 -0.50
N ASN G 340 12.26 28.23 0.25
CA ASN G 340 11.00 27.77 -0.36
C ASN G 340 9.78 28.65 -0.07
N THR G 341 9.97 29.97 -0.12
CA THR G 341 8.91 30.93 0.13
C THR G 341 8.98 31.92 -1.03
N PRO G 342 8.44 31.51 -2.21
CA PRO G 342 8.38 32.22 -3.49
C PRO G 342 7.72 33.59 -3.62
N PHE G 343 6.63 33.80 -2.90
CA PHE G 343 5.92 35.07 -2.99
C PHE G 343 5.02 35.28 -1.79
N GLN G 344 4.33 36.42 -1.78
CA GLN G 344 3.47 36.76 -0.66
C GLN G 344 2.05 37.16 -1.03
N GLU G 345 1.13 36.96 -0.10
CA GLU G 345 -0.25 37.34 -0.32
C GLU G 345 -0.52 38.67 0.36
N TYR G 346 -1.33 39.51 -0.27
CA TYR G 346 -1.73 40.75 0.33
C TYR G 346 -3.25 40.74 0.21
N LEU G 347 -3.93 40.85 1.35
CA LEU G 347 -5.38 40.83 1.39
C LEU G 347 -5.90 42.24 1.26
N ALA G 348 -6.54 42.54 0.12
CA ALA G 348 -7.09 43.87 -0.12
C ALA G 348 -7.96 44.24 1.09
N ASN G 349 -7.49 45.20 1.87
CA ASN G 349 -8.22 45.62 3.06
C ASN G 349 -9.12 46.83 2.81
N SER G 350 -9.34 47.15 1.54
CA SER G 350 -10.22 48.26 1.18
C SER G 350 -11.62 47.69 1.01
N PRO G 351 -12.64 48.42 1.49
CA PRO G 351 -14.04 47.97 1.39
C PRO G 351 -14.47 47.45 0.02
N ASP G 352 -13.98 48.06 -1.06
CA ASP G 352 -14.33 47.63 -2.40
C ASP G 352 -13.23 46.81 -3.06
N GLY G 353 -12.18 46.52 -2.30
CA GLY G 353 -11.07 45.74 -2.81
C GLY G 353 -10.33 46.34 -3.99
N LYS G 354 -10.48 47.64 -4.21
CA LYS G 354 -9.81 48.29 -5.34
C LYS G 354 -8.52 49.01 -4.96
N SER G 355 -8.22 49.05 -3.67
CA SER G 355 -6.99 49.71 -3.20
C SER G 355 -6.43 48.95 -2.01
N VAL G 356 -5.16 49.18 -1.71
CA VAL G 356 -4.54 48.49 -0.59
C VAL G 356 -4.44 49.37 0.65
N LEU G 357 -4.92 48.84 1.78
CA LEU G 357 -4.87 49.53 3.05
C LEU G 357 -3.99 48.70 3.98
N PRO G 358 -3.44 49.33 5.02
CA PRO G 358 -2.58 48.61 5.97
C PRO G 358 -3.29 47.37 6.49
N VAL G 359 -2.56 46.26 6.61
CA VAL G 359 -3.17 45.03 7.09
C VAL G 359 -3.72 45.21 8.51
N PHE G 360 -3.07 46.04 9.31
CA PHE G 360 -3.50 46.24 10.69
C PHE G 360 -4.20 47.57 10.95
N GLY G 361 -4.75 48.17 9.90
CA GLY G 361 -5.44 49.43 10.07
C GLY G 361 -4.55 50.57 10.52
N ASP G 362 -5.05 51.37 11.45
CA ASP G 362 -4.30 52.52 11.95
C ASP G 362 -3.49 52.21 13.21
N LEU G 363 -3.33 50.93 13.53
CA LEU G 363 -2.59 50.56 14.73
C LEU G 363 -1.12 51.00 14.65
N PHE G 364 -0.51 50.81 13.49
CA PHE G 364 0.89 51.18 13.30
C PHE G 364 1.00 52.38 12.36
N ILE G 365 2.02 53.20 12.53
CA ILE G 365 2.19 54.38 11.68
C ILE G 365 3.11 54.15 10.50
N ASP G 366 3.82 53.03 10.49
CA ASP G 366 4.78 52.76 9.42
C ASP G 366 4.75 51.37 8.79
N GLU G 367 3.59 50.76 8.72
CA GLU G 367 3.49 49.44 8.12
C GLU G 367 3.90 49.54 6.64
N PRO G 368 4.85 48.71 6.20
CA PRO G 368 5.23 48.79 4.79
C PRO G 368 4.14 48.14 3.93
N ILE G 369 3.64 48.87 2.93
CA ILE G 369 2.57 48.36 2.08
C ILE G 369 2.98 48.26 0.61
N PRO G 370 2.62 47.15 -0.06
CA PRO G 370 2.96 46.92 -1.46
C PRO G 370 2.03 47.67 -2.42
N THR G 371 2.09 48.99 -2.37
CA THR G 371 1.25 49.83 -3.23
C THR G 371 1.48 49.55 -4.71
N LYS G 372 2.65 49.03 -5.05
CA LYS G 372 2.95 48.72 -6.44
C LYS G 372 3.12 47.22 -6.70
N GLY G 373 2.60 46.41 -5.78
CA GLY G 373 2.67 44.97 -5.95
C GLY G 373 3.89 44.23 -5.43
N TYR G 374 4.80 44.93 -4.76
CA TYR G 374 6.00 44.30 -4.24
C TYR G 374 6.65 45.15 -3.15
N LEU G 375 7.61 44.55 -2.45
CA LEU G 375 8.38 45.23 -1.41
C LEU G 375 9.81 44.73 -1.57
N THR G 376 10.77 45.48 -1.06
CA THR G 376 12.17 45.08 -1.14
C THR G 376 12.73 44.97 0.27
N THR G 377 13.95 44.44 0.37
CA THR G 377 14.59 44.30 1.67
C THR G 377 14.74 45.68 2.30
N ALA G 378 14.89 46.69 1.46
CA ALA G 378 15.04 48.06 1.95
C ALA G 378 13.81 48.47 2.75
N ASP G 379 12.64 48.05 2.30
CA ASP G 379 11.40 48.37 3.00
C ASP G 379 11.30 47.68 4.37
N LEU G 380 12.05 46.60 4.52
CA LEU G 380 12.03 45.85 5.78
C LEU G 380 13.22 46.16 6.71
N ASP G 381 14.09 47.08 6.30
CA ASP G 381 15.24 47.41 7.13
C ASP G 381 14.96 48.35 8.29
N LYS G 382 14.30 47.79 9.30
CA LYS G 382 13.93 48.50 10.52
C LYS G 382 14.12 47.49 11.66
N PRO G 383 14.34 47.96 12.89
CA PRO G 383 14.55 47.04 14.02
C PRO G 383 13.33 46.13 14.26
N GLY G 384 13.59 44.86 14.54
CA GLY G 384 12.52 43.92 14.80
C GLY G 384 11.63 43.74 13.57
N PHE G 385 10.32 43.81 13.76
CA PHE G 385 9.40 43.67 12.64
C PHE G 385 9.12 45.02 12.00
N GLY G 386 9.81 46.04 12.47
CA GLY G 386 9.68 47.38 11.91
C GLY G 386 8.36 48.11 12.06
N LEU G 387 7.51 47.65 12.97
CA LEU G 387 6.22 48.29 13.18
C LEU G 387 6.24 49.18 14.42
N THR G 388 5.86 50.43 14.24
CA THR G 388 5.82 51.41 15.32
C THR G 388 4.35 51.70 15.63
N ILE G 389 3.98 51.56 16.90
CA ILE G 389 2.60 51.81 17.31
C ILE G 389 2.23 53.28 17.12
N ASN G 390 1.10 53.51 16.46
CA ASN G 390 0.61 54.86 16.22
C ASN G 390 0.22 55.46 17.58
N PRO G 391 0.84 56.58 17.96
CA PRO G 391 0.52 57.20 19.25
C PRO G 391 -0.98 57.43 19.43
N ALA G 392 -1.66 57.78 18.34
CA ALA G 392 -3.10 58.02 18.37
C ALA G 392 -3.88 56.75 18.73
N ALA G 393 -3.41 55.61 18.23
CA ALA G 393 -4.08 54.34 18.50
C ALA G 393 -3.88 53.87 19.93
N ARG G 394 -2.87 54.42 20.60
CA ARG G 394 -2.56 54.05 21.97
C ARG G 394 -3.80 54.14 22.86
N ALA G 395 -4.68 55.09 22.55
CA ALA G 395 -5.90 55.29 23.33
C ALA G 395 -6.88 54.14 23.11
N LYS G 396 -6.85 53.53 21.93
CA LYS G 396 -7.75 52.42 21.64
C LYS G 396 -7.24 51.13 22.29
N LEU G 397 -6.08 51.20 22.94
CA LEU G 397 -5.51 50.04 23.60
C LEU G 397 -6.10 49.91 25.00
N ILE G 398 -6.96 48.92 25.18
CA ILE G 398 -7.60 48.70 26.46
C ILE G 398 -6.86 47.66 27.28
N PRO G 399 -6.32 48.06 28.45
CA PRO G 399 -5.59 47.12 29.31
C PRO G 399 -6.48 45.94 29.63
N SER G 400 -5.92 44.73 29.62
CA SER G 400 -6.68 43.52 29.89
C SER G 400 -7.01 43.31 31.37
N ASP G 401 -6.53 44.23 32.22
CA ASP G 401 -6.75 44.15 33.67
C ASP G 401 -8.17 43.81 34.11
N TYR G 402 -9.15 44.45 33.49
CA TYR G 402 -10.56 44.24 33.86
C TYR G 402 -11.00 42.78 33.83
N LEU G 403 -10.35 41.97 33.00
CA LEU G 403 -10.70 40.56 32.87
C LEU G 403 -10.33 39.72 34.09
N PHE G 404 -9.51 40.27 34.98
CA PHE G 404 -9.09 39.54 36.15
C PHE G 404 -9.71 40.06 37.44
N LYS G 405 -10.61 41.02 37.30
CA LYS G 405 -11.29 41.61 38.46
C LYS G 405 -12.57 40.82 38.73
N VAL G 406 -12.39 39.58 39.21
CA VAL G 406 -13.52 38.71 39.51
C VAL G 406 -14.18 39.13 40.82
N PRO G 407 -15.51 39.25 40.82
CA PRO G 407 -16.23 39.64 42.04
C PRO G 407 -16.12 38.61 43.16
N SER H 4 -51.19 19.18 16.31
CA SER H 4 -51.61 18.05 17.18
C SER H 4 -50.49 17.55 18.08
N VAL H 5 -49.27 17.51 17.53
CA VAL H 5 -48.12 17.05 18.28
C VAL H 5 -47.71 18.05 19.35
N LYS H 6 -46.89 17.59 20.29
CA LYS H 6 -46.42 18.41 21.40
C LYS H 6 -45.80 19.74 20.98
N ASP H 7 -46.21 20.81 21.67
CA ASP H 7 -45.68 22.13 21.40
C ASP H 7 -44.51 22.29 22.37
N PHE H 8 -43.32 21.94 21.89
CA PHE H 8 -42.11 21.99 22.71
C PHE H 8 -41.65 23.42 22.98
N PRO H 9 -41.31 23.73 24.24
CA PRO H 9 -40.86 25.08 24.57
C PRO H 9 -39.53 25.42 23.87
N LYS H 10 -39.38 26.66 23.42
CA LYS H 10 -38.16 27.10 22.76
C LYS H 10 -37.16 27.59 23.79
N ILE H 11 -35.91 27.78 23.37
CA ILE H 11 -34.89 28.28 24.29
C ILE H 11 -35.14 29.76 24.50
N LYS H 12 -35.21 30.17 25.76
CA LYS H 12 -35.46 31.55 26.12
C LYS H 12 -34.20 32.32 26.48
N ALA H 13 -33.32 31.69 27.25
CA ALA H 13 -32.09 32.36 27.68
C ALA H 13 -30.99 31.40 28.04
N ILE H 14 -29.76 31.92 28.08
CA ILE H 14 -28.60 31.13 28.46
C ILE H 14 -27.78 31.94 29.45
N ARG H 15 -27.37 31.29 30.54
CA ARG H 15 -26.57 31.94 31.56
C ARG H 15 -25.33 31.09 31.81
N SER H 16 -24.23 31.73 32.19
CA SER H 16 -22.99 31.01 32.47
C SER H 16 -22.38 31.55 33.76
N PHE H 17 -21.73 30.67 34.51
CA PHE H 17 -21.12 31.04 35.78
C PHE H 17 -19.74 30.40 35.92
N ILE H 18 -18.85 31.08 36.63
CA ILE H 18 -17.54 30.53 36.91
C ILE H 18 -17.72 29.96 38.31
N ILE H 19 -17.16 28.80 38.58
CA ILE H 19 -17.29 28.21 39.90
C ILE H 19 -16.08 28.61 40.74
N GLY H 20 -16.32 29.42 41.76
CA GLY H 20 -15.24 29.89 42.62
C GLY H 20 -14.59 28.79 43.43
N GLY H 21 -13.36 29.06 43.88
CA GLY H 21 -12.64 28.09 44.68
C GLY H 21 -12.13 26.91 43.88
N VAL H 22 -11.92 25.78 44.55
CA VAL H 22 -11.43 24.57 43.90
C VAL H 22 -12.27 23.36 44.26
N GLY H 23 -11.99 22.24 43.60
CA GLY H 23 -12.69 20.99 43.85
C GLY H 23 -14.18 20.98 43.59
N SER H 24 -14.66 21.88 42.74
CA SER H 24 -16.08 21.95 42.43
C SER H 24 -16.31 22.29 40.95
N GLY H 25 -16.97 21.38 40.24
CA GLY H 25 -17.23 21.61 38.83
C GLY H 25 -16.49 20.62 37.94
N GLY H 26 -16.63 20.81 36.63
CA GLY H 26 -16.01 19.91 35.67
C GLY H 26 -14.49 19.83 35.57
N ASP H 27 -13.77 20.81 36.08
CA ASP H 27 -12.30 20.77 35.98
C ASP H 27 -11.70 19.81 37.01
N TYR H 28 -11.50 18.57 36.58
CA TYR H 28 -10.94 17.51 37.43
C TYR H 28 -9.66 17.90 38.15
N HIS H 29 -8.82 18.69 37.48
CA HIS H 29 -7.53 19.06 38.04
C HIS H 29 -7.42 20.35 38.84
N ASN H 30 -8.52 21.08 38.95
CA ASN H 30 -8.50 22.31 39.74
C ASN H 30 -8.90 21.93 41.16
N VAL H 31 -7.99 21.23 41.84
CA VAL H 31 -8.23 20.76 43.19
C VAL H 31 -7.22 21.33 44.20
N LYS H 32 -7.45 21.00 45.47
CA LYS H 32 -6.61 21.45 46.57
C LYS H 32 -5.24 20.75 46.57
N GLY H 33 -4.22 21.45 47.05
CA GLY H 33 -2.89 20.88 47.10
C GLY H 33 -2.88 19.59 47.91
N GLY H 34 -2.02 18.65 47.53
CA GLY H 34 -1.95 17.38 48.24
C GLY H 34 -2.69 16.28 47.51
N HIS H 35 -3.66 16.66 46.69
CA HIS H 35 -4.45 15.70 45.92
C HIS H 35 -3.49 15.00 44.96
N TRP H 36 -3.59 13.67 44.86
CA TRP H 36 -2.69 12.92 43.98
C TRP H 36 -2.78 13.39 42.53
N LEU H 37 -3.96 13.88 42.14
CA LEU H 37 -4.15 14.34 40.77
C LEU H 37 -3.16 15.41 40.34
N ILE H 38 -2.65 16.18 41.29
CA ILE H 38 -1.69 17.24 40.96
C ILE H 38 -0.36 17.20 41.71
N ASP H 39 -0.31 16.52 42.85
CA ASP H 39 0.94 16.49 43.62
C ASP H 39 1.72 15.19 43.75
N SER H 40 1.32 14.15 43.01
CA SER H 40 2.04 12.88 43.07
C SER H 40 2.97 12.82 41.85
N ASP H 41 3.84 11.82 41.81
CA ASP H 41 4.73 11.68 40.66
C ASP H 41 3.93 11.22 39.45
N ILE H 42 3.76 12.10 38.48
CA ILE H 42 3.00 11.76 37.27
C ILE H 42 3.74 12.29 36.04
N SER H 43 4.06 11.39 35.12
CA SER H 43 4.76 11.78 33.90
C SER H 43 3.79 12.60 33.04
N THR H 44 4.24 13.77 32.57
CA THR H 44 3.41 14.65 31.74
C THR H 44 4.24 15.27 30.61
N PRO H 45 3.58 15.99 29.68
CA PRO H 45 4.30 16.62 28.57
C PRO H 45 5.30 17.69 29.03
N ALA H 46 5.13 18.17 30.27
CA ALA H 46 6.02 19.19 30.81
C ALA H 46 7.08 18.63 31.78
N SER H 47 7.04 17.32 32.01
CA SER H 47 8.00 16.68 32.91
C SER H 47 9.44 16.82 32.45
N LYS H 48 9.63 17.23 31.20
CA LYS H 48 10.96 17.41 30.63
C LYS H 48 11.74 18.50 31.35
N TRP H 49 11.02 19.41 31.99
CA TRP H 49 11.64 20.52 32.70
C TRP H 49 11.50 20.39 34.21
N GLU H 50 12.63 20.35 34.90
CA GLU H 50 12.70 20.17 36.35
C GLU H 50 11.68 21.00 37.14
N GLN H 51 11.58 22.28 36.79
CA GLN H 51 10.67 23.21 37.44
C GLN H 51 9.18 22.84 37.30
N TYR H 52 8.86 22.00 36.33
CA TYR H 52 7.47 21.61 36.09
C TYR H 52 7.16 20.13 36.25
N LYS H 53 8.07 19.36 36.84
CA LYS H 53 7.82 17.93 36.99
C LYS H 53 7.31 17.43 38.34
N LYS H 54 7.40 18.26 39.38
CA LYS H 54 6.93 17.84 40.70
C LYS H 54 5.42 17.97 40.89
N SER H 55 4.82 18.96 40.24
CA SER H 55 3.38 19.16 40.36
C SER H 55 2.80 19.55 39.01
N ARG H 56 1.58 19.11 38.75
CA ARG H 56 0.94 19.42 37.48
C ARG H 56 0.37 20.84 37.46
N THR H 57 0.20 21.45 38.62
CA THR H 57 -0.31 22.81 38.66
C THR H 57 0.81 23.80 38.33
N SER H 58 2.05 23.39 38.56
CA SER H 58 3.18 24.26 38.28
C SER H 58 3.15 24.77 36.83
N TRP H 59 2.84 23.87 35.89
CA TRP H 59 2.78 24.27 34.49
C TRP H 59 1.38 24.70 34.03
N GLY H 60 0.42 24.71 34.96
CA GLY H 60 -0.93 25.18 34.64
C GLY H 60 -2.06 24.22 34.29
N ILE H 61 -2.03 22.99 34.79
CA ILE H 61 -3.12 22.06 34.48
C ILE H 61 -4.45 22.56 35.05
N ASN H 62 -4.37 23.40 36.07
CA ASN H 62 -5.55 23.95 36.74
C ASN H 62 -5.84 25.40 36.35
N VAL H 63 -5.19 25.88 35.29
CA VAL H 63 -5.34 27.28 34.88
C VAL H 63 -6.74 27.73 34.46
N LEU H 64 -7.52 26.86 33.84
CA LEU H 64 -8.85 27.24 33.36
C LEU H 64 -9.95 27.32 34.43
N GLY H 65 -10.05 26.29 35.26
CA GLY H 65 -11.09 26.29 36.27
C GLY H 65 -12.37 25.72 35.67
N SER H 66 -13.45 25.71 36.45
CA SER H 66 -14.72 25.16 35.99
C SER H 66 -15.76 26.24 35.73
N PHE H 67 -16.75 25.91 34.89
CA PHE H 67 -17.82 26.84 34.63
C PHE H 67 -19.13 26.06 34.52
N LEU H 68 -20.24 26.77 34.55
CA LEU H 68 -21.55 26.15 34.49
C LEU H 68 -22.40 26.90 33.49
N VAL H 69 -23.17 26.16 32.70
CA VAL H 69 -24.06 26.78 31.72
C VAL H 69 -25.50 26.37 32.03
N GLU H 70 -26.41 27.34 31.99
CA GLU H 70 -27.82 27.08 32.23
C GLU H 70 -28.58 27.53 31.00
N ILE H 71 -29.48 26.69 30.51
CA ILE H 71 -30.29 27.03 29.35
C ILE H 71 -31.74 26.94 29.79
N GLU H 72 -32.44 28.07 29.77
CA GLU H 72 -33.83 28.12 30.20
C GLU H 72 -34.78 28.17 29.01
N ALA H 73 -35.82 27.34 29.07
CA ALA H 73 -36.81 27.28 27.99
C ALA H 73 -37.96 28.24 28.33
N THR H 74 -38.82 28.50 27.36
CA THR H 74 -39.94 29.42 27.55
C THR H 74 -40.94 28.97 28.62
N ASP H 75 -40.94 27.68 28.93
CA ASP H 75 -41.85 27.14 29.93
C ASP H 75 -41.25 27.21 31.33
N GLY H 76 -40.04 27.73 31.42
CA GLY H 76 -39.39 27.86 32.73
C GLY H 76 -38.46 26.71 33.08
N THR H 77 -38.47 25.64 32.29
CA THR H 77 -37.58 24.51 32.57
C THR H 77 -36.14 24.95 32.32
N VAL H 78 -35.24 24.50 33.17
CA VAL H 78 -33.83 24.85 33.04
C VAL H 78 -32.93 23.62 32.97
N GLY H 79 -32.11 23.57 31.93
CA GLY H 79 -31.18 22.46 31.80
C GLY H 79 -29.79 23.05 32.01
N PHE H 80 -28.87 22.27 32.58
CA PHE H 80 -27.53 22.76 32.80
C PHE H 80 -26.47 21.69 32.75
N ALA H 81 -25.23 22.12 32.76
CA ALA H 81 -24.09 21.21 32.72
C ALA H 81 -22.84 21.99 33.12
N THR H 82 -21.82 21.26 33.56
CA THR H 82 -20.57 21.86 33.98
C THR H 82 -19.41 21.26 33.18
N GLY H 83 -18.28 21.93 33.20
CA GLY H 83 -17.10 21.45 32.49
C GLY H 83 -15.95 22.38 32.82
N PHE H 84 -14.77 22.13 32.27
CA PHE H 84 -13.65 23.02 32.55
C PHE H 84 -13.63 24.05 31.43
N GLY H 85 -13.05 25.22 31.71
CA GLY H 85 -12.99 26.28 30.72
C GLY H 85 -13.00 27.62 31.41
N GLY H 86 -13.60 27.67 32.59
CA GLY H 86 -13.64 28.90 33.37
C GLY H 86 -14.04 30.16 32.64
N PRO H 87 -13.38 31.29 32.95
CA PRO H 87 -13.66 32.59 32.34
C PRO H 87 -13.66 32.63 30.80
N PRO H 88 -12.58 32.13 30.15
CA PRO H 88 -12.59 32.19 28.68
C PRO H 88 -13.73 31.41 28.04
N ALA H 89 -14.15 30.32 28.67
CA ALA H 89 -15.25 29.52 28.16
C ALA H 89 -16.55 30.33 28.25
N CYS H 90 -16.76 30.99 29.38
CA CYS H 90 -17.96 31.80 29.57
C CYS H 90 -18.00 32.96 28.58
N TRP H 91 -16.84 33.53 28.31
CA TRP H 91 -16.76 34.65 27.36
C TRP H 91 -17.28 34.18 25.99
N LEU H 92 -16.81 33.03 25.55
CA LEU H 92 -17.21 32.47 24.26
C LEU H 92 -18.70 32.08 24.23
N VAL H 93 -19.20 31.57 25.35
CA VAL H 93 -20.61 31.18 25.42
C VAL H 93 -21.52 32.31 24.96
N HIS H 94 -21.32 33.49 25.55
CA HIS H 94 -22.15 34.64 25.23
C HIS H 94 -21.76 35.42 24.00
N GLN H 95 -20.45 35.62 23.80
CA GLN H 95 -19.99 36.38 22.65
C GLN H 95 -20.21 35.68 21.32
N HIS H 96 -20.11 34.35 21.29
CA HIS H 96 -20.27 33.64 20.03
C HIS H 96 -21.46 32.71 19.89
N PHE H 97 -21.56 31.73 20.78
CA PHE H 97 -22.61 30.73 20.67
C PHE H 97 -24.05 31.09 21.04
N GLU H 98 -24.25 32.06 21.92
CA GLU H 98 -25.60 32.43 22.31
C GLU H 98 -26.49 32.74 21.11
N ARG H 99 -25.93 33.35 20.08
CA ARG H 99 -26.71 33.74 18.89
C ARG H 99 -27.41 32.57 18.19
N PHE H 100 -26.85 31.38 18.29
CA PHE H 100 -27.45 30.21 17.64
C PHE H 100 -28.52 29.56 18.51
N LEU H 101 -28.51 29.87 19.80
CA LEU H 101 -29.43 29.25 20.75
C LEU H 101 -30.75 29.95 21.06
N ILE H 102 -30.72 31.25 21.31
CA ILE H 102 -31.93 31.98 21.65
C ILE H 102 -33.03 31.81 20.61
N GLY H 103 -34.18 31.32 21.05
CA GLY H 103 -35.32 31.13 20.15
C GLY H 103 -35.36 29.80 19.44
N ALA H 104 -34.30 29.00 19.56
CA ALA H 104 -34.26 27.70 18.88
C ALA H 104 -35.01 26.61 19.62
N ASP H 105 -35.45 25.59 18.88
CA ASP H 105 -36.13 24.45 19.44
C ASP H 105 -34.98 23.61 19.99
N PRO H 106 -34.97 23.35 21.32
CA PRO H 106 -33.90 22.56 21.93
C PRO H 106 -33.72 21.13 21.39
N ARG H 107 -34.73 20.62 20.71
CA ARG H 107 -34.65 19.27 20.16
C ARG H 107 -33.76 19.24 18.92
N ASN H 108 -33.41 20.42 18.41
CA ASN H 108 -32.57 20.50 17.22
C ASN H 108 -31.10 20.38 17.59
N THR H 109 -30.76 19.30 18.28
CA THR H 109 -29.39 19.05 18.72
C THR H 109 -28.41 18.95 17.55
N ASN H 110 -28.79 18.24 16.49
CA ASN H 110 -27.89 18.11 15.34
C ASN H 110 -27.60 19.44 14.69
N LEU H 111 -28.64 20.24 14.47
CA LEU H 111 -28.48 21.55 13.86
C LEU H 111 -27.59 22.47 14.70
N LEU H 112 -27.93 22.61 15.98
CA LEU H 112 -27.19 23.50 16.86
C LEU H 112 -25.71 23.12 16.98
N PHE H 113 -25.41 21.82 17.00
CA PHE H 113 -24.02 21.41 17.11
C PHE H 113 -23.26 21.79 15.84
N GLU H 114 -23.82 21.45 14.68
CA GLU H 114 -23.17 21.75 13.41
C GLU H 114 -22.92 23.25 13.27
N GLN H 115 -23.90 24.06 13.66
CA GLN H 115 -23.75 25.51 13.55
C GLN H 115 -22.65 26.02 14.46
N MSE H 116 -22.67 25.62 15.72
CA MSE H 116 -21.64 26.06 16.65
C MSE H 116 -20.26 25.58 16.21
O MSE H 116 -19.28 26.32 16.28
CB MSE H 116 -21.93 25.55 18.07
CG MSE H 116 -23.15 26.19 18.72
SE MSE H 116 -23.29 25.74 20.61
CE MSE H 116 -24.10 23.98 20.45
N TYR H 117 -20.17 24.34 15.76
CA TYR H 117 -18.87 23.80 15.34
C TYR H 117 -18.32 24.47 14.08
N ARG H 118 -19.13 24.53 13.02
CA ARG H 118 -18.67 25.13 11.78
C ARG H 118 -18.48 26.64 11.86
N ALA H 119 -19.24 27.30 12.74
CA ALA H 119 -19.12 28.75 12.90
C ALA H 119 -17.86 29.13 13.68
N SER H 120 -17.32 28.19 14.45
CA SER H 120 -16.11 28.46 15.25
C SER H 120 -14.90 27.75 14.67
N MSE H 121 -15.08 27.14 13.50
CA MSE H 121 -14.02 26.41 12.81
C MSE H 121 -12.73 27.23 12.63
O MSE H 121 -11.63 26.70 12.76
CB MSE H 121 -14.53 25.94 11.46
CG MSE H 121 -13.58 25.12 10.63
SE MSE H 121 -14.50 24.38 9.07
CE MSE H 121 -15.43 22.96 10.00
N PHE H 122 -12.87 28.53 12.34
CA PHE H 122 -11.70 29.36 12.11
C PHE H 122 -10.75 29.54 13.29
N TYR H 123 -11.22 29.20 14.50
CA TYR H 123 -10.38 29.31 15.69
C TYR H 123 -10.60 28.11 16.59
N GLY H 124 -11.35 27.13 16.08
CA GLY H 124 -11.65 25.95 16.87
C GLY H 124 -11.20 24.60 16.36
N ARG H 125 -12.18 23.73 16.14
CA ARG H 125 -12.00 22.35 15.68
C ARG H 125 -11.53 21.43 16.79
N LYS H 126 -10.67 21.95 17.67
CA LYS H 126 -10.16 21.17 18.78
C LYS H 126 -9.89 22.09 19.97
N GLY H 127 -9.72 21.49 21.15
CA GLY H 127 -9.41 22.29 22.33
C GLY H 127 -10.54 23.07 22.99
N LEU H 128 -10.16 24.13 23.69
CA LEU H 128 -11.07 24.99 24.44
C LEU H 128 -12.43 25.32 23.81
N PRO H 129 -12.45 25.85 22.57
CA PRO H 129 -13.74 26.18 21.96
C PRO H 129 -14.69 24.97 21.88
N ILE H 130 -14.14 23.79 21.68
CA ILE H 130 -14.97 22.59 21.58
C ILE H 130 -15.48 22.19 22.96
N ALA H 131 -14.70 22.49 24.00
CA ALA H 131 -15.10 22.18 25.36
C ALA H 131 -16.34 23.04 25.69
N VAL H 132 -16.35 24.27 25.18
CA VAL H 132 -17.48 25.19 25.41
C VAL H 132 -18.72 24.62 24.75
N ILE H 133 -18.58 24.21 23.49
CA ILE H 133 -19.69 23.64 22.74
C ILE H 133 -20.21 22.39 23.45
N SER H 134 -19.30 21.57 23.97
CA SER H 134 -19.68 20.35 24.68
C SER H 134 -20.61 20.61 25.86
N VAL H 135 -20.25 21.57 26.70
CA VAL H 135 -21.05 21.90 27.87
C VAL H 135 -22.41 22.47 27.48
N ILE H 136 -22.44 23.27 26.42
CA ILE H 136 -23.70 23.84 25.95
C ILE H 136 -24.59 22.70 25.49
N ASP H 137 -24.00 21.76 24.74
CA ASP H 137 -24.74 20.62 24.23
C ASP H 137 -25.27 19.75 25.37
N LEU H 138 -24.46 19.55 26.40
CA LEU H 138 -24.89 18.75 27.55
C LEU H 138 -26.05 19.43 28.28
N ALA H 139 -26.01 20.76 28.36
CA ALA H 139 -27.07 21.51 29.01
C ALA H 139 -28.37 21.32 28.21
N LEU H 140 -28.24 21.28 26.89
CA LEU H 140 -29.40 21.07 26.02
C LEU H 140 -30.02 19.71 26.29
N TRP H 141 -29.19 18.67 26.38
CA TRP H 141 -29.71 17.34 26.65
C TRP H 141 -30.33 17.26 28.04
N ASP H 142 -29.75 17.98 28.99
CA ASP H 142 -30.29 17.99 30.35
C ASP H 142 -31.69 18.60 30.28
N LEU H 143 -31.82 19.66 29.48
CA LEU H 143 -33.09 20.34 29.29
C LEU H 143 -34.14 19.45 28.63
N LEU H 144 -33.75 18.76 27.56
CA LEU H 144 -34.67 17.87 26.85
C LEU H 144 -35.21 16.81 27.81
N GLY H 145 -34.31 16.23 28.61
CA GLY H 145 -34.72 15.21 29.55
C GLY H 145 -35.69 15.76 30.57
N LYS H 146 -35.44 16.96 31.04
CA LYS H 146 -36.32 17.58 32.03
C LYS H 146 -37.68 17.94 31.46
N VAL H 147 -37.71 18.36 30.20
CA VAL H 147 -38.98 18.71 29.58
C VAL H 147 -39.81 17.44 29.37
N ARG H 148 -39.15 16.35 28.98
CA ARG H 148 -39.86 15.09 28.75
C ARG H 148 -39.98 14.23 30.01
N ASN H 149 -39.41 14.70 31.11
CA ASN H 149 -39.43 13.95 32.39
C ASN H 149 -38.81 12.57 32.20
N GLU H 150 -37.71 12.51 31.45
CA GLU H 150 -37.03 11.24 31.22
C GLU H 150 -35.53 11.40 31.41
N PRO H 151 -34.84 10.32 31.84
CA PRO H 151 -33.40 10.47 32.02
C PRO H 151 -32.77 10.45 30.62
N VAL H 152 -31.62 11.11 30.46
CA VAL H 152 -30.99 11.18 29.16
C VAL H 152 -30.78 9.84 28.45
N TYR H 153 -30.36 8.82 29.17
CA TYR H 153 -30.13 7.53 28.53
C TYR H 153 -31.37 6.95 27.84
N ARG H 154 -32.56 7.29 28.33
CA ARG H 154 -33.80 6.80 27.72
C ARG H 154 -34.12 7.54 26.43
N LEU H 155 -33.38 8.61 26.15
CA LEU H 155 -33.60 9.41 24.94
C LEU H 155 -32.58 9.12 23.85
N ILE H 156 -31.54 8.36 24.19
CA ILE H 156 -30.49 8.07 23.23
C ILE H 156 -30.22 6.60 22.95
N GLY H 157 -31.26 5.76 23.03
CA GLY H 157 -31.07 4.36 22.75
C GLY H 157 -31.54 3.43 23.85
N GLY H 158 -31.80 3.98 25.03
CA GLY H 158 -32.26 3.17 26.14
C GLY H 158 -31.13 2.47 26.88
N ALA H 159 -31.45 1.38 27.55
CA ALA H 159 -30.44 0.64 28.29
C ALA H 159 -30.03 -0.62 27.55
N THR H 160 -28.75 -0.70 27.19
CA THR H 160 -28.24 -1.90 26.53
C THR H 160 -27.77 -2.84 27.62
N LYS H 161 -27.73 -2.32 28.84
CA LYS H 161 -27.36 -3.08 30.02
C LYS H 161 -27.99 -2.41 31.22
N GLU H 162 -28.29 -3.20 32.24
CA GLU H 162 -28.94 -2.68 33.43
C GLU H 162 -27.93 -2.30 34.51
N ARG H 163 -26.70 -2.76 34.36
CA ARG H 163 -25.64 -2.48 35.31
C ARG H 163 -24.40 -1.96 34.59
N LEU H 164 -23.79 -0.92 35.14
CA LEU H 164 -22.58 -0.35 34.55
C LEU H 164 -21.43 -0.63 35.51
N ASP H 165 -20.44 -1.37 35.05
CA ASP H 165 -19.29 -1.70 35.88
C ASP H 165 -18.17 -0.69 35.68
N PHE H 166 -17.51 -0.32 36.77
CA PHE H 166 -16.43 0.66 36.75
C PHE H 166 -15.05 0.11 37.09
N TYR H 167 -14.02 0.77 36.56
CA TYR H 167 -12.66 0.45 36.91
C TYR H 167 -12.25 1.76 37.58
N CYS H 168 -11.31 1.72 38.50
CA CYS H 168 -10.92 2.93 39.22
C CYS H 168 -9.54 3.45 38.89
N THR H 169 -9.46 4.74 38.57
CA THR H 169 -8.20 5.37 38.25
C THR H 169 -7.63 6.10 39.47
N GLY H 170 -6.44 5.67 39.91
CA GLY H 170 -5.84 6.30 41.07
C GLY H 170 -4.57 5.58 41.51
N PRO H 171 -3.87 6.12 42.52
CA PRO H 171 -2.63 5.55 43.04
C PRO H 171 -2.75 4.29 43.91
N GLU H 172 -3.97 3.91 44.25
CA GLU H 172 -4.16 2.72 45.11
C GLU H 172 -5.07 1.65 44.51
N PRO H 173 -4.54 0.82 43.60
CA PRO H 173 -5.35 -0.24 42.98
C PRO H 173 -5.87 -1.27 44.00
N THR H 174 -5.20 -1.41 45.14
CA THR H 174 -5.70 -2.36 46.14
C THR H 174 -7.00 -1.82 46.71
N ALA H 175 -7.11 -0.49 46.76
CA ALA H 175 -8.33 0.15 47.27
C ALA H 175 -9.44 -0.04 46.24
N ALA H 176 -9.09 0.07 44.97
CA ALA H 176 -10.06 -0.11 43.88
C ALA H 176 -10.63 -1.52 43.96
N LYS H 177 -9.74 -2.49 44.10
CA LYS H 177 -10.14 -3.89 44.19
C LYS H 177 -11.02 -4.12 45.42
N ALA H 178 -10.63 -3.56 46.55
CA ALA H 178 -11.40 -3.71 47.78
C ALA H 178 -12.79 -3.11 47.70
N MSE H 179 -12.94 -2.02 46.96
CA MSE H 179 -14.24 -1.36 46.83
C MSE H 179 -15.16 -1.96 45.78
O MSE H 179 -16.30 -1.53 45.64
CB MSE H 179 -14.03 0.14 46.55
CG MSE H 179 -13.35 0.88 47.68
SE MSE H 179 -13.29 2.79 47.39
CE MSE H 179 -11.65 2.86 46.37
N GLY H 180 -14.67 -2.96 45.04
CA GLY H 180 -15.51 -3.59 44.04
C GLY H 180 -15.28 -3.24 42.59
N PHE H 181 -14.34 -2.34 42.31
CA PHE H 181 -14.04 -1.97 40.93
C PHE H 181 -13.38 -3.17 40.28
N TRP H 182 -13.69 -3.44 39.01
CA TRP H 182 -13.12 -4.60 38.34
C TRP H 182 -11.65 -4.48 37.98
N GLY H 183 -11.14 -3.25 37.95
CA GLY H 183 -9.75 -3.04 37.61
C GLY H 183 -9.23 -1.72 38.14
N GLY H 184 -7.91 -1.55 38.10
CA GLY H 184 -7.32 -0.31 38.58
C GLY H 184 -6.30 0.26 37.60
N LYS H 185 -6.41 1.55 37.32
CA LYS H 185 -5.48 2.20 36.41
C LYS H 185 -4.61 3.15 37.22
N VAL H 186 -3.30 2.99 37.11
CA VAL H 186 -2.35 3.83 37.85
C VAL H 186 -1.60 4.78 36.93
N PRO H 187 -1.17 5.94 37.45
CA PRO H 187 -0.44 6.89 36.62
C PRO H 187 1.06 6.62 36.57
N LEU H 188 1.64 6.63 35.38
CA LEU H 188 3.06 6.41 35.19
C LEU H 188 3.80 7.58 35.83
N PRO H 189 4.77 7.30 36.70
CA PRO H 189 5.52 8.35 37.39
C PRO H 189 6.65 9.09 36.67
N PHE H 190 7.42 8.42 35.82
CA PHE H 190 8.55 9.08 35.17
C PHE H 190 8.47 9.19 33.64
N CYS H 191 9.02 10.29 33.12
CA CYS H 191 9.00 10.55 31.68
C CYS H 191 10.29 10.12 30.98
N PRO H 192 10.27 10.05 29.65
CA PRO H 192 11.44 9.64 28.86
C PRO H 192 12.72 10.41 29.21
N ASP H 193 12.60 11.69 29.53
CA ASP H 193 13.77 12.49 29.86
C ASP H 193 14.52 12.02 31.12
N ASP H 194 13.89 11.15 31.90
CA ASP H 194 14.54 10.62 33.10
C ASP H 194 15.41 9.43 32.70
N GLY H 195 15.49 9.18 31.40
CA GLY H 195 16.30 8.11 30.86
C GLY H 195 16.06 6.70 31.34
N HIS H 196 17.09 5.86 31.24
CA HIS H 196 17.01 4.47 31.64
C HIS H 196 16.77 4.30 33.13
N GLU H 197 17.25 5.25 33.94
CA GLU H 197 17.01 5.14 35.39
C GLU H 197 15.52 5.30 35.63
N GLY H 198 14.91 6.26 34.94
CA GLY H 198 13.49 6.50 35.09
C GLY H 198 12.68 5.31 34.59
N LEU H 199 13.17 4.66 33.52
CA LEU H 199 12.47 3.51 32.98
C LEU H 199 12.50 2.35 33.97
N ARG H 200 13.64 2.15 34.63
CA ARG H 200 13.75 1.07 35.61
C ARG H 200 12.82 1.36 36.79
N LYS H 201 12.73 2.63 37.16
CA LYS H 201 11.87 3.03 38.26
C LYS H 201 10.40 2.85 37.89
N ASN H 202 10.06 3.09 36.63
CA ASN H 202 8.68 2.91 36.18
C ASN H 202 8.34 1.42 36.27
N VAL H 203 9.25 0.58 35.82
CA VAL H 203 9.02 -0.87 35.87
C VAL H 203 8.80 -1.31 37.32
N GLU H 204 9.65 -0.83 38.22
CA GLU H 204 9.54 -1.17 39.63
C GLU H 204 8.21 -0.72 40.21
N PHE H 205 7.81 0.49 39.87
CA PHE H 205 6.55 1.06 40.33
C PHE H 205 5.39 0.13 39.97
N LEU H 206 5.34 -0.27 38.71
CA LEU H 206 4.28 -1.15 38.23
C LEU H 206 4.39 -2.56 38.80
N ARG H 207 5.62 -3.05 38.97
CA ARG H 207 5.81 -4.39 39.51
C ARG H 207 5.25 -4.44 40.94
N LYS H 208 5.52 -3.40 41.73
CA LYS H 208 5.04 -3.34 43.10
C LYS H 208 3.51 -3.41 43.13
N HIS H 209 2.87 -2.71 42.20
CA HIS H 209 1.41 -2.74 42.13
C HIS H 209 0.88 -4.13 41.75
N ARG H 210 1.53 -4.76 40.77
CA ARG H 210 1.12 -6.10 40.35
C ARG H 210 1.24 -7.06 41.53
N GLU H 211 2.32 -6.92 42.30
CA GLU H 211 2.54 -7.78 43.45
C GLU H 211 1.48 -7.52 44.52
N ALA H 212 1.06 -6.28 44.65
CA ALA H 212 0.07 -5.91 45.66
C ALA H 212 -1.34 -6.41 45.40
N VAL H 213 -1.79 -6.35 44.14
CA VAL H 213 -3.15 -6.80 43.82
C VAL H 213 -3.27 -8.26 43.41
N GLY H 214 -2.14 -8.93 43.22
CA GLY H 214 -2.21 -10.33 42.82
C GLY H 214 -2.13 -10.46 41.31
N PRO H 215 -1.96 -11.69 40.79
CA PRO H 215 -1.86 -11.95 39.35
C PRO H 215 -3.11 -11.76 38.50
N ASP H 216 -4.30 -11.80 39.12
CA ASP H 216 -5.52 -11.68 38.34
C ASP H 216 -6.17 -10.30 38.19
N PHE H 217 -6.03 -9.44 39.20
CA PHE H 217 -6.67 -8.14 39.13
C PHE H 217 -6.11 -7.29 37.98
N PRO H 218 -6.98 -6.86 37.06
CA PRO H 218 -6.51 -6.05 35.93
C PRO H 218 -5.88 -4.73 36.36
N ILE H 219 -4.71 -4.43 35.79
CA ILE H 219 -4.01 -3.19 36.07
C ILE H 219 -3.76 -2.47 34.75
N MSE H 220 -4.15 -1.20 34.68
CA MSE H 220 -3.95 -0.40 33.48
C MSE H 220 -2.96 0.71 33.83
O MSE H 220 -2.84 1.08 35.00
CB MSE H 220 -5.29 0.20 33.03
CG MSE H 220 -6.30 -0.84 32.50
SE MSE H 220 -7.14 -1.97 33.87
CE MSE H 220 -8.73 -0.91 34.18
N VAL H 221 -2.27 1.24 32.83
CA VAL H 221 -1.28 2.28 33.07
C VAL H 221 -1.59 3.54 32.25
N ASP H 222 -1.79 4.66 32.94
CA ASP H 222 -2.07 5.91 32.26
C ASP H 222 -0.76 6.69 32.10
N CYS H 223 -0.48 7.12 30.88
CA CYS H 223 0.77 7.83 30.60
C CYS H 223 0.61 9.32 30.28
N TYR H 224 -0.60 9.83 30.42
CA TYR H 224 -0.92 11.23 30.17
C TYR H 224 -0.11 11.90 29.06
N MSE H 225 -0.26 11.39 27.83
CA MSE H 225 0.41 11.91 26.63
C MSE H 225 1.88 12.32 26.79
O MSE H 225 2.37 13.18 26.05
CB MSE H 225 -0.38 13.08 26.03
CG MSE H 225 -1.16 13.95 27.03
SE MSE H 225 -2.01 15.55 26.24
CE MSE H 225 -1.78 16.76 27.74
N SER H 226 2.59 11.66 27.69
CA SER H 226 3.98 12.03 27.98
C SER H 226 5.15 11.26 27.38
N LEU H 227 4.88 10.17 26.67
CA LEU H 227 5.97 9.38 26.10
C LEU H 227 6.20 9.63 24.62
N ASN H 228 6.93 8.71 24.00
CA ASN H 228 7.22 8.77 22.58
C ASN H 228 7.26 7.31 22.12
N VAL H 229 7.33 7.08 20.81
CA VAL H 229 7.31 5.71 20.30
C VAL H 229 8.42 4.80 20.82
N SER H 230 9.68 5.21 20.68
CA SER H 230 10.80 4.39 21.15
C SER H 230 10.68 4.03 22.63
N TYR H 231 10.44 5.04 23.46
CA TYR H 231 10.33 4.83 24.89
C TYR H 231 9.17 3.90 25.25
N THR H 232 8.02 4.11 24.63
CA THR H 232 6.85 3.26 24.91
C THR H 232 7.18 1.81 24.57
N ILE H 233 7.80 1.61 23.42
CA ILE H 233 8.18 0.26 22.99
C ILE H 233 9.13 -0.40 23.98
N GLU H 234 10.13 0.34 24.46
CA GLU H 234 11.07 -0.25 25.41
C GLU H 234 10.41 -0.51 26.76
N LEU H 235 9.62 0.45 27.23
CA LEU H 235 8.94 0.30 28.52
C LEU H 235 7.96 -0.87 28.52
N VAL H 236 7.13 -0.97 27.49
CA VAL H 236 6.17 -2.06 27.40
C VAL H 236 6.90 -3.40 27.39
N LYS H 237 7.98 -3.48 26.62
CA LYS H 237 8.76 -4.71 26.55
C LYS H 237 9.30 -5.08 27.93
N ALA H 238 9.76 -4.08 28.66
CA ALA H 238 10.32 -4.29 29.99
C ALA H 238 9.30 -4.73 31.03
N CYS H 239 8.01 -4.50 30.74
CA CYS H 239 6.93 -4.87 31.66
C CYS H 239 6.09 -6.05 31.20
N LEU H 240 6.56 -6.77 30.20
CA LEU H 240 5.80 -7.90 29.67
C LEU H 240 5.29 -8.88 30.72
N ASP H 241 6.13 -9.23 31.68
CA ASP H 241 5.76 -10.17 32.73
C ASP H 241 4.74 -9.64 33.74
N LEU H 242 4.44 -8.35 33.68
CA LEU H 242 3.49 -7.75 34.60
C LEU H 242 2.04 -7.91 34.13
N ASN H 243 1.87 -8.38 32.91
CA ASN H 243 0.53 -8.59 32.33
C ASN H 243 -0.36 -7.36 32.45
N ILE H 244 0.14 -6.20 32.00
CA ILE H 244 -0.63 -4.97 32.04
C ILE H 244 -1.82 -5.12 31.10
N ASN H 245 -3.01 -4.71 31.55
CA ASN H 245 -4.22 -4.82 30.73
C ASN H 245 -4.15 -3.93 29.51
N TRP H 246 -3.81 -2.66 29.70
CA TRP H 246 -3.65 -1.75 28.58
C TRP H 246 -2.83 -0.54 28.99
N TRP H 247 -2.20 0.09 27.99
CA TRP H 247 -1.37 1.27 28.18
C TRP H 247 -2.14 2.43 27.57
N GLU H 248 -2.42 3.45 28.39
CA GLU H 248 -3.21 4.58 27.96
C GLU H 248 -2.49 5.90 27.68
N GLU H 249 -2.89 6.52 26.57
CA GLU H 249 -2.35 7.79 26.11
C GLU H 249 -0.84 7.89 26.23
N CYS H 250 -0.12 6.92 25.66
CA CYS H 250 1.33 6.90 25.70
C CYS H 250 1.94 8.03 24.87
N LEU H 251 1.27 8.38 23.78
CA LEU H 251 1.78 9.43 22.89
C LEU H 251 1.00 10.73 22.94
N SER H 252 1.63 11.78 22.42
CA SER H 252 0.98 13.09 22.34
C SER H 252 -0.20 12.91 21.39
N PRO H 253 -1.30 13.64 21.63
CA PRO H 253 -2.47 13.54 20.75
C PRO H 253 -2.13 13.94 19.32
N ASP H 254 -0.99 14.62 19.17
CA ASP H 254 -0.52 15.07 17.84
C ASP H 254 0.10 13.92 17.05
N ASP H 255 0.37 12.79 17.70
CA ASP H 255 1.02 11.68 16.99
C ASP H 255 0.30 10.33 17.08
N THR H 256 -1.01 10.32 16.84
CA THR H 256 -1.75 9.07 16.87
C THR H 256 -1.24 8.13 15.76
N ASP H 257 -0.57 8.69 14.76
CA ASP H 257 -0.01 7.86 13.69
C ASP H 257 1.04 6.91 14.27
N GLY H 258 1.65 7.33 15.37
CA GLY H 258 2.68 6.51 15.99
C GLY H 258 2.23 5.16 16.52
N PHE H 259 0.92 4.99 16.75
CA PHE H 259 0.44 3.71 17.26
C PHE H 259 0.62 2.56 16.28
N ALA H 260 0.77 2.87 15.00
CA ALA H 260 0.99 1.84 14.01
C ALA H 260 2.38 1.24 14.26
N LEU H 261 3.30 2.10 14.71
CA LEU H 261 4.66 1.67 15.00
C LEU H 261 4.70 0.88 16.31
N ILE H 262 3.92 1.33 17.28
CA ILE H 262 3.85 0.66 18.57
C ILE H 262 3.21 -0.72 18.41
N LYS H 263 2.17 -0.80 17.58
CA LYS H 263 1.49 -2.07 17.34
C LYS H 263 2.39 -3.02 16.57
N ARG H 264 3.29 -2.48 15.74
CA ARG H 264 4.21 -3.32 14.99
C ARG H 264 5.11 -4.06 15.98
N ALA H 265 5.53 -3.34 17.02
CA ALA H 265 6.40 -3.93 18.03
C ALA H 265 5.66 -4.78 19.05
N HIS H 266 4.48 -4.32 19.49
CA HIS H 266 3.70 -5.06 20.48
C HIS H 266 2.27 -5.32 20.03
N PRO H 267 2.09 -6.14 18.98
CA PRO H 267 0.74 -6.44 18.49
C PRO H 267 -0.18 -7.19 19.46
N THR H 268 0.36 -7.81 20.51
CA THR H 268 -0.48 -8.51 21.46
C THR H 268 -0.81 -7.68 22.70
N VAL H 269 -0.38 -6.42 22.71
CA VAL H 269 -0.63 -5.55 23.85
C VAL H 269 -1.67 -4.49 23.49
N LYS H 270 -2.56 -4.18 24.44
CA LYS H 270 -3.61 -3.18 24.20
C LYS H 270 -3.13 -1.75 24.46
N PHE H 271 -3.58 -0.84 23.62
CA PHE H 271 -3.24 0.58 23.74
C PHE H 271 -4.53 1.35 23.56
N THR H 272 -4.66 2.46 24.29
CA THR H 272 -5.85 3.31 24.21
C THR H 272 -5.43 4.78 24.22
N THR H 273 -6.36 5.65 23.83
CA THR H 273 -6.10 7.09 23.83
C THR H 273 -7.39 7.80 23.42
N GLY H 274 -7.35 9.13 23.40
CA GLY H 274 -8.53 9.86 22.96
C GLY H 274 -9.09 10.94 23.86
N GLU H 275 -8.73 10.98 25.14
CA GLU H 275 -9.31 12.00 26.01
C GLU H 275 -8.95 13.41 25.54
N HIS H 276 -7.86 13.53 24.78
CA HIS H 276 -7.47 14.84 24.28
C HIS H 276 -7.64 14.97 22.76
N GLU H 277 -8.66 14.28 22.24
CA GLU H 277 -8.99 14.34 20.81
C GLU H 277 -10.41 14.90 20.73
N TYR H 278 -10.75 15.52 19.60
CA TYR H 278 -12.05 16.16 19.43
C TYR H 278 -12.73 15.94 18.08
N SER H 279 -14.06 16.03 18.10
CA SER H 279 -14.94 15.89 16.93
C SER H 279 -14.95 14.54 16.26
N ARG H 280 -15.98 14.30 15.45
CA ARG H 280 -16.09 13.04 14.75
C ARG H 280 -14.93 12.90 13.76
N TYR H 281 -14.39 14.04 13.32
CA TYR H 281 -13.28 14.03 12.35
C TYR H 281 -11.97 13.66 13.01
N GLY H 282 -11.84 14.04 14.28
CA GLY H 282 -10.62 13.71 15.01
C GLY H 282 -10.61 12.24 15.37
N PHE H 283 -11.74 11.74 15.83
CA PHE H 283 -11.83 10.33 16.24
C PHE H 283 -11.80 9.32 15.10
N ARG H 284 -12.19 9.73 13.90
CA ARG H 284 -12.19 8.79 12.79
C ARG H 284 -10.77 8.25 12.58
N LYS H 285 -9.78 9.10 12.86
CA LYS H 285 -8.38 8.71 12.71
C LYS H 285 -7.94 7.65 13.73
N LEU H 286 -8.52 7.69 14.92
CA LEU H 286 -8.17 6.72 15.96
C LEU H 286 -8.73 5.34 15.63
N VAL H 287 -9.81 5.31 14.85
CA VAL H 287 -10.43 4.05 14.45
C VAL H 287 -9.74 3.49 13.21
N GLU H 288 -9.33 4.36 12.30
CA GLU H 288 -8.65 3.93 11.08
C GLU H 288 -7.41 3.11 11.42
N GLY H 289 -7.27 1.96 10.78
CA GLY H 289 -6.11 1.11 11.04
C GLY H 289 -6.32 0.21 12.24
N ARG H 290 -7.30 0.57 13.07
CA ARG H 290 -7.61 -0.21 14.26
C ARG H 290 -6.35 -0.54 15.08
N ASN H 291 -5.57 0.50 15.38
CA ASN H 291 -4.36 0.35 16.16
C ASN H 291 -4.59 0.70 17.63
N LEU H 292 -5.84 1.01 17.95
CA LEU H 292 -6.23 1.36 19.32
C LEU H 292 -7.39 0.46 19.76
N ASP H 293 -7.20 -0.24 20.87
CA ASP H 293 -8.20 -1.15 21.39
C ASP H 293 -9.41 -0.48 22.05
N ILE H 294 -9.23 0.76 22.50
CA ILE H 294 -10.31 1.52 23.11
C ILE H 294 -10.09 3.01 22.85
N ILE H 295 -11.14 3.74 22.49
CA ILE H 295 -11.01 5.19 22.31
C ILE H 295 -11.70 5.81 23.52
N GLN H 296 -11.10 6.85 24.07
CA GLN H 296 -11.61 7.47 25.30
C GLN H 296 -11.87 8.97 25.32
N PRO H 297 -12.89 9.43 24.58
CA PRO H 297 -13.16 10.88 24.59
C PRO H 297 -13.76 11.33 25.92
N ASP H 298 -13.57 12.61 26.25
CA ASP H 298 -14.17 13.16 27.45
C ASP H 298 -15.44 13.81 26.91
N VAL H 299 -16.58 13.49 27.50
CA VAL H 299 -17.85 14.02 27.00
C VAL H 299 -17.96 15.55 27.09
N MSE H 300 -17.26 16.14 28.05
CA MSE H 300 -17.28 17.58 28.24
C MSE H 300 -16.24 18.30 27.39
O MSE H 300 -16.14 19.53 27.43
CB MSE H 300 -17.04 17.92 29.73
CG MSE H 300 -18.14 17.46 30.67
SE MSE H 300 -17.67 17.71 32.56
CE MSE H 300 -16.61 16.12 32.79
N TRP H 301 -15.46 17.53 26.63
CA TRP H 301 -14.40 18.12 25.79
C TRP H 301 -14.50 17.89 24.28
N LEU H 302 -14.82 16.65 23.87
CA LEU H 302 -14.87 16.29 22.45
C LEU H 302 -15.86 17.00 21.54
N GLY H 303 -16.89 17.59 22.13
CA GLY H 303 -17.91 18.27 21.34
C GLY H 303 -19.28 18.11 21.96
N GLY H 304 -19.40 17.15 22.88
CA GLY H 304 -20.67 16.93 23.55
C GLY H 304 -21.28 15.57 23.28
N LEU H 305 -22.48 15.34 23.81
CA LEU H 305 -23.18 14.07 23.63
C LEU H 305 -23.64 13.85 22.19
N THR H 306 -24.13 14.91 21.55
CA THR H 306 -24.59 14.80 20.18
C THR H 306 -23.47 14.26 19.30
N GLU H 307 -22.28 14.85 19.42
CA GLU H 307 -21.14 14.41 18.61
C GLU H 307 -20.63 13.05 19.10
N LEU H 308 -20.65 12.82 20.41
CA LEU H 308 -20.20 11.54 20.96
C LEU H 308 -21.01 10.37 20.41
N LEU H 309 -22.31 10.58 20.21
CA LEU H 309 -23.16 9.53 19.68
C LEU H 309 -22.68 9.13 18.29
N LYS H 310 -22.22 10.12 17.52
CA LYS H 310 -21.73 9.85 16.18
C LYS H 310 -20.36 9.17 16.22
N VAL H 311 -19.53 9.58 17.17
CA VAL H 311 -18.22 8.98 17.33
C VAL H 311 -18.37 7.50 17.68
N ALA H 312 -19.27 7.21 18.61
CA ALA H 312 -19.52 5.85 19.04
C ALA H 312 -20.07 5.00 17.89
N ALA H 313 -20.91 5.59 17.06
CA ALA H 313 -21.49 4.87 15.92
C ALA H 313 -20.43 4.44 14.92
N LEU H 314 -19.46 5.32 14.67
CA LEU H 314 -18.39 4.99 13.74
C LEU H 314 -17.56 3.86 14.33
N ALA H 315 -17.23 3.96 15.62
CA ALA H 315 -16.45 2.92 16.27
C ALA H 315 -17.20 1.59 16.27
N ALA H 316 -18.51 1.65 16.47
CA ALA H 316 -19.34 0.45 16.51
C ALA H 316 -19.32 -0.31 15.19
N ALA H 317 -19.09 0.40 14.10
CA ALA H 317 -19.03 -0.25 12.79
C ALA H 317 -17.79 -1.13 12.67
N TYR H 318 -16.83 -0.90 13.57
CA TYR H 318 -15.58 -1.66 13.58
C TYR H 318 -15.40 -2.40 14.92
N ASP H 319 -16.49 -2.45 15.70
CA ASP H 319 -16.51 -3.10 17.00
C ASP H 319 -15.45 -2.58 17.97
N VAL H 320 -15.10 -1.31 17.81
CA VAL H 320 -14.12 -0.68 18.70
C VAL H 320 -14.89 -0.10 19.87
N PRO H 321 -14.55 -0.51 21.09
CA PRO H 321 -15.27 0.03 22.24
C PRO H 321 -14.93 1.47 22.58
N VAL H 322 -15.92 2.20 23.07
CA VAL H 322 -15.73 3.58 23.47
C VAL H 322 -15.95 3.61 24.98
N VAL H 323 -14.92 4.03 25.72
CA VAL H 323 -15.00 4.13 27.17
C VAL H 323 -14.52 5.54 27.51
N PRO H 324 -15.47 6.48 27.63
CA PRO H 324 -15.17 7.88 27.94
C PRO H 324 -14.25 8.09 29.13
N HIS H 325 -13.51 9.19 29.08
CA HIS H 325 -12.61 9.57 30.15
C HIS H 325 -13.51 10.13 31.25
N ALA H 326 -13.60 9.37 32.35
CA ALA H 326 -14.41 9.72 33.52
C ALA H 326 -15.11 11.08 33.47
N SER H 327 -16.37 11.08 33.07
CA SER H 327 -17.13 12.32 32.95
C SER H 327 -18.39 12.31 33.82
N GLY H 328 -18.40 11.47 34.84
CA GLY H 328 -19.57 11.40 35.72
C GLY H 328 -20.84 11.03 34.96
N PRO H 329 -22.01 11.47 35.45
CA PRO H 329 -23.30 11.18 34.82
C PRO H 329 -23.33 11.43 33.32
N TYR H 330 -22.56 12.39 32.84
CA TYR H 330 -22.56 12.68 31.41
C TYR H 330 -22.08 11.45 30.65
N SER H 331 -21.17 10.70 31.25
CA SER H 331 -20.67 9.48 30.62
C SER H 331 -21.53 8.27 31.03
N TYR H 332 -22.03 8.26 32.25
CA TYR H 332 -22.86 7.13 32.70
C TYR H 332 -24.06 6.92 31.79
N HIS H 333 -24.77 7.99 31.47
CA HIS H 333 -25.94 7.87 30.61
C HIS H 333 -25.58 7.37 29.22
N PHE H 334 -24.39 7.73 28.75
CA PHE H 334 -23.94 7.31 27.45
C PHE H 334 -23.54 5.81 27.46
N GLN H 335 -22.68 5.43 28.39
CA GLN H 335 -22.21 4.05 28.48
C GLN H 335 -23.29 2.99 28.63
N ILE H 336 -24.34 3.32 29.38
CA ILE H 336 -25.42 2.38 29.62
C ILE H 336 -26.34 2.25 28.41
N SER H 337 -26.16 3.11 27.41
CA SER H 337 -27.04 3.12 26.25
C SER H 337 -26.57 2.63 24.88
N GLN H 338 -25.26 2.47 24.71
CA GLN H 338 -24.73 2.06 23.40
C GLN H 338 -24.35 0.58 23.30
N PRO H 339 -24.21 0.07 22.06
CA PRO H 339 -23.84 -1.33 21.88
C PRO H 339 -22.36 -1.61 22.09
N ASN H 340 -21.54 -0.56 22.00
CA ASN H 340 -20.10 -0.72 22.15
C ASN H 340 -19.47 0.14 23.26
N THR H 341 -20.12 0.16 24.42
CA THR H 341 -19.64 0.94 25.56
C THR H 341 -19.72 -0.01 26.75
N PRO H 342 -18.75 -0.95 26.85
CA PRO H 342 -18.59 -2.00 27.86
C PRO H 342 -18.49 -1.68 29.34
N PHE H 343 -17.87 -0.57 29.69
CA PHE H 343 -17.72 -0.20 31.09
C PHE H 343 -17.39 1.27 31.26
N GLN H 344 -17.19 1.68 32.50
CA GLN H 344 -16.95 3.08 32.82
C GLN H 344 -15.73 3.34 33.70
N GLU H 345 -15.14 4.51 33.54
CA GLU H 345 -14.00 4.89 34.36
C GLU H 345 -14.42 5.79 35.50
N TYR H 346 -13.80 5.60 36.65
CA TYR H 346 -14.06 6.49 37.77
C TYR H 346 -12.69 6.99 38.19
N LEU H 347 -12.48 8.28 38.05
CA LEU H 347 -11.21 8.91 38.40
C LEU H 347 -11.26 9.22 39.89
N ALA H 348 -10.58 8.41 40.70
CA ALA H 348 -10.56 8.60 42.15
C ALA H 348 -10.35 10.06 42.52
N ASN H 349 -11.37 10.65 43.13
CA ASN H 349 -11.28 12.05 43.51
C ASN H 349 -11.01 12.29 44.99
N SER H 350 -10.55 11.26 45.68
CA SER H 350 -10.17 11.39 47.07
C SER H 350 -8.68 11.72 46.98
N PRO H 351 -8.20 12.65 47.81
CA PRO H 351 -6.78 13.04 47.79
C PRO H 351 -5.81 11.86 47.75
N ASP H 352 -6.09 10.81 48.50
CA ASP H 352 -5.22 9.64 48.56
C ASP H 352 -5.68 8.48 47.68
N GLY H 353 -6.76 8.70 46.93
CA GLY H 353 -7.28 7.68 46.05
C GLY H 353 -7.78 6.40 46.73
N LYS H 354 -8.10 6.48 48.01
CA LYS H 354 -8.56 5.31 48.74
C LYS H 354 -10.07 5.27 48.97
N SER H 355 -10.78 6.29 48.49
CA SER H 355 -12.23 6.35 48.65
C SER H 355 -12.88 6.99 47.43
N VAL H 356 -14.19 6.79 47.30
CA VAL H 356 -14.92 7.36 46.17
C VAL H 356 -15.72 8.59 46.58
N LEU H 357 -15.38 9.74 45.98
CA LEU H 357 -16.06 10.99 46.26
C LEU H 357 -16.69 11.49 44.96
N PRO H 358 -17.65 12.42 45.04
CA PRO H 358 -18.31 12.97 43.85
C PRO H 358 -17.32 13.54 42.84
N VAL H 359 -17.52 13.23 41.57
CA VAL H 359 -16.63 13.70 40.52
C VAL H 359 -16.65 15.22 40.42
N PHE H 360 -17.82 15.82 40.61
CA PHE H 360 -17.96 17.26 40.50
C PHE H 360 -17.97 18.01 41.83
N GLY H 361 -17.45 17.37 42.87
CA GLY H 361 -17.39 18.02 44.16
C GLY H 361 -18.75 18.35 44.76
N ASP H 362 -18.81 19.47 45.49
CA ASP H 362 -20.04 19.90 46.14
C ASP H 362 -20.93 20.77 45.27
N LEU H 363 -20.68 20.81 43.96
CA LEU H 363 -21.51 21.60 43.07
C LEU H 363 -22.92 21.05 43.05
N PHE H 364 -23.03 19.72 43.07
CA PHE H 364 -24.32 19.05 43.05
C PHE H 364 -24.52 18.33 44.39
N ILE H 365 -25.77 18.07 44.75
CA ILE H 365 -26.04 17.39 46.02
C ILE H 365 -26.42 15.93 45.90
N ASP H 366 -26.71 15.47 44.69
CA ASP H 366 -27.15 14.10 44.49
C ASP H 366 -26.42 13.32 43.38
N GLU H 367 -25.13 13.56 43.21
CA GLU H 367 -24.40 12.85 42.18
C GLU H 367 -24.32 11.37 42.53
N PRO H 368 -24.71 10.48 41.60
CA PRO H 368 -24.63 9.04 41.90
C PRO H 368 -23.17 8.61 41.85
N ILE H 369 -22.72 7.89 42.86
CA ILE H 369 -21.33 7.44 42.93
C ILE H 369 -21.17 5.93 43.07
N PRO H 370 -20.20 5.35 42.36
CA PRO H 370 -19.93 3.91 42.39
C PRO H 370 -19.15 3.48 43.63
N THR H 371 -19.76 3.64 44.81
CA THR H 371 -19.12 3.28 46.06
C THR H 371 -18.83 1.78 46.13
N LYS H 372 -19.56 1.00 45.36
CA LYS H 372 -19.36 -0.45 45.35
C LYS H 372 -18.80 -0.91 44.00
N GLY H 373 -18.31 0.03 43.21
CA GLY H 373 -17.72 -0.29 41.92
C GLY H 373 -18.66 -0.40 40.75
N TYR H 374 -19.92 -0.02 40.95
CA TYR H 374 -20.90 -0.09 39.85
C TYR H 374 -22.10 0.80 40.11
N LEU H 375 -22.93 0.95 39.10
CA LEU H 375 -24.17 1.72 39.17
C LEU H 375 -25.20 0.97 38.33
N THR H 376 -26.47 1.23 38.56
CA THR H 376 -27.53 0.57 37.81
C THR H 376 -28.40 1.63 37.14
N THR H 377 -29.27 1.20 36.24
CA THR H 377 -30.16 2.13 35.55
C THR H 377 -31.02 2.86 36.59
N ALA H 378 -31.33 2.18 37.68
CA ALA H 378 -32.14 2.78 38.73
C ALA H 378 -31.43 4.00 39.32
N ASP H 379 -30.10 3.92 39.44
CA ASP H 379 -29.34 5.03 39.98
C ASP H 379 -29.34 6.24 39.05
N LEU H 380 -29.74 6.03 37.80
CA LEU H 380 -29.77 7.11 36.82
C LEU H 380 -31.19 7.56 36.48
N ASP H 381 -32.20 6.97 37.14
CA ASP H 381 -33.58 7.34 36.83
C ASP H 381 -34.10 8.64 37.40
N LYS H 382 -33.54 9.74 36.91
CA LYS H 382 -33.93 11.08 37.30
C LYS H 382 -33.96 11.87 36.00
N PRO H 383 -34.75 12.95 35.94
CA PRO H 383 -34.84 13.79 34.73
C PRO H 383 -33.50 14.34 34.23
N GLY H 384 -33.31 14.35 32.92
CA GLY H 384 -32.07 14.85 32.36
C GLY H 384 -30.88 14.03 32.81
N PHE H 385 -29.83 14.69 33.27
CA PHE H 385 -28.64 13.98 33.74
C PHE H 385 -28.75 13.72 35.24
N GLY H 386 -29.93 14.01 35.78
CA GLY H 386 -30.20 13.77 37.19
C GLY H 386 -29.39 14.51 38.23
N LEU H 387 -28.70 15.58 37.83
CA LEU H 387 -27.90 16.34 38.78
C LEU H 387 -28.63 17.60 39.24
N THR H 388 -28.73 17.76 40.55
CA THR H 388 -29.39 18.91 41.15
C THR H 388 -28.32 19.79 41.79
N ILE H 389 -28.31 21.07 41.42
CA ILE H 389 -27.34 22.00 41.95
C ILE H 389 -27.49 22.18 43.45
N ASN H 390 -26.38 22.09 44.16
CA ASN H 390 -26.38 22.26 45.61
C ASN H 390 -26.69 23.72 45.93
N PRO H 391 -27.81 23.97 46.60
CA PRO H 391 -28.17 25.36 46.93
C PRO H 391 -27.08 26.07 47.73
N ALA H 392 -26.29 25.31 48.47
CA ALA H 392 -25.21 25.87 49.27
C ALA H 392 -24.04 26.28 48.39
N ALA H 393 -24.08 25.84 47.14
CA ALA H 393 -23.01 26.16 46.18
C ALA H 393 -23.37 27.36 45.31
N ARG H 394 -24.64 27.76 45.33
CA ARG H 394 -25.10 28.91 44.54
C ARG H 394 -24.24 30.13 44.80
N ALA H 395 -23.79 30.27 46.05
CA ALA H 395 -22.97 31.41 46.45
C ALA H 395 -21.62 31.40 45.75
N LYS H 396 -21.15 30.21 45.39
CA LYS H 396 -19.87 30.04 44.71
C LYS H 396 -20.00 30.29 43.21
N LEU H 397 -21.24 30.36 42.71
CA LEU H 397 -21.48 30.58 41.29
C LEU H 397 -21.33 32.06 40.94
N ILE H 398 -20.21 32.38 40.31
CA ILE H 398 -19.91 33.75 39.93
C ILE H 398 -20.43 34.08 38.53
N PRO H 399 -21.40 34.99 38.42
CA PRO H 399 -21.92 35.34 37.10
C PRO H 399 -20.75 35.80 36.24
N SER H 400 -20.80 35.48 34.95
CA SER H 400 -19.72 35.86 34.05
C SER H 400 -19.82 37.29 33.53
N ASP H 401 -20.83 38.03 34.00
CA ASP H 401 -21.06 39.40 33.56
C ASP H 401 -19.83 40.31 33.57
N TYR H 402 -19.01 40.19 34.61
CA TYR H 402 -17.82 41.03 34.74
C TYR H 402 -16.86 40.95 33.55
N LEU H 403 -16.84 39.82 32.86
CA LEU H 403 -15.96 39.64 31.72
C LEU H 403 -16.32 40.52 30.52
N PHE H 404 -17.52 41.09 30.55
CA PHE H 404 -17.98 41.92 29.45
C PHE H 404 -18.03 43.41 29.80
N LYS H 405 -17.57 43.75 31.00
CA LYS H 405 -17.57 45.14 31.46
C LYS H 405 -16.28 45.80 30.98
N VAL H 406 -16.18 46.03 29.67
CA VAL H 406 -14.98 46.64 29.09
C VAL H 406 -14.87 48.13 29.40
N PRO H 407 -13.71 48.56 29.93
CA PRO H 407 -13.49 49.97 30.27
C PRO H 407 -13.76 50.89 29.08
N GLU H 408 -14.31 52.06 29.38
CA GLU H 408 -14.64 53.03 28.34
C GLU H 408 -13.38 53.61 27.69
MG MG I . 17.66 -27.32 -3.23
MG MG J . -3.99 -13.41 -29.50
MG MG K . 20.41 15.62 -20.30
MG MG L . 28.89 5.85 14.33
MG MG M . -17.60 -24.18 13.36
MG MG N . -31.76 2.83 -7.35
MG MG O . -7.30 31.79 2.01
MG MG P . -6.39 8.98 30.81
#